data_8RMK
#
_entry.id   8RMK
#
_cell.length_a   1.00
_cell.length_b   1.00
_cell.length_c   1.00
_cell.angle_alpha   90.00
_cell.angle_beta   90.00
_cell.angle_gamma   90.00
#
_symmetry.space_group_name_H-M   'P 1'
#
loop_
_entity.id
_entity.type
_entity.pdbx_description
1 polymer 'Calcium homeostasis modulator protein 2'
2 polymer 'Synthetic nanobody SbC2'
3 non-polymer 'DIUNDECYL PHOSPHATIDYL CHOLINE'
#
loop_
_entity_poly.entity_id
_entity_poly.type
_entity_poly.pdbx_seq_one_letter_code
_entity_poly.pdbx_strand_id
1 'polypeptide(L)'
;MSAALIAENFRFLSLFFKSKDVMIFNGLVALGTVGSQELFSVVAFHCPCSPARNYLYGLAAIGVPALVLFIIGIILNNHT
WNLVAECQHRRTKNCSAAPTFLLLSSILGRAAVAPVTWSVISLLRGEAYVCALSEFVDPSSLTAREEHFPSAHATEILAR
FPCKENPDNLSDFREEVSRRLRYESQLFGWLLIGVVAILVFLTKCLKHYCSPLSYRQEAYWAQYRANEDQLFQRTAEVHS
RVLAANNVRRFFGFVALNKDDEELIANFPVEGTQPRPQWNAITGVYLYRENQGLPLYSRLHKWAQGLAGNGAAPDNVEMA
LLPSALEVLFQ
;
A,B,C,D,E,F,G,H,I,J,K
2 'polypeptide(L)'
;SSSQVQLVESGGGSVQAGGSLRLSCAASGNIRNISYLGWFRQAPGKEREGVAALWTTQGQTYYADSVKGRFTVSLDNAKN
TVYLQMNSLKPEDTALYYCAAATSGQYNPLRGYHYNEYWGQGTQVTVSAGRAGEQKLISEEDLNSAVDHHHHHH
;
L,M,N,O,P,Q,R,S,T,U,V
#
loop_
_chem_comp.id
_chem_comp.type
_chem_comp.name
_chem_comp.formula
PLC non-polymer 'DIUNDECYL PHOSPHATIDYL CHOLINE' 'C32 H65 N O8 P 1'
#
# COMPACT_ATOMS: atom_id res chain seq x y z
N PHE A 40 -7.35 40.83 8.54
CA PHE A 40 -8.80 40.78 8.42
C PHE A 40 -9.47 41.48 9.58
N SER A 41 -8.97 41.24 10.80
CA SER A 41 -9.45 41.97 11.96
C SER A 41 -9.00 43.42 11.94
N VAL A 42 -8.00 43.76 11.13
CA VAL A 42 -7.53 45.13 11.01
C VAL A 42 -8.60 46.01 10.39
N VAL A 43 -9.33 45.49 9.41
CA VAL A 43 -10.25 46.28 8.60
C VAL A 43 -11.64 46.19 9.23
N ALA A 44 -11.71 45.67 10.45
CA ALA A 44 -12.98 45.59 11.17
C ALA A 44 -13.53 46.98 11.43
N PHE A 45 -14.84 47.14 11.27
CA PHE A 45 -15.47 48.44 11.42
C PHE A 45 -15.50 48.86 12.89
N HIS A 46 -15.13 50.13 13.13
CA HIS A 46 -15.14 50.70 14.47
C HIS A 46 -15.76 52.09 14.37
N CYS A 47 -17.01 52.21 14.81
CA CYS A 47 -17.75 53.46 14.66
C CYS A 47 -17.27 54.49 15.68
N PRO A 48 -16.77 55.65 15.25
CA PRO A 48 -16.50 56.72 16.20
C PRO A 48 -17.78 57.45 16.60
N CYS A 49 -18.25 57.21 17.82
CA CYS A 49 -19.53 57.78 18.25
C CYS A 49 -19.32 59.24 18.61
N SER A 50 -19.39 60.10 17.59
CA SER A 50 -19.24 61.54 17.75
C SER A 50 -19.99 62.22 16.62
N PRO A 51 -20.67 63.34 16.88
CA PRO A 51 -21.39 64.04 15.81
C PRO A 51 -20.43 64.59 14.77
N ALA A 52 -20.91 64.63 13.52
CA ALA A 52 -20.17 65.15 12.37
C ALA A 52 -18.85 64.41 12.14
N ARG A 53 -18.69 63.25 12.76
CA ARG A 53 -17.42 62.54 12.73
C ARG A 53 -17.61 61.08 12.33
N ASN A 54 -18.76 60.50 12.67
CA ASN A 54 -19.03 59.11 12.35
C ASN A 54 -19.38 58.91 10.88
N TYR A 55 -20.10 59.85 10.28
CA TYR A 55 -20.44 59.68 8.87
C TYR A 55 -19.23 59.88 7.97
N LEU A 56 -18.31 60.76 8.36
CA LEU A 56 -17.05 60.87 7.62
C LEU A 56 -16.27 59.57 7.66
N TYR A 57 -16.20 58.93 8.84
CA TYR A 57 -15.49 57.66 8.95
C TYR A 57 -16.18 56.59 8.11
N GLY A 58 -17.52 56.53 8.16
CA GLY A 58 -18.23 55.56 7.35
C GLY A 58 -18.00 55.78 5.86
N LEU A 59 -18.07 57.05 5.43
CA LEU A 59 -17.83 57.38 4.03
C LEU A 59 -16.45 56.94 3.60
N ALA A 60 -15.43 57.24 4.41
CA ALA A 60 -14.07 56.83 4.06
C ALA A 60 -13.95 55.32 4.01
N ALA A 61 -14.35 54.64 5.08
CA ALA A 61 -14.16 53.20 5.22
C ALA A 61 -14.99 52.40 4.23
N ILE A 62 -16.00 52.99 3.61
CA ILE A 62 -16.77 52.32 2.57
C ILE A 62 -16.29 52.69 1.17
N GLY A 63 -16.11 53.99 0.92
CA GLY A 63 -15.73 54.42 -0.42
C GLY A 63 -14.31 54.03 -0.81
N VAL A 64 -13.36 54.14 0.13
CA VAL A 64 -11.97 53.84 -0.21
C VAL A 64 -11.78 52.41 -0.67
N PRO A 65 -12.33 51.38 0.00
CA PRO A 65 -12.27 50.03 -0.60
C PRO A 65 -12.96 49.97 -1.95
N ALA A 66 -14.09 50.67 -2.12
CA ALA A 66 -14.76 50.68 -3.41
C ALA A 66 -13.91 51.35 -4.47
N LEU A 67 -13.26 52.47 -4.13
CA LEU A 67 -12.39 53.13 -5.07
C LEU A 67 -11.18 52.26 -5.44
N VAL A 68 -10.62 51.55 -4.46
CA VAL A 68 -9.50 50.67 -4.72
C VAL A 68 -9.92 49.54 -5.65
N LEU A 69 -11.09 48.94 -5.40
CA LEU A 69 -11.56 47.87 -6.27
C LEU A 69 -11.84 48.38 -7.68
N PHE A 70 -12.40 49.58 -7.79
CA PHE A 70 -12.63 50.18 -9.11
C PHE A 70 -11.31 50.41 -9.84
N ILE A 71 -10.29 50.90 -9.13
CA ILE A 71 -8.98 51.13 -9.75
C ILE A 71 -8.37 49.81 -10.19
N ILE A 72 -8.48 48.78 -9.36
CA ILE A 72 -7.93 47.47 -9.73
C ILE A 72 -8.64 46.92 -10.96
N GLY A 73 -9.96 47.05 -11.01
CA GLY A 73 -10.70 46.59 -12.18
C GLY A 73 -10.32 47.33 -13.43
N ILE A 74 -10.10 48.65 -13.33
CA ILE A 74 -9.65 49.42 -14.48
C ILE A 74 -8.26 48.97 -14.93
N ILE A 75 -7.35 48.79 -13.97
CA ILE A 75 -5.95 48.49 -14.31
C ILE A 75 -5.84 47.11 -14.95
N LEU A 76 -6.50 46.10 -14.36
CA LEU A 76 -6.33 44.74 -14.81
C LEU A 76 -6.88 44.52 -16.22
N ASN A 77 -7.91 45.27 -16.60
CA ASN A 77 -8.48 45.13 -17.93
C ASN A 77 -7.48 45.59 -18.99
N ASN A 78 -7.42 44.87 -20.10
CA ASN A 78 -6.54 45.22 -21.20
C ASN A 78 -7.20 46.11 -22.23
N HIS A 79 -8.51 46.38 -22.12
CA HIS A 79 -9.19 47.25 -23.07
C HIS A 79 -8.88 48.72 -22.80
N THR A 80 -8.70 49.10 -21.54
CA THR A 80 -8.28 50.46 -21.26
C THR A 80 -6.89 50.73 -21.85
N TRP A 81 -6.01 49.72 -21.86
CA TRP A 81 -4.65 49.95 -22.33
C TRP A 81 -4.59 50.08 -23.84
N ASN A 82 -5.35 49.27 -24.58
CA ASN A 82 -5.31 49.50 -26.03
C ASN A 82 -6.15 50.71 -26.42
N LEU A 83 -7.11 51.11 -25.60
CA LEU A 83 -7.75 52.41 -25.81
C LEU A 83 -6.74 53.55 -25.63
N VAL A 84 -5.91 53.46 -24.59
CA VAL A 84 -4.85 54.45 -24.39
C VAL A 84 -3.87 54.42 -25.55
N ALA A 85 -3.54 53.23 -26.03
CA ALA A 85 -2.63 53.11 -27.17
C ALA A 85 -3.22 53.73 -28.42
N GLU A 86 -4.53 53.59 -28.62
CA GLU A 86 -5.20 54.24 -29.75
C GLU A 86 -5.12 55.76 -29.62
N CYS A 87 -5.47 56.28 -28.44
CA CYS A 87 -5.39 57.72 -28.22
C CYS A 87 -3.96 58.24 -28.37
N GLN A 88 -2.97 57.38 -28.08
CA GLN A 88 -1.57 57.78 -28.20
C GLN A 88 -1.13 57.82 -29.66
N HIS A 89 -1.26 56.70 -30.37
CA HIS A 89 -0.74 56.62 -31.73
C HIS A 89 -1.55 57.47 -32.69
N ARG A 90 -2.87 57.58 -32.49
CA ARG A 90 -3.67 58.45 -33.36
C ARG A 90 -3.28 59.91 -33.18
N ARG A 91 -3.09 60.34 -31.92
CA ARG A 91 -2.51 61.65 -31.57
C ARG A 91 -3.19 62.82 -32.27
N THR A 92 -4.41 62.63 -32.79
CA THR A 92 -5.09 63.70 -33.52
C THR A 92 -6.58 63.70 -33.23
N LYS A 93 -7.04 62.94 -32.22
CA LYS A 93 -8.47 62.81 -31.92
C LYS A 93 -9.25 62.30 -33.13
N ASN A 94 -8.65 61.37 -33.87
CA ASN A 94 -9.25 60.89 -35.10
C ASN A 94 -10.51 60.06 -34.84
N CYS A 95 -10.50 59.25 -33.78
CA CYS A 95 -11.62 58.35 -33.52
C CYS A 95 -12.87 59.15 -33.18
N SER A 96 -14.01 58.66 -33.68
CA SER A 96 -15.29 59.33 -33.47
C SER A 96 -15.75 59.16 -32.02
N ALA A 97 -16.80 59.89 -31.67
CA ALA A 97 -17.31 59.85 -30.30
C ALA A 97 -17.96 58.51 -29.98
N ALA A 98 -18.67 57.92 -30.95
CA ALA A 98 -19.40 56.69 -30.68
C ALA A 98 -18.51 55.51 -30.27
N PRO A 99 -17.44 55.18 -31.01
CA PRO A 99 -16.63 54.03 -30.58
C PRO A 99 -15.92 54.27 -29.26
N THR A 100 -15.37 55.48 -29.05
CA THR A 100 -14.72 55.78 -27.78
C THR A 100 -15.70 55.69 -26.63
N PHE A 101 -16.92 56.19 -26.82
CA PHE A 101 -17.94 56.10 -25.79
C PHE A 101 -18.29 54.65 -25.50
N LEU A 102 -18.42 53.82 -26.54
CA LEU A 102 -18.75 52.41 -26.32
C LEU A 102 -17.65 51.70 -25.55
N LEU A 103 -16.39 51.93 -25.92
CA LEU A 103 -15.28 51.30 -25.20
C LEU A 103 -15.21 51.78 -23.76
N LEU A 104 -15.37 53.08 -23.52
CA LEU A 104 -15.34 53.58 -22.15
C LEU A 104 -16.48 52.99 -21.32
N SER A 105 -17.67 52.90 -21.91
CA SER A 105 -18.80 52.29 -21.21
C SER A 105 -18.51 50.83 -20.86
N SER A 106 -17.95 50.08 -21.81
CA SER A 106 -17.63 48.68 -21.55
C SER A 106 -16.60 48.55 -20.43
N ILE A 107 -15.55 49.37 -20.47
CA ILE A 107 -14.49 49.29 -19.46
C ILE A 107 -15.05 49.62 -18.08
N LEU A 108 -15.83 50.71 -17.98
CA LEU A 108 -16.38 51.10 -16.69
C LEU A 108 -17.37 50.07 -16.18
N GLY A 109 -18.20 49.50 -17.06
CA GLY A 109 -19.14 48.49 -16.62
C GLY A 109 -18.46 47.23 -16.13
N ARG A 110 -17.40 46.80 -16.81
CA ARG A 110 -16.67 45.63 -16.34
C ARG A 110 -15.94 45.92 -15.03
N ALA A 111 -15.44 47.15 -14.85
CA ALA A 111 -14.70 47.47 -13.64
C ALA A 111 -15.61 47.63 -12.43
N ALA A 112 -16.83 48.15 -12.63
CA ALA A 112 -17.71 48.50 -11.53
C ALA A 112 -18.36 47.30 -10.85
N VAL A 113 -18.05 46.07 -11.26
CA VAL A 113 -18.69 44.91 -10.65
C VAL A 113 -18.26 44.77 -9.19
N ALA A 114 -16.96 44.85 -8.92
CA ALA A 114 -16.48 44.72 -7.55
C ALA A 114 -16.93 45.85 -6.64
N PRO A 115 -16.83 47.13 -7.02
CA PRO A 115 -17.37 48.18 -6.14
C PRO A 115 -18.84 48.01 -5.83
N VAL A 116 -19.64 47.58 -6.82
CA VAL A 116 -21.06 47.45 -6.61
C VAL A 116 -21.37 46.35 -5.59
N THR A 117 -20.72 45.18 -5.72
CA THR A 117 -20.99 44.13 -4.76
C THR A 117 -20.43 44.46 -3.38
N TRP A 118 -19.28 45.15 -3.31
CA TRP A 118 -18.78 45.59 -2.02
C TRP A 118 -19.75 46.54 -1.34
N SER A 119 -20.29 47.49 -2.10
CA SER A 119 -21.26 48.44 -1.55
C SER A 119 -22.55 47.72 -1.13
N VAL A 120 -22.97 46.72 -1.91
CA VAL A 120 -24.16 45.96 -1.56
C VAL A 120 -23.96 45.22 -0.25
N ILE A 121 -22.81 44.57 -0.08
CA ILE A 121 -22.53 43.85 1.15
C ILE A 121 -22.47 44.82 2.33
N SER A 122 -21.81 45.96 2.14
CA SER A 122 -21.69 46.94 3.23
C SER A 122 -23.06 47.48 3.63
N LEU A 123 -23.92 47.76 2.65
CA LEU A 123 -25.26 48.26 2.95
C LEU A 123 -26.10 47.20 3.65
N LEU A 124 -26.01 45.95 3.21
CA LEU A 124 -26.80 44.90 3.83
C LEU A 124 -26.31 44.58 5.24
N ARG A 125 -25.02 44.82 5.52
CA ARG A 125 -24.53 44.67 6.89
C ARG A 125 -25.23 45.66 7.82
N GLY A 126 -25.34 46.92 7.39
CA GLY A 126 -26.06 47.93 8.14
C GLY A 126 -25.23 48.73 9.12
N GLU A 127 -24.02 48.26 9.47
CA GLU A 127 -23.22 48.94 10.48
C GLU A 127 -22.79 50.32 9.99
N ALA A 128 -22.31 50.41 8.75
CA ALA A 128 -21.83 51.68 8.24
C ALA A 128 -22.95 52.71 8.16
N TYR A 129 -24.12 52.30 7.68
CA TYR A 129 -25.21 53.26 7.50
C TYR A 129 -25.74 53.75 8.83
N VAL A 130 -25.92 52.85 9.82
CA VAL A 130 -26.39 53.29 11.12
C VAL A 130 -25.36 54.20 11.78
N CYS A 131 -24.07 53.85 11.65
CA CYS A 131 -23.03 54.71 12.20
C CYS A 131 -23.06 56.09 11.56
N ALA A 132 -23.30 56.15 10.24
CA ALA A 132 -23.26 57.43 9.54
C ALA A 132 -24.51 58.27 9.84
N LEU A 133 -25.67 57.64 10.00
CA LEU A 133 -26.92 58.37 10.11
C LEU A 133 -27.51 58.38 11.51
N SER A 134 -26.77 57.92 12.51
CA SER A 134 -27.29 57.97 13.88
C SER A 134 -27.52 59.41 14.34
N GLU A 135 -26.60 60.31 14.00
CA GLU A 135 -26.68 61.68 14.51
C GLU A 135 -27.78 62.50 13.85
N PHE A 136 -28.35 62.04 12.74
CA PHE A 136 -29.38 62.79 12.03
C PHE A 136 -30.79 62.33 12.36
N VAL A 137 -30.95 61.37 13.27
CA VAL A 137 -32.28 60.90 13.64
C VAL A 137 -33.02 62.02 14.36
N ASP A 138 -34.26 62.26 13.95
CA ASP A 138 -35.07 63.31 14.56
C ASP A 138 -35.62 62.83 15.88
N PRO A 139 -35.33 63.49 17.00
CA PRO A 139 -35.91 63.06 18.29
C PRO A 139 -37.42 63.13 18.32
N SER A 140 -38.03 64.07 17.59
CA SER A 140 -39.48 64.18 17.57
C SER A 140 -40.13 62.94 16.97
N SER A 141 -39.55 62.40 15.90
CA SER A 141 -40.11 61.23 15.25
C SER A 141 -39.92 59.95 16.05
N LEU A 142 -39.14 59.98 17.12
CA LEU A 142 -38.92 58.79 17.93
C LEU A 142 -40.22 58.36 18.62
N THR A 143 -40.39 57.05 18.74
CA THR A 143 -41.63 56.48 19.26
C THR A 143 -41.27 55.20 20.04
N ALA A 144 -42.28 54.35 20.26
CA ALA A 144 -42.15 53.06 20.93
C ALA A 144 -41.76 53.19 22.40
N ARG A 145 -42.02 54.35 22.99
CA ARG A 145 -41.66 54.65 24.37
C ARG A 145 -42.21 56.03 24.69
N GLU A 146 -42.43 56.28 25.98
CA GLU A 146 -42.81 57.62 26.42
C GLU A 146 -41.67 58.61 26.15
N GLU A 147 -42.02 59.89 26.08
CA GLU A 147 -41.08 60.92 25.66
C GLU A 147 -40.07 61.17 26.77
N HIS A 148 -39.10 60.27 26.87
CA HIS A 148 -38.00 60.37 27.83
C HIS A 148 -36.72 60.90 27.20
N PHE A 149 -36.73 61.24 25.92
CA PHE A 149 -35.51 61.64 25.24
C PHE A 149 -35.17 63.09 25.59
N PRO A 150 -34.03 63.36 26.19
CA PRO A 150 -33.66 64.73 26.50
C PRO A 150 -33.37 65.54 25.24
N SER A 151 -33.61 66.85 25.35
CA SER A 151 -33.28 67.79 24.29
C SER A 151 -32.04 68.62 24.63
N ALA A 152 -31.33 68.25 25.71
CA ALA A 152 -30.13 68.99 26.08
C ALA A 152 -29.06 68.89 25.01
N HIS A 153 -28.52 67.68 24.81
CA HIS A 153 -27.56 67.40 23.74
C HIS A 153 -28.14 66.21 22.97
N ALA A 154 -29.07 66.49 22.05
CA ALA A 154 -29.72 65.41 21.32
C ALA A 154 -28.74 64.74 20.36
N THR A 155 -27.99 65.55 19.61
CA THR A 155 -27.09 65.02 18.58
C THR A 155 -26.04 64.10 19.19
N GLU A 156 -25.49 64.48 20.35
CA GLU A 156 -24.40 63.70 20.94
C GLU A 156 -24.88 62.33 21.38
N ILE A 157 -26.04 62.25 22.04
CA ILE A 157 -26.56 60.94 22.45
C ILE A 157 -26.94 60.11 21.23
N LEU A 158 -27.56 60.73 20.23
CA LEU A 158 -27.91 60.00 19.02
C LEU A 158 -26.67 59.44 18.34
N ALA A 159 -25.59 60.22 18.30
CA ALA A 159 -24.34 59.74 17.70
C ALA A 159 -23.67 58.69 18.58
N ARG A 160 -23.89 58.73 19.88
CA ARG A 160 -23.28 57.75 20.77
C ARG A 160 -24.07 56.45 20.85
N PHE A 161 -25.25 56.40 20.25
CA PHE A 161 -26.03 55.16 20.24
C PHE A 161 -25.26 53.94 19.75
N PRO A 162 -24.55 53.97 18.61
CA PRO A 162 -23.95 52.73 18.10
C PRO A 162 -22.95 52.06 19.04
N CYS A 163 -22.20 52.81 19.83
CA CYS A 163 -21.14 52.25 20.66
C CYS A 163 -21.65 51.72 22.00
N LYS A 164 -22.93 51.40 22.11
CA LYS A 164 -23.56 50.88 23.34
C LYS A 164 -23.55 51.89 24.48
N GLU A 165 -23.09 53.12 24.23
CA GLU A 165 -23.04 54.15 25.27
C GLU A 165 -24.37 54.89 25.34
N ASN A 166 -25.42 54.11 25.53
CA ASN A 166 -26.78 54.61 25.65
C ASN A 166 -27.23 54.51 27.10
N PRO A 167 -27.72 55.59 27.70
CA PRO A 167 -28.25 55.50 29.07
C PRO A 167 -29.39 54.51 29.15
N ASP A 168 -29.46 53.82 30.29
CA ASP A 168 -30.47 52.76 30.47
C ASP A 168 -31.89 53.31 30.37
N ASN A 169 -32.09 54.57 30.74
CA ASN A 169 -33.41 55.18 30.59
C ASN A 169 -33.79 55.35 29.12
N LEU A 170 -32.82 55.34 28.21
CA LEU A 170 -33.06 55.41 26.77
C LEU A 170 -32.79 54.08 26.08
N SER A 171 -32.83 52.98 26.82
CA SER A 171 -32.56 51.66 26.25
C SER A 171 -33.56 51.30 25.17
N ASP A 172 -34.80 51.75 25.29
CA ASP A 172 -35.78 51.49 24.24
C ASP A 172 -35.54 52.37 23.02
N PHE A 173 -35.16 53.63 23.23
CA PHE A 173 -34.91 54.52 22.11
C PHE A 173 -33.75 54.02 21.26
N ARG A 174 -32.69 53.52 21.91
CA ARG A 174 -31.54 53.04 21.14
C ARG A 174 -31.96 51.94 20.17
N GLU A 175 -32.74 50.97 20.65
CA GLU A 175 -33.21 49.90 19.79
C GLU A 175 -34.18 50.43 18.73
N GLU A 176 -35.01 51.40 19.10
CA GLU A 176 -35.92 52.02 18.13
C GLU A 176 -35.15 52.61 16.95
N VAL A 177 -34.00 53.20 17.22
CA VAL A 177 -33.18 53.76 16.15
C VAL A 177 -32.41 52.66 15.42
N SER A 178 -31.95 51.65 16.16
CA SER A 178 -31.17 50.58 15.56
C SER A 178 -31.98 49.79 14.55
N ARG A 179 -33.25 49.54 14.84
CA ARG A 179 -34.10 48.81 13.90
C ARG A 179 -34.56 49.67 12.73
N ARG A 180 -34.50 51.00 12.87
CA ARG A 180 -34.91 51.89 11.79
C ARG A 180 -33.79 52.11 10.78
N LEU A 181 -32.64 52.59 11.26
CA LEU A 181 -31.54 52.92 10.35
C LEU A 181 -31.02 51.68 9.63
N ARG A 182 -30.90 50.57 10.35
CA ARG A 182 -30.51 49.32 9.72
C ARG A 182 -31.51 48.91 8.64
N TYR A 183 -32.81 49.09 8.91
CA TYR A 183 -33.82 48.82 7.90
C TYR A 183 -33.57 49.63 6.65
N GLU A 184 -33.31 50.93 6.82
CA GLU A 184 -33.04 51.78 5.65
C GLU A 184 -31.82 51.29 4.89
N SER A 185 -30.77 50.91 5.62
CA SER A 185 -29.56 50.36 5.00
C SER A 185 -29.88 49.15 4.14
N GLN A 186 -30.57 48.18 4.72
CA GLN A 186 -30.89 46.95 3.98
C GLN A 186 -31.81 47.22 2.81
N LEU A 187 -32.77 48.13 2.98
CA LEU A 187 -33.64 48.54 1.87
C LEU A 187 -32.82 49.11 0.71
N PHE A 188 -31.86 49.98 1.03
CA PHE A 188 -31.00 50.52 -0.02
C PHE A 188 -30.19 49.42 -0.70
N GLY A 189 -29.68 48.47 0.08
CA GLY A 189 -28.94 47.37 -0.51
C GLY A 189 -29.79 46.57 -1.49
N TRP A 190 -31.02 46.24 -1.09
CA TRP A 190 -31.90 45.48 -1.97
C TRP A 190 -32.30 46.28 -3.20
N LEU A 191 -32.51 47.59 -3.06
CA LEU A 191 -32.80 48.41 -4.23
C LEU A 191 -31.61 48.45 -5.17
N LEU A 192 -30.39 48.50 -4.62
CA LEU A 192 -29.20 48.47 -5.45
C LEU A 192 -29.10 47.18 -6.23
N ILE A 193 -29.35 46.04 -5.57
CA ILE A 193 -29.31 44.77 -6.29
C ILE A 193 -30.36 44.75 -7.39
N GLY A 194 -31.56 45.27 -7.11
CA GLY A 194 -32.59 45.30 -8.13
C GLY A 194 -32.21 46.16 -9.33
N VAL A 195 -31.67 47.34 -9.07
CA VAL A 195 -31.29 48.24 -10.16
C VAL A 195 -30.15 47.63 -10.97
N VAL A 196 -29.15 47.06 -10.30
CA VAL A 196 -28.03 46.46 -11.00
C VAL A 196 -28.50 45.31 -11.88
N ALA A 197 -29.39 44.45 -11.35
CA ALA A 197 -29.93 43.36 -12.16
C ALA A 197 -30.69 43.89 -13.37
N ILE A 198 -31.48 44.95 -13.18
CA ILE A 198 -32.22 45.51 -14.30
C ILE A 198 -31.27 46.06 -15.36
N LEU A 199 -30.20 46.74 -14.93
CA LEU A 199 -29.23 47.27 -15.88
C LEU A 199 -28.50 46.15 -16.62
N VAL A 200 -28.10 45.10 -15.91
CA VAL A 200 -27.43 43.98 -16.57
C VAL A 200 -28.36 43.32 -17.59
N PHE A 201 -29.66 43.25 -17.28
CA PHE A 201 -30.61 42.72 -18.24
C PHE A 201 -30.75 43.64 -19.45
N LEU A 202 -30.94 44.94 -19.21
CA LEU A 202 -31.22 45.88 -20.31
C LEU A 202 -30.01 46.06 -21.21
N THR A 203 -28.82 46.18 -20.64
CA THR A 203 -27.61 46.39 -21.42
C THR A 203 -27.39 45.23 -22.39
N LYS A 204 -27.52 43.99 -21.89
CA LYS A 204 -27.36 42.84 -22.77
C LYS A 204 -28.48 42.79 -23.81
N CYS A 205 -29.72 43.10 -23.41
CA CYS A 205 -30.83 43.09 -24.36
C CYS A 205 -30.62 44.10 -25.48
N LEU A 206 -29.92 45.20 -25.20
CA LEU A 206 -29.59 46.17 -26.23
C LEU A 206 -28.33 45.77 -27.01
N LYS A 207 -27.37 45.14 -26.35
CA LYS A 207 -26.14 44.72 -27.02
C LYS A 207 -26.43 43.69 -28.09
N HIS A 208 -27.31 42.73 -27.80
CA HIS A 208 -27.68 41.76 -28.84
C HIS A 208 -28.59 42.39 -29.89
N TYR A 209 -29.41 43.36 -29.52
CA TYR A 209 -30.36 43.93 -30.47
C TYR A 209 -29.66 44.84 -31.47
N CYS A 210 -28.72 45.67 -31.03
CA CYS A 210 -28.08 46.65 -31.90
C CYS A 210 -26.83 46.12 -32.59
N SER A 211 -26.34 44.95 -32.19
CA SER A 211 -25.15 44.41 -32.84
C SER A 211 -25.49 43.94 -34.24
N PRO A 212 -24.63 44.22 -35.23
CA PRO A 212 -24.88 43.72 -36.59
C PRO A 212 -24.62 42.24 -36.76
N LEU A 213 -23.99 41.59 -35.79
CA LEU A 213 -23.70 40.16 -35.85
C LEU A 213 -24.74 39.38 -35.06
N SER A 214 -24.81 38.08 -35.36
CA SER A 214 -25.62 37.17 -34.57
C SER A 214 -24.91 36.80 -33.29
N TYR A 215 -25.67 36.27 -32.32
CA TYR A 215 -25.09 35.98 -31.03
C TYR A 215 -24.16 34.76 -31.07
N ARG A 216 -24.44 33.80 -31.96
CA ARG A 216 -23.55 32.66 -32.10
C ARG A 216 -22.20 33.08 -32.69
N GLN A 217 -22.23 33.97 -33.69
CA GLN A 217 -20.98 34.46 -34.26
C GLN A 217 -20.20 35.27 -33.23
N GLU A 218 -20.89 36.04 -32.39
CA GLU A 218 -20.20 36.80 -31.34
C GLU A 218 -19.60 35.86 -30.29
N ALA A 219 -20.28 34.75 -29.98
CA ALA A 219 -19.69 33.77 -29.09
C ALA A 219 -18.43 33.16 -29.70
N TYR A 220 -18.48 32.85 -31.00
CA TYR A 220 -17.28 32.35 -31.68
C TYR A 220 -16.16 33.38 -31.65
N TRP A 221 -16.51 34.65 -31.83
CA TRP A 221 -15.52 35.72 -31.79
C TRP A 221 -14.88 35.82 -30.41
N ALA A 222 -15.68 35.70 -29.35
CA ALA A 222 -15.13 35.74 -28.00
C ALA A 222 -14.20 34.56 -27.74
N GLN A 223 -14.59 33.37 -28.18
CA GLN A 223 -13.72 32.21 -28.04
C GLN A 223 -12.40 32.42 -28.78
N TYR A 224 -12.47 32.98 -29.99
CA TYR A 224 -11.27 33.26 -30.75
C TYR A 224 -10.38 34.27 -30.03
N ARG A 225 -10.98 35.32 -29.47
CA ARG A 225 -10.18 36.32 -28.77
C ARG A 225 -9.45 35.72 -27.58
N ALA A 226 -10.15 34.89 -26.80
CA ALA A 226 -9.51 34.26 -25.66
C ALA A 226 -8.35 33.37 -26.10
N ASN A 227 -8.59 32.52 -27.11
CA ASN A 227 -7.53 31.64 -27.58
C ASN A 227 -6.35 32.42 -28.14
N GLU A 228 -6.62 33.48 -28.90
CA GLU A 228 -5.54 34.30 -29.46
C GLU A 228 -4.71 34.94 -28.36
N ASP A 229 -5.36 35.48 -27.32
CA ASP A 229 -4.62 36.11 -26.25
C ASP A 229 -3.71 35.10 -25.55
N GLN A 230 -4.26 33.93 -25.20
CA GLN A 230 -3.44 32.95 -24.48
C GLN A 230 -2.28 32.48 -25.33
N LEU A 231 -2.55 32.15 -26.61
CA LEU A 231 -1.48 31.65 -27.47
C LEU A 231 -0.42 32.70 -27.72
N PHE A 232 -0.83 33.96 -27.90
CA PHE A 232 0.14 35.03 -28.12
C PHE A 232 1.03 35.22 -26.90
N GLN A 233 0.44 35.18 -25.70
CA GLN A 233 1.26 35.30 -24.50
C GLN A 233 2.27 34.16 -24.39
N ARG A 234 1.80 32.93 -24.63
CA ARG A 234 2.69 31.77 -24.50
C ARG A 234 3.84 31.84 -25.51
N THR A 235 3.53 32.17 -26.76
CA THR A 235 4.56 32.24 -27.78
C THR A 235 5.51 33.42 -27.54
N ALA A 236 5.00 34.54 -27.01
CA ALA A 236 5.89 35.64 -26.65
C ALA A 236 6.88 35.21 -25.57
N GLU A 237 6.40 34.47 -24.56
CA GLU A 237 7.30 33.97 -23.54
C GLU A 237 8.36 33.06 -24.13
N VAL A 238 7.95 32.13 -24.99
CA VAL A 238 8.91 31.19 -25.56
C VAL A 238 9.92 31.90 -26.46
N HIS A 239 9.45 32.84 -27.29
CA HIS A 239 10.33 33.58 -28.18
C HIS A 239 11.34 34.41 -27.40
N SER A 240 10.89 35.07 -26.33
CA SER A 240 11.79 35.84 -25.49
C SER A 240 12.85 34.94 -24.85
N ARG A 241 12.43 33.76 -24.36
CA ARG A 241 13.38 32.85 -23.76
C ARG A 241 14.42 32.38 -24.76
N VAL A 242 14.00 32.07 -25.99
CA VAL A 242 14.95 31.61 -27.00
C VAL A 242 15.93 32.73 -27.37
N LEU A 243 15.43 33.95 -27.53
CA LEU A 243 16.31 35.07 -27.85
C LEU A 243 17.31 35.33 -26.73
N ALA A 244 16.85 35.27 -25.48
CA ALA A 244 17.75 35.46 -24.35
C ALA A 244 18.79 34.35 -24.30
N ALA A 245 18.39 33.11 -24.60
CA ALA A 245 19.36 32.02 -24.64
C ALA A 245 20.41 32.24 -25.72
N ASN A 246 19.99 32.72 -26.88
CA ASN A 246 20.96 33.03 -27.93
C ASN A 246 21.95 34.10 -27.48
N ASN A 247 21.46 35.15 -26.82
CA ASN A 247 22.36 36.20 -26.36
C ASN A 247 23.34 35.68 -25.31
N VAL A 248 22.84 34.88 -24.37
CA VAL A 248 23.71 34.34 -23.33
C VAL A 248 24.74 33.40 -23.94
N ARG A 249 24.36 32.61 -24.95
CA ARG A 249 25.33 31.78 -25.64
C ARG A 249 26.39 32.63 -26.32
N ARG A 250 25.99 33.73 -26.95
CA ARG A 250 26.95 34.64 -27.54
C ARG A 250 27.92 35.18 -26.50
N PHE A 251 27.45 35.40 -25.28
CA PHE A 251 28.34 35.95 -24.25
C PHE A 251 29.29 34.89 -23.71
N PHE A 252 28.76 33.81 -23.15
CA PHE A 252 29.57 32.83 -22.44
C PHE A 252 30.12 31.73 -23.34
N GLY A 253 29.48 31.45 -24.47
CA GLY A 253 29.86 30.33 -25.31
C GLY A 253 28.96 29.12 -25.18
N PHE A 254 28.09 29.10 -24.18
CA PHE A 254 27.12 28.03 -24.00
C PHE A 254 26.00 28.57 -23.12
N VAL A 255 24.93 27.79 -23.01
CA VAL A 255 23.80 28.11 -22.14
C VAL A 255 23.49 26.91 -21.27
N ALA A 256 23.28 27.16 -19.98
CA ALA A 256 22.85 26.12 -19.05
C ALA A 256 21.32 26.06 -19.10
N LEU A 257 20.80 25.08 -19.83
CA LEU A 257 19.38 24.96 -20.07
C LEU A 257 18.84 23.67 -19.46
N ASN A 258 17.60 23.73 -19.00
CA ASN A 258 16.91 22.54 -18.53
C ASN A 258 16.43 21.72 -19.72
N LYS A 259 15.89 20.53 -19.43
CA LYS A 259 15.44 19.64 -20.50
C LYS A 259 14.30 20.26 -21.29
N ASP A 260 13.33 20.87 -20.60
CA ASP A 260 12.26 21.57 -21.31
C ASP A 260 12.79 22.77 -22.07
N ASP A 261 13.75 23.50 -21.50
CA ASP A 261 14.39 24.59 -22.23
C ASP A 261 15.16 24.07 -23.42
N GLU A 262 15.81 22.90 -23.29
CA GLU A 262 16.49 22.30 -24.44
C GLU A 262 15.50 21.96 -25.54
N GLU A 263 14.34 21.41 -25.18
CA GLU A 263 13.31 21.14 -26.17
C GLU A 263 12.81 22.42 -26.83
N LEU A 264 12.64 23.48 -26.03
CA LEU A 264 12.22 24.77 -26.60
C LEU A 264 13.25 25.29 -27.60
N ILE A 265 14.53 25.22 -27.25
CA ILE A 265 15.57 25.72 -28.14
C ILE A 265 15.64 24.89 -29.42
N ALA A 266 15.55 23.56 -29.29
CA ALA A 266 15.64 22.70 -30.46
C ALA A 266 14.45 22.88 -31.38
N ASN A 267 13.24 22.90 -30.82
CA ASN A 267 12.04 22.96 -31.65
C ASN A 267 11.85 24.35 -32.27
N PHE A 268 12.04 25.41 -31.49
CA PHE A 268 11.71 26.75 -31.94
C PHE A 268 12.96 27.60 -32.07
N PRO A 269 13.52 27.75 -33.27
CA PRO A 269 14.65 28.68 -33.45
C PRO A 269 14.18 30.05 -33.90
N VAL A 270 14.84 31.08 -33.38
CA VAL A 270 14.53 32.46 -33.70
C VAL A 270 15.69 33.06 -34.49
N GLU A 271 15.36 33.81 -35.54
CA GLU A 271 16.36 34.45 -36.38
C GLU A 271 16.53 35.93 -36.07
N GLY A 272 15.47 36.61 -35.65
CA GLY A 272 15.54 38.02 -35.36
C GLY A 272 14.32 38.46 -34.59
N THR A 273 14.26 39.77 -34.35
CA THR A 273 13.17 40.39 -33.62
C THR A 273 12.23 41.10 -34.57
N GLN A 274 10.93 41.06 -34.24
CA GLN A 274 9.94 41.74 -35.06
C GLN A 274 10.11 43.26 -34.94
N PRO A 275 9.92 44.00 -36.02
CA PRO A 275 10.09 45.45 -35.97
C PRO A 275 9.01 46.12 -35.13
N ARG A 276 9.31 47.36 -34.74
CA ARG A 276 8.35 48.15 -33.97
C ARG A 276 7.04 48.39 -34.73
N PRO A 277 7.03 48.76 -36.02
CA PRO A 277 5.74 48.90 -36.71
C PRO A 277 4.93 47.62 -36.77
N GLN A 278 5.59 46.47 -36.82
CA GLN A 278 4.85 45.21 -36.79
C GLN A 278 4.10 45.04 -35.46
N TRP A 279 4.73 45.41 -34.36
CA TRP A 279 4.04 45.42 -33.07
C TRP A 279 2.93 46.46 -33.04
N ASN A 280 3.18 47.65 -33.58
CA ASN A 280 2.17 48.70 -33.57
C ASN A 280 0.94 48.31 -34.37
N ALA A 281 1.13 47.51 -35.43
CA ALA A 281 0.02 47.13 -36.30
C ALA A 281 -0.99 46.23 -35.61
N ILE A 282 -0.66 45.65 -34.46
CA ILE A 282 -1.56 44.73 -33.77
C ILE A 282 -2.02 45.25 -32.42
N THR A 283 -1.63 46.45 -32.03
CA THR A 283 -2.03 47.04 -30.76
C THR A 283 -3.03 48.16 -31.00
N GLY A 284 -4.17 48.08 -30.34
CA GLY A 284 -5.19 49.10 -30.47
C GLY A 284 -6.57 48.48 -30.33
N VAL A 285 -7.58 49.25 -30.68
CA VAL A 285 -8.95 48.79 -30.66
C VAL A 285 -9.35 48.33 -32.05
N TYR A 286 -10.19 47.30 -32.10
CA TYR A 286 -10.65 46.70 -33.35
C TYR A 286 -12.16 46.55 -33.30
N LEU A 287 -12.84 46.93 -34.40
CA LEU A 287 -14.29 46.81 -34.48
C LEU A 287 -14.66 46.10 -35.79
N TYR A 288 -14.54 44.78 -35.80
CA TYR A 288 -15.12 43.87 -36.79
C TYR A 288 -15.14 44.39 -38.23
N ARG A 289 -13.98 44.64 -38.82
CA ARG A 289 -14.00 44.87 -40.25
C ARG A 289 -14.12 43.54 -41.00
N GLU A 290 -14.57 43.62 -42.25
CA GLU A 290 -14.79 42.46 -43.09
C GLU A 290 -14.10 42.68 -44.43
N ASN A 291 -13.35 41.67 -44.88
CA ASN A 291 -12.59 41.78 -46.12
C ASN A 291 -13.08 40.72 -47.10
N GLN A 292 -13.58 41.18 -48.25
CA GLN A 292 -14.03 40.30 -49.33
C GLN A 292 -15.08 39.30 -48.84
N GLY A 293 -15.97 39.77 -47.97
CA GLY A 293 -17.02 38.92 -47.43
C GLY A 293 -16.57 37.93 -46.38
N LEU A 294 -15.31 38.01 -45.95
CA LEU A 294 -14.78 37.11 -44.94
C LEU A 294 -14.48 37.87 -43.66
N PRO A 295 -14.98 37.42 -42.52
CA PRO A 295 -14.78 38.17 -41.27
C PRO A 295 -13.32 38.18 -40.84
N LEU A 296 -12.93 39.28 -40.21
CA LEU A 296 -11.65 39.43 -39.54
C LEU A 296 -11.93 39.74 -38.08
N TYR A 297 -11.35 38.96 -37.17
CA TYR A 297 -11.77 38.98 -35.77
C TYR A 297 -10.79 39.72 -34.86
N SER A 298 -9.61 40.10 -35.35
CA SER A 298 -8.68 40.89 -34.57
C SER A 298 -7.69 41.54 -35.52
N ARG A 299 -7.00 42.56 -35.01
CA ARG A 299 -6.00 43.22 -35.84
C ARG A 299 -4.75 42.38 -36.01
N LEU A 300 -4.54 41.38 -35.16
CA LEU A 300 -3.52 40.37 -35.46
C LEU A 300 -3.94 39.52 -36.66
N HIS A 301 -5.20 39.11 -36.69
CA HIS A 301 -5.73 38.40 -37.86
C HIS A 301 -5.68 39.28 -39.10
N LYS A 302 -6.08 40.55 -38.96
CA LYS A 302 -6.04 41.47 -40.08
C LYS A 302 -4.62 41.70 -40.59
N TRP A 303 -3.65 41.80 -39.67
CA TRP A 303 -2.25 41.92 -40.05
C TRP A 303 -1.76 40.66 -40.76
N ALA A 304 -2.13 39.48 -40.24
CA ALA A 304 -1.71 38.24 -40.85
C ALA A 304 -2.25 38.10 -42.27
N GLN A 305 -3.48 38.56 -42.49
CA GLN A 305 -4.04 38.57 -43.84
C GLN A 305 -3.32 39.54 -44.77
N GLY A 306 -2.51 40.45 -44.23
CA GLY A 306 -1.78 41.40 -45.05
C GLY A 306 -2.46 42.74 -45.23
N LEU A 307 -3.46 43.05 -44.41
CA LEU A 307 -4.24 44.28 -44.55
C LEU A 307 -3.79 45.38 -43.61
N ALA A 308 -2.77 45.15 -42.80
CA ALA A 308 -2.29 46.16 -41.85
C ALA A 308 -0.99 46.82 -42.30
N GLY A 309 -0.08 46.05 -42.89
CA GLY A 309 1.19 46.60 -43.34
C GLY A 309 1.07 47.38 -44.64
N ASP A 315 11.93 55.72 -44.76
CA ASP A 315 12.05 57.15 -45.08
C ASP A 315 12.50 57.93 -43.86
N ASN A 316 11.70 57.89 -42.80
CA ASN A 316 12.00 58.58 -41.55
C ASN A 316 12.41 57.55 -40.51
N VAL A 317 13.55 57.79 -39.85
CA VAL A 317 14.10 56.88 -38.87
C VAL A 317 13.99 57.53 -37.49
N GLU A 318 13.42 56.80 -36.54
CA GLU A 318 13.22 57.30 -35.18
C GLU A 318 13.93 56.38 -34.19
N MET A 319 14.27 56.97 -33.04
CA MET A 319 14.89 56.28 -31.89
C MET A 319 15.95 55.28 -32.33
N ALA A 320 16.83 55.73 -33.22
CA ALA A 320 17.93 54.90 -33.69
C ALA A 320 19.07 54.89 -32.70
N LEU A 321 19.86 53.82 -32.73
CA LEU A 321 21.00 53.71 -31.82
C LEU A 321 22.12 54.65 -32.22
N LEU A 322 22.44 54.71 -33.51
CA LEU A 322 23.53 55.49 -34.06
C LEU A 322 23.03 56.27 -35.25
N PRO A 323 23.75 57.32 -35.67
CA PRO A 323 23.27 58.14 -36.79
C PRO A 323 23.24 57.36 -38.09
N SER A 324 22.83 58.00 -39.17
CA SER A 324 22.88 57.37 -40.48
C SER A 324 24.31 56.95 -40.80
N ALA A 325 24.42 55.94 -41.66
CA ALA A 325 25.73 55.39 -42.01
C ALA A 325 26.66 56.48 -42.55
N LEU A 326 26.10 57.48 -43.23
CA LEU A 326 26.91 58.62 -43.68
C LEU A 326 27.53 59.35 -42.50
N GLU A 327 26.76 59.56 -41.42
CA GLU A 327 27.31 60.20 -40.23
C GLU A 327 28.24 59.27 -39.46
N VAL A 328 27.96 57.97 -39.49
CA VAL A 328 28.86 57.01 -38.84
C VAL A 328 30.22 57.01 -39.50
N LEU A 329 30.26 57.21 -40.83
CA LEU A 329 31.53 57.27 -41.54
C LEU A 329 32.43 58.37 -40.99
N PHE A 330 31.83 59.50 -40.56
CA PHE A 330 32.65 60.55 -39.94
C PHE A 330 32.64 60.46 -38.43
N GLN B 4 -30.00 44.73 -59.76
CA GLN B 4 -30.72 45.81 -60.44
C GLN B 4 -29.94 46.30 -61.64
N VAL B 5 -28.61 46.26 -61.55
CA VAL B 5 -27.72 46.74 -62.60
C VAL B 5 -26.93 45.56 -63.14
N GLN B 6 -26.94 45.39 -64.45
CA GLN B 6 -26.21 44.32 -65.11
C GLN B 6 -25.23 44.92 -66.12
N LEU B 7 -24.06 44.29 -66.23
CA LEU B 7 -23.01 44.72 -67.14
C LEU B 7 -22.79 43.63 -68.17
N VAL B 8 -22.90 43.99 -69.45
CA VAL B 8 -22.68 43.07 -70.56
C VAL B 8 -21.38 43.46 -71.24
N GLU B 9 -20.42 42.54 -71.26
CA GLU B 9 -19.09 42.78 -71.79
C GLU B 9 -18.88 41.93 -73.05
N SER B 10 -18.21 42.52 -74.03
CA SER B 10 -17.99 41.85 -75.31
C SER B 10 -16.72 42.40 -75.95
N GLY B 11 -16.23 41.68 -76.95
CA GLY B 11 -15.04 42.07 -77.69
C GLY B 11 -13.85 41.16 -77.51
N GLY B 12 -13.95 40.12 -76.68
CA GLY B 12 -12.83 39.25 -76.46
C GLY B 12 -12.45 38.46 -77.70
N GLY B 13 -11.17 38.14 -77.80
CA GLY B 13 -10.68 37.40 -78.96
C GLY B 13 -9.18 37.21 -78.85
N SER B 14 -8.63 36.60 -79.90
CA SER B 14 -7.21 36.30 -79.98
C SER B 14 -6.57 37.22 -81.03
N VAL B 15 -5.64 38.07 -80.58
CA VAL B 15 -4.92 39.00 -81.45
C VAL B 15 -3.44 38.91 -81.11
N GLN B 16 -2.60 38.88 -82.13
CA GLN B 16 -1.16 38.79 -81.94
C GLN B 16 -0.62 40.08 -81.32
N ALA B 17 0.67 40.09 -81.04
CA ALA B 17 1.30 41.25 -80.44
C ALA B 17 1.29 42.44 -81.39
N GLY B 18 1.13 43.62 -80.83
CA GLY B 18 1.09 44.84 -81.61
C GLY B 18 -0.26 45.16 -82.23
N GLY B 19 -1.27 44.32 -82.03
CA GLY B 19 -2.58 44.56 -82.57
C GLY B 19 -3.40 45.53 -81.73
N SER B 20 -4.60 45.80 -82.20
CA SER B 20 -5.53 46.70 -81.54
C SER B 20 -6.83 45.97 -81.24
N LEU B 21 -7.35 46.17 -80.02
CA LEU B 21 -8.59 45.55 -79.59
C LEU B 21 -9.48 46.59 -78.94
N ARG B 22 -10.79 46.41 -79.11
CA ARG B 22 -11.80 47.31 -78.54
C ARG B 22 -12.81 46.47 -77.77
N LEU B 23 -12.77 46.57 -76.44
CA LEU B 23 -13.69 45.85 -75.58
C LEU B 23 -14.77 46.80 -75.07
N SER B 24 -16.02 46.34 -75.12
CA SER B 24 -17.17 47.17 -74.77
C SER B 24 -17.87 46.59 -73.55
N CYS B 25 -18.39 47.46 -72.69
CA CYS B 25 -19.17 47.07 -71.52
C CYS B 25 -20.40 47.96 -71.46
N ALA B 26 -21.58 47.36 -71.55
CA ALA B 26 -22.83 48.09 -71.55
C ALA B 26 -23.53 47.88 -70.20
N ALA B 27 -24.01 48.98 -69.62
CA ALA B 27 -24.68 48.95 -68.33
C ALA B 27 -26.18 49.10 -68.52
N SER B 28 -26.95 48.21 -67.88
CA SER B 28 -28.41 48.24 -67.93
C SER B 28 -28.94 48.32 -66.51
N GLY B 29 -29.76 49.33 -66.24
CA GLY B 29 -30.35 49.49 -64.94
C GLY B 29 -30.18 50.88 -64.36
N ASN B 30 -30.05 50.97 -63.04
CA ASN B 30 -29.91 52.26 -62.34
C ASN B 30 -28.45 52.69 -62.41
N ILE B 31 -28.11 53.42 -63.48
CA ILE B 31 -26.75 53.93 -63.64
C ILE B 31 -26.59 55.33 -63.08
N ARG B 32 -27.65 55.91 -62.51
CA ARG B 32 -27.56 57.27 -61.99
C ARG B 32 -26.58 57.36 -60.82
N ASN B 33 -26.64 56.39 -59.91
CA ASN B 33 -25.84 56.43 -58.70
C ASN B 33 -24.42 55.92 -58.89
N ILE B 34 -24.12 55.28 -60.02
CA ILE B 34 -22.79 54.74 -60.26
C ILE B 34 -21.80 55.87 -60.47
N SER B 35 -20.68 55.81 -59.76
CA SER B 35 -19.63 56.82 -59.88
C SER B 35 -18.28 56.21 -60.15
N TYR B 36 -18.22 54.90 -60.28
CA TYR B 36 -16.96 54.18 -60.35
C TYR B 36 -17.03 53.26 -61.55
N LEU B 37 -16.34 53.61 -62.61
CA LEU B 37 -16.36 52.76 -63.80
C LEU B 37 -14.93 52.47 -64.16
N GLY B 38 -14.60 51.19 -64.32
CA GLY B 38 -13.24 50.78 -64.57
C GLY B 38 -13.22 49.36 -65.07
N TRP B 39 -12.01 48.90 -65.40
CA TRP B 39 -11.77 47.54 -65.84
C TRP B 39 -10.68 46.91 -64.99
N PHE B 40 -10.78 45.59 -64.86
CA PHE B 40 -9.83 44.78 -64.11
C PHE B 40 -9.38 43.60 -64.93
N ARG B 41 -8.14 43.16 -64.69
CA ARG B 41 -7.59 41.98 -65.33
C ARG B 41 -7.03 41.04 -64.28
N GLN B 42 -7.36 39.76 -64.38
CA GLN B 42 -6.81 38.73 -63.51
C GLN B 42 -6.30 37.56 -64.35
N ALA B 43 -5.18 36.97 -63.92
CA ALA B 43 -4.57 35.86 -64.62
C ALA B 43 -4.40 34.68 -63.66
N PRO B 44 -4.38 33.45 -64.16
CA PRO B 44 -4.16 32.30 -63.28
C PRO B 44 -2.80 32.38 -62.61
N GLY B 45 -2.77 31.96 -61.35
CA GLY B 45 -1.56 32.04 -60.55
C GLY B 45 -1.27 33.40 -59.96
N LYS B 46 -2.18 34.36 -60.07
CA LYS B 46 -1.98 35.69 -59.53
C LYS B 46 -3.34 36.34 -59.29
N GLU B 47 -3.32 37.44 -58.53
CA GLU B 47 -4.54 38.12 -58.14
C GLU B 47 -5.02 39.03 -59.27
N ARG B 48 -5.98 39.90 -58.96
CA ARG B 48 -6.64 40.75 -59.95
C ARG B 48 -6.21 42.20 -59.75
N GLU B 49 -5.84 42.86 -60.85
CA GLU B 49 -5.40 44.25 -60.83
C GLU B 49 -6.21 45.06 -61.83
N GLY B 50 -6.21 46.38 -61.62
CA GLY B 50 -7.00 47.29 -62.44
C GLY B 50 -6.17 48.01 -63.48
N VAL B 51 -6.59 47.87 -64.74
CA VAL B 51 -5.91 48.58 -65.82
C VAL B 51 -6.26 50.06 -65.80
N ALA B 52 -7.55 50.39 -65.63
CA ALA B 52 -7.96 51.78 -65.65
C ALA B 52 -9.34 51.95 -65.01
N ALA B 53 -9.65 53.19 -64.66
CA ALA B 53 -10.94 53.58 -64.12
C ALA B 53 -11.09 55.09 -64.32
N LEU B 54 -12.33 55.58 -64.17
CA LEU B 54 -12.69 56.95 -64.49
C LEU B 54 -13.67 57.51 -63.46
N TRP B 55 -13.82 58.82 -63.40
CA TRP B 55 -14.72 59.39 -62.40
C TRP B 55 -15.83 60.11 -63.15
N THR B 56 -17.06 59.63 -63.02
CA THR B 56 -18.21 60.37 -63.55
C THR B 56 -18.52 61.62 -62.72
N THR B 57 -18.30 61.52 -61.41
CA THR B 57 -18.59 62.66 -60.54
C THR B 57 -17.55 63.78 -60.70
N GLN B 58 -16.26 63.42 -60.72
CA GLN B 58 -15.19 64.42 -60.76
C GLN B 58 -14.55 64.61 -62.13
N GLY B 59 -14.48 63.56 -62.96
CA GLY B 59 -13.96 63.66 -64.30
C GLY B 59 -12.58 63.07 -64.52
N GLN B 60 -11.75 62.99 -63.48
CA GLN B 60 -10.39 62.51 -63.64
C GLN B 60 -10.35 61.00 -63.87
N THR B 61 -9.14 60.50 -64.17
CA THR B 61 -8.96 59.11 -64.57
C THR B 61 -7.60 58.61 -64.08
N TYR B 62 -7.49 57.28 -63.90
CA TYR B 62 -6.26 56.62 -63.50
C TYR B 62 -5.95 55.52 -64.49
N TYR B 63 -4.68 55.38 -64.85
CA TYR B 63 -4.20 54.24 -65.60
C TYR B 63 -3.11 53.57 -64.79
N ALA B 64 -3.01 52.25 -64.92
CA ALA B 64 -1.91 51.57 -64.25
C ALA B 64 -0.60 51.91 -64.94
N ASP B 65 0.51 51.55 -64.29
CA ASP B 65 1.82 51.86 -64.85
C ASP B 65 2.02 51.17 -66.20
N SER B 66 1.59 49.91 -66.30
CA SER B 66 1.68 49.18 -67.57
C SER B 66 0.66 49.65 -68.59
N VAL B 67 -0.27 50.52 -68.22
CA VAL B 67 -1.30 51.00 -69.14
C VAL B 67 -0.98 52.39 -69.69
N LYS B 68 -0.16 53.18 -69.00
CA LYS B 68 0.16 54.52 -69.45
C LYS B 68 0.89 54.49 -70.78
N GLY B 69 0.31 55.15 -71.79
CA GLY B 69 0.89 55.22 -73.11
C GLY B 69 0.66 54.01 -73.99
N ARG B 70 -0.05 53.01 -73.50
CA ARG B 70 -0.31 51.80 -74.27
C ARG B 70 -1.80 51.56 -74.50
N PHE B 71 -2.62 51.67 -73.46
CA PHE B 71 -4.04 51.38 -73.56
C PHE B 71 -4.84 52.54 -72.99
N THR B 72 -6.05 52.72 -73.52
CA THR B 72 -6.91 53.83 -73.14
C THR B 72 -8.32 53.31 -72.87
N VAL B 73 -9.08 54.08 -72.08
CA VAL B 73 -10.47 53.76 -71.79
C VAL B 73 -11.29 55.04 -71.92
N SER B 74 -12.43 54.93 -72.59
CA SER B 74 -13.33 56.06 -72.80
C SER B 74 -14.74 55.67 -72.38
N LEU B 75 -15.53 56.69 -72.02
CA LEU B 75 -16.91 56.50 -71.59
C LEU B 75 -17.85 57.22 -72.54
N ASP B 76 -18.91 56.55 -72.95
CA ASP B 76 -19.97 57.13 -73.77
C ASP B 76 -21.15 57.42 -72.86
N ASN B 77 -21.31 58.69 -72.47
CA ASN B 77 -22.41 59.06 -71.58
C ASN B 77 -23.76 58.84 -72.23
N ALA B 78 -23.88 59.18 -73.52
CA ALA B 78 -25.14 58.96 -74.23
C ALA B 78 -25.50 57.48 -74.28
N LYS B 79 -24.51 56.63 -74.56
CA LYS B 79 -24.73 55.19 -74.56
C LYS B 79 -24.63 54.57 -73.18
N ASN B 80 -24.11 55.29 -72.19
CA ASN B 80 -23.89 54.77 -70.84
C ASN B 80 -23.04 53.49 -70.89
N THR B 81 -22.01 53.51 -71.75
CA THR B 81 -21.16 52.35 -71.97
C THR B 81 -19.71 52.73 -71.73
N VAL B 82 -18.88 51.70 -71.55
CA VAL B 82 -17.45 51.86 -71.34
C VAL B 82 -16.72 51.14 -72.46
N TYR B 83 -15.85 51.85 -73.15
CA TYR B 83 -15.01 51.29 -74.20
C TYR B 83 -13.55 51.39 -73.81
N LEU B 84 -12.80 50.32 -74.06
CA LEU B 84 -11.37 50.29 -73.82
C LEU B 84 -10.65 49.89 -75.09
N GLN B 85 -9.53 50.55 -75.37
CA GLN B 85 -8.72 50.28 -76.56
C GLN B 85 -7.37 49.73 -76.13
N MET B 86 -7.12 48.46 -76.42
CA MET B 86 -5.84 47.83 -76.18
C MET B 86 -4.95 48.04 -77.40
N ASN B 87 -3.90 48.84 -77.24
CA ASN B 87 -2.95 49.11 -78.31
C ASN B 87 -1.57 48.62 -77.90
N SER B 88 -0.81 48.15 -78.90
CA SER B 88 0.50 47.52 -78.69
C SER B 88 0.37 46.34 -77.72
N LEU B 89 -0.39 45.34 -78.17
CA LEU B 89 -0.65 44.17 -77.35
C LEU B 89 0.64 43.39 -77.09
N LYS B 90 0.70 42.77 -75.93
CA LYS B 90 1.84 41.99 -75.47
C LYS B 90 1.34 40.65 -74.94
N PRO B 91 2.21 39.63 -74.91
CA PRO B 91 1.79 38.34 -74.35
C PRO B 91 1.43 38.41 -72.87
N GLU B 92 1.86 39.46 -72.16
CA GLU B 92 1.50 39.62 -70.75
C GLU B 92 0.03 39.96 -70.55
N ASP B 93 -0.70 40.27 -71.62
CA ASP B 93 -2.09 40.68 -71.53
C ASP B 93 -3.07 39.51 -71.57
N THR B 94 -2.59 38.27 -71.59
CA THR B 94 -3.46 37.09 -71.60
C THR B 94 -4.08 36.94 -70.22
N ALA B 95 -5.28 37.46 -70.04
CA ALA B 95 -5.94 37.42 -68.74
C ALA B 95 -7.43 37.58 -68.92
N LEU B 96 -8.17 37.22 -67.87
CA LEU B 96 -9.61 37.45 -67.82
C LEU B 96 -9.87 38.92 -67.50
N TYR B 97 -10.73 39.56 -68.28
CA TYR B 97 -11.02 40.98 -68.14
C TYR B 97 -12.46 41.19 -67.68
N TYR B 98 -12.64 42.11 -66.74
CA TYR B 98 -13.95 42.42 -66.17
C TYR B 98 -14.13 43.93 -66.11
N CYS B 99 -15.38 44.36 -66.28
CA CYS B 99 -15.76 45.76 -66.08
C CYS B 99 -16.61 45.87 -64.82
N ALA B 100 -16.28 46.83 -63.96
CA ALA B 100 -16.87 46.93 -62.64
C ALA B 100 -17.43 48.33 -62.42
N ALA B 101 -18.55 48.39 -61.69
CA ALA B 101 -19.21 49.65 -61.36
C ALA B 101 -19.50 49.70 -59.87
N ALA B 102 -19.22 50.85 -59.26
CA ALA B 102 -19.48 51.03 -57.83
C ALA B 102 -20.15 52.38 -57.60
N THR B 103 -21.07 52.40 -56.64
CA THR B 103 -21.89 53.57 -56.32
C THR B 103 -21.42 54.26 -55.04
N SER B 104 -20.37 55.07 -55.19
CA SER B 104 -19.79 55.81 -54.08
C SER B 104 -19.26 54.87 -53.00
N GLY B 105 -19.83 55.00 -51.81
CA GLY B 105 -19.41 54.28 -50.62
C GLY B 105 -19.39 55.23 -49.44
N GLN B 106 -20.26 55.02 -48.47
CA GLN B 106 -20.38 55.91 -47.32
C GLN B 106 -19.84 55.21 -46.08
N TYR B 107 -18.97 55.90 -45.36
CA TYR B 107 -18.24 55.30 -44.25
C TYR B 107 -18.85 55.79 -42.95
N ASN B 108 -19.59 54.91 -42.28
CA ASN B 108 -19.85 55.39 -40.94
C ASN B 108 -18.83 54.80 -39.98
N PRO B 109 -18.35 55.58 -39.01
CA PRO B 109 -17.24 55.11 -38.18
C PRO B 109 -17.53 53.85 -37.40
N LEU B 110 -18.79 53.64 -37.01
CA LEU B 110 -19.11 52.49 -36.17
C LEU B 110 -19.13 51.18 -36.95
N ARG B 111 -19.58 51.21 -38.20
CA ARG B 111 -19.80 49.98 -38.97
C ARG B 111 -18.80 49.78 -40.10
N GLY B 112 -18.49 50.82 -40.88
CA GLY B 112 -17.52 50.73 -41.94
C GLY B 112 -18.07 51.25 -43.24
N TYR B 113 -17.43 50.84 -44.34
CA TYR B 113 -17.84 51.28 -45.67
C TYR B 113 -18.98 50.43 -46.20
N HIS B 114 -19.97 51.09 -46.80
CA HIS B 114 -21.06 50.41 -47.47
C HIS B 114 -21.30 51.03 -48.83
N TYR B 115 -21.51 50.19 -49.84
CA TYR B 115 -21.68 50.61 -51.22
C TYR B 115 -22.27 49.43 -51.99
N ASN B 116 -22.34 49.56 -53.31
CA ASN B 116 -22.78 48.49 -54.19
C ASN B 116 -21.74 48.29 -55.28
N GLU B 117 -21.52 47.04 -55.66
CA GLU B 117 -20.50 46.70 -56.64
C GLU B 117 -21.07 45.71 -57.65
N TYR B 118 -20.60 45.80 -58.88
CA TYR B 118 -21.09 44.95 -59.97
C TYR B 118 -19.91 44.45 -60.78
N TRP B 119 -20.13 43.33 -61.47
CA TRP B 119 -19.05 42.67 -62.19
C TRP B 119 -19.60 42.00 -63.45
N GLY B 120 -18.69 41.72 -64.39
CA GLY B 120 -19.03 41.01 -65.61
C GLY B 120 -17.85 40.22 -66.15
N GLN B 121 -18.08 38.96 -66.52
CA GLN B 121 -17.01 38.05 -66.87
C GLN B 121 -16.65 38.16 -68.35
N GLY B 122 -15.36 38.38 -68.63
CA GLY B 122 -14.87 38.41 -70.00
C GLY B 122 -13.44 37.93 -70.04
N THR B 123 -12.95 37.71 -71.27
CA THR B 123 -11.61 37.17 -71.47
C THR B 123 -10.91 37.92 -72.59
N GLN B 124 -9.59 37.90 -72.54
CA GLN B 124 -8.76 38.50 -73.59
C GLN B 124 -7.39 37.82 -73.55
N VAL B 125 -7.12 36.98 -74.54
CA VAL B 125 -5.88 36.22 -74.62
C VAL B 125 -5.20 36.53 -75.94
N THR B 126 -3.92 36.87 -75.88
CA THR B 126 -3.11 37.15 -77.07
C THR B 126 -2.26 35.93 -77.40
N VAL B 127 -2.34 35.48 -78.66
CA VAL B 127 -1.61 34.29 -79.07
C VAL B 127 -0.11 34.51 -78.98
N SER B 128 0.36 35.63 -79.53
CA SER B 128 1.79 35.94 -79.54
C SER B 128 2.02 37.42 -79.81
N PHE C 40 -24.14 34.62 3.84
CA PHE C 40 -25.40 33.93 4.13
C PHE C 40 -26.11 34.58 5.31
N SER C 41 -25.34 34.89 6.37
CA SER C 41 -25.91 35.62 7.49
C SER C 41 -26.21 37.07 7.12
N VAL C 42 -25.65 37.56 6.02
CA VAL C 42 -25.90 38.93 5.57
C VAL C 42 -27.35 39.08 5.13
N VAL C 43 -27.91 38.05 4.49
CA VAL C 43 -29.21 38.15 3.84
C VAL C 43 -30.27 37.65 4.85
N ALA C 44 -29.86 37.50 6.10
CA ALA C 44 -30.79 37.08 7.14
C ALA C 44 -31.88 38.14 7.33
N PHE C 45 -33.12 37.67 7.52
CA PHE C 45 -34.26 38.57 7.62
C PHE C 45 -34.22 39.32 8.95
N HIS C 46 -34.46 40.63 8.89
CA HIS C 46 -34.51 41.48 10.08
C HIS C 46 -35.72 42.40 9.94
N CYS C 47 -36.77 42.10 10.68
CA CYS C 47 -38.02 42.84 10.54
C CYS C 47 -37.92 44.19 11.22
N PRO C 48 -38.11 45.29 10.50
CA PRO C 48 -38.22 46.60 11.16
C PRO C 48 -39.59 46.80 11.78
N CYS C 49 -39.69 46.72 13.10
CA CYS C 49 -40.98 46.78 13.77
C CYS C 49 -41.43 48.24 13.83
N SER C 50 -42.07 48.69 12.75
CA SER C 50 -42.59 50.04 12.64
C SER C 50 -43.76 50.02 11.66
N PRO C 51 -44.82 50.76 11.93
CA PRO C 51 -45.96 50.79 10.99
C PRO C 51 -45.57 51.40 9.66
N ALA C 52 -46.22 50.90 8.60
CA ALA C 52 -46.02 51.35 7.23
C ALA C 52 -44.58 51.21 6.76
N ARG C 53 -43.78 50.44 7.48
CA ARG C 53 -42.35 50.35 7.21
C ARG C 53 -41.91 48.89 7.11
N ASN C 54 -42.57 48.00 7.85
CA ASN C 54 -42.19 46.60 7.83
C ASN C 54 -42.65 45.88 6.57
N TYR C 55 -43.84 46.24 6.04
CA TYR C 55 -44.30 45.57 4.83
C TYR C 55 -43.51 46.02 3.61
N LEU C 56 -43.04 47.27 3.60
CA LEU C 56 -42.14 47.70 2.53
C LEU C 56 -40.84 46.91 2.55
N TYR C 57 -40.27 46.71 3.75
CA TYR C 57 -39.05 45.91 3.86
C TYR C 57 -39.28 44.47 3.42
N GLY C 58 -40.40 43.88 3.84
CA GLY C 58 -40.70 42.53 3.41
C GLY C 58 -40.87 42.42 1.90
N LEU C 59 -41.60 43.38 1.32
CA LEU C 59 -41.79 43.39 -0.12
C LEU C 59 -40.45 43.49 -0.85
N ALA C 60 -39.58 44.38 -0.40
CA ALA C 60 -38.27 44.51 -1.05
C ALA C 60 -37.46 43.23 -0.89
N ALA C 61 -37.31 42.75 0.34
CA ALA C 61 -36.44 41.62 0.64
C ALA C 61 -36.95 40.32 0.05
N ILE C 62 -38.21 40.24 -0.34
CA ILE C 62 -38.74 39.06 -1.02
C ILE C 62 -38.75 39.21 -2.53
N GLY C 63 -39.25 40.35 -3.02
CA GLY C 63 -39.35 40.54 -4.46
C GLY C 63 -38.01 40.68 -5.16
N VAL C 64 -37.07 41.43 -4.55
CA VAL C 64 -35.79 41.67 -5.21
C VAL C 64 -35.02 40.38 -5.47
N PRO C 65 -34.90 39.44 -4.53
CA PRO C 65 -34.33 38.13 -4.90
C PRO C 65 -35.13 37.42 -5.99
N ALA C 66 -36.46 37.52 -5.94
CA ALA C 66 -37.27 36.90 -6.98
C ALA C 66 -37.03 37.56 -8.33
N LEU C 67 -36.94 38.90 -8.36
CA LEU C 67 -36.66 39.60 -9.60
C LEU C 67 -35.28 39.24 -10.14
N VAL C 68 -34.28 39.12 -9.25
CA VAL C 68 -32.94 38.77 -9.68
C VAL C 68 -32.93 37.35 -10.26
N LEU C 69 -33.62 36.41 -9.62
CA LEU C 69 -33.67 35.05 -10.14
C LEU C 69 -34.40 35.01 -11.48
N PHE C 70 -35.47 35.79 -11.63
CA PHE C 70 -36.17 35.87 -12.90
C PHE C 70 -35.27 36.42 -14.00
N ILE C 71 -34.51 37.47 -13.69
CA ILE C 71 -33.60 38.05 -14.67
C ILE C 71 -32.52 37.04 -15.05
N ILE C 72 -31.97 36.32 -14.06
CA ILE C 72 -30.94 35.32 -14.37
C ILE C 72 -31.51 34.22 -15.25
N GLY C 73 -32.73 33.76 -14.95
CA GLY C 73 -33.35 32.74 -15.79
C GLY C 73 -33.59 33.22 -17.21
N ILE C 74 -34.00 34.48 -17.37
CA ILE C 74 -34.18 35.03 -18.70
C ILE C 74 -32.84 35.10 -19.43
N ILE C 75 -31.80 35.59 -18.75
CA ILE C 75 -30.52 35.82 -19.41
C ILE C 75 -29.88 34.50 -19.83
N LEU C 76 -29.88 33.51 -18.94
CA LEU C 76 -29.15 32.28 -19.20
C LEU C 76 -29.77 31.49 -20.35
N ASN C 77 -31.09 31.61 -20.55
CA ASN C 77 -31.75 30.90 -21.63
C ASN C 77 -31.28 31.44 -22.98
N ASN C 78 -31.08 30.54 -23.94
CA ASN C 78 -30.68 30.92 -25.28
C ASN C 78 -31.86 31.15 -26.22
N HIS C 79 -33.09 30.85 -25.78
CA HIS C 79 -34.25 31.08 -26.64
C HIS C 79 -34.62 32.55 -26.70
N THR C 80 -34.43 33.29 -25.61
CA THR C 80 -34.65 34.73 -25.68
C THR C 80 -33.69 35.39 -26.65
N TRP C 81 -32.46 34.87 -26.75
CA TRP C 81 -31.47 35.52 -27.60
C TRP C 81 -31.73 35.26 -29.07
N ASN C 82 -32.15 34.05 -29.46
CA ASN C 82 -32.46 33.88 -30.87
C ASN C 82 -33.83 34.47 -31.20
N LEU C 83 -34.71 34.64 -30.21
CA LEU C 83 -35.90 35.44 -30.44
C LEU C 83 -35.54 36.90 -30.73
N VAL C 84 -34.60 37.45 -29.95
CA VAL C 84 -34.12 38.81 -30.21
C VAL C 84 -33.45 38.89 -31.57
N ALA C 85 -32.69 37.86 -31.94
CA ALA C 85 -32.05 37.83 -33.25
C ALA C 85 -33.07 37.81 -34.37
N GLU C 86 -34.17 37.07 -34.17
CA GLU C 86 -35.25 37.06 -35.16
C GLU C 86 -35.87 38.44 -35.29
N CYS C 87 -36.21 39.07 -34.16
CA CYS C 87 -36.79 40.41 -34.20
C CYS C 87 -35.82 41.42 -34.81
N GLN C 88 -34.51 41.17 -34.68
CA GLN C 88 -33.51 42.07 -35.23
C GLN C 88 -33.40 41.90 -36.75
N HIS C 89 -33.12 40.69 -37.21
CA HIS C 89 -32.87 40.48 -38.63
C HIS C 89 -34.13 40.63 -39.46
N ARG C 90 -35.29 40.21 -38.93
CA ARG C 90 -36.53 40.41 -39.67
C ARG C 90 -36.85 41.90 -39.82
N ARG C 91 -36.68 42.67 -38.75
CA ARG C 91 -36.73 44.14 -38.78
C ARG C 91 -38.00 44.69 -39.44
N THR C 92 -39.05 43.88 -39.56
CA THR C 92 -40.26 44.32 -40.24
C THR C 92 -41.51 43.77 -39.54
N LYS C 93 -41.37 43.19 -38.36
CA LYS C 93 -42.49 42.55 -37.65
C LYS C 93 -43.14 41.46 -38.50
N ASN C 94 -42.30 40.71 -39.23
CA ASN C 94 -42.82 39.72 -40.17
C ASN C 94 -43.47 38.55 -39.43
N CYS C 95 -42.89 38.12 -38.31
CA CYS C 95 -43.40 36.95 -37.60
C CYS C 95 -44.80 37.20 -37.08
N SER C 96 -45.64 36.16 -37.15
CA SER C 96 -47.02 36.27 -36.71
C SER C 96 -47.08 36.30 -35.18
N ALA C 97 -48.27 36.59 -34.67
CA ALA C 97 -48.46 36.70 -33.23
C ALA C 97 -48.35 35.35 -32.53
N ALA C 98 -48.84 34.29 -33.16
CA ALA C 98 -48.84 32.98 -32.51
C ALA C 98 -47.45 32.44 -32.20
N PRO C 99 -46.50 32.41 -33.14
CA PRO C 99 -45.18 31.86 -32.77
C PRO C 99 -44.44 32.72 -31.75
N THR C 100 -44.51 34.05 -31.89
CA THR C 100 -43.87 34.92 -30.92
C THR C 100 -44.47 34.73 -29.54
N PHE C 101 -45.80 34.60 -29.46
CA PHE C 101 -46.46 34.37 -28.19
C PHE C 101 -46.03 33.04 -27.59
N LEU C 102 -45.93 31.99 -28.42
CA LEU C 102 -45.51 30.69 -27.90
C LEU C 102 -44.09 30.74 -27.36
N LEU C 103 -43.17 31.37 -28.09
CA LEU C 103 -41.79 31.47 -27.61
C LEU C 103 -41.70 32.30 -26.34
N LEU C 104 -42.42 33.43 -26.27
CA LEU C 104 -42.39 34.23 -25.06
C LEU C 104 -42.96 33.46 -23.87
N SER C 105 -44.05 32.73 -24.09
CA SER C 105 -44.62 31.91 -23.01
C SER C 105 -43.61 30.86 -22.54
N SER C 106 -42.94 30.19 -23.48
CA SER C 106 -41.96 29.18 -23.09
C SER C 106 -40.81 29.79 -22.30
N ILE C 107 -40.29 30.93 -22.75
CA ILE C 107 -39.17 31.57 -22.07
C ILE C 107 -39.58 31.99 -20.66
N LEU C 108 -40.74 32.63 -20.53
CA LEU C 108 -41.18 33.09 -19.22
C LEU C 108 -41.46 31.91 -18.28
N GLY C 109 -42.06 30.83 -18.81
CA GLY C 109 -42.33 29.67 -17.99
C GLY C 109 -41.06 29.00 -17.50
N ARG C 110 -40.05 28.89 -18.37
CA ARG C 110 -38.79 28.31 -17.95
C ARG C 110 -38.06 29.21 -16.94
N ALA C 111 -38.17 30.53 -17.11
CA ALA C 111 -37.48 31.45 -16.21
C ALA C 111 -38.14 31.52 -14.84
N ALA C 112 -39.47 31.40 -14.79
CA ALA C 112 -40.21 31.63 -13.55
C ALA C 112 -40.08 30.50 -12.53
N VAL C 113 -39.31 29.46 -12.82
CA VAL C 113 -39.20 28.34 -11.88
C VAL C 113 -38.52 28.78 -10.59
N ALA C 114 -37.38 29.46 -10.71
CA ALA C 114 -36.66 29.92 -9.51
C ALA C 114 -37.43 30.95 -8.69
N PRO C 115 -38.01 32.00 -9.29
CA PRO C 115 -38.81 32.92 -8.47
C PRO C 115 -39.96 32.24 -7.75
N VAL C 116 -40.61 31.27 -8.40
CA VAL C 116 -41.76 30.60 -7.78
C VAL C 116 -41.33 29.79 -6.57
N THR C 117 -40.24 29.03 -6.69
CA THR C 117 -39.80 28.24 -5.54
C THR C 117 -39.23 29.12 -4.43
N TRP C 118 -38.56 30.22 -4.79
CA TRP C 118 -38.10 31.17 -3.78
C TRP C 118 -39.28 31.76 -3.01
N SER C 119 -40.33 32.16 -3.74
CA SER C 119 -41.51 32.71 -3.08
C SER C 119 -42.21 31.66 -2.23
N VAL C 120 -42.24 30.42 -2.69
CA VAL C 120 -42.86 29.34 -1.92
C VAL C 120 -42.11 29.14 -0.61
N ILE C 121 -40.78 29.10 -0.67
CA ILE C 121 -39.99 28.91 0.54
C ILE C 121 -40.18 30.09 1.49
N SER C 122 -40.17 31.32 0.95
CA SER C 122 -40.35 32.49 1.80
C SER C 122 -41.71 32.50 2.46
N LEU C 123 -42.77 32.13 1.72
CA LEU C 123 -44.11 32.07 2.31
C LEU C 123 -44.21 30.98 3.37
N LEU C 124 -43.62 29.81 3.12
CA LEU C 124 -43.70 28.74 4.10
C LEU C 124 -42.88 29.04 5.34
N ARG C 125 -41.84 29.86 5.22
CA ARG C 125 -41.10 30.30 6.41
C ARG C 125 -42.01 31.11 7.32
N GLY C 126 -42.77 32.05 6.76
CA GLY C 126 -43.75 32.81 7.51
C GLY C 126 -43.22 34.12 8.08
N GLU C 127 -41.90 34.30 8.16
CA GLU C 127 -41.36 35.51 8.78
C GLU C 127 -41.73 36.76 8.00
N ALA C 128 -41.56 36.71 6.67
CA ALA C 128 -41.83 37.88 5.85
C ALA C 128 -43.30 38.29 5.92
N TYR C 129 -44.20 37.31 5.85
CA TYR C 129 -45.63 37.64 5.83
C TYR C 129 -46.09 38.18 7.17
N VAL C 130 -45.64 37.59 8.29
CA VAL C 130 -46.03 38.12 9.59
C VAL C 130 -45.45 39.51 9.79
N CYS C 131 -44.21 39.72 9.37
CA CYS C 131 -43.62 41.06 9.47
C CYS C 131 -44.40 42.07 8.66
N ALA C 132 -44.87 41.67 7.47
CA ALA C 132 -45.55 42.61 6.59
C ALA C 132 -46.97 42.90 7.08
N LEU C 133 -47.65 41.91 7.66
CA LEU C 133 -49.07 42.03 7.99
C LEU C 133 -49.33 42.18 9.48
N SER C 134 -48.31 42.34 10.30
CA SER C 134 -48.54 42.54 11.73
C SER C 134 -49.33 43.82 12.00
N GLU C 135 -49.02 44.90 11.29
CA GLU C 135 -49.64 46.18 11.59
C GLU C 135 -51.10 46.26 11.13
N PHE C 136 -51.56 45.33 10.32
CA PHE C 136 -52.93 45.35 9.81
C PHE C 136 -53.88 44.46 10.58
N VAL C 137 -53.42 43.79 11.63
CA VAL C 137 -54.27 42.92 12.42
C VAL C 137 -55.33 43.77 13.14
N ASP C 138 -56.58 43.35 13.04
CA ASP C 138 -57.66 44.09 13.68
C ASP C 138 -57.68 43.78 15.17
N PRO C 139 -57.54 44.78 16.05
CA PRO C 139 -57.63 44.50 17.49
C PRO C 139 -58.96 43.93 17.92
N SER C 140 -60.06 44.30 17.25
CA SER C 140 -61.37 43.79 17.63
C SER C 140 -61.45 42.28 17.42
N SER C 141 -60.88 41.77 16.34
CA SER C 141 -60.93 40.34 16.04
C SER C 141 -60.02 39.52 16.95
N LEU C 142 -59.17 40.17 17.75
CA LEU C 142 -58.28 39.44 18.65
C LEU C 142 -59.08 38.70 19.72
N THR C 143 -58.60 37.52 20.09
CA THR C 143 -59.30 36.63 21.02
C THR C 143 -58.26 35.88 21.85
N ALA C 144 -58.70 34.77 22.47
CA ALA C 144 -57.85 33.89 23.27
C ALA C 144 -57.33 34.55 24.53
N ARG C 145 -57.99 35.60 24.99
CA ARG C 145 -57.58 36.39 26.16
C ARG C 145 -58.65 37.45 26.40
N GLU C 146 -58.73 37.91 27.64
CA GLU C 146 -59.62 39.02 27.95
C GLU C 146 -59.14 40.28 27.23
N GLU C 147 -60.06 41.23 27.06
CA GLU C 147 -59.81 42.41 26.24
C GLU C 147 -58.86 43.35 26.99
N HIS C 148 -57.57 43.00 26.95
CA HIS C 148 -56.51 43.80 27.54
C HIS C 148 -55.76 44.63 26.51
N PHE C 149 -56.16 44.59 25.24
CA PHE C 149 -55.40 45.27 24.20
C PHE C 149 -55.74 46.75 24.22
N PRO C 150 -54.76 47.63 24.43
CA PRO C 150 -55.04 49.07 24.40
C PRO C 150 -55.40 49.55 23.01
N SER C 151 -56.20 50.61 22.97
CA SER C 151 -56.54 51.30 21.73
C SER C 151 -55.80 52.62 21.59
N ALA C 152 -54.82 52.88 22.46
CA ALA C 152 -54.07 54.14 22.38
C ALA C 152 -53.28 54.21 21.09
N HIS C 153 -52.28 53.33 20.93
CA HIS C 153 -51.51 53.21 19.69
C HIS C 153 -51.58 51.74 19.30
N ALA C 154 -52.68 51.34 18.65
CA ALA C 154 -52.85 49.93 18.30
C ALA C 154 -51.86 49.51 17.22
N THR C 155 -51.71 50.34 16.18
CA THR C 155 -50.87 49.98 15.05
C THR C 155 -49.42 49.79 15.47
N GLU C 156 -48.93 50.66 16.36
CA GLU C 156 -47.52 50.59 16.75
C GLU C 156 -47.21 49.30 17.50
N ILE C 157 -48.05 48.92 18.47
CA ILE C 157 -47.82 47.69 19.20
C ILE C 157 -47.96 46.48 18.27
N LEU C 158 -48.97 46.51 17.40
CA LEU C 158 -49.14 45.40 16.47
C LEU C 158 -47.91 45.25 15.57
N ALA C 159 -47.36 46.36 15.10
CA ALA C 159 -46.16 46.32 14.27
C ALA C 159 -44.93 45.92 15.07
N ARG C 160 -44.91 46.21 16.37
CA ARG C 160 -43.76 45.84 17.20
C ARG C 160 -43.83 44.41 17.69
N PHE C 161 -44.94 43.71 17.46
CA PHE C 161 -45.02 42.31 17.86
C PHE C 161 -43.87 41.43 17.36
N PRO C 162 -43.47 41.46 16.09
CA PRO C 162 -42.45 40.50 15.62
C PRO C 162 -41.11 40.58 16.34
N CYS C 163 -40.68 41.77 16.78
CA CYS C 163 -39.35 41.94 17.37
C CYS C 163 -39.31 41.63 18.86
N LYS C 164 -40.25 40.83 19.36
CA LYS C 164 -40.34 40.45 20.78
C LYS C 164 -40.61 41.62 21.70
N GLU C 165 -40.82 42.82 21.15
CA GLU C 165 -41.08 44.01 21.96
C GLU C 165 -42.58 44.11 22.29
N ASN C 166 -43.09 43.03 22.87
CA ASN C 166 -44.47 42.94 23.29
C ASN C 166 -44.57 43.04 24.79
N PRO C 167 -45.39 43.93 25.33
CA PRO C 167 -45.57 44.00 26.78
C PRO C 167 -46.07 42.68 27.34
N ASP C 168 -45.61 42.35 28.55
CA ASP C 168 -45.95 41.06 29.15
C ASP C 168 -47.45 40.91 29.36
N ASN C 169 -48.17 42.01 29.59
CA ASN C 169 -49.63 41.95 29.70
C ASN C 169 -50.29 41.56 28.38
N LEU C 170 -49.59 41.71 27.25
CA LEU C 170 -50.09 41.29 25.95
C LEU C 170 -49.35 40.06 25.42
N SER C 171 -48.73 39.29 26.31
CA SER C 171 -47.97 38.10 25.90
C SER C 171 -48.86 37.08 25.19
N ASP C 172 -50.12 36.98 25.59
CA ASP C 172 -51.03 36.07 24.90
C ASP C 172 -51.44 36.61 23.55
N PHE C 173 -51.67 37.92 23.45
CA PHE C 173 -52.07 38.51 22.17
C PHE C 173 -50.98 38.34 21.12
N ARG C 174 -49.72 38.53 21.52
CA ARG C 174 -48.63 38.39 20.56
C ARG C 174 -48.64 37.00 19.92
N GLU C 175 -48.78 35.96 20.75
CA GLU C 175 -48.84 34.59 20.23
C GLU C 175 -50.10 34.37 19.41
N GLU C 176 -51.22 34.97 19.83
CA GLU C 176 -52.47 34.86 19.07
C GLU C 176 -52.28 35.39 17.65
N VAL C 177 -51.51 36.46 17.49
CA VAL C 177 -51.25 37.00 16.15
C VAL C 177 -50.20 36.18 15.42
N SER C 178 -49.20 35.68 16.16
CA SER C 178 -48.11 34.92 15.54
C SER C 178 -48.63 33.64 14.92
N ARG C 179 -49.57 32.96 15.60
CA ARG C 179 -50.11 31.73 15.04
C ARG C 179 -51.12 31.98 13.93
N ARG C 180 -51.68 33.19 13.84
CA ARG C 180 -52.64 33.51 12.79
C ARG C 180 -51.94 33.90 11.49
N LEU C 181 -51.09 34.92 11.55
CA LEU C 181 -50.45 35.44 10.34
C LEU C 181 -49.55 34.39 9.70
N ARG C 182 -48.79 33.66 10.53
CA ARG C 182 -47.97 32.57 10.01
C ARG C 182 -48.83 31.51 9.33
N TYR C 183 -49.99 31.20 9.91
CA TYR C 183 -50.91 30.27 9.27
C TYR C 183 -51.29 30.75 7.89
N GLU C 184 -51.66 32.03 7.77
CA GLU C 184 -52.03 32.57 6.47
C GLU C 184 -50.87 32.46 5.49
N SER C 185 -49.66 32.77 5.95
CA SER C 185 -48.47 32.63 5.11
C SER C 185 -48.32 31.22 4.56
N GLN C 186 -48.35 30.23 5.46
CA GLN C 186 -48.17 28.84 5.05
C GLN C 186 -49.31 28.39 4.13
N LEU C 187 -50.54 28.82 4.42
CA LEU C 187 -51.66 28.51 3.55
C LEU C 187 -51.44 29.04 2.14
N PHE C 188 -50.96 30.28 2.04
CA PHE C 188 -50.65 30.84 0.72
C PHE C 188 -49.54 30.06 0.02
N GLY C 189 -48.53 29.65 0.77
CA GLY C 189 -47.47 28.83 0.18
C GLY C 189 -48.00 27.52 -0.39
N TRP C 190 -48.84 26.83 0.37
CA TRP C 190 -49.39 25.57 -0.09
C TRP C 190 -50.33 25.77 -1.28
N LEU C 191 -51.11 26.86 -1.30
CA LEU C 191 -51.94 27.15 -2.45
C LEU C 191 -51.10 27.43 -3.68
N LEU C 192 -49.98 28.13 -3.50
CA LEU C 192 -49.07 28.39 -4.61
C LEU C 192 -48.51 27.09 -5.18
N ILE C 193 -48.08 26.18 -4.30
CA ILE C 193 -47.57 24.90 -4.81
C ILE C 193 -48.66 24.16 -5.55
N GLY C 194 -49.89 24.17 -5.03
CA GLY C 194 -50.98 23.50 -5.72
C GLY C 194 -51.26 24.08 -7.10
N VAL C 195 -51.30 25.42 -7.19
CA VAL C 195 -51.59 26.07 -8.47
C VAL C 195 -50.45 25.81 -9.46
N VAL C 196 -49.21 25.90 -9.01
CA VAL C 196 -48.07 25.66 -9.89
C VAL C 196 -48.10 24.23 -10.41
N ALA C 197 -48.36 23.26 -9.53
CA ALA C 197 -48.46 21.87 -9.99
C ALA C 197 -49.58 21.68 -11.00
N ILE C 198 -50.73 22.33 -10.77
CA ILE C 198 -51.83 22.21 -11.72
C ILE C 198 -51.44 22.81 -13.07
N LEU C 199 -50.77 23.95 -13.06
CA LEU C 199 -50.34 24.57 -14.31
C LEU C 199 -49.31 23.72 -15.04
N VAL C 200 -48.34 23.15 -14.32
CA VAL C 200 -47.36 22.29 -14.95
C VAL C 200 -48.03 21.07 -15.56
N PHE C 201 -49.07 20.55 -14.90
CA PHE C 201 -49.80 19.42 -15.48
C PHE C 201 -50.56 19.84 -16.73
N LEU C 202 -51.30 20.96 -16.65
CA LEU C 202 -52.18 21.37 -17.74
C LEU C 202 -51.38 21.79 -18.97
N THR C 203 -50.31 22.55 -18.76
CA THR C 203 -49.49 23.03 -19.88
C THR C 203 -48.92 21.87 -20.67
N LYS C 204 -48.37 20.87 -19.98
CA LYS C 204 -47.84 19.69 -20.67
C LYS C 204 -48.95 18.90 -21.35
N CYS C 205 -50.11 18.76 -20.68
CA CYS C 205 -51.22 18.04 -21.26
C CYS C 205 -51.72 18.70 -22.54
N LEU C 206 -51.58 20.03 -22.64
CA LEU C 206 -51.92 20.74 -23.86
C LEU C 206 -50.79 20.72 -24.89
N LYS C 207 -49.55 20.75 -24.43
CA LYS C 207 -48.41 20.73 -25.33
C LYS C 207 -48.35 19.42 -26.11
N HIS C 208 -48.61 18.29 -25.44
CA HIS C 208 -48.65 17.03 -26.17
C HIS C 208 -49.91 16.91 -27.02
N TYR C 209 -51.02 17.52 -26.59
CA TYR C 209 -52.28 17.37 -27.32
C TYR C 209 -52.28 18.18 -28.61
N CYS C 210 -51.78 19.41 -28.58
CA CYS C 210 -51.83 20.29 -29.73
C CYS C 210 -50.63 20.18 -30.65
N SER C 211 -49.58 19.48 -30.23
CA SER C 211 -48.41 19.33 -31.08
C SER C 211 -48.73 18.41 -32.25
N PRO C 212 -48.28 18.75 -33.47
CA PRO C 212 -48.50 17.86 -34.61
C PRO C 212 -47.61 16.63 -34.61
N LEU C 213 -46.59 16.59 -33.77
CA LEU C 213 -45.68 15.45 -33.68
C LEU C 213 -46.07 14.54 -32.51
N SER C 214 -45.57 13.31 -32.58
CA SER C 214 -45.71 12.38 -31.47
C SER C 214 -44.69 12.71 -30.39
N TYR C 215 -44.94 12.18 -29.19
CA TYR C 215 -44.07 12.51 -28.06
C TYR C 215 -42.71 11.84 -28.18
N ARG C 216 -42.65 10.65 -28.79
CA ARG C 216 -41.36 10.00 -29.00
C ARG C 216 -40.50 10.77 -29.99
N GLN C 217 -41.11 11.26 -31.07
CA GLN C 217 -40.35 12.08 -32.02
C GLN C 217 -39.89 13.38 -31.40
N GLU C 218 -40.71 13.97 -30.52
CA GLU C 218 -40.28 15.19 -29.84
C GLU C 218 -39.15 14.92 -28.86
N ALA C 219 -39.16 13.75 -28.22
CA ALA C 219 -38.03 13.37 -27.37
C ALA C 219 -36.75 13.21 -28.20
N TYR C 220 -36.87 12.58 -29.37
CA TYR C 220 -35.72 12.47 -30.27
C TYR C 220 -35.23 13.84 -30.71
N TRP C 221 -36.17 14.75 -30.99
CA TRP C 221 -35.81 16.11 -31.38
C TRP C 221 -35.06 16.83 -30.26
N ALA C 222 -35.51 16.67 -29.02
CA ALA C 222 -34.82 17.29 -27.89
C ALA C 222 -33.42 16.73 -27.73
N GLN C 223 -33.27 15.41 -27.85
CA GLN C 223 -31.94 14.80 -27.78
C GLN C 223 -31.03 15.35 -28.87
N TYR C 224 -31.57 15.48 -30.09
CA TYR C 224 -30.79 16.03 -31.18
C TYR C 224 -30.38 17.47 -30.90
N ARG C 225 -31.29 18.28 -30.37
CA ARG C 225 -30.96 19.67 -30.08
C ARG C 225 -29.83 19.77 -29.06
N ALA C 226 -29.91 18.96 -27.99
CA ALA C 226 -28.85 18.98 -26.99
C ALA C 226 -27.51 18.58 -27.59
N ASN C 227 -27.49 17.49 -28.35
CA ASN C 227 -26.24 17.02 -28.95
C ASN C 227 -25.68 18.06 -29.93
N GLU C 228 -26.55 18.67 -30.74
CA GLU C 228 -26.10 19.67 -31.69
C GLU C 228 -25.50 20.88 -30.97
N ASP C 229 -26.14 21.34 -29.90
CA ASP C 229 -25.60 22.48 -29.17
C ASP C 229 -24.22 22.18 -28.60
N GLN C 230 -24.08 21.02 -27.95
CA GLN C 230 -22.79 20.71 -27.34
C GLN C 230 -21.70 20.56 -28.40
N LEU C 231 -22.00 19.82 -29.48
CA LEU C 231 -21.00 19.61 -30.52
C LEU C 231 -20.62 20.91 -31.21
N PHE C 232 -21.60 21.78 -31.46
CA PHE C 232 -21.30 23.05 -32.10
C PHE C 232 -20.41 23.91 -31.21
N GLN C 233 -20.69 23.95 -29.91
CA GLN C 233 -19.83 24.72 -29.01
C GLN C 233 -18.41 24.18 -29.01
N ARG C 234 -18.27 22.84 -28.91
CA ARG C 234 -16.93 22.25 -28.86
C ARG C 234 -16.15 22.53 -30.14
N THR C 235 -16.79 22.35 -31.30
CA THR C 235 -16.10 22.58 -32.56
C THR C 235 -15.81 24.06 -32.78
N ALA C 236 -16.67 24.95 -32.30
CA ALA C 236 -16.36 26.38 -32.39
C ALA C 236 -15.11 26.71 -31.57
N GLU C 237 -15.02 26.13 -30.37
CA GLU C 237 -13.81 26.35 -29.55
C GLU C 237 -12.57 25.85 -30.27
N VAL C 238 -12.63 24.64 -30.83
CA VAL C 238 -11.46 24.07 -31.50
C VAL C 238 -11.09 24.89 -32.73
N HIS C 239 -12.08 25.28 -33.53
CA HIS C 239 -11.82 26.06 -34.73
C HIS C 239 -11.20 27.41 -34.39
N SER C 240 -11.71 28.07 -33.36
CA SER C 240 -11.14 29.34 -32.94
C SER C 240 -9.71 29.17 -32.47
N ARG C 241 -9.43 28.10 -31.72
CA ARG C 241 -8.06 27.87 -31.26
C ARG C 241 -7.12 27.64 -32.44
N VAL C 242 -7.55 26.87 -33.43
CA VAL C 242 -6.69 26.60 -34.58
C VAL C 242 -6.43 27.88 -35.38
N LEU C 243 -7.48 28.70 -35.58
CA LEU C 243 -7.30 29.95 -36.30
C LEU C 243 -6.34 30.88 -35.55
N ALA C 244 -6.50 30.98 -34.24
CA ALA C 244 -5.61 31.82 -33.44
C ALA C 244 -4.18 31.31 -33.49
N ALA C 245 -4.00 29.99 -33.48
CA ALA C 245 -2.66 29.43 -33.62
C ALA C 245 -2.05 29.78 -34.96
N ASN C 246 -2.83 29.72 -36.03
CA ASN C 246 -2.32 30.10 -37.34
C ASN C 246 -1.89 31.57 -37.35
N ASN C 247 -2.69 32.45 -36.76
CA ASN C 247 -2.34 33.87 -36.73
C ASN C 247 -1.06 34.11 -35.92
N VAL C 248 -0.94 33.44 -34.76
CA VAL C 248 0.24 33.62 -33.93
C VAL C 248 1.48 33.08 -34.64
N ARG C 249 1.33 31.97 -35.38
CA ARG C 249 2.43 31.46 -36.17
C ARG C 249 2.84 32.46 -37.24
N ARG C 250 1.86 33.09 -37.89
CA ARG C 250 2.17 34.13 -38.87
C ARG C 250 2.94 35.28 -38.24
N PHE C 251 2.63 35.60 -36.98
CA PHE C 251 3.32 36.71 -36.33
C PHE C 251 4.74 36.34 -35.91
N PHE C 252 4.88 35.32 -35.07
CA PHE C 252 6.18 35.00 -34.47
C PHE C 252 7.02 34.04 -35.30
N GLY C 253 6.41 33.24 -36.15
CA GLY C 253 7.11 32.19 -36.87
C GLY C 253 6.92 30.80 -36.32
N PHE C 254 6.36 30.68 -35.13
CA PHE C 254 6.04 29.39 -34.53
C PHE C 254 4.99 29.62 -33.45
N VAL C 255 4.43 28.52 -32.94
CA VAL C 255 3.46 28.56 -31.86
C VAL C 255 3.91 27.63 -30.77
N ALA C 256 3.83 28.08 -29.52
CA ALA C 256 4.10 27.24 -28.36
C ALA C 256 2.82 26.54 -27.97
N LEU C 257 2.69 25.27 -28.38
CA LEU C 257 1.47 24.51 -28.19
C LEU C 257 1.73 23.34 -27.26
N ASN C 258 0.71 22.98 -26.49
CA ASN C 258 0.75 21.78 -25.67
C ASN C 258 0.52 20.55 -26.54
N LYS C 259 0.67 19.37 -25.94
CA LYS C 259 0.50 18.13 -26.69
C LYS C 259 -0.92 17.98 -27.22
N ASP C 260 -1.92 18.29 -26.40
CA ASP C 260 -3.30 18.26 -26.87
C ASP C 260 -3.54 19.31 -27.94
N ASP C 261 -2.95 20.51 -27.77
CA ASP C 261 -3.04 21.52 -28.80
C ASP C 261 -2.32 21.09 -30.08
N GLU C 262 -1.20 20.38 -29.94
CA GLU C 262 -0.52 19.84 -31.12
C GLU C 262 -1.41 18.83 -31.85
N GLU C 263 -2.10 17.97 -31.10
CA GLU C 263 -3.03 17.03 -31.71
C GLU C 263 -4.17 17.77 -32.40
N LEU C 264 -4.69 18.82 -31.77
CA LEU C 264 -5.74 19.62 -32.39
C LEU C 264 -5.29 20.23 -33.70
N ILE C 265 -4.08 20.81 -33.71
CA ILE C 265 -3.57 21.45 -34.93
C ILE C 265 -3.34 20.41 -36.02
N ALA C 266 -2.77 19.26 -35.67
CA ALA C 266 -2.49 18.24 -36.68
C ALA C 266 -3.77 17.66 -37.25
N ASN C 267 -4.73 17.32 -36.38
CA ASN C 267 -5.94 16.64 -36.86
C ASN C 267 -6.86 17.60 -37.60
N PHE C 268 -7.07 18.80 -37.08
CA PHE C 268 -8.07 19.72 -37.62
C PHE C 268 -7.40 20.94 -38.22
N PRO C 269 -7.19 20.99 -39.54
CA PRO C 269 -6.69 22.22 -40.17
C PRO C 269 -7.82 23.11 -40.67
N VAL C 270 -7.64 24.41 -40.51
CA VAL C 270 -8.62 25.40 -40.95
C VAL C 270 -8.03 26.19 -42.12
N GLU C 271 -8.84 26.43 -43.13
CA GLU C 271 -8.43 27.19 -44.30
C GLU C 271 -8.93 28.62 -44.30
N GLY C 272 -10.09 28.87 -43.71
CA GLY C 272 -10.64 30.20 -43.66
C GLY C 272 -11.77 30.29 -42.67
N THR C 273 -12.41 31.45 -42.64
CA THR C 273 -13.51 31.72 -41.73
C THR C 273 -14.83 31.70 -42.49
N GLN C 274 -15.87 31.21 -41.82
CA GLN C 274 -17.19 31.16 -42.42
C GLN C 274 -17.74 32.58 -42.59
N PRO C 275 -18.44 32.86 -43.67
CA PRO C 275 -18.97 34.20 -43.91
C PRO C 275 -20.06 34.56 -42.91
N ARG C 276 -20.32 35.87 -42.82
CA ARG C 276 -21.40 36.34 -41.95
C ARG C 276 -22.78 35.80 -42.35
N PRO C 277 -23.18 35.79 -43.62
CA PRO C 277 -24.49 35.19 -43.95
C PRO C 277 -24.60 33.72 -43.58
N GLN C 278 -23.49 32.97 -43.63
CA GLN C 278 -23.53 31.58 -43.20
C GLN C 278 -23.87 31.47 -41.72
N TRP C 279 -23.30 32.36 -40.90
CA TRP C 279 -23.67 32.40 -39.49
C TRP C 279 -25.12 32.84 -39.31
N ASN C 280 -25.56 33.85 -40.07
CA ASN C 280 -26.93 34.33 -39.95
C ASN C 280 -27.94 33.27 -40.31
N ALA C 281 -27.60 32.38 -41.25
CA ALA C 281 -28.53 31.36 -41.70
C ALA C 281 -28.86 30.32 -40.64
N ILE C 282 -28.11 30.27 -39.54
CA ILE C 282 -28.31 29.27 -38.50
C ILE C 282 -28.73 29.88 -37.18
N THR C 283 -28.90 31.20 -37.10
CA THR C 283 -29.30 31.87 -35.87
C THR C 283 -30.73 32.37 -36.01
N GLY C 284 -31.56 31.99 -35.05
CA GLY C 284 -32.95 32.41 -35.04
C GLY C 284 -33.81 31.33 -34.44
N VAL C 285 -35.12 31.48 -34.62
CA VAL C 285 -36.09 30.51 -34.15
C VAL C 285 -36.45 29.57 -35.29
N TYR C 286 -36.71 28.32 -34.94
CA TYR C 286 -37.04 27.28 -35.90
C TYR C 286 -38.27 26.52 -35.43
N LEU C 287 -39.22 26.28 -36.34
CA LEU C 287 -40.44 25.54 -36.00
C LEU C 287 -40.65 24.43 -37.03
N TYR C 288 -39.92 23.32 -36.86
CA TYR C 288 -40.16 22.04 -37.51
C TYR C 288 -40.68 22.09 -38.94
N ARG C 289 -39.91 22.64 -39.86
CA ARG C 289 -40.27 22.46 -41.25
C ARG C 289 -39.87 21.05 -41.72
N GLU C 290 -40.52 20.61 -42.79
CA GLU C 290 -40.31 19.28 -43.35
C GLU C 290 -40.04 19.41 -44.84
N ASN C 291 -39.01 18.74 -45.33
CA ASN C 291 -38.61 18.82 -46.73
C ASN C 291 -38.70 17.44 -47.36
N GLN C 292 -39.56 17.31 -48.38
CA GLN C 292 -39.73 16.07 -49.14
C GLN C 292 -40.07 14.90 -48.23
N GLY C 293 -40.92 15.16 -47.24
CA GLY C 293 -41.33 14.13 -46.31
C GLY C 293 -40.29 13.74 -45.28
N LEU C 294 -39.17 14.44 -45.23
CA LEU C 294 -38.11 14.15 -44.27
C LEU C 294 -37.99 15.28 -43.27
N PRO C 295 -38.00 14.98 -41.98
CA PRO C 295 -37.96 16.04 -40.97
C PRO C 295 -36.64 16.78 -40.94
N LEU C 296 -36.71 18.06 -40.64
CA LEU C 296 -35.55 18.90 -40.38
C LEU C 296 -35.69 19.45 -38.96
N TYR C 297 -34.66 19.25 -38.13
CA TYR C 297 -34.78 19.47 -36.70
C TYR C 297 -34.14 20.75 -36.22
N SER C 298 -33.38 21.44 -37.07
CA SER C 298 -32.81 22.74 -36.70
C SER C 298 -32.43 23.47 -37.97
N ARG C 299 -32.22 24.78 -37.85
CA ARG C 299 -31.81 25.55 -39.01
C ARG C 299 -30.36 25.31 -39.38
N LEU C 300 -29.55 24.75 -38.48
CA LEU C 300 -28.26 24.22 -38.89
C LEU C 300 -28.42 22.99 -39.78
N HIS C 301 -29.34 22.09 -39.40
CA HIS C 301 -29.66 20.95 -40.25
C HIS C 301 -30.25 21.40 -41.58
N LYS C 302 -31.16 22.37 -41.54
CA LYS C 302 -31.76 22.89 -42.75
C LYS C 302 -30.72 23.55 -43.65
N TRP C 303 -29.78 24.29 -43.06
CA TRP C 303 -28.70 24.88 -43.83
C TRP C 303 -27.79 23.81 -44.44
N ALA C 304 -27.47 22.77 -43.67
CA ALA C 304 -26.61 21.70 -44.17
C ALA C 304 -27.28 20.98 -45.34
N GLN C 305 -28.59 20.80 -45.28
CA GLN C 305 -29.31 20.22 -46.42
C GLN C 305 -29.30 21.13 -47.64
N GLY C 306 -28.94 22.39 -47.50
CA GLY C 306 -28.91 23.31 -48.62
C GLY C 306 -30.15 24.14 -48.81
N LEU C 307 -31.02 24.21 -47.81
CA LEU C 307 -32.30 24.91 -47.93
C LEU C 307 -32.27 26.31 -47.32
N ALA C 308 -31.13 26.75 -46.80
CA ALA C 308 -31.03 28.07 -46.19
C ALA C 308 -30.29 29.07 -47.07
N GLY C 309 -29.25 28.64 -47.76
CA GLY C 309 -28.48 29.53 -48.63
C GLY C 309 -29.18 29.82 -49.95
N ASP C 315 -23.74 41.59 -54.35
CA ASP C 315 -24.36 42.78 -54.90
C ASP C 315 -24.12 43.98 -53.99
N ASN C 316 -24.62 43.88 -52.75
CA ASN C 316 -24.46 44.93 -51.76
C ASN C 316 -23.45 44.49 -50.72
N VAL C 317 -22.46 45.35 -50.45
CA VAL C 317 -21.37 45.06 -49.53
C VAL C 317 -21.56 45.94 -48.30
N GLU C 318 -21.53 45.31 -47.12
CA GLU C 318 -21.70 46.02 -45.86
C GLU C 318 -20.49 45.78 -44.97
N MET C 319 -20.26 46.74 -44.06
CA MET C 319 -19.22 46.70 -43.04
C MET C 319 -17.89 46.16 -43.59
N ALA C 320 -17.50 46.69 -44.74
CA ALA C 320 -16.25 46.30 -45.37
C ALA C 320 -15.08 47.05 -44.74
N LEU C 321 -13.89 46.43 -44.81
CA LEU C 321 -12.70 47.05 -44.25
C LEU C 321 -12.24 48.24 -45.08
N LEU C 322 -12.22 48.08 -46.40
CA LEU C 322 -11.74 49.07 -47.34
C LEU C 322 -12.75 49.23 -48.46
N PRO C 323 -12.69 50.33 -49.22
CA PRO C 323 -13.69 50.54 -50.28
C PRO C 323 -13.57 49.52 -51.38
N SER C 324 -14.42 49.62 -52.39
CA SER C 324 -14.31 48.74 -53.55
C SER C 324 -12.93 48.88 -54.18
N ALA C 325 -12.50 47.83 -54.88
CA ALA C 325 -11.18 47.82 -55.48
C ALA C 325 -10.97 49.00 -56.41
N LEU C 326 -12.04 49.47 -57.06
CA LEU C 326 -11.96 50.67 -57.89
C LEU C 326 -11.57 51.88 -57.05
N GLU C 327 -12.15 52.03 -55.85
CA GLU C 327 -11.76 53.12 -54.97
C GLU C 327 -10.38 52.91 -54.35
N VAL C 328 -10.01 51.66 -54.11
CA VAL C 328 -8.68 51.37 -53.58
C VAL C 328 -7.61 51.77 -54.59
N LEU C 329 -7.90 51.61 -55.89
CA LEU C 329 -6.95 52.01 -56.92
C LEU C 329 -6.62 53.50 -56.82
N PHE C 330 -7.57 54.33 -56.42
CA PHE C 330 -7.26 55.75 -56.22
C PHE C 330 -6.96 56.07 -54.77
N PHE D 40 -36.56 20.87 4.96
CA PHE D 40 -37.26 19.82 5.68
C PHE D 40 -37.97 20.39 6.91
N SER D 41 -37.28 21.25 7.64
CA SER D 41 -37.92 21.96 8.75
C SER D 41 -38.93 23.00 8.26
N VAL D 42 -38.85 23.37 6.98
CA VAL D 42 -39.79 24.34 6.43
C VAL D 42 -41.20 23.74 6.38
N VAL D 43 -41.31 22.44 6.09
CA VAL D 43 -42.59 21.81 5.82
C VAL D 43 -43.11 21.21 7.13
N ALA D 44 -42.46 21.57 8.24
CA ALA D 44 -42.89 21.09 9.54
C ALA D 44 -44.29 21.60 9.85
N PHE D 45 -45.11 20.72 10.44
CA PHE D 45 -46.50 21.06 10.72
C PHE D 45 -46.59 22.07 11.86
N HIS D 46 -47.42 23.10 11.67
CA HIS D 46 -47.66 24.13 12.67
C HIS D 46 -49.16 24.38 12.73
N CYS D 47 -49.80 23.87 13.77
CA CYS D 47 -51.26 23.94 13.87
C CYS D 47 -51.68 25.35 14.28
N PRO D 48 -52.50 26.04 13.47
CA PRO D 48 -53.09 27.30 13.93
C PRO D 48 -54.26 27.06 14.86
N CYS D 49 -54.07 27.30 16.16
CA CYS D 49 -55.11 26.99 17.13
C CYS D 49 -56.17 28.08 17.09
N SER D 50 -57.12 27.92 16.16
CA SER D 50 -58.23 28.84 16.00
C SER D 50 -59.40 28.09 15.40
N PRO D 51 -60.62 28.36 15.83
CA PRO D 51 -61.78 27.66 15.25
C PRO D 51 -61.97 27.99 13.78
N ALA D 52 -62.48 27.01 13.03
CA ALA D 52 -62.76 27.13 11.60
C ALA D 52 -61.53 27.50 10.78
N ARG D 53 -60.34 27.34 11.37
CA ARG D 53 -59.11 27.78 10.74
C ARG D 53 -58.06 26.68 10.74
N ASN D 54 -58.09 25.82 11.76
CA ASN D 54 -57.11 24.76 11.86
C ASN D 54 -57.39 23.61 10.89
N TYR D 55 -58.67 23.29 10.67
CA TYR D 55 -58.97 22.20 9.75
C TYR D 55 -58.70 22.60 8.30
N LEU D 56 -58.89 23.88 7.97
CA LEU D 56 -58.51 24.35 6.64
C LEU D 56 -57.00 24.22 6.43
N TYR D 57 -56.20 24.58 7.44
CA TYR D 57 -54.76 24.44 7.33
C TYR D 57 -54.36 22.98 7.20
N GLY D 58 -54.97 22.11 7.99
CA GLY D 58 -54.67 20.68 7.88
C GLY D 58 -55.03 20.13 6.51
N LEU D 59 -56.20 20.50 6.01
CA LEU D 59 -56.64 20.06 4.69
C LEU D 59 -55.65 20.51 3.62
N ALA D 60 -55.24 21.77 3.67
CA ALA D 60 -54.28 22.26 2.68
C ALA D 60 -52.95 21.53 2.80
N ALA D 61 -52.37 21.51 4.00
CA ALA D 61 -51.04 20.96 4.22
C ALA D 61 -50.97 19.46 4.01
N ILE D 62 -52.10 18.76 3.99
CA ILE D 62 -52.11 17.34 3.68
C ILE D 62 -52.46 17.08 2.21
N GLY D 63 -53.51 17.72 1.70
CA GLY D 63 -53.94 17.46 0.34
C GLY D 63 -52.96 17.97 -0.71
N VAL D 64 -52.40 19.17 -0.50
CA VAL D 64 -51.52 19.74 -1.52
C VAL D 64 -50.30 18.87 -1.78
N PRO D 65 -49.58 18.35 -0.77
CA PRO D 65 -48.54 17.36 -1.08
C PRO D 65 -49.09 16.13 -1.78
N ALA D 66 -50.27 15.66 -1.39
CA ALA D 66 -50.87 14.52 -2.06
C ALA D 66 -51.21 14.84 -3.51
N LEU D 67 -51.76 16.03 -3.76
CA LEU D 67 -52.06 16.42 -5.13
C LEU D 67 -50.79 16.55 -5.97
N VAL D 68 -49.72 17.10 -5.38
CA VAL D 68 -48.46 17.24 -6.10
C VAL D 68 -47.89 15.87 -6.44
N LEU D 69 -47.94 14.93 -5.49
CA LEU D 69 -47.44 13.59 -5.77
C LEU D 69 -48.27 12.89 -6.83
N PHE D 70 -49.60 13.08 -6.79
CA PHE D 70 -50.46 12.51 -7.82
C PHE D 70 -50.13 13.09 -9.20
N ILE D 71 -49.90 14.40 -9.27
CA ILE D 71 -49.56 15.04 -10.54
C ILE D 71 -48.22 14.52 -11.05
N ILE D 72 -47.24 14.37 -10.15
CA ILE D 72 -45.93 13.86 -10.56
C ILE D 72 -46.06 12.43 -11.08
N GLY D 73 -46.85 11.60 -10.39
CA GLY D 73 -47.05 10.23 -10.85
C GLY D 73 -47.73 10.17 -12.20
N ILE D 74 -48.71 11.06 -12.44
CA ILE D 74 -49.35 11.12 -13.75
C ILE D 74 -48.35 11.54 -14.82
N ILE D 75 -47.57 12.58 -14.53
CA ILE D 75 -46.67 13.15 -15.54
C ILE D 75 -45.58 12.16 -15.92
N LEU D 76 -44.95 11.53 -14.92
CA LEU D 76 -43.80 10.69 -15.18
C LEU D 76 -44.17 9.44 -15.97
N ASN D 77 -45.39 8.94 -15.82
CA ASN D 77 -45.82 7.77 -16.56
C ASN D 77 -45.90 8.08 -18.05
N ASN D 78 -45.47 7.12 -18.88
CA ASN D 78 -45.54 7.28 -20.32
C ASN D 78 -46.82 6.73 -20.93
N HIS D 79 -47.67 6.08 -20.12
CA HIS D 79 -48.94 5.57 -20.65
C HIS D 79 -49.97 6.67 -20.84
N THR D 80 -49.95 7.68 -19.97
CA THR D 80 -50.83 8.81 -20.19
C THR D 80 -50.48 9.53 -21.48
N TRP D 81 -49.19 9.59 -21.83
CA TRP D 81 -48.79 10.34 -23.01
C TRP D 81 -49.15 9.62 -24.30
N ASN D 82 -49.00 8.29 -24.36
CA ASN D 82 -49.45 7.64 -25.59
C ASN D 82 -50.96 7.50 -25.63
N LEU D 83 -51.63 7.53 -24.47
CA LEU D 83 -53.09 7.67 -24.47
C LEU D 83 -53.51 9.01 -25.06
N VAL D 84 -52.81 10.08 -24.69
CA VAL D 84 -53.08 11.40 -25.26
C VAL D 84 -52.78 11.39 -26.75
N ALA D 85 -51.70 10.72 -27.16
CA ALA D 85 -51.36 10.63 -28.56
C ALA D 85 -52.43 9.87 -29.34
N GLU D 86 -53.00 8.83 -28.75
CA GLU D 86 -54.10 8.11 -29.40
C GLU D 86 -55.31 9.02 -29.56
N CYS D 87 -55.70 9.71 -28.48
CA CYS D 87 -56.84 10.62 -28.57
C CYS D 87 -56.58 11.75 -29.57
N GLN D 88 -55.30 12.11 -29.77
CA GLN D 88 -54.96 13.17 -30.71
C GLN D 88 -55.06 12.68 -32.15
N HIS D 89 -54.31 11.61 -32.48
CA HIS D 89 -54.25 11.18 -33.87
C HIS D 89 -55.56 10.56 -34.32
N ARG D 90 -56.27 9.85 -33.44
CA ARG D 90 -57.56 9.30 -33.83
C ARG D 90 -58.57 10.42 -34.11
N ARG D 91 -58.60 11.45 -33.26
CA ARG D 91 -59.33 12.69 -33.51
C ARG D 91 -60.81 12.47 -33.87
N THR D 92 -61.35 11.29 -33.58
CA THR D 92 -62.73 10.99 -33.95
C THR D 92 -63.43 10.17 -32.87
N LYS D 93 -62.83 10.02 -31.68
CA LYS D 93 -63.38 9.20 -30.61
C LYS D 93 -63.57 7.76 -31.07
N ASN D 94 -62.62 7.26 -31.87
CA ASN D 94 -62.77 5.93 -32.46
C ASN D 94 -62.65 4.84 -31.41
N CYS D 95 -61.76 5.00 -30.44
CA CYS D 95 -61.52 3.96 -29.46
C CYS D 95 -62.76 3.71 -28.61
N SER D 96 -63.01 2.45 -28.29
CA SER D 96 -64.18 2.09 -27.50
C SER D 96 -63.98 2.48 -26.04
N ALA D 97 -65.06 2.37 -25.27
CA ALA D 97 -65.03 2.76 -23.87
C ALA D 97 -64.17 1.82 -23.03
N ALA D 98 -64.21 0.53 -23.33
CA ALA D 98 -63.49 -0.45 -22.51
C ALA D 98 -61.97 -0.24 -22.51
N PRO D 99 -61.29 -0.13 -23.66
CA PRO D 99 -59.83 0.06 -23.59
C PRO D 99 -59.42 1.38 -22.96
N THR D 100 -60.12 2.46 -23.28
CA THR D 100 -59.81 3.75 -22.66
C THR D 100 -60.01 3.69 -21.16
N PHE D 101 -61.09 3.05 -20.71
CA PHE D 101 -61.32 2.90 -19.27
C PHE D 101 -60.22 2.08 -18.62
N LEU D 102 -59.79 1.00 -19.27
CA LEU D 102 -58.72 0.18 -18.70
C LEU D 102 -57.41 0.95 -18.59
N LEU D 103 -57.05 1.69 -19.62
CA LEU D 103 -55.83 2.49 -19.57
C LEU D 103 -55.91 3.58 -18.51
N LEU D 104 -57.05 4.28 -18.43
CA LEU D 104 -57.19 5.31 -17.40
C LEU D 104 -57.11 4.71 -16.00
N SER D 105 -57.75 3.55 -15.79
CA SER D 105 -57.66 2.90 -14.50
C SER D 105 -56.22 2.53 -14.16
N SER D 106 -55.49 1.97 -15.13
CA SER D 106 -54.10 1.61 -14.88
C SER D 106 -53.25 2.82 -14.53
N ILE D 107 -53.42 3.92 -15.28
CA ILE D 107 -52.64 5.13 -15.04
C ILE D 107 -52.93 5.69 -13.66
N LEU D 108 -54.22 5.80 -13.31
CA LEU D 108 -54.58 6.35 -12.01
C LEU D 108 -54.11 5.45 -10.87
N GLY D 109 -54.22 4.13 -11.04
CA GLY D 109 -53.76 3.23 -10.00
C GLY D 109 -52.25 3.29 -9.79
N ARG D 110 -51.49 3.39 -10.88
CA ARG D 110 -50.05 3.54 -10.73
C ARG D 110 -49.67 4.88 -10.12
N ALA D 111 -50.42 5.94 -10.45
CA ALA D 111 -50.09 7.26 -9.93
C ALA D 111 -50.46 7.41 -8.45
N ALA D 112 -51.54 6.76 -8.01
CA ALA D 112 -52.08 6.98 -6.68
C ALA D 112 -51.25 6.31 -5.57
N VAL D 113 -50.15 5.65 -5.89
CA VAL D 113 -49.36 4.98 -4.87
C VAL D 113 -48.76 5.99 -3.89
N ALA D 114 -48.11 7.03 -4.42
CA ALA D 114 -47.50 8.03 -3.56
C ALA D 114 -48.51 8.82 -2.74
N PRO D 115 -49.61 9.34 -3.29
CA PRO D 115 -50.59 10.02 -2.43
C PRO D 115 -51.14 9.13 -1.33
N VAL D 116 -51.36 7.84 -1.62
CA VAL D 116 -51.93 6.95 -0.62
C VAL D 116 -50.96 6.75 0.54
N THR D 117 -49.68 6.50 0.25
CA THR D 117 -48.73 6.31 1.34
C THR D 117 -48.47 7.60 2.09
N TRP D 118 -48.46 8.74 1.40
CA TRP D 118 -48.34 10.01 2.10
C TRP D 118 -49.50 10.24 3.06
N SER D 119 -50.72 9.96 2.60
CA SER D 119 -51.89 10.11 3.45
C SER D 119 -51.85 9.13 4.61
N VAL D 120 -51.38 7.91 4.37
CA VAL D 120 -51.27 6.92 5.44
C VAL D 120 -50.30 7.41 6.51
N ILE D 121 -49.13 7.92 6.09
CA ILE D 121 -48.15 8.41 7.05
C ILE D 121 -48.71 9.60 7.83
N SER D 122 -49.37 10.52 7.13
CA SER D 122 -49.93 11.69 7.80
C SER D 122 -51.01 11.30 8.81
N LEU D 123 -51.86 10.35 8.45
CA LEU D 123 -52.90 9.89 9.37
C LEU D 123 -52.28 9.17 10.58
N LEU D 124 -51.27 8.34 10.36
CA LEU D 124 -50.67 7.62 11.48
C LEU D 124 -49.88 8.56 12.38
N ARG D 125 -49.38 9.68 11.86
CA ARG D 125 -48.76 10.68 12.72
C ARG D 125 -49.75 11.25 13.71
N GLY D 126 -50.95 11.58 13.24
CA GLY D 126 -52.02 12.05 14.10
C GLY D 126 -52.08 13.55 14.31
N GLU D 127 -51.02 14.28 13.99
CA GLU D 127 -51.01 15.72 14.24
C GLU D 127 -52.05 16.45 13.40
N ALA D 128 -52.11 16.13 12.11
CA ALA D 128 -53.03 16.82 11.22
C ALA D 128 -54.49 16.57 11.62
N TYR D 129 -54.82 15.32 11.96
CA TYR D 129 -56.21 15.00 12.28
C TYR D 129 -56.64 15.65 13.60
N VAL D 130 -55.78 15.61 14.62
CA VAL D 130 -56.14 16.24 15.89
C VAL D 130 -56.26 17.75 15.71
N CYS D 131 -55.34 18.34 14.93
CA CYS D 131 -55.44 19.77 14.66
C CYS D 131 -56.74 20.12 13.94
N ALA D 132 -57.16 19.27 13.00
CA ALA D 132 -58.36 19.56 12.22
C ALA D 132 -59.64 19.35 13.03
N LEU D 133 -59.65 18.35 13.91
CA LEU D 133 -60.88 17.95 14.59
C LEU D 133 -60.91 18.35 16.06
N SER D 134 -59.96 19.15 16.54
CA SER D 134 -60.01 19.60 17.93
C SER D 134 -61.25 20.44 18.21
N GLU D 135 -61.61 21.32 17.28
CA GLU D 135 -62.71 22.26 17.52
C GLU D 135 -64.07 21.60 17.50
N PHE D 136 -64.18 20.37 16.98
CA PHE D 136 -65.47 19.69 16.86
C PHE D 136 -65.74 18.71 18.00
N VAL D 137 -64.84 18.61 18.98
CA VAL D 137 -65.04 17.70 20.10
C VAL D 137 -66.21 18.18 20.93
N ASP D 138 -67.12 17.27 21.26
CA ASP D 138 -68.30 17.62 22.05
C ASP D 138 -67.91 17.74 23.52
N PRO D 139 -68.11 18.89 24.16
CA PRO D 139 -67.79 19.00 25.58
C PRO D 139 -68.61 18.06 26.46
N SER D 140 -69.84 17.75 26.06
CA SER D 140 -70.67 16.85 26.85
C SER D 140 -70.07 15.44 26.91
N SER D 141 -69.52 14.96 25.80
CA SER D 141 -68.95 13.62 25.76
C SER D 141 -67.61 13.53 26.50
N LEU D 142 -67.05 14.65 26.93
CA LEU D 142 -65.78 14.62 27.65
C LEU D 142 -65.94 13.93 29.00
N THR D 143 -64.90 13.21 29.40
CA THR D 143 -64.94 12.38 30.60
C THR D 143 -63.53 12.38 31.22
N ALA D 144 -63.28 11.41 32.10
CA ALA D 144 -62.00 11.19 32.76
C ALA D 144 -61.64 12.33 33.72
N ARG D 145 -62.62 13.09 34.17
CA ARG D 145 -62.43 14.23 35.05
C ARG D 145 -63.82 14.77 35.41
N GLU D 146 -63.88 15.47 36.53
CA GLU D 146 -65.13 16.14 36.90
C GLU D 146 -65.43 17.25 35.90
N GLU D 147 -66.70 17.64 35.84
CA GLU D 147 -67.18 18.56 34.81
C GLU D 147 -66.67 19.97 35.12
N HIS D 148 -65.40 20.19 34.78
CA HIS D 148 -64.76 21.49 34.93
C HIS D 148 -64.67 22.26 33.61
N PHE D 149 -65.21 21.72 32.53
CA PHE D 149 -65.06 22.36 31.22
C PHE D 149 -66.04 23.51 31.10
N PRO D 150 -65.58 24.73 30.90
CA PRO D 150 -66.50 25.87 30.74
C PRO D 150 -67.27 25.77 29.43
N SER D 151 -68.47 26.34 29.45
CA SER D 151 -69.30 26.47 28.26
C SER D 151 -69.31 27.89 27.72
N ALA D 152 -68.45 28.76 28.25
CA ALA D 152 -68.39 30.15 27.77
C ALA D 152 -67.97 30.20 26.31
N HIS D 153 -66.72 29.82 26.02
CA HIS D 153 -66.21 29.71 24.66
C HIS D 153 -65.64 28.29 24.54
N ALA D 154 -66.52 27.33 24.28
CA ALA D 154 -66.07 25.94 24.20
C ALA D 154 -65.21 25.70 22.98
N THR D 155 -65.65 26.20 21.83
CA THR D 155 -64.95 25.95 20.57
C THR D 155 -63.54 26.51 20.60
N GLU D 156 -63.36 27.71 21.17
CA GLU D 156 -62.04 28.33 21.17
C GLU D 156 -61.03 27.55 22.00
N ILE D 157 -61.42 27.11 23.21
CA ILE D 157 -60.51 26.33 24.03
C ILE D 157 -60.22 24.98 23.38
N LEU D 158 -61.26 24.34 22.82
CA LEU D 158 -61.04 23.07 22.15
C LEU D 158 -60.08 23.21 20.98
N ALA D 159 -60.21 24.30 20.21
CA ALA D 159 -59.29 24.54 19.11
C ALA D 159 -57.90 24.92 19.59
N ARG D 160 -57.78 25.53 20.77
CA ARG D 160 -56.48 25.91 21.30
C ARG D 160 -55.77 24.76 22.01
N PHE D 161 -56.45 23.62 22.19
CA PHE D 161 -55.78 22.47 22.82
C PHE D 161 -54.48 22.07 22.16
N PRO D 162 -54.36 21.93 20.83
CA PRO D 162 -53.10 21.41 20.26
C PRO D 162 -51.86 22.22 20.57
N CYS D 163 -51.96 23.55 20.68
CA CYS D 163 -50.80 24.40 20.84
C CYS D 163 -50.35 24.54 22.29
N LYS D 164 -50.70 23.59 23.17
CA LYS D 164 -50.35 23.58 24.58
C LYS D 164 -50.98 24.74 25.36
N GLU D 165 -51.83 25.54 24.70
CA GLU D 165 -52.47 26.68 25.37
C GLU D 165 -53.76 26.23 26.07
N ASN D 166 -53.59 25.23 26.92
CA ASN D 166 -54.67 24.68 27.71
C ASN D 166 -54.53 25.13 29.16
N PRO D 167 -55.58 25.69 29.76
CA PRO D 167 -55.51 26.06 31.17
C PRO D 167 -55.23 24.84 32.05
N ASP D 168 -54.46 25.06 33.12
CA ASP D 168 -54.05 23.96 33.98
C ASP D 168 -55.23 23.26 34.61
N ASN D 169 -56.33 23.98 34.85
CA ASN D 169 -57.54 23.34 35.37
C ASN D 169 -58.16 22.38 34.36
N LEU D 170 -57.83 22.50 33.08
CA LEU D 170 -58.29 21.58 32.04
C LEU D 170 -57.16 20.69 31.52
N SER D 171 -56.11 20.51 32.32
CA SER D 171 -54.97 19.70 31.91
C SER D 171 -55.38 18.25 31.63
N ASP D 172 -56.36 17.74 32.37
CA ASP D 172 -56.83 16.38 32.11
C ASP D 172 -57.68 16.33 30.85
N PHE D 173 -58.52 17.34 30.62
CA PHE D 173 -59.35 17.35 29.43
C PHE D 173 -58.51 17.39 28.15
N ARG D 174 -57.45 18.18 28.16
CA ARG D 174 -56.60 18.26 26.97
C ARG D 174 -56.07 16.88 26.58
N GLU D 175 -55.55 16.14 27.56
CA GLU D 175 -55.06 14.79 27.29
C GLU D 175 -56.19 13.85 26.90
N GLU D 176 -57.36 14.01 27.52
CA GLU D 176 -58.52 13.21 27.15
C GLU D 176 -58.86 13.36 25.67
N VAL D 177 -58.73 14.58 25.14
CA VAL D 177 -58.99 14.81 23.73
C VAL D 177 -57.82 14.34 22.86
N SER D 178 -56.58 14.53 23.36
CA SER D 178 -55.40 14.16 22.60
C SER D 178 -55.35 12.65 22.35
N ARG D 179 -55.72 11.85 23.35
CA ARG D 179 -55.71 10.40 23.17
C ARG D 179 -56.90 9.91 22.35
N ARG D 180 -57.96 10.71 22.22
CA ARG D 180 -59.12 10.31 21.44
C ARG D 180 -58.93 10.60 19.95
N LEU D 181 -58.67 11.86 19.62
CA LEU D 181 -58.57 12.26 18.22
C LEU D 181 -57.40 11.56 17.53
N ARG D 182 -56.27 11.46 18.22
CA ARG D 182 -55.13 10.71 17.67
C ARG D 182 -55.50 9.26 17.42
N TYR D 183 -56.26 8.66 18.34
CA TYR D 183 -56.72 7.29 18.13
C TYR D 183 -57.52 7.18 16.85
N GLU D 184 -58.46 8.11 16.64
CA GLU D 184 -59.25 8.09 15.42
C GLU D 184 -58.38 8.22 14.19
N SER D 185 -57.39 9.12 14.25
CA SER D 185 -56.45 9.28 13.15
C SER D 185 -55.74 7.97 12.81
N GLN D 186 -55.16 7.33 13.82
CA GLN D 186 -54.42 6.08 13.59
C GLN D 186 -55.35 4.98 13.10
N LEU D 187 -56.56 4.91 13.65
CA LEU D 187 -57.55 3.94 13.18
C LEU D 187 -57.83 4.14 11.69
N PHE D 188 -58.04 5.39 11.27
CA PHE D 188 -58.26 5.66 9.85
C PHE D 188 -57.06 5.25 9.02
N GLY D 189 -55.85 5.52 9.51
CA GLY D 189 -54.66 5.10 8.78
C GLY D 189 -54.59 3.60 8.58
N TRP D 190 -54.86 2.84 9.65
CA TRP D 190 -54.83 1.38 9.55
C TRP D 190 -55.94 0.86 8.65
N LEU D 191 -57.12 1.48 8.68
CA LEU D 191 -58.19 1.06 7.77
C LEU D 191 -57.81 1.35 6.32
N LEU D 192 -57.13 2.48 6.08
CA LEU D 192 -56.66 2.79 4.74
C LEU D 192 -55.67 1.75 4.25
N ILE D 193 -54.71 1.37 5.10
CA ILE D 193 -53.76 0.33 4.68
C ILE D 193 -54.49 -0.97 4.39
N GLY D 194 -55.47 -1.33 5.22
CA GLY D 194 -56.22 -2.56 4.96
C GLY D 194 -56.97 -2.53 3.65
N VAL D 195 -57.65 -1.41 3.36
CA VAL D 195 -58.42 -1.30 2.13
C VAL D 195 -57.50 -1.32 0.92
N VAL D 196 -56.38 -0.59 0.99
CA VAL D 196 -55.43 -0.55 -0.13
C VAL D 196 -54.87 -1.94 -0.39
N ALA D 197 -54.50 -2.67 0.66
CA ALA D 197 -54.01 -4.02 0.47
C ALA D 197 -55.07 -4.92 -0.15
N ILE D 198 -56.32 -4.78 0.28
CA ILE D 198 -57.39 -5.60 -0.30
C ILE D 198 -57.57 -5.28 -1.78
N LEU D 199 -57.52 -3.99 -2.13
CA LEU D 199 -57.65 -3.60 -3.53
C LEU D 199 -56.49 -4.11 -4.38
N VAL D 200 -55.27 -3.99 -3.86
CA VAL D 200 -54.12 -4.50 -4.61
C VAL D 200 -54.23 -6.02 -4.81
N PHE D 201 -54.76 -6.73 -3.81
CA PHE D 201 -54.98 -8.16 -3.99
C PHE D 201 -56.06 -8.45 -5.04
N LEU D 202 -57.20 -7.77 -4.93
CA LEU D 202 -58.35 -8.06 -5.79
C LEU D 202 -58.06 -7.69 -7.24
N THR D 203 -57.45 -6.52 -7.45
CA THR D 203 -57.16 -6.05 -8.80
C THR D 203 -56.26 -7.03 -9.54
N LYS D 204 -55.19 -7.49 -8.88
CA LYS D 204 -54.31 -8.46 -9.50
C LYS D 204 -55.03 -9.80 -9.72
N CYS D 205 -55.83 -10.23 -8.74
CA CYS D 205 -56.57 -11.48 -8.88
C CYS D 205 -57.53 -11.44 -10.07
N LEU D 206 -58.05 -10.26 -10.40
CA LEU D 206 -58.90 -10.10 -11.58
C LEU D 206 -58.08 -9.92 -12.85
N LYS D 207 -56.93 -9.25 -12.75
CA LYS D 207 -56.09 -9.03 -13.92
C LYS D 207 -55.57 -10.35 -14.48
N HIS D 208 -55.15 -11.26 -13.61
CA HIS D 208 -54.73 -12.57 -14.09
C HIS D 208 -55.90 -13.42 -14.54
N TYR D 209 -57.07 -13.25 -13.91
CA TYR D 209 -58.22 -14.09 -14.24
C TYR D 209 -58.82 -13.73 -15.59
N CYS D 210 -58.95 -12.44 -15.88
CA CYS D 210 -59.63 -12.00 -17.10
C CYS D 210 -58.68 -11.83 -18.28
N SER D 211 -57.37 -11.89 -18.06
CA SER D 211 -56.45 -11.75 -19.17
C SER D 211 -56.49 -12.99 -20.06
N PRO D 212 -56.47 -12.82 -21.38
CA PRO D 212 -56.45 -14.00 -22.27
C PRO D 212 -55.10 -14.69 -22.32
N LEU D 213 -54.05 -14.07 -21.80
CA LEU D 213 -52.72 -14.65 -21.78
C LEU D 213 -52.42 -15.30 -20.44
N SER D 214 -51.42 -16.18 -20.45
CA SER D 214 -50.91 -16.76 -19.22
C SER D 214 -49.99 -15.76 -18.51
N TYR D 215 -49.75 -16.01 -17.23
CA TYR D 215 -48.96 -15.06 -16.45
C TYR D 215 -47.48 -15.11 -16.84
N ARG D 216 -46.98 -16.28 -17.24
CA ARG D 216 -45.59 -16.36 -17.70
C ARG D 216 -45.39 -15.58 -18.99
N GLN D 217 -46.34 -15.70 -19.93
CA GLN D 217 -46.23 -14.93 -21.16
C GLN D 217 -46.33 -13.44 -20.89
N GLU D 218 -47.16 -13.04 -19.93
CA GLU D 218 -47.25 -11.62 -19.59
C GLU D 218 -45.97 -11.12 -18.93
N ALA D 219 -45.31 -11.97 -18.13
CA ALA D 219 -44.01 -11.60 -17.58
C ALA D 219 -42.98 -11.42 -18.70
N TYR D 220 -42.99 -12.33 -19.67
CA TYR D 220 -42.10 -12.18 -20.83
C TYR D 220 -42.39 -10.90 -21.59
N TRP D 221 -43.68 -10.57 -21.74
CA TRP D 221 -44.08 -9.34 -22.41
C TRP D 221 -43.58 -8.11 -21.68
N ALA D 222 -43.67 -8.12 -20.35
CA ALA D 222 -43.18 -6.99 -19.57
C ALA D 222 -41.66 -6.84 -19.70
N GLN D 223 -40.94 -7.97 -19.66
CA GLN D 223 -39.49 -7.91 -19.86
C GLN D 223 -39.16 -7.34 -21.23
N TYR D 224 -39.90 -7.78 -22.26
CA TYR D 224 -39.66 -7.26 -23.60
C TYR D 224 -39.93 -5.76 -23.67
N ARG D 225 -41.01 -5.29 -23.04
CA ARG D 225 -41.33 -3.87 -23.08
C ARG D 225 -40.22 -3.05 -22.43
N ALA D 226 -39.72 -3.50 -21.27
CA ALA D 226 -38.64 -2.78 -20.61
C ALA D 226 -37.40 -2.72 -21.48
N ASN D 227 -37.00 -3.87 -22.04
CA ASN D 227 -35.81 -3.90 -22.88
C ASN D 227 -35.98 -3.02 -24.12
N GLU D 228 -37.16 -3.07 -24.75
CA GLU D 228 -37.40 -2.25 -25.93
C GLU D 228 -37.32 -0.77 -25.60
N ASP D 229 -37.91 -0.36 -24.47
CA ASP D 229 -37.85 1.06 -24.12
C ASP D 229 -36.42 1.51 -23.90
N GLN D 230 -35.64 0.74 -23.14
CA GLN D 230 -34.27 1.18 -22.87
C GLN D 230 -33.44 1.22 -24.14
N LEU D 231 -33.55 0.17 -24.97
CA LEU D 231 -32.75 0.14 -26.20
C LEU D 231 -33.15 1.24 -27.16
N PHE D 232 -34.46 1.52 -27.27
CA PHE D 232 -34.91 2.59 -28.16
C PHE D 232 -34.39 3.94 -27.70
N GLN D 233 -34.43 4.20 -26.38
CA GLN D 233 -33.88 5.46 -25.88
C GLN D 233 -32.39 5.59 -26.18
N ARG D 234 -31.63 4.51 -25.94
CA ARG D 234 -30.19 4.56 -26.16
C ARG D 234 -29.86 4.80 -27.63
N THR D 235 -30.54 4.08 -28.52
CA THR D 235 -30.27 4.24 -29.95
C THR D 235 -30.75 5.59 -30.47
N ALA D 236 -31.83 6.13 -29.91
CA ALA D 236 -32.25 7.47 -30.30
C ALA D 236 -31.19 8.49 -29.91
N GLU D 237 -30.62 8.35 -28.71
CA GLU D 237 -29.54 9.27 -28.30
C GLU D 237 -28.35 9.16 -29.25
N VAL D 238 -27.93 7.93 -29.57
CA VAL D 238 -26.77 7.76 -30.44
C VAL D 238 -27.04 8.30 -31.84
N HIS D 239 -28.22 8.02 -32.38
CA HIS D 239 -28.58 8.48 -33.72
C HIS D 239 -28.61 10.01 -33.78
N SER D 240 -29.20 10.64 -32.76
CA SER D 240 -29.22 12.09 -32.71
C SER D 240 -27.82 12.66 -32.63
N ARG D 241 -26.94 12.06 -31.83
CA ARG D 241 -25.57 12.54 -31.74
C ARG D 241 -24.85 12.43 -33.07
N VAL D 242 -25.04 11.32 -33.78
CA VAL D 242 -24.36 11.15 -35.07
C VAL D 242 -24.89 12.16 -36.09
N LEU D 243 -26.20 12.37 -36.12
CA LEU D 243 -26.76 13.35 -37.05
C LEU D 243 -26.25 14.76 -36.74
N ALA D 244 -26.21 15.12 -35.46
CA ALA D 244 -25.69 16.43 -35.08
C ALA D 244 -24.23 16.57 -35.46
N ALA D 245 -23.44 15.50 -35.29
CA ALA D 245 -22.04 15.54 -35.68
C ALA D 245 -21.91 15.76 -37.19
N ASN D 246 -22.76 15.09 -37.98
CA ASN D 246 -22.72 15.30 -39.42
C ASN D 246 -23.03 16.75 -39.78
N ASN D 247 -24.04 17.33 -39.13
CA ASN D 247 -24.39 18.72 -39.42
C ASN D 247 -23.26 19.67 -39.03
N VAL D 248 -22.65 19.46 -37.87
CA VAL D 248 -21.55 20.32 -37.44
C VAL D 248 -20.35 20.18 -38.36
N ARG D 249 -20.09 18.96 -38.85
CA ARG D 249 -19.03 18.77 -39.83
C ARG D 249 -19.34 19.54 -41.12
N ARG D 250 -20.60 19.51 -41.56
CA ARG D 250 -20.98 20.28 -42.73
C ARG D 250 -20.75 21.76 -42.51
N PHE D 251 -20.95 22.25 -41.28
CA PHE D 251 -20.76 23.67 -41.03
C PHE D 251 -19.29 24.05 -40.97
N PHE D 252 -18.53 23.46 -40.04
CA PHE D 252 -17.17 23.88 -39.78
C PHE D 252 -16.13 23.18 -40.66
N GLY D 253 -16.43 21.99 -41.18
CA GLY D 253 -15.45 21.19 -41.90
C GLY D 253 -14.87 20.05 -41.10
N PHE D 254 -15.09 20.02 -39.80
CA PHE D 254 -14.65 18.92 -38.93
C PHE D 254 -15.49 18.95 -37.67
N VAL D 255 -15.37 17.91 -36.87
CA VAL D 255 -16.04 17.82 -35.57
C VAL D 255 -15.01 17.48 -34.51
N ALA D 256 -15.08 18.18 -33.38
CA ALA D 256 -14.25 17.87 -32.23
C ALA D 256 -14.96 16.82 -31.40
N LEU D 257 -14.55 15.55 -31.55
CA LEU D 257 -15.21 14.42 -30.92
C LEU D 257 -14.27 13.76 -29.92
N ASN D 258 -14.85 13.22 -28.86
CA ASN D 258 -14.11 12.42 -27.92
C ASN D 258 -13.89 11.02 -28.48
N LYS D 259 -13.10 10.21 -27.77
CA LYS D 259 -12.79 8.87 -28.24
C LYS D 259 -14.05 8.00 -28.34
N ASP D 260 -14.91 8.07 -27.33
CA ASP D 260 -16.17 7.33 -27.40
C ASP D 260 -17.06 7.87 -28.51
N ASP D 261 -17.07 9.20 -28.70
CA ASP D 261 -17.81 9.77 -29.81
C ASP D 261 -17.21 9.37 -31.14
N GLU D 262 -15.88 9.26 -31.21
CA GLU D 262 -15.25 8.76 -32.43
C GLU D 262 -15.68 7.33 -32.73
N GLU D 263 -15.73 6.48 -31.70
CA GLU D 263 -16.21 5.12 -31.88
C GLU D 263 -17.66 5.10 -32.33
N LEU D 264 -18.49 5.97 -31.75
CA LEU D 264 -19.89 6.05 -32.17
C LEU D 264 -20.01 6.44 -33.63
N ILE D 265 -19.23 7.43 -34.06
CA ILE D 265 -19.30 7.88 -35.45
C ILE D 265 -18.81 6.80 -36.40
N ALA D 266 -17.72 6.13 -36.05
CA ALA D 266 -17.17 5.09 -36.92
C ALA D 266 -18.09 3.90 -37.03
N ASN D 267 -18.62 3.42 -35.89
CA ASN D 267 -19.43 2.21 -35.90
C ASN D 267 -20.81 2.45 -36.51
N PHE D 268 -21.46 3.56 -36.13
CA PHE D 268 -22.85 3.79 -36.51
C PHE D 268 -22.96 4.98 -37.45
N PRO D 269 -23.03 4.76 -38.76
CA PRO D 269 -23.28 5.87 -39.69
C PRO D 269 -24.76 6.04 -40.00
N VAL D 270 -25.19 7.29 -40.11
CA VAL D 270 -26.57 7.63 -40.40
C VAL D 270 -26.64 8.26 -41.78
N GLU D 271 -27.64 7.85 -42.57
CA GLU D 271 -27.85 8.37 -43.91
C GLU D 271 -28.95 9.41 -43.98
N GLY D 272 -29.96 9.30 -43.15
CA GLY D 272 -31.06 10.24 -43.15
C GLY D 272 -31.91 10.10 -41.92
N THR D 273 -33.00 10.86 -41.89
CA THR D 273 -33.92 10.87 -40.77
C THR D 273 -35.19 10.09 -41.12
N GLN D 274 -35.73 9.41 -40.12
CA GLN D 274 -36.97 8.66 -40.32
C GLN D 274 -38.14 9.62 -40.55
N PRO D 275 -39.07 9.27 -41.44
CA PRO D 275 -40.19 10.17 -41.72
C PRO D 275 -41.13 10.28 -40.53
N ARG D 276 -41.96 11.32 -40.57
CA ARG D 276 -42.96 11.51 -39.52
C ARG D 276 -43.96 10.37 -39.44
N PRO D 277 -44.53 9.84 -40.53
CA PRO D 277 -45.43 8.69 -40.40
C PRO D 277 -44.77 7.47 -39.79
N GLN D 278 -43.47 7.27 -40.02
CA GLN D 278 -42.78 6.15 -39.39
C GLN D 278 -42.77 6.31 -37.87
N TRP D 279 -42.55 7.53 -37.39
CA TRP D 279 -42.65 7.79 -35.95
C TRP D 279 -44.07 7.60 -35.46
N ASN D 280 -45.06 8.09 -36.22
CA ASN D 280 -46.45 7.98 -35.79
C ASN D 280 -46.89 6.52 -35.71
N ALA D 281 -46.34 5.66 -36.55
CA ALA D 281 -46.74 4.25 -36.56
C ALA D 281 -46.35 3.49 -35.30
N ILE D 282 -45.48 4.05 -34.46
CA ILE D 282 -45.02 3.37 -33.26
C ILE D 282 -45.43 4.07 -31.98
N THR D 283 -46.18 5.17 -32.07
CA THR D 283 -46.62 5.91 -30.90
C THR D 283 -48.12 5.70 -30.71
N GLY D 284 -48.51 5.28 -29.52
CA GLY D 284 -49.90 5.07 -29.19
C GLY D 284 -50.04 3.92 -28.21
N VAL D 285 -51.27 3.46 -28.05
CA VAL D 285 -51.57 2.33 -27.19
C VAL D 285 -51.64 1.07 -28.03
N TYR D 286 -51.21 -0.05 -27.43
CA TYR D 286 -51.18 -1.33 -28.09
C TYR D 286 -51.81 -2.38 -27.19
N LEU D 287 -52.67 -3.23 -27.75
CA LEU D 287 -53.32 -4.30 -26.99
C LEU D 287 -53.16 -5.62 -27.74
N TYR D 288 -51.98 -6.23 -27.60
CA TYR D 288 -51.69 -7.63 -27.96
C TYR D 288 -52.42 -8.16 -29.18
N ARG D 289 -52.17 -7.60 -30.35
CA ARG D 289 -52.63 -8.28 -31.54
C ARG D 289 -51.72 -9.46 -31.88
N GLU D 290 -52.26 -10.40 -32.65
CA GLU D 290 -51.54 -11.61 -33.04
C GLU D 290 -51.64 -11.78 -34.54
N ASN D 291 -50.52 -12.06 -35.19
CA ASN D 291 -50.44 -12.19 -36.64
C ASN D 291 -49.99 -13.59 -37.00
N GLN D 292 -50.85 -14.32 -37.72
CA GLN D 292 -50.54 -15.67 -38.20
C GLN D 292 -50.13 -16.60 -37.06
N GLY D 293 -50.82 -16.47 -35.92
CA GLY D 293 -50.52 -17.30 -34.77
C GLY D 293 -49.26 -16.93 -34.01
N LEU D 294 -48.61 -15.82 -34.38
CA LEU D 294 -47.39 -15.39 -33.72
C LEU D 294 -47.64 -14.10 -32.98
N PRO D 295 -47.29 -14.03 -31.70
CA PRO D 295 -47.58 -12.82 -30.92
C PRO D 295 -46.76 -11.62 -31.38
N LEU D 296 -47.39 -10.45 -31.26
CA LEU D 296 -46.73 -9.16 -31.46
C LEU D 296 -46.86 -8.38 -30.16
N TYR D 297 -45.74 -7.91 -29.63
CA TYR D 297 -45.70 -7.39 -28.27
C TYR D 297 -45.66 -5.87 -28.19
N SER D 298 -45.47 -5.17 -29.31
CA SER D 298 -45.52 -3.72 -29.31
C SER D 298 -45.76 -3.26 -30.74
N ARG D 299 -46.18 -2.00 -30.88
CA ARG D 299 -46.38 -1.46 -32.21
C ARG D 299 -45.08 -1.17 -32.93
N LEU D 300 -43.95 -1.08 -32.20
CA LEU D 300 -42.66 -1.10 -32.87
C LEU D 300 -42.38 -2.47 -33.47
N HIS D 301 -42.68 -3.54 -32.74
CA HIS D 301 -42.57 -4.89 -33.28
C HIS D 301 -43.53 -5.09 -34.44
N LYS D 302 -44.76 -4.62 -34.29
CA LYS D 302 -45.74 -4.73 -35.37
C LYS D 302 -45.31 -3.96 -36.61
N TRP D 303 -44.74 -2.77 -36.42
CA TRP D 303 -44.21 -2.00 -37.54
C TRP D 303 -43.04 -2.72 -38.21
N ALA D 304 -42.13 -3.28 -37.40
CA ALA D 304 -40.98 -3.98 -37.95
C ALA D 304 -41.41 -5.20 -38.76
N GLN D 305 -42.46 -5.89 -38.32
CA GLN D 305 -43.00 -6.99 -39.11
C GLN D 305 -43.63 -6.52 -40.42
N GLY D 306 -43.89 -5.23 -40.57
CA GLY D 306 -44.49 -4.72 -41.79
C GLY D 306 -45.99 -4.56 -41.76
N LEU D 307 -46.61 -4.61 -40.58
CA LEU D 307 -48.05 -4.56 -40.45
C LEU D 307 -48.58 -3.18 -40.09
N ALA D 308 -47.72 -2.17 -39.98
CA ALA D 308 -48.14 -0.83 -39.64
C ALA D 308 -48.13 0.12 -40.83
N GLY D 309 -47.14 0.01 -41.70
CA GLY D 309 -47.05 0.86 -42.87
C GLY D 309 -48.02 0.48 -43.97
N ASP D 315 -49.60 11.83 -51.46
CA ASP D 315 -50.81 12.47 -51.99
C ASP D 315 -51.01 13.85 -51.38
N ASN D 316 -51.18 13.88 -50.06
CA ASN D 316 -51.36 15.12 -49.31
C ASN D 316 -50.08 15.44 -48.55
N VAL D 317 -49.59 16.66 -48.69
CA VAL D 317 -48.36 17.11 -48.06
C VAL D 317 -48.71 18.13 -46.99
N GLU D 318 -48.19 17.90 -45.78
CA GLU D 318 -48.45 18.77 -44.64
C GLU D 318 -47.13 19.32 -44.09
N MET D 319 -47.24 20.48 -43.44
CA MET D 319 -46.12 21.14 -42.75
C MET D 319 -44.83 21.08 -43.55
N ALA D 320 -44.93 21.41 -44.83
CA ALA D 320 -43.78 21.44 -45.71
C ALA D 320 -43.00 22.74 -45.55
N LEU D 321 -41.71 22.68 -45.85
CA LEU D 321 -40.87 23.86 -45.74
C LEU D 321 -41.16 24.87 -46.84
N LEU D 322 -41.31 24.40 -48.07
CA LEU D 322 -41.52 25.22 -49.25
C LEU D 322 -42.67 24.64 -50.06
N PRO D 323 -43.27 25.42 -50.97
CA PRO D 323 -44.41 24.91 -51.73
C PRO D 323 -44.01 23.77 -52.66
N SER D 324 -44.98 23.23 -53.40
CA SER D 324 -44.67 22.22 -54.39
C SER D 324 -43.65 22.77 -55.39
N ALA D 325 -42.90 21.84 -56.01
CA ALA D 325 -41.86 22.23 -56.94
C ALA D 325 -42.40 23.11 -58.06
N LEU D 326 -43.66 22.88 -58.46
CA LEU D 326 -44.30 23.74 -59.44
C LEU D 326 -44.39 25.18 -58.95
N GLU D 327 -44.74 25.37 -57.67
CA GLU D 327 -44.78 26.72 -57.12
C GLU D 327 -43.38 27.27 -56.87
N VAL D 328 -42.42 26.41 -56.54
CA VAL D 328 -41.04 26.86 -56.36
C VAL D 328 -40.48 27.39 -57.68
N LEU D 329 -40.88 26.78 -58.80
CA LEU D 329 -40.43 27.26 -60.11
C LEU D 329 -40.81 28.72 -60.33
N PHE D 330 -41.96 29.15 -59.82
CA PHE D 330 -42.33 30.56 -59.94
C PHE D 330 -41.97 31.35 -58.69
N PHE E 40 -40.54 3.96 11.44
CA PHE E 40 -40.53 2.94 12.47
C PHE E 40 -41.21 3.46 13.74
N SER E 41 -40.88 4.70 14.12
CA SER E 41 -41.58 5.33 15.23
C SER E 41 -43.02 5.69 14.88
N VAL E 42 -43.35 5.71 13.59
CA VAL E 42 -44.72 6.00 13.15
C VAL E 42 -45.66 4.90 13.60
N VAL E 43 -45.21 3.65 13.54
CA VAL E 43 -46.07 2.48 13.74
C VAL E 43 -46.01 2.10 15.21
N ALA E 44 -45.43 2.97 16.04
CA ALA E 44 -45.36 2.71 17.47
C ALA E 44 -46.76 2.65 18.06
N PHE E 45 -46.96 1.71 18.98
CA PHE E 45 -48.28 1.51 19.57
C PHE E 45 -48.64 2.64 20.52
N HIS E 46 -49.87 3.13 20.40
CA HIS E 46 -50.38 4.21 21.25
C HIS E 46 -51.79 3.81 21.68
N CYS E 47 -51.93 3.38 22.92
CA CYS E 47 -53.21 2.86 23.39
C CYS E 47 -54.17 4.01 23.68
N PRO E 48 -55.34 4.06 23.03
CA PRO E 48 -56.35 5.04 23.42
C PRO E 48 -57.11 4.58 24.66
N CYS E 49 -56.83 5.21 25.80
CA CYS E 49 -57.42 4.77 27.07
C CYS E 49 -58.86 5.26 27.14
N SER E 50 -59.76 4.48 26.55
CA SER E 50 -61.18 4.79 26.54
C SER E 50 -61.95 3.48 26.40
N PRO E 51 -63.07 3.32 27.10
CA PRO E 51 -63.84 2.08 26.97
C PRO E 51 -64.41 1.91 25.58
N ALA E 52 -64.53 0.65 25.16
CA ALA E 52 -65.07 0.25 23.87
C ALA E 52 -64.31 0.88 22.70
N ARG E 53 -63.11 1.37 22.95
CA ARG E 53 -62.36 2.12 21.94
C ARG E 53 -60.93 1.60 21.84
N ASN E 54 -60.39 1.11 22.95
CA ASN E 54 -59.01 0.61 22.95
C ASN E 54 -58.89 -0.76 22.29
N TYR E 55 -59.89 -1.64 22.47
CA TYR E 55 -59.80 -2.95 21.84
C TYR E 55 -60.00 -2.86 20.34
N LEU E 56 -60.82 -1.91 19.87
CA LEU E 56 -60.93 -1.70 18.43
C LEU E 56 -59.59 -1.25 17.85
N TYR E 57 -58.91 -0.32 18.53
CA TYR E 57 -57.61 0.12 18.05
C TYR E 57 -56.60 -1.02 18.06
N GLY E 58 -56.58 -1.83 19.12
CA GLY E 58 -55.68 -2.97 19.14
C GLY E 58 -55.97 -3.95 18.03
N LEU E 59 -57.25 -4.26 17.81
CA LEU E 59 -57.64 -5.17 16.75
C LEU E 59 -57.18 -4.65 15.39
N ALA E 60 -57.40 -3.36 15.13
CA ALA E 60 -56.97 -2.80 13.85
C ALA E 60 -55.45 -2.85 13.72
N ALA E 61 -54.73 -2.31 14.71
CA ALA E 61 -53.29 -2.18 14.65
C ALA E 61 -52.56 -3.51 14.65
N ILE E 62 -53.21 -4.60 15.05
CA ILE E 62 -52.61 -5.92 14.98
C ILE E 62 -53.04 -6.68 13.73
N GLY E 63 -54.34 -6.69 13.43
CA GLY E 63 -54.83 -7.45 12.29
C GLY E 63 -54.40 -6.88 10.95
N VAL E 64 -54.43 -5.54 10.80
CA VAL E 64 -54.11 -4.95 9.52
C VAL E 64 -52.68 -5.27 9.07
N PRO E 65 -51.65 -5.15 9.92
CA PRO E 65 -50.34 -5.66 9.49
C PRO E 65 -50.35 -7.15 9.17
N ALA E 66 -51.10 -7.95 9.94
CA ALA E 66 -51.20 -9.37 9.63
C ALA E 66 -51.89 -9.62 8.31
N LEU E 67 -52.97 -8.87 8.03
CA LEU E 67 -53.65 -9.01 6.75
C LEU E 67 -52.75 -8.58 5.59
N VAL E 68 -51.98 -7.52 5.78
CA VAL E 68 -51.07 -7.06 4.73
C VAL E 68 -50.00 -8.11 4.46
N LEU E 69 -49.44 -8.69 5.53
CA LEU E 69 -48.43 -9.73 5.35
C LEU E 69 -49.01 -10.97 4.67
N PHE E 70 -50.24 -11.34 5.03
CA PHE E 70 -50.90 -12.46 4.37
C PHE E 70 -51.12 -12.17 2.89
N ILE E 71 -51.55 -10.96 2.55
CA ILE E 71 -51.75 -10.60 1.15
C ILE E 71 -50.44 -10.63 0.39
N ILE E 72 -49.36 -10.11 1.00
CA ILE E 72 -48.06 -10.12 0.34
C ILE E 72 -47.59 -11.55 0.10
N GLY E 73 -47.78 -12.43 1.10
CA GLY E 73 -47.40 -13.82 0.94
C GLY E 73 -48.19 -14.51 -0.17
N ILE E 74 -49.48 -14.20 -0.26
CA ILE E 74 -50.29 -14.76 -1.33
C ILE E 74 -49.81 -14.26 -2.69
N ILE E 75 -49.56 -12.96 -2.80
CA ILE E 75 -49.23 -12.36 -4.09
C ILE E 75 -47.87 -12.86 -4.58
N LEU E 76 -46.87 -12.88 -3.70
CA LEU E 76 -45.52 -13.21 -4.13
C LEU E 76 -45.40 -14.65 -4.59
N ASN E 77 -46.20 -15.55 -4.04
CA ASN E 77 -46.15 -16.95 -4.44
C ASN E 77 -46.61 -17.10 -5.88
N ASN E 78 -45.93 -17.97 -6.63
CA ASN E 78 -46.31 -18.24 -8.01
C ASN E 78 -47.28 -19.41 -8.15
N HIS E 79 -47.58 -20.12 -7.06
CA HIS E 79 -48.53 -21.23 -7.13
C HIS E 79 -49.97 -20.75 -7.20
N THR E 80 -50.28 -19.64 -6.54
CA THR E 80 -51.61 -19.08 -6.69
C THR E 80 -51.86 -18.63 -8.13
N TRP E 81 -50.81 -18.15 -8.82
CA TRP E 81 -51.02 -17.63 -10.16
C TRP E 81 -51.22 -18.76 -11.18
N ASN E 82 -50.49 -19.86 -11.07
CA ASN E 82 -50.78 -20.94 -12.01
C ASN E 82 -52.03 -21.70 -11.60
N LEU E 83 -52.43 -21.65 -10.34
CA LEU E 83 -53.76 -22.13 -9.97
C LEU E 83 -54.85 -21.30 -10.63
N VAL E 84 -54.69 -19.98 -10.62
CA VAL E 84 -55.63 -19.09 -11.31
C VAL E 84 -55.62 -19.36 -12.80
N ALA E 85 -54.44 -19.60 -13.37
CA ALA E 85 -54.34 -19.91 -14.79
C ALA E 85 -55.05 -21.22 -15.12
N GLU E 86 -54.95 -22.21 -14.24
CA GLU E 86 -55.69 -23.45 -14.44
C GLU E 86 -57.19 -23.22 -14.40
N CYS E 87 -57.67 -22.49 -13.39
CA CYS E 87 -59.09 -22.20 -13.31
C CYS E 87 -59.56 -21.37 -14.50
N GLN E 88 -58.66 -20.58 -15.09
CA GLN E 88 -59.01 -19.76 -16.25
C GLN E 88 -59.12 -20.60 -17.51
N HIS E 89 -58.03 -21.31 -17.86
CA HIS E 89 -58.00 -22.03 -19.12
C HIS E 89 -58.93 -23.24 -19.11
N ARG E 90 -59.07 -23.92 -17.97
CA ARG E 90 -60.01 -25.03 -17.89
C ARG E 90 -61.44 -24.56 -18.08
N ARG E 91 -61.81 -23.44 -17.43
CA ARG E 91 -63.07 -22.72 -17.64
C ARG E 91 -64.30 -23.63 -17.55
N THR E 92 -64.17 -24.81 -16.94
CA THR E 92 -65.30 -25.74 -16.88
C THR E 92 -65.34 -26.47 -15.53
N LYS E 93 -64.55 -26.02 -14.55
CA LYS E 93 -64.46 -26.69 -13.25
C LYS E 93 -64.03 -28.15 -13.41
N ASN E 94 -63.12 -28.40 -14.35
CA ASN E 94 -62.72 -29.77 -14.66
C ASN E 94 -61.93 -30.40 -13.53
N CYS E 95 -61.06 -29.63 -12.88
CA CYS E 95 -60.20 -30.18 -11.84
C CYS E 95 -61.02 -30.68 -10.65
N SER E 96 -60.60 -31.80 -10.09
CA SER E 96 -61.30 -32.41 -8.96
C SER E 96 -61.07 -31.60 -7.70
N ALA E 97 -61.83 -31.95 -6.65
CA ALA E 97 -61.74 -31.21 -5.39
C ALA E 97 -60.42 -31.45 -4.68
N ALA E 98 -59.89 -32.68 -4.75
CA ALA E 98 -58.67 -33.01 -4.01
C ALA E 98 -57.45 -32.21 -4.46
N PRO E 99 -57.11 -32.11 -5.75
CA PRO E 99 -55.92 -31.33 -6.11
C PRO E 99 -56.06 -29.85 -5.83
N THR E 100 -57.24 -29.28 -6.11
CA THR E 100 -57.46 -27.87 -5.82
C THR E 100 -57.35 -27.60 -4.32
N PHE E 101 -57.91 -28.50 -3.50
CA PHE E 101 -57.80 -28.35 -2.06
C PHE E 101 -56.34 -28.43 -1.60
N LEU E 102 -55.58 -29.37 -2.17
CA LEU E 102 -54.18 -29.48 -1.79
C LEU E 102 -53.39 -28.24 -2.14
N LEU E 103 -53.58 -27.71 -3.36
CA LEU E 103 -52.89 -26.50 -3.76
C LEU E 103 -53.29 -25.30 -2.90
N LEU E 104 -54.59 -25.15 -2.61
CA LEU E 104 -55.02 -24.05 -1.77
C LEU E 104 -54.43 -24.16 -0.38
N SER E 105 -54.41 -25.38 0.18
CA SER E 105 -53.80 -25.58 1.49
C SER E 105 -52.33 -25.21 1.49
N SER E 106 -51.60 -25.64 0.45
CA SER E 106 -50.18 -25.32 0.37
C SER E 106 -49.95 -23.82 0.27
N ILE E 107 -50.74 -23.13 -0.56
CA ILE E 107 -50.57 -21.69 -0.73
C ILE E 107 -50.86 -20.95 0.57
N LEU E 108 -51.97 -21.30 1.23
CA LEU E 108 -52.32 -20.63 2.48
C LEU E 108 -51.30 -20.92 3.57
N GLY E 109 -50.80 -22.16 3.64
CA GLY E 109 -49.80 -22.49 4.65
C GLY E 109 -48.50 -21.74 4.44
N ARG E 110 -48.07 -21.62 3.18
CA ARG E 110 -46.85 -20.87 2.91
C ARG E 110 -47.04 -19.37 3.18
N ALA E 111 -48.25 -18.85 2.90
CA ALA E 111 -48.49 -17.43 3.10
C ALA E 111 -48.62 -17.07 4.58
N ALA E 112 -49.19 -17.95 5.38
CA ALA E 112 -49.52 -17.64 6.77
C ALA E 112 -48.32 -17.59 7.70
N VAL E 113 -47.11 -17.79 7.19
CA VAL E 113 -45.93 -17.78 8.07
C VAL E 113 -45.71 -16.40 8.68
N ALA E 114 -45.72 -15.36 7.83
CA ALA E 114 -45.51 -14.00 8.32
C ALA E 114 -46.61 -13.52 9.25
N PRO E 115 -47.91 -13.68 8.95
CA PRO E 115 -48.92 -13.28 9.91
C PRO E 115 -48.80 -13.98 11.25
N VAL E 116 -48.44 -15.27 11.24
CA VAL E 116 -48.35 -16.02 12.48
C VAL E 116 -47.22 -15.50 13.35
N THR E 117 -46.04 -15.25 12.77
CA THR E 117 -44.94 -14.74 13.58
C THR E 117 -45.18 -13.31 14.02
N TRP E 118 -45.84 -12.49 13.18
CA TRP E 118 -46.19 -11.14 13.61
C TRP E 118 -47.15 -11.18 14.79
N SER E 119 -48.16 -12.05 14.73
CA SER E 119 -49.10 -12.18 15.84
C SER E 119 -48.41 -12.70 17.09
N VAL E 120 -47.47 -13.64 16.93
CA VAL E 120 -46.72 -14.17 18.07
C VAL E 120 -45.93 -13.07 18.75
N ILE E 121 -45.23 -12.26 17.95
CA ILE E 121 -44.45 -11.16 18.52
C ILE E 121 -45.35 -10.17 19.22
N SER E 122 -46.48 -9.82 18.59
CA SER E 122 -47.39 -8.86 19.19
C SER E 122 -47.96 -9.37 20.50
N LEU E 123 -48.33 -10.66 20.55
CA LEU E 123 -48.85 -11.24 21.78
C LEU E 123 -47.79 -11.29 22.87
N LEU E 124 -46.56 -11.65 22.51
CA LEU E 124 -45.50 -11.73 23.52
C LEU E 124 -45.10 -10.35 24.03
N ARG E 125 -45.29 -9.31 23.21
CA ARG E 125 -45.06 -7.96 23.71
C ARG E 125 -46.02 -7.62 24.83
N GLY E 126 -47.30 -7.94 24.66
CA GLY E 126 -48.29 -7.76 25.69
C GLY E 126 -49.01 -6.42 25.67
N GLU E 127 -48.49 -5.43 24.96
CA GLU E 127 -49.10 -4.10 24.98
C GLU E 127 -50.48 -4.13 24.34
N ALA E 128 -50.61 -4.76 23.18
CA ALA E 128 -51.89 -4.78 22.48
C ALA E 128 -52.96 -5.50 23.30
N TYR E 129 -52.61 -6.63 23.90
CA TYR E 129 -53.62 -7.40 24.64
C TYR E 129 -54.06 -6.67 25.90
N VAL E 130 -53.13 -6.08 26.65
CA VAL E 130 -53.52 -5.35 27.84
C VAL E 130 -54.35 -4.13 27.47
N CYS E 131 -53.98 -3.44 26.39
CA CYS E 131 -54.77 -2.30 25.94
C CYS E 131 -56.18 -2.74 25.56
N ALA E 132 -56.31 -3.90 24.91
CA ALA E 132 -57.61 -4.35 24.44
C ALA E 132 -58.48 -4.85 25.59
N LEU E 133 -57.89 -5.49 26.59
CA LEU E 133 -58.65 -6.17 27.63
C LEU E 133 -58.62 -5.45 28.97
N SER E 134 -58.09 -4.23 29.05
CA SER E 134 -58.09 -3.51 30.30
C SER E 134 -59.51 -3.21 30.77
N GLU E 135 -60.40 -2.83 29.85
CA GLU E 135 -61.75 -2.42 30.24
C GLU E 135 -62.63 -3.57 30.68
N PHE E 136 -62.25 -4.81 30.42
CA PHE E 136 -63.06 -5.97 30.77
C PHE E 136 -62.64 -6.64 32.07
N VAL E 137 -61.65 -6.08 32.76
CA VAL E 137 -61.20 -6.67 34.02
C VAL E 137 -62.31 -6.52 35.07
N ASP E 138 -62.62 -7.61 35.75
CA ASP E 138 -63.67 -7.59 36.77
C ASP E 138 -63.13 -6.95 38.04
N PRO E 139 -63.73 -5.85 38.52
CA PRO E 139 -63.27 -5.25 39.78
C PRO E 139 -63.38 -6.18 40.97
N SER E 140 -64.38 -7.07 40.98
CA SER E 140 -64.55 -7.99 42.10
C SER E 140 -63.37 -8.94 42.22
N SER E 141 -62.85 -9.43 41.09
CA SER E 141 -61.73 -10.36 41.10
C SER E 141 -60.41 -9.70 41.46
N LEU E 142 -60.36 -8.37 41.53
CA LEU E 142 -59.12 -7.68 41.88
C LEU E 142 -58.71 -8.00 43.31
N THR E 143 -57.40 -8.09 43.53
CA THR E 143 -56.84 -8.51 44.80
C THR E 143 -55.53 -7.76 45.02
N ALA E 144 -54.70 -8.27 45.93
CA ALA E 144 -53.37 -7.75 46.25
C ALA E 144 -53.42 -6.36 46.88
N ARG E 145 -54.56 -5.99 47.46
CA ARG E 145 -54.78 -4.69 48.07
C ARG E 145 -56.16 -4.69 48.70
N GLU E 146 -56.36 -3.82 49.67
CA GLU E 146 -57.69 -3.66 50.25
C GLU E 146 -58.64 -3.09 49.20
N GLU E 147 -59.93 -3.29 49.44
CA GLU E 147 -60.96 -2.95 48.44
C GLU E 147 -61.11 -1.44 48.38
N HIS E 148 -60.18 -0.80 47.68
CA HIS E 148 -60.20 0.63 47.43
C HIS E 148 -60.71 1.00 46.05
N PHE E 149 -61.11 0.01 45.24
CA PHE E 149 -61.49 0.28 43.87
C PHE E 149 -62.91 0.85 43.84
N PRO E 150 -63.11 2.07 43.32
CA PRO E 150 -64.46 2.62 43.25
C PRO E 150 -65.31 1.87 42.24
N SER E 151 -66.63 1.88 42.49
CA SER E 151 -67.60 1.33 41.56
C SER E 151 -68.37 2.43 40.83
N ALA E 152 -67.94 3.69 40.95
CA ALA E 152 -68.61 4.78 40.27
C ALA E 152 -68.51 4.62 38.75
N HIS E 153 -67.30 4.73 38.21
CA HIS E 153 -67.04 4.50 36.79
C HIS E 153 -65.91 3.46 36.74
N ALA E 154 -66.26 2.18 36.89
CA ALA E 154 -65.24 1.15 36.91
C ALA E 154 -64.59 0.98 35.55
N THR E 155 -65.41 0.93 34.49
CA THR E 155 -64.90 0.67 33.15
C THR E 155 -63.92 1.76 32.71
N GLU E 156 -64.22 3.02 33.02
CA GLU E 156 -63.38 4.11 32.56
C GLU E 156 -61.99 4.07 33.20
N ILE E 157 -61.92 3.84 34.53
CA ILE E 157 -60.62 3.75 35.18
C ILE E 157 -59.86 2.53 34.69
N LEU E 158 -60.56 1.39 34.54
CA LEU E 158 -59.90 0.19 34.05
C LEU E 158 -59.32 0.42 32.67
N ALA E 159 -60.07 1.11 31.79
CA ALA E 159 -59.58 1.42 30.45
C ALA E 159 -58.46 2.45 30.48
N ARG E 160 -58.45 3.33 31.47
CA ARG E 160 -57.40 4.34 31.56
C ARG E 160 -56.13 3.82 32.22
N PHE E 161 -56.15 2.60 32.76
CA PHE E 161 -54.93 2.04 33.35
C PHE E 161 -53.71 2.06 32.44
N PRO E 162 -53.77 1.65 31.16
CA PRO E 162 -52.54 1.55 30.37
C PRO E 162 -51.78 2.87 30.20
N CYS E 163 -52.48 4.01 30.12
CA CYS E 163 -51.83 5.28 29.83
C CYS E 163 -51.26 5.97 31.06
N LYS E 164 -50.97 5.22 32.13
CA LYS E 164 -50.43 5.74 33.39
C LYS E 164 -51.39 6.68 34.10
N GLU E 165 -52.60 6.85 33.59
CA GLU E 165 -53.58 7.75 34.22
C GLU E 165 -54.36 7.01 35.30
N ASN E 166 -53.61 6.44 36.23
CA ASN E 166 -54.15 5.71 37.35
C ASN E 166 -54.00 6.54 38.62
N PRO E 167 -55.07 6.75 39.38
CA PRO E 167 -54.93 7.48 40.65
C PRO E 167 -53.98 6.75 41.60
N ASP E 168 -53.23 7.55 42.37
CA ASP E 168 -52.21 6.99 43.25
C ASP E 168 -52.80 6.06 44.29
N ASN E 169 -54.06 6.28 44.70
CA ASN E 169 -54.72 5.37 45.61
C ASN E 169 -54.98 4.00 44.98
N LEU E 170 -54.97 3.91 43.64
CA LEU E 170 -55.12 2.65 42.93
C LEU E 170 -53.81 2.20 42.27
N SER E 171 -52.68 2.69 42.77
CA SER E 171 -51.39 2.34 42.20
C SER E 171 -51.11 0.85 42.27
N ASP E 172 -51.60 0.18 43.33
CA ASP E 172 -51.42 -1.26 43.42
C ASP E 172 -52.35 -2.00 42.46
N PHE E 173 -53.58 -1.51 42.31
CA PHE E 173 -54.52 -2.17 41.40
C PHE E 173 -54.02 -2.13 39.96
N ARG E 174 -53.46 -0.99 39.55
CA ARG E 174 -52.97 -0.87 38.18
C ARG E 174 -51.94 -1.96 37.88
N GLU E 175 -50.98 -2.13 38.79
CA GLU E 175 -49.96 -3.16 38.61
C GLU E 175 -50.57 -4.57 38.69
N GLU E 176 -51.55 -4.75 39.57
CA GLU E 176 -52.25 -6.03 39.66
C GLU E 176 -52.86 -6.42 38.33
N VAL E 177 -53.41 -5.45 37.60
CA VAL E 177 -53.99 -5.73 36.29
C VAL E 177 -52.90 -5.87 35.22
N SER E 178 -51.83 -5.07 35.34
CA SER E 178 -50.76 -5.10 34.35
C SER E 178 -50.06 -6.45 34.33
N ARG E 179 -49.84 -7.04 35.51
CA ARG E 179 -49.19 -8.34 35.56
C ARG E 179 -50.12 -9.48 35.18
N ARG E 180 -51.44 -9.26 35.22
CA ARG E 180 -52.39 -10.30 34.86
C ARG E 180 -52.62 -10.36 33.35
N LEU E 181 -53.04 -9.24 32.77
CA LEU E 181 -53.37 -9.22 31.34
C LEU E 181 -52.15 -9.53 30.49
N ARG E 182 -51.00 -8.96 30.84
CA ARG E 182 -49.77 -9.28 30.14
C ARG E 182 -49.44 -10.76 30.23
N TYR E 183 -49.66 -11.36 31.40
CA TYR E 183 -49.47 -12.80 31.54
C TYR E 183 -50.34 -13.56 30.55
N GLU E 184 -51.62 -13.19 30.47
CA GLU E 184 -52.51 -13.87 29.53
C GLU E 184 -52.01 -13.71 28.09
N SER E 185 -51.56 -12.50 27.74
CA SER E 185 -51.01 -12.26 26.42
C SER E 185 -49.85 -13.20 26.11
N GLN E 186 -48.87 -13.24 27.01
CA GLN E 186 -47.69 -14.08 26.80
C GLN E 186 -48.05 -15.56 26.75
N LEU E 187 -48.99 -15.98 27.61
CA LEU E 187 -49.47 -17.35 27.59
C LEU E 187 -50.06 -17.70 26.22
N PHE E 188 -50.89 -16.81 25.68
CA PHE E 188 -51.46 -17.03 24.35
C PHE E 188 -50.37 -17.11 23.29
N GLY E 189 -49.36 -16.24 23.39
CA GLY E 189 -48.26 -16.30 22.44
C GLY E 189 -47.53 -17.64 22.47
N TRP E 190 -47.23 -18.13 23.67
CA TRP E 190 -46.54 -19.40 23.80
C TRP E 190 -47.41 -20.57 23.33
N LEU E 191 -48.72 -20.51 23.58
CA LEU E 191 -49.61 -21.55 23.07
C LEU E 191 -49.66 -21.52 21.55
N LEU E 192 -49.64 -20.32 20.97
CA LEU E 192 -49.61 -20.21 19.51
C LEU E 192 -48.34 -20.83 18.94
N ILE E 193 -47.18 -20.54 19.55
CA ILE E 193 -45.96 -21.16 19.05
C ILE E 193 -46.02 -22.67 19.17
N GLY E 194 -46.57 -23.17 20.29
CA GLY E 194 -46.68 -24.62 20.44
C GLY E 194 -47.58 -25.25 19.38
N VAL E 195 -48.74 -24.64 19.12
CA VAL E 195 -49.67 -25.18 18.14
C VAL E 195 -49.07 -25.13 16.75
N VAL E 196 -48.43 -24.01 16.40
CA VAL E 196 -47.81 -23.88 15.08
C VAL E 196 -46.73 -24.93 14.89
N ALA E 197 -45.88 -25.12 15.91
CA ALA E 197 -44.85 -26.15 15.81
C ALA E 197 -45.46 -27.54 15.64
N ILE E 198 -46.55 -27.83 16.37
CA ILE E 198 -47.18 -29.13 16.24
C ILE E 198 -47.75 -29.32 14.83
N LEU E 199 -48.36 -28.27 14.28
CA LEU E 199 -48.90 -28.35 12.93
C LEU E 199 -47.80 -28.53 11.89
N VAL E 200 -46.70 -27.80 12.02
CA VAL E 200 -45.59 -27.96 11.09
C VAL E 200 -45.02 -29.36 11.17
N PHE E 201 -44.98 -29.95 12.35
CA PHE E 201 -44.53 -31.33 12.47
C PHE E 201 -45.52 -32.30 11.82
N LEU E 202 -46.81 -32.15 12.12
CA LEU E 202 -47.80 -33.11 11.67
C LEU E 202 -47.98 -33.05 10.15
N THR E 203 -48.04 -31.83 9.60
CA THR E 203 -48.23 -31.67 8.16
C THR E 203 -47.12 -32.34 7.38
N LYS E 204 -45.87 -32.12 7.79
CA LYS E 204 -44.74 -32.77 7.11
C LYS E 204 -44.79 -34.28 7.31
N CYS E 205 -45.12 -34.73 8.52
CA CYS E 205 -45.20 -36.17 8.78
C CYS E 205 -46.25 -36.84 7.91
N LEU E 206 -47.31 -36.12 7.56
CA LEU E 206 -48.31 -36.65 6.64
C LEU E 206 -47.92 -36.48 5.17
N LYS E 207 -47.22 -35.39 4.85
CA LYS E 207 -46.79 -35.16 3.48
C LYS E 207 -45.82 -36.23 3.03
N HIS E 208 -44.88 -36.62 3.88
CA HIS E 208 -43.98 -37.71 3.50
C HIS E 208 -44.68 -39.06 3.54
N TYR E 209 -45.67 -39.24 4.41
CA TYR E 209 -46.33 -40.53 4.55
C TYR E 209 -47.25 -40.82 3.38
N CYS E 210 -48.02 -39.83 2.94
CA CYS E 210 -49.01 -40.04 1.89
C CYS E 210 -48.48 -39.81 0.49
N SER E 211 -47.27 -39.26 0.35
CA SER E 211 -46.72 -39.04 -0.99
C SER E 211 -46.33 -40.38 -1.61
N PRO E 212 -46.62 -40.57 -2.90
CA PRO E 212 -46.21 -41.82 -3.57
C PRO E 212 -44.72 -41.88 -3.88
N LEU E 213 -44.00 -40.76 -3.76
CA LEU E 213 -42.58 -40.71 -4.02
C LEU E 213 -41.78 -40.81 -2.72
N SER E 214 -40.52 -41.16 -2.86
CA SER E 214 -39.60 -41.12 -1.73
C SER E 214 -39.14 -39.68 -1.48
N TYR E 215 -38.60 -39.46 -0.28
CA TYR E 215 -38.21 -38.10 0.09
C TYR E 215 -36.98 -37.64 -0.66
N ARG E 216 -36.07 -38.55 -1.01
CA ARG E 216 -34.90 -38.17 -1.79
C ARG E 216 -35.30 -37.75 -3.20
N GLN E 217 -36.23 -38.48 -3.81
CA GLN E 217 -36.71 -38.10 -5.13
C GLN E 217 -37.45 -36.76 -5.10
N GLU E 218 -38.20 -36.51 -4.02
CA GLU E 218 -38.87 -35.22 -3.89
C GLU E 218 -37.88 -34.08 -3.69
N ALA E 219 -36.78 -34.34 -2.97
CA ALA E 219 -35.73 -33.34 -2.87
C ALA E 219 -35.10 -33.05 -4.23
N TYR E 220 -34.85 -34.10 -5.01
CA TYR E 220 -34.35 -33.89 -6.38
C TYR E 220 -35.34 -33.10 -7.21
N TRP E 221 -36.63 -33.38 -7.06
CA TRP E 221 -37.66 -32.67 -7.78
C TRP E 221 -37.67 -31.19 -7.42
N ALA E 222 -37.53 -30.89 -6.13
CA ALA E 222 -37.48 -29.49 -5.69
C ALA E 222 -36.26 -28.77 -6.25
N GLN E 223 -35.11 -29.44 -6.24
CA GLN E 223 -33.91 -28.84 -6.83
C GLN E 223 -34.12 -28.56 -8.31
N TYR E 224 -34.73 -29.51 -9.02
CA TYR E 224 -35.01 -29.32 -10.44
C TYR E 224 -35.95 -28.15 -10.66
N ARG E 225 -36.99 -28.03 -9.84
CA ARG E 225 -37.93 -26.92 -10.01
C ARG E 225 -37.24 -25.58 -9.82
N ALA E 226 -36.40 -25.47 -8.79
CA ALA E 226 -35.69 -24.21 -8.57
C ALA E 226 -34.79 -23.88 -9.75
N ASN E 227 -34.01 -24.85 -10.22
CA ASN E 227 -33.10 -24.60 -11.33
C ASN E 227 -33.87 -24.24 -12.60
N GLU E 228 -34.98 -24.94 -12.86
CA GLU E 228 -35.77 -24.63 -14.04
C GLU E 228 -36.33 -23.22 -13.98
N ASP E 229 -36.84 -22.82 -12.83
CA ASP E 229 -37.40 -21.46 -12.71
C ASP E 229 -36.32 -20.42 -12.98
N GLN E 230 -35.16 -20.56 -12.35
CA GLN E 230 -34.12 -19.54 -12.52
C GLN E 230 -33.64 -19.49 -13.97
N LEU E 231 -33.39 -20.67 -14.56
CA LEU E 231 -32.89 -20.70 -15.94
C LEU E 231 -33.92 -20.15 -16.92
N PHE E 232 -35.20 -20.48 -16.71
CA PHE E 232 -36.24 -19.97 -17.60
C PHE E 232 -36.34 -18.45 -17.50
N GLN E 233 -36.27 -17.90 -16.29
CA GLN E 233 -36.30 -16.44 -16.17
C GLN E 233 -35.11 -15.79 -16.87
N ARG E 234 -33.91 -16.35 -16.67
CA ARG E 234 -32.72 -15.75 -17.29
C ARG E 234 -32.81 -15.81 -18.82
N THR E 235 -33.21 -16.95 -19.36
CA THR E 235 -33.29 -17.07 -20.81
C THR E 235 -34.42 -16.23 -21.39
N ALA E 236 -35.52 -16.06 -20.65
CA ALA E 236 -36.57 -15.17 -21.11
C ALA E 236 -36.06 -13.73 -21.19
N GLU E 237 -35.30 -13.30 -20.18
CA GLU E 237 -34.71 -11.96 -20.23
C GLU E 237 -33.80 -11.80 -21.44
N VAL E 238 -32.92 -12.78 -21.67
CA VAL E 238 -31.97 -12.68 -22.78
C VAL E 238 -32.70 -12.69 -24.13
N HIS E 239 -33.68 -13.57 -24.28
CA HIS E 239 -34.44 -13.66 -25.52
C HIS E 239 -35.20 -12.37 -25.80
N SER E 240 -35.82 -11.79 -24.77
CA SER E 240 -36.51 -10.52 -24.95
C SER E 240 -35.55 -9.41 -25.34
N ARG E 241 -34.36 -9.38 -24.72
CA ARG E 241 -33.39 -8.36 -25.08
C ARG E 241 -32.93 -8.51 -26.53
N VAL E 242 -32.70 -9.73 -26.99
CA VAL E 242 -32.25 -9.94 -28.36
C VAL E 242 -33.35 -9.55 -29.34
N LEU E 243 -34.60 -9.92 -29.05
CA LEU E 243 -35.70 -9.54 -29.94
C LEU E 243 -35.86 -8.02 -30.01
N ALA E 244 -35.77 -7.35 -28.85
CA ALA E 244 -35.87 -5.89 -28.83
C ALA E 244 -34.72 -5.26 -29.61
N ALA E 245 -33.52 -5.81 -29.50
CA ALA E 245 -32.39 -5.31 -30.27
C ALA E 245 -32.63 -5.46 -31.76
N ASN E 246 -33.19 -6.60 -32.18
CA ASN E 246 -33.50 -6.78 -33.59
C ASN E 246 -34.51 -5.75 -34.07
N ASN E 247 -35.55 -5.49 -33.27
CA ASN E 247 -36.55 -4.50 -33.67
C ASN E 247 -35.94 -3.10 -33.76
N VAL E 248 -35.11 -2.73 -32.78
CA VAL E 248 -34.49 -1.40 -32.81
C VAL E 248 -33.54 -1.28 -33.99
N ARG E 249 -32.83 -2.35 -34.33
CA ARG E 249 -31.99 -2.33 -35.53
C ARG E 249 -32.83 -2.13 -36.78
N ARG E 250 -33.98 -2.81 -36.85
CA ARG E 250 -34.87 -2.59 -37.99
C ARG E 250 -35.34 -1.14 -38.07
N PHE E 251 -35.52 -0.49 -36.92
CA PHE E 251 -35.99 0.89 -36.96
C PHE E 251 -34.87 1.86 -37.36
N PHE E 252 -33.78 1.89 -36.59
CA PHE E 252 -32.74 2.89 -36.79
C PHE E 252 -31.66 2.48 -37.79
N GLY E 253 -31.45 1.19 -38.01
CA GLY E 253 -30.37 0.71 -38.83
C GLY E 253 -29.19 0.17 -38.06
N PHE E 254 -29.15 0.40 -36.75
CA PHE E 254 -28.11 -0.15 -35.89
C PHE E 254 -28.63 -0.14 -34.46
N VAL E 255 -27.89 -0.79 -33.56
CA VAL E 255 -28.23 -0.80 -32.14
C VAL E 255 -26.99 -0.39 -31.36
N ALA E 256 -27.18 0.48 -30.37
CA ALA E 256 -26.11 0.86 -29.45
C ALA E 256 -26.11 -0.14 -28.31
N LEU E 257 -25.19 -1.09 -28.37
CA LEU E 257 -25.13 -2.19 -27.41
C LEU E 257 -23.83 -2.13 -26.62
N ASN E 258 -23.90 -2.56 -25.37
CA ASN E 258 -22.72 -2.69 -24.54
C ASN E 258 -21.97 -3.97 -24.92
N LYS E 259 -20.79 -4.15 -24.33
CA LYS E 259 -19.98 -5.33 -24.65
C LYS E 259 -20.68 -6.62 -24.27
N ASP E 260 -21.29 -6.66 -23.09
CA ASP E 260 -22.05 -7.84 -22.69
C ASP E 260 -23.27 -8.03 -23.59
N ASP E 261 -23.93 -6.93 -23.97
CA ASP E 261 -25.04 -7.02 -24.92
C ASP E 261 -24.55 -7.49 -26.29
N GLU E 262 -23.35 -7.06 -26.70
CA GLU E 262 -22.78 -7.54 -27.95
C GLU E 262 -22.54 -9.04 -27.89
N GLU E 263 -22.01 -9.53 -26.76
CA GLU E 263 -21.82 -10.96 -26.59
C GLU E 263 -23.15 -11.71 -26.62
N LEU E 264 -24.17 -11.15 -25.99
CA LEU E 264 -25.50 -11.76 -26.01
C LEU E 264 -26.03 -11.86 -27.44
N ILE E 265 -25.90 -10.78 -28.21
CA ILE E 265 -26.40 -10.79 -29.58
C ILE E 265 -25.63 -11.77 -30.44
N ALA E 266 -24.31 -11.81 -30.30
CA ALA E 266 -23.50 -12.71 -31.12
C ALA E 266 -23.77 -14.16 -30.78
N ASN E 267 -23.80 -14.50 -29.48
CA ASN E 267 -23.95 -15.89 -29.08
C ASN E 267 -25.36 -16.41 -29.32
N PHE E 268 -26.37 -15.62 -28.97
CA PHE E 268 -27.75 -16.10 -28.98
C PHE E 268 -28.57 -15.35 -30.04
N PRO E 269 -28.75 -15.92 -31.24
CA PRO E 269 -29.64 -15.29 -32.21
C PRO E 269 -31.06 -15.86 -32.13
N VAL E 270 -32.03 -14.97 -32.31
CA VAL E 270 -33.44 -15.33 -32.27
C VAL E 270 -34.04 -15.17 -33.67
N GLU E 271 -34.84 -16.14 -34.07
CA GLU E 271 -35.49 -16.12 -35.37
C GLU E 271 -36.94 -15.69 -35.31
N GLY E 272 -37.64 -16.00 -34.22
CA GLY E 272 -39.03 -15.64 -34.08
C GLY E 272 -39.48 -15.79 -32.65
N THR E 273 -40.78 -15.57 -32.45
CA THR E 273 -41.39 -15.66 -31.14
C THR E 273 -42.19 -16.96 -31.01
N GLN E 274 -42.18 -17.51 -29.80
CA GLN E 274 -42.93 -18.73 -29.55
C GLN E 274 -44.43 -18.44 -29.60
N PRO E 275 -45.23 -19.36 -30.14
CA PRO E 275 -46.67 -19.12 -30.23
C PRO E 275 -47.34 -19.11 -28.86
N ARG E 276 -48.55 -18.55 -28.84
CA ARG E 276 -49.33 -18.52 -27.61
C ARG E 276 -49.65 -19.92 -27.07
N PRO E 277 -50.08 -20.89 -27.89
CA PRO E 277 -50.31 -22.24 -27.33
C PRO E 277 -49.06 -22.87 -26.73
N GLN E 278 -47.88 -22.57 -27.28
CA GLN E 278 -46.65 -23.08 -26.69
C GLN E 278 -46.45 -22.54 -25.28
N TRP E 279 -46.74 -21.27 -25.07
CA TRP E 279 -46.71 -20.71 -23.72
C TRP E 279 -47.78 -21.32 -22.83
N ASN E 280 -48.99 -21.51 -23.36
CA ASN E 280 -50.08 -22.08 -22.57
C ASN E 280 -49.77 -23.50 -22.13
N ALA E 281 -49.02 -24.25 -22.95
CA ALA E 281 -48.73 -25.64 -22.64
C ALA E 281 -47.82 -25.81 -21.42
N ILE E 282 -47.18 -24.74 -20.95
CA ILE E 282 -46.25 -24.83 -19.83
C ILE E 282 -46.72 -24.05 -18.61
N THR E 283 -47.90 -23.43 -18.67
CA THR E 283 -48.44 -22.66 -17.54
C THR E 283 -49.60 -23.41 -16.92
N GLY E 284 -49.53 -23.64 -15.62
CA GLY E 284 -50.59 -24.31 -14.91
C GLY E 284 -50.01 -25.11 -13.76
N VAL E 285 -50.83 -25.98 -13.19
CA VAL E 285 -50.42 -26.87 -12.11
C VAL E 285 -50.04 -28.22 -12.70
N TYR E 286 -49.05 -28.84 -12.08
CA TYR E 286 -48.53 -30.13 -12.52
C TYR E 286 -48.43 -31.06 -11.32
N LEU E 287 -48.89 -32.32 -11.49
CA LEU E 287 -48.82 -33.31 -10.42
C LEU E 287 -48.18 -34.59 -10.97
N TYR E 288 -46.86 -34.60 -11.07
CA TYR E 288 -46.02 -35.78 -11.25
C TYR E 288 -46.61 -36.88 -12.14
N ARG E 289 -46.85 -36.59 -13.41
CA ARG E 289 -47.13 -37.70 -14.30
C ARG E 289 -45.85 -38.43 -14.68
N GLU E 290 -46.02 -39.67 -15.13
CA GLU E 290 -44.90 -40.53 -15.49
C GLU E 290 -45.16 -41.11 -16.88
N ASN E 291 -44.16 -41.05 -17.75
CA ASN E 291 -44.29 -41.52 -19.13
C ASN E 291 -43.30 -42.65 -19.37
N GLN E 292 -43.83 -43.83 -19.71
CA GLN E 292 -43.01 -45.00 -20.04
C GLN E 292 -42.04 -45.34 -18.91
N GLY E 293 -42.49 -45.21 -17.67
CA GLY E 293 -41.66 -45.51 -16.53
C GLY E 293 -40.61 -44.47 -16.22
N LEU E 294 -40.61 -43.33 -16.91
CA LEU E 294 -39.65 -42.28 -16.68
C LEU E 294 -40.34 -41.05 -16.10
N PRO E 295 -39.85 -40.51 -15.00
CA PRO E 295 -40.53 -39.38 -14.37
C PRO E 295 -40.47 -38.12 -15.21
N LEU E 296 -41.53 -37.32 -15.12
CA LEU E 296 -41.59 -35.98 -15.69
C LEU E 296 -41.85 -35.01 -14.54
N TYR E 297 -41.00 -33.99 -14.42
CA TYR E 297 -40.97 -33.17 -13.21
C TYR E 297 -41.63 -31.81 -13.39
N SER E 298 -41.99 -31.43 -14.60
CA SER E 298 -42.71 -30.18 -14.83
C SER E 298 -43.38 -30.24 -16.19
N ARG E 299 -44.34 -29.35 -16.41
CA ARG E 299 -45.01 -29.33 -17.71
C ARG E 299 -44.13 -28.72 -18.78
N LEU E 300 -43.08 -27.98 -18.42
CA LEU E 300 -42.06 -27.63 -19.39
C LEU E 300 -41.28 -28.88 -19.83
N HIS E 301 -40.92 -29.73 -18.88
CA HIS E 301 -40.28 -31.00 -19.21
C HIS E 301 -41.21 -31.89 -20.02
N LYS E 302 -42.49 -31.94 -19.63
CA LYS E 302 -43.47 -32.74 -20.36
C LYS E 302 -43.66 -32.21 -21.78
N TRP E 303 -43.69 -30.89 -21.94
CA TRP E 303 -43.77 -30.29 -23.27
C TRP E 303 -42.53 -30.60 -24.10
N ALA E 304 -41.35 -30.51 -23.49
CA ALA E 304 -40.12 -30.78 -24.23
C ALA E 304 -40.07 -32.23 -24.69
N GLN E 305 -40.58 -33.15 -23.88
CA GLN E 305 -40.67 -34.54 -24.30
C GLN E 305 -41.66 -34.74 -25.45
N GLY E 306 -42.51 -33.77 -25.73
CA GLY E 306 -43.48 -33.89 -26.80
C GLY E 306 -44.85 -34.37 -26.39
N LEU E 307 -45.16 -34.35 -25.10
CA LEU E 307 -46.42 -34.89 -24.59
C LEU E 307 -47.46 -33.81 -24.33
N ALA E 308 -47.15 -32.55 -24.61
CA ALA E 308 -48.10 -31.46 -24.38
C ALA E 308 -48.73 -30.93 -25.65
N GLY E 309 -47.96 -30.85 -26.74
CA GLY E 309 -48.49 -30.37 -28.01
C GLY E 309 -49.34 -31.40 -28.74
N ASP E 315 -57.28 -24.14 -37.20
CA ASP E 315 -58.70 -24.23 -37.48
C ASP E 315 -59.43 -22.95 -37.06
N ASN E 316 -59.36 -22.64 -35.76
CA ASN E 316 -59.97 -21.45 -35.20
C ASN E 316 -58.88 -20.44 -34.86
N VAL E 317 -59.05 -19.20 -35.33
CA VAL E 317 -58.08 -18.14 -35.13
C VAL E 317 -58.67 -17.12 -34.17
N GLU E 318 -57.91 -16.78 -33.13
CA GLU E 318 -58.34 -15.83 -32.12
C GLU E 318 -57.37 -14.67 -32.04
N MET E 319 -57.88 -13.53 -31.57
CA MET E 319 -57.12 -12.30 -31.33
C MET E 319 -56.10 -12.02 -32.43
N ALA E 320 -56.56 -12.13 -33.68
CA ALA E 320 -55.71 -11.86 -34.82
C ALA E 320 -55.62 -10.35 -35.08
N LEU E 321 -54.52 -9.95 -35.71
CA LEU E 321 -54.33 -8.53 -36.02
C LEU E 321 -55.24 -8.07 -37.14
N LEU E 322 -55.35 -8.86 -38.19
CA LEU E 322 -56.12 -8.55 -39.39
C LEU E 322 -56.99 -9.74 -39.76
N PRO E 323 -58.03 -9.54 -40.57
CA PRO E 323 -58.91 -10.66 -40.91
C PRO E 323 -58.19 -11.74 -41.72
N SER E 324 -58.91 -12.80 -42.08
CA SER E 324 -58.34 -13.81 -42.95
C SER E 324 -57.88 -13.18 -44.26
N ALA E 325 -56.90 -13.84 -44.90
CA ALA E 325 -56.33 -13.31 -46.14
C ALA E 325 -57.40 -13.06 -47.19
N LEU E 326 -58.46 -13.88 -47.19
CA LEU E 326 -59.59 -13.66 -48.08
C LEU E 326 -60.26 -12.31 -47.81
N GLU E 327 -60.43 -11.96 -46.54
CA GLU E 327 -61.00 -10.65 -46.22
C GLU E 327 -60.00 -9.53 -46.45
N VAL E 328 -58.70 -9.79 -46.25
CA VAL E 328 -57.69 -8.78 -46.53
C VAL E 328 -57.67 -8.44 -48.02
N LEU E 329 -57.93 -9.43 -48.88
CA LEU E 329 -57.98 -9.16 -50.31
C LEU E 329 -59.03 -8.11 -50.65
N PHE E 330 -60.14 -8.08 -49.93
CA PHE E 330 -61.15 -7.03 -50.16
C PHE E 330 -60.98 -5.87 -49.19
N PHE F 40 -35.13 -10.57 21.53
CA PHE F 40 -34.46 -11.17 22.67
C PHE F 40 -35.06 -10.67 23.98
N SER F 41 -35.30 -9.36 24.06
CA SER F 41 -36.00 -8.81 25.22
C SER F 41 -37.47 -9.21 25.23
N VAL F 42 -38.00 -9.67 24.09
CA VAL F 42 -39.39 -10.11 24.03
C VAL F 42 -39.60 -11.35 24.88
N VAL F 43 -38.62 -12.25 24.89
CA VAL F 43 -38.78 -13.58 25.49
C VAL F 43 -38.27 -13.50 26.94
N ALA F 44 -38.04 -12.28 27.42
CA ALA F 44 -37.61 -12.09 28.79
C ALA F 44 -38.68 -12.57 29.76
N PHE F 45 -38.24 -13.23 30.83
CA PHE F 45 -39.17 -13.82 31.79
C PHE F 45 -39.84 -12.73 32.61
N HIS F 46 -41.16 -12.86 32.78
CA HIS F 46 -41.96 -11.91 33.56
C HIS F 46 -42.92 -12.75 34.42
N CYS F 47 -42.61 -12.86 35.71
CA CYS F 47 -43.39 -13.71 36.60
C CYS F 47 -44.71 -13.05 36.95
N PRO F 48 -45.85 -13.68 36.66
CA PRO F 48 -47.12 -13.15 37.17
C PRO F 48 -47.32 -13.54 38.63
N CYS F 49 -47.18 -12.58 39.54
CA CYS F 49 -47.26 -12.88 40.96
C CYS F 49 -48.72 -13.03 41.37
N SER F 50 -49.23 -14.25 41.17
CA SER F 50 -50.60 -14.59 41.52
C SER F 50 -50.66 -16.09 41.80
N PRO F 51 -51.43 -16.51 42.81
CA PRO F 51 -51.53 -17.94 43.09
C PRO F 51 -52.18 -18.71 41.96
N ALA F 52 -51.76 -19.95 41.79
CA ALA F 52 -52.28 -20.87 40.77
C ALA F 52 -52.12 -20.32 39.35
N ARG F 53 -51.27 -19.31 39.19
CA ARG F 53 -51.16 -18.62 37.91
C ARG F 53 -49.70 -18.49 37.49
N ASN F 54 -48.80 -18.39 38.45
CA ASN F 54 -47.38 -18.24 38.15
C ASN F 54 -46.75 -19.55 37.69
N TYR F 55 -47.15 -20.68 38.28
CA TYR F 55 -46.57 -21.95 37.86
C TYR F 55 -47.05 -22.36 36.48
N LEU F 56 -48.29 -22.01 36.11
CA LEU F 56 -48.74 -22.24 34.76
C LEU F 56 -47.92 -21.44 33.75
N TYR F 57 -47.64 -20.18 34.07
CA TYR F 57 -46.81 -19.36 33.19
C TYR F 57 -45.40 -19.92 33.07
N GLY F 58 -44.82 -20.34 34.20
CA GLY F 58 -43.50 -20.93 34.15
C GLY F 58 -43.47 -22.21 33.32
N LEU F 59 -44.46 -23.08 33.53
CA LEU F 59 -44.56 -24.31 32.76
C LEU F 59 -44.65 -24.03 31.27
N ALA F 60 -45.50 -23.07 30.89
CA ALA F 60 -45.62 -22.73 29.47
C ALA F 60 -44.32 -22.17 28.92
N ALA F 61 -43.78 -21.14 29.58
CA ALA F 61 -42.61 -20.43 29.09
C ALA F 61 -41.35 -21.28 29.10
N ILE F 62 -41.33 -22.39 29.82
CA ILE F 62 -40.19 -23.30 29.79
C ILE F 62 -40.42 -24.47 28.85
N GLY F 63 -41.60 -25.11 28.93
CA GLY F 63 -41.85 -26.27 28.10
C GLY F 63 -41.99 -25.95 26.63
N VAL F 64 -42.68 -24.85 26.29
CA VAL F 64 -42.92 -24.53 24.88
C VAL F 64 -41.63 -24.33 24.11
N PRO F 65 -40.63 -23.57 24.61
CA PRO F 65 -39.34 -23.58 23.91
C PRO F 65 -38.69 -24.95 23.83
N ALA F 66 -38.83 -25.76 24.89
CA ALA F 66 -38.29 -27.11 24.86
C ALA F 66 -39.00 -27.96 23.82
N LEU F 67 -40.33 -27.85 23.75
CA LEU F 67 -41.09 -28.59 22.75
C LEU F 67 -40.72 -28.16 21.34
N VAL F 68 -40.53 -26.85 21.14
CA VAL F 68 -40.15 -26.35 19.82
C VAL F 68 -38.78 -26.88 19.43
N LEU F 69 -37.83 -26.86 20.36
CA LEU F 69 -36.49 -27.38 20.07
C LEU F 69 -36.53 -28.87 19.78
N PHE F 70 -37.34 -29.62 20.52
CA PHE F 70 -37.51 -31.05 20.25
C PHE F 70 -38.09 -31.29 18.86
N ILE F 71 -39.10 -30.50 18.48
CA ILE F 71 -39.70 -30.65 17.17
C ILE F 71 -38.70 -30.32 16.08
N ILE F 72 -37.90 -29.26 16.26
CA ILE F 72 -36.89 -28.90 15.28
C ILE F 72 -35.85 -30.00 15.15
N GLY F 73 -35.42 -30.56 16.28
CA GLY F 73 -34.46 -31.65 16.22
C GLY F 73 -35.00 -32.88 15.52
N ILE F 74 -36.29 -33.19 15.74
CA ILE F 74 -36.90 -34.31 15.03
C ILE F 74 -36.97 -34.02 13.54
N ILE F 75 -37.40 -32.81 13.17
CA ILE F 75 -37.63 -32.50 11.76
C ILE F 75 -36.32 -32.49 10.98
N LEU F 76 -35.28 -31.85 11.54
CA LEU F 76 -34.03 -31.67 10.79
C LEU F 76 -33.32 -33.00 10.55
N ASN F 77 -33.49 -33.96 11.44
CA ASN F 77 -32.84 -35.26 11.26
C ASN F 77 -33.44 -35.97 10.05
N ASN F 78 -32.58 -36.64 9.28
CA ASN F 78 -33.02 -37.40 8.12
C ASN F 78 -33.32 -38.86 8.44
N HIS F 79 -33.05 -39.32 9.66
CA HIS F 79 -33.35 -40.70 10.02
C HIS F 79 -34.83 -40.91 10.28
N THR F 80 -35.51 -39.90 10.84
CA THR F 80 -36.95 -40.01 10.98
C THR F 80 -37.62 -40.12 9.62
N TRP F 81 -37.09 -39.45 8.61
CA TRP F 81 -37.75 -39.44 7.31
C TRP F 81 -37.57 -40.76 6.58
N ASN F 82 -36.38 -41.38 6.65
CA ASN F 82 -36.29 -42.68 6.00
C ASN F 82 -36.94 -43.78 6.84
N LEU F 83 -37.07 -43.56 8.16
CA LEU F 83 -37.92 -44.44 8.95
C LEU F 83 -39.38 -44.36 8.50
N VAL F 84 -39.87 -43.13 8.26
CA VAL F 84 -41.23 -42.95 7.74
C VAL F 84 -41.35 -43.58 6.36
N ALA F 85 -40.33 -43.44 5.53
CA ALA F 85 -40.34 -44.05 4.20
C ALA F 85 -40.40 -45.57 4.29
N GLU F 86 -39.69 -46.14 5.25
CA GLU F 86 -39.75 -47.59 5.45
C GLU F 86 -41.16 -48.01 5.88
N CYS F 87 -41.73 -47.32 6.86
CA CYS F 87 -43.09 -47.64 7.29
C CYS F 87 -44.10 -47.44 6.17
N GLN F 88 -43.81 -46.53 5.24
CA GLN F 88 -44.71 -46.28 4.12
C GLN F 88 -44.61 -47.39 3.07
N HIS F 89 -43.41 -47.63 2.55
CA HIS F 89 -43.27 -48.58 1.45
C HIS F 89 -43.49 -50.01 1.91
N ARG F 90 -43.08 -50.35 3.14
CA ARG F 90 -43.35 -51.70 3.64
C ARG F 90 -44.85 -51.94 3.80
N ARG F 91 -45.58 -50.96 4.35
CA ARG F 91 -47.04 -50.93 4.39
C ARG F 91 -47.65 -52.21 4.95
N THR F 92 -46.87 -53.02 5.68
CA THR F 92 -47.38 -54.28 6.19
C THR F 92 -46.84 -54.58 7.60
N LYS F 93 -46.19 -53.60 8.23
CA LYS F 93 -45.56 -53.79 9.55
C LYS F 93 -44.53 -54.92 9.50
N ASN F 94 -43.79 -54.99 8.38
CA ASN F 94 -42.86 -56.09 8.18
C ASN F 94 -41.67 -56.01 9.14
N CYS F 95 -41.18 -54.80 9.39
CA CYS F 95 -39.98 -54.65 10.22
C CYS F 95 -40.25 -55.10 11.65
N SER F 96 -39.24 -55.75 12.23
CA SER F 96 -39.36 -56.27 13.59
C SER F 96 -39.32 -55.13 14.60
N ALA F 97 -39.61 -55.47 15.86
CA ALA F 97 -39.66 -54.48 16.91
C ALA F 97 -38.28 -53.93 17.25
N ALA F 98 -37.26 -54.79 17.23
CA ALA F 98 -35.92 -54.37 17.63
C ALA F 98 -35.33 -53.27 16.74
N PRO F 99 -35.31 -53.39 15.40
CA PRO F 99 -34.72 -52.31 14.61
C PRO F 99 -35.51 -51.01 14.70
N THR F 100 -36.84 -51.09 14.67
CA THR F 100 -37.64 -49.87 14.80
C THR F 100 -37.41 -49.20 16.14
N PHE F 101 -37.32 -50.00 17.21
CA PHE F 101 -37.04 -49.44 18.53
C PHE F 101 -35.66 -48.78 18.56
N LEU F 102 -34.66 -49.41 17.96
CA LEU F 102 -33.33 -48.82 17.94
C LEU F 102 -33.30 -47.50 17.19
N LEU F 103 -33.94 -47.45 16.02
CA LEU F 103 -33.99 -46.21 15.26
C LEU F 103 -34.75 -45.12 16.00
N LEU F 104 -35.89 -45.46 16.61
CA LEU F 104 -36.64 -44.46 17.36
C LEU F 104 -35.82 -43.94 18.54
N SER F 105 -35.13 -44.84 19.24
CA SER F 105 -34.28 -44.41 20.35
C SER F 105 -33.18 -43.47 19.87
N SER F 106 -32.54 -43.81 18.75
CA SER F 106 -31.48 -42.94 18.22
C SER F 106 -32.03 -41.57 17.84
N ILE F 107 -33.17 -41.53 17.16
CA ILE F 107 -33.75 -40.26 16.73
C ILE F 107 -34.11 -39.40 17.93
N LEU F 108 -34.78 -40.00 18.93
CA LEU F 108 -35.18 -39.24 20.11
C LEU F 108 -33.96 -38.76 20.90
N GLY F 109 -32.93 -39.61 21.02
CA GLY F 109 -31.75 -39.19 21.74
C GLY F 109 -31.01 -38.06 21.06
N ARG F 110 -30.92 -38.10 19.73
CA ARG F 110 -30.28 -37.01 19.01
C ARG F 110 -31.11 -35.73 19.10
N ALA F 111 -32.44 -35.85 19.09
CA ALA F 111 -33.29 -34.67 19.13
C ALA F 111 -33.32 -34.02 20.51
N ALA F 112 -33.23 -34.82 21.58
CA ALA F 112 -33.42 -34.32 22.93
C ALA F 112 -32.24 -33.53 23.47
N VAL F 113 -31.19 -33.32 22.67
CA VAL F 113 -30.03 -32.58 23.17
C VAL F 113 -30.39 -31.13 23.48
N ALA F 114 -31.05 -30.46 22.53
CA ALA F 114 -31.42 -29.05 22.72
C ALA F 114 -32.43 -28.86 23.84
N PRO F 115 -33.53 -29.63 23.93
CA PRO F 115 -34.43 -29.45 25.08
C PRO F 115 -33.74 -29.66 26.42
N VAL F 116 -32.82 -30.62 26.50
CA VAL F 116 -32.16 -30.90 27.77
C VAL F 116 -31.28 -29.73 28.20
N THR F 117 -30.49 -29.18 27.28
CA THR F 117 -29.63 -28.07 27.65
C THR F 117 -30.46 -26.80 27.92
N TRP F 118 -31.54 -26.59 27.18
CA TRP F 118 -32.42 -25.47 27.49
C TRP F 118 -33.02 -25.59 28.89
N SER F 119 -33.49 -26.79 29.24
CA SER F 119 -34.03 -27.00 30.58
C SER F 119 -32.97 -26.84 31.64
N VAL F 120 -31.74 -27.29 31.36
CA VAL F 120 -30.64 -27.14 32.32
C VAL F 120 -30.36 -25.66 32.57
N ILE F 121 -30.28 -24.88 31.50
CA ILE F 121 -30.03 -23.45 31.65
C ILE F 121 -31.16 -22.77 32.41
N SER F 122 -32.41 -23.12 32.08
CA SER F 122 -33.55 -22.51 32.76
C SER F 122 -33.56 -22.86 34.25
N LEU F 123 -33.25 -24.11 34.59
CA LEU F 123 -33.21 -24.51 35.99
C LEU F 123 -32.07 -23.82 36.73
N LEU F 124 -30.90 -23.70 36.10
CA LEU F 124 -29.78 -23.06 36.77
C LEU F 124 -30.00 -21.56 36.93
N ARG F 125 -30.80 -20.95 36.05
CA ARG F 125 -31.15 -19.55 36.25
C ARG F 125 -31.95 -19.36 37.53
N GLY F 126 -32.92 -20.23 37.78
CA GLY F 126 -33.69 -20.22 39.00
C GLY F 126 -34.94 -19.38 38.99
N GLU F 127 -35.09 -18.48 38.01
CA GLU F 127 -36.24 -17.58 37.99
C GLU F 127 -37.54 -18.36 37.78
N ALA F 128 -37.55 -19.28 36.82
CA ALA F 128 -38.78 -20.02 36.52
C ALA F 128 -39.21 -20.87 37.71
N TYR F 129 -38.26 -21.55 38.35
CA TYR F 129 -38.62 -22.45 39.45
C TYR F 129 -39.13 -21.67 40.66
N VAL F 130 -38.47 -20.56 41.01
CA VAL F 130 -38.94 -19.77 42.15
C VAL F 130 -40.31 -19.17 41.84
N CYS F 131 -40.51 -18.70 40.61
CA CYS F 131 -41.81 -18.18 40.23
C CYS F 131 -42.89 -19.24 40.32
N ALA F 132 -42.55 -20.48 39.93
CA ALA F 132 -43.56 -21.54 39.92
C ALA F 132 -43.86 -22.04 41.33
N LEU F 133 -42.86 -22.09 42.21
CA LEU F 133 -43.01 -22.72 43.51
C LEU F 133 -43.08 -21.73 44.67
N SER F 134 -43.20 -20.42 44.39
CA SER F 134 -43.33 -19.46 45.49
C SER F 134 -44.60 -19.68 46.29
N GLU F 135 -45.71 -19.98 45.60
CA GLU F 135 -47.00 -20.08 46.28
C GLU F 135 -47.13 -21.34 47.12
N PHE F 136 -46.25 -22.33 46.96
CA PHE F 136 -46.34 -23.58 47.69
C PHE F 136 -45.43 -23.63 48.91
N VAL F 137 -44.71 -22.56 49.20
CA VAL F 137 -43.83 -22.54 50.37
C VAL F 137 -44.67 -22.60 51.63
N ASP F 138 -44.29 -23.50 52.55
CA ASP F 138 -45.02 -23.65 53.80
C ASP F 138 -44.64 -22.52 54.75
N PRO F 139 -45.59 -21.71 55.21
CA PRO F 139 -45.25 -20.65 56.18
C PRO F 139 -44.70 -21.20 57.48
N SER F 140 -45.13 -22.38 57.90
CA SER F 140 -44.64 -22.96 59.15
C SER F 140 -43.13 -23.24 59.08
N SER F 141 -42.67 -23.75 57.94
CA SER F 141 -41.27 -24.08 57.78
C SER F 141 -40.37 -22.86 57.65
N LEU F 142 -40.94 -21.66 57.50
CA LEU F 142 -40.15 -20.45 57.37
C LEU F 142 -39.39 -20.16 58.66
N THR F 143 -38.18 -19.63 58.51
CA THR F 143 -37.27 -19.42 59.64
C THR F 143 -36.45 -18.16 59.35
N ALA F 144 -35.33 -18.02 60.07
CA ALA F 144 -34.39 -16.91 59.92
C ALA F 144 -34.97 -15.56 60.31
N ARG F 145 -36.02 -15.57 61.13
CA ARG F 145 -36.72 -14.37 61.56
C ARG F 145 -37.80 -14.80 62.55
N GLU F 146 -38.21 -13.87 63.40
CA GLU F 146 -39.32 -14.14 64.29
C GLU F 146 -40.61 -14.32 63.48
N GLU F 147 -41.59 -14.98 64.09
CA GLU F 147 -42.80 -15.39 63.38
C GLU F 147 -43.67 -14.16 63.13
N HIS F 148 -43.29 -13.40 62.12
CA HIS F 148 -44.04 -12.23 61.67
C HIS F 148 -44.90 -12.50 60.45
N PHE F 149 -44.92 -13.73 59.95
CA PHE F 149 -45.63 -14.03 58.72
C PHE F 149 -47.12 -14.14 58.99
N PRO F 150 -47.96 -13.31 58.38
CA PRO F 150 -49.41 -13.43 58.61
C PRO F 150 -49.96 -14.71 57.99
N SER F 151 -51.05 -15.18 58.60
CA SER F 151 -51.79 -16.32 58.08
C SER F 151 -53.11 -15.89 57.43
N ALA F 152 -53.31 -14.59 57.24
CA ALA F 152 -54.53 -14.10 56.61
C ALA F 152 -54.65 -14.60 55.18
N HIS F 153 -53.75 -14.13 54.31
CA HIS F 153 -53.67 -14.60 52.92
C HIS F 153 -52.22 -15.03 52.72
N ALA F 154 -51.89 -16.25 53.15
CA ALA F 154 -50.50 -16.72 53.05
C ALA F 154 -50.11 -16.94 51.60
N THR F 155 -50.98 -17.61 50.83
CA THR F 155 -50.65 -17.97 49.46
C THR F 155 -50.42 -16.74 48.60
N GLU F 156 -51.22 -15.69 48.78
CA GLU F 156 -51.09 -14.50 47.95
C GLU F 156 -49.76 -13.79 48.17
N ILE F 157 -49.36 -13.60 49.44
CA ILE F 157 -48.07 -12.96 49.70
C ILE F 157 -46.92 -13.82 49.21
N LEU F 158 -47.01 -15.14 49.45
CA LEU F 158 -45.97 -16.03 48.97
C LEU F 158 -45.81 -15.95 47.45
N ALA F 159 -46.95 -15.90 46.74
CA ALA F 159 -46.91 -15.79 45.29
C ALA F 159 -46.44 -14.41 44.84
N ARG F 160 -46.66 -13.38 45.65
CA ARG F 160 -46.22 -12.03 45.28
C ARG F 160 -44.76 -11.77 45.63
N PHE F 161 -44.11 -12.69 46.33
CA PHE F 161 -42.69 -12.51 46.64
C PHE F 161 -41.82 -12.22 45.42
N PRO F 162 -41.91 -12.95 44.30
CA PRO F 162 -40.93 -12.71 43.21
C PRO F 162 -40.94 -11.30 42.63
N CYS F 163 -42.09 -10.64 42.59
CA CYS F 163 -42.19 -9.34 41.93
C CYS F 163 -41.81 -8.17 42.83
N LYS F 164 -41.02 -8.41 43.88
CA LYS F 164 -40.57 -7.40 44.84
C LYS F 164 -41.72 -6.79 45.64
N GLU F 165 -42.93 -7.30 45.47
CA GLU F 165 -44.09 -6.76 46.20
C GLU F 165 -44.22 -7.46 47.56
N ASN F 166 -43.13 -7.38 48.32
CA ASN F 166 -43.05 -7.94 49.65
C ASN F 166 -43.08 -6.83 50.68
N PRO F 167 -43.97 -6.89 51.67
CA PRO F 167 -43.97 -5.87 52.73
C PRO F 167 -42.63 -5.84 53.45
N ASP F 168 -42.23 -4.64 53.86
CA ASP F 168 -40.93 -4.45 54.50
C ASP F 168 -40.81 -5.24 55.79
N ASN F 169 -41.93 -5.46 56.49
CA ASN F 169 -41.89 -6.30 57.68
C ASN F 169 -41.58 -7.75 57.36
N LEU F 170 -41.77 -8.18 56.12
CA LEU F 170 -41.42 -9.52 55.67
C LEU F 170 -40.21 -9.54 54.74
N SER F 171 -39.38 -8.50 54.83
CA SER F 171 -38.19 -8.40 53.98
C SER F 171 -37.24 -9.56 54.20
N ASP F 172 -37.15 -10.07 55.43
CA ASP F 172 -36.29 -11.21 55.69
C ASP F 172 -36.91 -12.50 55.15
N PHE F 173 -38.23 -12.65 55.29
CA PHE F 173 -38.89 -13.86 54.79
C PHE F 173 -38.74 -13.99 53.28
N ARG F 174 -38.87 -12.87 52.55
CA ARG F 174 -38.75 -12.93 51.10
C ARG F 174 -37.39 -13.50 50.69
N GLU F 175 -36.32 -13.01 51.31
CA GLU F 175 -34.99 -13.53 51.01
C GLU F 175 -34.84 -14.98 51.47
N GLU F 176 -35.44 -15.32 52.61
CA GLU F 176 -35.40 -16.70 53.09
C GLU F 176 -35.99 -17.65 52.06
N VAL F 177 -37.06 -17.23 51.38
CA VAL F 177 -37.66 -18.06 50.33
C VAL F 177 -36.84 -18.00 49.05
N SER F 178 -36.28 -16.84 48.73
CA SER F 178 -35.53 -16.66 47.49
C SER F 178 -34.28 -17.54 47.49
N ARG F 179 -33.59 -17.65 48.63
CA ARG F 179 -32.41 -18.49 48.70
C ARG F 179 -32.74 -19.98 48.77
N ARG F 180 -33.96 -20.33 49.15
CA ARG F 180 -34.36 -21.73 49.23
C ARG F 180 -34.80 -22.27 47.88
N LEU F 181 -35.80 -21.63 47.27
CA LEU F 181 -36.35 -22.14 46.02
C LEU F 181 -35.31 -22.11 44.90
N ARG F 182 -34.52 -21.04 44.83
CA ARG F 182 -33.43 -20.98 43.86
C ARG F 182 -32.43 -22.11 44.09
N TYR F 183 -32.13 -22.41 45.35
CA TYR F 183 -31.25 -23.53 45.65
C TYR F 183 -31.81 -24.83 45.07
N GLU F 184 -33.10 -25.07 45.29
CA GLU F 184 -33.72 -26.28 44.77
C GLU F 184 -33.62 -26.32 43.24
N SER F 185 -33.87 -25.18 42.59
CA SER F 185 -33.75 -25.08 41.14
C SER F 185 -32.36 -25.48 40.67
N GLN F 186 -31.33 -24.86 41.26
CA GLN F 186 -29.96 -25.15 40.84
C GLN F 186 -29.57 -26.60 41.14
N LEU F 187 -30.03 -27.13 42.27
CA LEU F 187 -29.80 -28.54 42.59
C LEU F 187 -30.39 -29.44 41.52
N PHE F 188 -31.62 -29.17 41.11
CA PHE F 188 -32.23 -29.95 40.04
C PHE F 188 -31.45 -29.83 38.74
N GLY F 189 -30.97 -28.63 38.42
CA GLY F 189 -30.17 -28.47 37.22
C GLY F 189 -28.90 -29.31 37.25
N TRP F 190 -28.19 -29.29 38.38
CA TRP F 190 -26.97 -30.07 38.50
C TRP F 190 -27.25 -31.57 38.48
N LEU F 191 -28.37 -32.01 39.08
CA LEU F 191 -28.73 -33.42 39.00
C LEU F 191 -29.05 -33.82 37.57
N LEU F 192 -29.70 -32.92 36.82
CA LEU F 192 -29.99 -33.20 35.42
C LEU F 192 -28.72 -33.36 34.62
N ILE F 193 -27.75 -32.45 34.82
CA ILE F 193 -26.48 -32.60 34.10
C ILE F 193 -25.80 -33.90 34.47
N GLY F 194 -25.83 -34.28 35.75
CA GLY F 194 -25.21 -35.54 36.14
C GLY F 194 -25.87 -36.75 35.50
N VAL F 195 -27.21 -36.77 35.49
CA VAL F 195 -27.93 -37.91 34.90
C VAL F 195 -27.69 -37.97 33.40
N VAL F 196 -27.73 -36.82 32.72
CA VAL F 196 -27.49 -36.80 31.28
C VAL F 196 -26.10 -37.30 30.96
N ALA F 197 -25.09 -36.84 31.71
CA ALA F 197 -23.74 -37.32 31.48
C ALA F 197 -23.63 -38.82 31.70
N ILE F 198 -24.29 -39.34 32.74
CA ILE F 198 -24.25 -40.78 33.00
C ILE F 198 -24.90 -41.54 31.85
N LEU F 199 -26.03 -41.04 31.35
CA LEU F 199 -26.70 -41.71 30.23
C LEU F 199 -25.84 -41.67 28.96
N VAL F 200 -25.22 -40.53 28.66
CA VAL F 200 -24.36 -40.44 27.48
C VAL F 200 -23.19 -41.39 27.61
N PHE F 201 -22.66 -41.57 28.83
CA PHE F 201 -21.59 -42.55 29.03
C PHE F 201 -22.09 -43.97 28.83
N LEU F 202 -23.23 -44.32 29.46
CA LEU F 202 -23.71 -45.70 29.44
C LEU F 202 -24.16 -46.12 28.06
N THR F 203 -24.89 -45.24 27.36
CA THR F 203 -25.39 -45.56 26.03
C THR F 203 -24.26 -45.88 25.07
N LYS F 204 -23.21 -45.04 25.07
CA LYS F 204 -22.05 -45.31 24.22
C LYS F 204 -21.33 -46.58 24.65
N CYS F 205 -21.19 -46.80 25.97
CA CYS F 205 -20.53 -48.00 26.45
C CYS F 205 -21.26 -49.26 26.02
N LEU F 206 -22.59 -49.18 25.87
CA LEU F 206 -23.37 -50.31 25.37
C LEU F 206 -23.37 -50.38 23.85
N LYS F 207 -23.34 -49.23 23.18
CA LYS F 207 -23.32 -49.21 21.72
C LYS F 207 -22.06 -49.86 21.18
N HIS F 208 -20.91 -49.56 21.78
CA HIS F 208 -19.69 -50.22 21.35
C HIS F 208 -19.64 -51.68 21.78
N TYR F 209 -20.26 -52.02 22.92
CA TYR F 209 -20.17 -53.38 23.42
C TYR F 209 -21.04 -54.34 22.62
N CYS F 210 -22.26 -53.93 22.26
CA CYS F 210 -23.21 -54.80 21.58
C CYS F 210 -23.10 -54.75 20.06
N SER F 211 -22.35 -53.80 19.51
CA SER F 211 -22.22 -53.73 18.07
C SER F 211 -21.36 -54.89 17.56
N PRO F 212 -21.75 -55.53 16.45
CA PRO F 212 -20.92 -56.60 15.88
C PRO F 212 -19.66 -56.10 15.19
N LEU F 213 -19.55 -54.81 14.93
CA LEU F 213 -18.40 -54.22 14.28
C LEU F 213 -17.44 -53.62 15.30
N SER F 214 -16.20 -53.43 14.86
CA SER F 214 -15.22 -52.71 15.67
C SER F 214 -15.47 -51.21 15.57
N TYR F 215 -14.89 -50.46 16.51
CA TYR F 215 -15.14 -49.02 16.55
C TYR F 215 -14.44 -48.29 15.42
N ARG F 216 -13.28 -48.79 14.97
CA ARG F 216 -12.60 -48.18 13.84
C ARG F 216 -13.39 -48.36 12.55
N GLN F 217 -13.96 -49.55 12.35
CA GLN F 217 -14.79 -49.77 11.18
C GLN F 217 -16.05 -48.92 11.21
N GLU F 218 -16.63 -48.73 12.41
CA GLU F 218 -17.80 -47.86 12.52
C GLU F 218 -17.44 -46.41 12.26
N ALA F 219 -16.25 -45.97 12.67
CA ALA F 219 -15.80 -44.62 12.32
C ALA F 219 -15.65 -44.47 10.81
N TYR F 220 -15.07 -45.48 10.15
CA TYR F 220 -14.98 -45.46 8.70
C TYR F 220 -16.36 -45.41 8.06
N TRP F 221 -17.30 -46.17 8.60
CA TRP F 221 -18.67 -46.17 8.10
C TRP F 221 -19.31 -44.80 8.22
N ALA F 222 -19.10 -44.13 9.37
CA ALA F 222 -19.65 -42.78 9.55
C ALA F 222 -19.04 -41.80 8.56
N GLN F 223 -17.73 -41.88 8.35
CA GLN F 223 -17.08 -41.02 7.37
C GLN F 223 -17.65 -41.26 5.98
N TYR F 224 -17.86 -42.53 5.62
CA TYR F 224 -18.44 -42.86 4.34
C TYR F 224 -19.86 -42.29 4.20
N ARG F 225 -20.66 -42.41 5.26
CA ARG F 225 -22.03 -41.90 5.18
C ARG F 225 -22.04 -40.40 4.97
N ALA F 226 -21.18 -39.67 5.69
CA ALA F 226 -21.13 -38.22 5.52
C ALA F 226 -20.72 -37.85 4.09
N ASN F 227 -19.66 -38.50 3.58
CA ASN F 227 -19.21 -38.20 2.23
C ASN F 227 -20.27 -38.54 1.19
N GLU F 228 -20.93 -39.68 1.36
CA GLU F 228 -21.97 -40.07 0.41
C GLU F 228 -23.12 -39.07 0.42
N ASP F 229 -23.55 -38.63 1.59
CA ASP F 229 -24.65 -37.66 1.65
C ASP F 229 -24.27 -36.37 0.94
N GLN F 230 -23.08 -35.83 1.23
CA GLN F 230 -22.70 -34.56 0.62
C GLN F 230 -22.57 -34.70 -0.90
N LEU F 231 -21.91 -35.77 -1.35
CA LEU F 231 -21.71 -35.94 -2.80
C LEU F 231 -23.03 -36.17 -3.51
N PHE F 232 -23.94 -36.94 -2.91
CA PHE F 232 -25.23 -37.17 -3.53
C PHE F 232 -26.03 -35.89 -3.65
N GLN F 233 -26.01 -35.04 -2.61
CA GLN F 233 -26.72 -33.77 -2.70
C GLN F 233 -26.12 -32.88 -3.80
N ARG F 234 -24.80 -32.80 -3.87
CA ARG F 234 -24.16 -31.95 -4.87
C ARG F 234 -24.47 -32.43 -6.29
N THR F 235 -24.37 -33.74 -6.52
CA THR F 235 -24.65 -34.26 -7.85
C THR F 235 -26.13 -34.17 -8.21
N ALA F 236 -27.01 -34.30 -7.22
CA ALA F 236 -28.43 -34.08 -7.50
C ALA F 236 -28.69 -32.65 -7.94
N GLU F 237 -28.06 -31.68 -7.27
CA GLU F 237 -28.20 -30.29 -7.67
C GLU F 237 -27.71 -30.09 -9.11
N VAL F 238 -26.52 -30.62 -9.42
CA VAL F 238 -25.95 -30.42 -10.75
C VAL F 238 -26.81 -31.10 -11.81
N HIS F 239 -27.27 -32.33 -11.55
CA HIS F 239 -28.11 -33.05 -12.51
C HIS F 239 -29.41 -32.31 -12.76
N SER F 240 -30.04 -31.81 -11.70
CA SER F 240 -31.28 -31.05 -11.87
C SER F 240 -31.05 -29.79 -12.69
N ARG F 241 -29.93 -29.09 -12.43
CA ARG F 241 -29.64 -27.89 -13.20
C ARG F 241 -29.44 -28.21 -14.67
N VAL F 242 -28.73 -29.30 -14.98
CA VAL F 242 -28.50 -29.64 -16.38
C VAL F 242 -29.80 -30.04 -17.06
N LEU F 243 -30.66 -30.80 -16.39
CA LEU F 243 -31.94 -31.18 -16.97
C LEU F 243 -32.81 -29.95 -17.22
N ALA F 244 -32.85 -29.03 -16.26
CA ALA F 244 -33.61 -27.80 -16.44
C ALA F 244 -33.08 -26.97 -17.59
N ALA F 245 -31.75 -26.92 -17.73
CA ALA F 245 -31.16 -26.20 -18.86
C ALA F 245 -31.56 -26.84 -20.18
N ASN F 246 -31.57 -28.16 -20.25
CA ASN F 246 -32.02 -28.83 -21.47
C ASN F 246 -33.46 -28.49 -21.80
N ASN F 247 -34.34 -28.49 -20.79
CA ASN F 247 -35.74 -28.16 -21.04
C ASN F 247 -35.90 -26.71 -21.51
N VAL F 248 -35.18 -25.79 -20.87
CA VAL F 248 -35.28 -24.38 -21.26
C VAL F 248 -34.74 -24.18 -22.68
N ARG F 249 -33.67 -24.91 -23.03
CA ARG F 249 -33.17 -24.84 -24.41
C ARG F 249 -34.21 -25.36 -25.39
N ARG F 250 -34.90 -26.45 -25.03
CA ARG F 250 -35.97 -26.95 -25.88
C ARG F 250 -37.07 -25.91 -26.06
N PHE F 251 -37.35 -25.12 -25.02
CA PHE F 251 -38.40 -24.11 -25.13
C PHE F 251 -37.97 -22.92 -25.97
N PHE F 252 -36.91 -22.23 -25.56
CA PHE F 252 -36.52 -20.97 -26.19
C PHE F 252 -35.58 -21.13 -27.38
N GLY F 253 -34.83 -22.22 -27.45
CA GLY F 253 -33.82 -22.40 -28.46
C GLY F 253 -32.40 -22.16 -27.98
N PHE F 254 -32.24 -21.61 -26.78
CA PHE F 254 -30.93 -21.41 -26.17
C PHE F 254 -31.14 -21.24 -24.67
N VAL F 255 -30.03 -21.26 -23.93
CA VAL F 255 -30.05 -21.03 -22.49
C VAL F 255 -29.04 -19.95 -22.16
N ALA F 256 -29.44 -19.01 -21.30
CA ALA F 256 -28.55 -17.98 -20.80
C ALA F 256 -27.86 -18.54 -19.56
N LEU F 257 -26.62 -18.99 -19.72
CA LEU F 257 -25.88 -19.67 -18.67
C LEU F 257 -24.65 -18.85 -18.30
N ASN F 258 -24.29 -18.92 -17.01
CA ASN F 258 -23.04 -18.32 -16.55
C ASN F 258 -21.86 -19.21 -16.93
N LYS F 259 -20.66 -18.72 -16.66
CA LYS F 259 -19.46 -19.48 -17.03
C LYS F 259 -19.37 -20.79 -16.27
N ASP F 260 -19.67 -20.76 -14.96
CA ASP F 260 -19.70 -22.01 -14.20
C ASP F 260 -20.81 -22.93 -14.68
N ASP F 261 -21.97 -22.35 -15.02
CA ASP F 261 -23.05 -23.16 -15.59
C ASP F 261 -22.66 -23.72 -16.96
N GLU F 262 -21.92 -22.94 -17.75
CA GLU F 262 -21.41 -23.45 -19.02
C GLU F 262 -20.47 -24.63 -18.81
N GLU F 263 -19.59 -24.53 -17.81
CA GLU F 263 -18.71 -25.65 -17.48
C GLU F 263 -19.50 -26.87 -17.03
N LEU F 264 -20.55 -26.64 -16.22
CA LEU F 264 -21.39 -27.75 -15.78
C LEU F 264 -22.06 -28.43 -16.96
N ILE F 265 -22.60 -27.65 -17.90
CA ILE F 265 -23.27 -28.23 -19.06
C ILE F 265 -22.30 -28.99 -19.94
N ALA F 266 -21.11 -28.42 -20.17
CA ALA F 266 -20.13 -29.07 -21.03
C ALA F 266 -19.61 -30.37 -20.41
N ASN F 267 -19.25 -30.32 -19.13
CA ASN F 267 -18.65 -31.48 -18.49
C ASN F 267 -19.65 -32.59 -18.24
N PHE F 268 -20.85 -32.24 -17.74
CA PHE F 268 -21.81 -33.25 -17.30
C PHE F 268 -23.04 -33.23 -18.18
N PRO F 269 -23.15 -34.11 -19.18
CA PRO F 269 -24.39 -34.21 -19.95
C PRO F 269 -25.33 -35.27 -19.39
N VAL F 270 -26.63 -34.96 -19.42
CA VAL F 270 -27.66 -35.86 -18.93
C VAL F 270 -28.49 -36.34 -20.11
N GLU F 271 -28.80 -37.64 -20.12
CA GLU F 271 -29.60 -38.23 -21.18
C GLU F 271 -31.04 -38.46 -20.77
N GLY F 272 -31.29 -38.74 -19.50
CA GLY F 272 -32.64 -38.97 -19.04
C GLY F 272 -32.71 -38.92 -17.52
N THR F 273 -33.89 -39.22 -17.00
CA THR F 273 -34.15 -39.20 -15.58
C THR F 273 -34.19 -40.64 -15.03
N GLN F 274 -33.70 -40.80 -13.81
CA GLN F 274 -33.73 -42.10 -13.16
C GLN F 274 -35.16 -42.50 -12.83
N PRO F 275 -35.51 -43.78 -12.98
CA PRO F 275 -36.88 -44.21 -12.70
C PRO F 275 -37.21 -44.12 -11.22
N ARG F 276 -38.52 -44.13 -10.95
CA ARG F 276 -38.98 -44.12 -9.56
C ARG F 276 -38.50 -45.31 -8.76
N PRO F 277 -38.56 -46.56 -9.25
CA PRO F 277 -38.02 -47.67 -8.45
C PRO F 277 -36.53 -47.53 -8.14
N GLN F 278 -35.76 -46.92 -9.04
CA GLN F 278 -34.35 -46.69 -8.75
C GLN F 278 -34.17 -45.76 -7.56
N TRP F 279 -35.01 -44.72 -7.46
CA TRP F 279 -34.99 -43.87 -6.28
C TRP F 279 -35.47 -44.62 -5.04
N ASN F 280 -36.52 -45.43 -5.18
CA ASN F 280 -37.03 -46.17 -4.04
C ASN F 280 -36.01 -47.16 -3.49
N ALA F 281 -35.17 -47.71 -4.35
CA ALA F 281 -34.19 -48.71 -3.94
C ALA F 281 -33.12 -48.15 -3.01
N ILE F 282 -32.98 -46.82 -2.90
CA ILE F 282 -31.94 -46.21 -2.09
C ILE F 282 -32.51 -45.42 -0.92
N THR F 283 -33.82 -45.39 -0.74
CA THR F 283 -34.44 -44.66 0.36
C THR F 283 -34.99 -45.64 1.38
N GLY F 284 -34.59 -45.45 2.63
CA GLY F 284 -35.04 -46.30 3.71
C GLY F 284 -33.96 -46.43 4.76
N VAL F 285 -34.15 -47.39 5.65
CA VAL F 285 -33.18 -47.70 6.70
C VAL F 285 -32.32 -48.86 6.24
N TYR F 286 -31.05 -48.83 6.65
CA TYR F 286 -30.07 -49.84 6.28
C TYR F 286 -29.33 -50.28 7.54
N LEU F 287 -29.16 -51.60 7.70
CA LEU F 287 -28.43 -52.15 8.84
C LEU F 287 -27.38 -53.15 8.34
N TYR F 288 -26.25 -52.61 7.87
CA TYR F 288 -25.00 -53.33 7.64
C TYR F 288 -25.15 -54.76 7.13
N ARG F 289 -25.72 -54.96 5.96
CA ARG F 289 -25.60 -56.27 5.36
C ARG F 289 -24.22 -56.46 4.75
N GLU F 290 -23.84 -57.72 4.56
CA GLU F 290 -22.54 -58.09 4.02
C GLU F 290 -22.74 -59.07 2.88
N ASN F 291 -22.05 -58.83 1.76
CA ASN F 291 -22.19 -59.65 0.57
C ASN F 291 -20.85 -60.28 0.24
N GLN F 292 -20.80 -61.62 0.24
CA GLN F 292 -19.60 -62.38 -0.12
C GLN F 292 -18.40 -61.95 0.72
N GLY F 293 -18.63 -61.70 2.00
CA GLY F 293 -17.56 -61.31 2.90
C GLY F 293 -17.10 -59.88 2.74
N LEU F 294 -17.77 -59.08 1.91
CA LEU F 294 -17.40 -57.69 1.69
C LEU F 294 -18.48 -56.78 2.25
N PRO F 295 -18.11 -55.81 3.07
CA PRO F 295 -19.12 -54.94 3.69
C PRO F 295 -19.82 -54.05 2.68
N LEU F 296 -21.09 -53.79 2.95
CA LEU F 296 -21.88 -52.80 2.22
C LEU F 296 -22.36 -51.77 3.24
N TYR F 297 -22.09 -50.50 2.96
CA TYR F 297 -22.25 -49.45 3.97
C TYR F 297 -23.50 -48.60 3.78
N SER F 298 -24.21 -48.74 2.67
CA SER F 298 -25.46 -48.02 2.47
C SER F 298 -26.24 -48.73 1.36
N ARG F 299 -27.54 -48.42 1.31
CA ARG F 299 -28.36 -49.02 0.25
C ARG F 299 -28.08 -48.40 -1.11
N LEU F 300 -27.46 -47.23 -1.16
CA LEU F 300 -26.92 -46.75 -2.43
C LEU F 300 -25.74 -47.62 -2.87
N HIS F 301 -24.85 -47.95 -1.94
CA HIS F 301 -23.75 -48.87 -2.24
C HIS F 301 -24.28 -50.24 -2.62
N LYS F 302 -25.29 -50.73 -1.88
CA LYS F 302 -25.88 -52.03 -2.18
C LYS F 302 -26.55 -52.02 -3.54
N TRP F 303 -27.24 -50.93 -3.89
CA TRP F 303 -27.83 -50.81 -5.22
C TRP F 303 -26.76 -50.78 -6.31
N ALA F 304 -25.68 -50.03 -6.08
CA ALA F 304 -24.61 -49.94 -7.07
C ALA F 304 -23.97 -51.30 -7.31
N GLN F 305 -23.83 -52.10 -6.25
CA GLN F 305 -23.32 -53.45 -6.42
C GLN F 305 -24.28 -54.35 -7.19
N GLY F 306 -25.54 -53.93 -7.37
CA GLY F 306 -26.49 -54.73 -8.10
C GLY F 306 -27.37 -55.62 -7.25
N LEU F 307 -27.42 -55.40 -5.94
CA LEU F 307 -28.15 -56.25 -5.02
C LEU F 307 -29.52 -55.70 -4.65
N ALA F 308 -29.91 -54.54 -5.19
CA ALA F 308 -31.19 -53.94 -4.87
C ALA F 308 -32.21 -54.10 -5.99
N GLY F 309 -31.79 -53.99 -7.25
CA GLY F 309 -32.70 -54.14 -8.37
C GLY F 309 -33.07 -55.58 -8.67
N ASP F 315 -44.87 -54.89 -15.55
CA ASP F 315 -46.12 -55.65 -15.40
C ASP F 315 -47.26 -54.73 -15.00
N ASN F 316 -47.13 -54.09 -13.84
CA ASN F 316 -48.12 -53.16 -13.32
C ASN F 316 -47.60 -51.74 -13.46
N VAL F 317 -48.41 -50.87 -14.04
CA VAL F 317 -48.05 -49.48 -14.29
C VAL F 317 -48.87 -48.60 -13.38
N GLU F 318 -48.20 -47.70 -12.65
CA GLU F 318 -48.84 -46.80 -11.72
C GLU F 318 -48.54 -45.36 -12.10
N MET F 319 -49.44 -44.46 -11.68
CA MET F 319 -49.31 -43.00 -11.85
C MET F 319 -48.77 -42.63 -13.22
N ALA F 320 -49.35 -43.25 -14.26
CA ALA F 320 -48.95 -42.95 -15.62
C ALA F 320 -49.63 -41.68 -16.13
N LEU F 321 -48.99 -41.03 -17.09
CA LEU F 321 -49.55 -39.80 -17.65
C LEU F 321 -50.76 -40.09 -18.53
N LEU F 322 -50.67 -41.10 -19.37
CA LEU F 322 -51.69 -41.47 -20.33
C LEU F 322 -51.93 -42.97 -20.26
N PRO F 323 -53.07 -43.46 -20.77
CA PRO F 323 -53.35 -44.90 -20.67
C PRO F 323 -52.38 -45.73 -21.47
N SER F 324 -52.55 -47.04 -21.45
CA SER F 324 -51.73 -47.91 -22.28
C SER F 324 -51.87 -47.52 -23.75
N ALA F 325 -50.83 -47.85 -24.53
CA ALA F 325 -50.81 -47.47 -25.94
C ALA F 325 -52.05 -48.00 -26.68
N LEU F 326 -52.56 -49.16 -26.25
CA LEU F 326 -53.80 -49.68 -26.82
C LEU F 326 -54.97 -48.72 -26.58
N GLU F 327 -55.06 -48.15 -25.38
CA GLU F 327 -56.10 -47.17 -25.11
C GLU F 327 -55.82 -45.83 -25.78
N VAL F 328 -54.55 -45.46 -25.92
CA VAL F 328 -54.21 -44.23 -26.63
C VAL F 328 -54.62 -44.32 -28.09
N LEU F 329 -54.53 -45.52 -28.68
CA LEU F 329 -54.95 -45.69 -30.07
C LEU F 329 -56.41 -45.31 -30.26
N PHE F 330 -57.26 -45.56 -29.26
CA PHE F 330 -58.66 -45.15 -29.36
C PHE F 330 -58.90 -43.81 -28.67
N PHE G 40 -21.64 -18.26 31.63
CA PHE G 40 -20.58 -18.20 32.63
C PHE G 40 -21.12 -17.68 33.96
N SER G 41 -21.93 -16.61 33.90
CA SER G 41 -22.59 -16.13 35.09
C SER G 41 -23.68 -17.07 35.56
N VAL G 42 -24.12 -18.00 34.71
CA VAL G 42 -25.13 -18.98 35.09
C VAL G 42 -24.59 -19.93 36.15
N VAL G 43 -23.32 -20.30 36.04
CA VAL G 43 -22.73 -21.36 36.86
C VAL G 43 -22.08 -20.69 38.08
N ALA G 44 -22.37 -19.41 38.28
CA ALA G 44 -21.84 -18.70 39.44
C ALA G 44 -22.38 -19.31 40.73
N PHE G 45 -21.51 -19.43 41.73
CA PHE G 45 -21.88 -20.07 42.98
C PHE G 45 -22.84 -19.19 43.78
N HIS G 46 -23.89 -19.80 44.31
CA HIS G 46 -24.88 -19.11 45.12
C HIS G 46 -25.18 -20.00 46.33
N CYS G 47 -24.64 -19.63 47.49
CA CYS G 47 -24.76 -20.47 48.67
C CYS G 47 -26.16 -20.34 49.27
N PRO G 48 -26.92 -21.44 49.40
CA PRO G 48 -28.17 -21.38 50.14
C PRO G 48 -27.92 -21.41 51.65
N CYS G 49 -28.09 -20.28 52.31
CA CYS G 49 -27.77 -20.20 53.74
C CYS G 49 -28.90 -20.84 54.54
N SER G 50 -28.81 -22.16 54.69
CA SER G 50 -29.77 -22.93 55.46
C SER G 50 -29.08 -24.19 55.97
N PRO G 51 -29.37 -24.61 57.19
CA PRO G 51 -28.74 -25.82 57.72
C PRO G 51 -29.15 -27.06 56.94
N ALA G 52 -28.23 -28.01 56.86
CA ALA G 52 -28.42 -29.30 56.18
C ALA G 52 -28.78 -29.12 54.70
N ARG G 53 -28.55 -27.94 54.16
CA ARG G 53 -29.00 -27.62 52.80
C ARG G 53 -27.86 -27.01 51.99
N ASN G 54 -26.96 -26.30 52.65
CA ASN G 54 -25.86 -25.66 51.94
C ASN G 54 -24.77 -26.65 51.55
N TYR G 55 -24.50 -27.65 52.39
CA TYR G 55 -23.46 -28.61 52.04
C TYR G 55 -23.92 -29.54 50.92
N LEU G 56 -25.22 -29.86 50.86
CA LEU G 56 -25.74 -30.61 49.72
C LEU G 56 -25.57 -29.83 48.42
N TYR G 57 -25.86 -28.53 48.45
CA TYR G 57 -25.68 -27.71 47.25
C TYR G 57 -24.21 -27.64 46.86
N GLY G 58 -23.32 -27.46 47.83
CA GLY G 58 -21.90 -27.44 47.52
C GLY G 58 -21.43 -28.75 46.93
N LEU G 59 -21.85 -29.87 47.53
CA LEU G 59 -21.49 -31.18 47.02
C LEU G 59 -21.96 -31.36 45.58
N ALA G 60 -23.21 -31.00 45.31
CA ALA G 60 -23.71 -31.13 43.94
C ALA G 60 -22.93 -30.24 42.98
N ALA G 61 -22.83 -28.94 43.30
CA ALA G 61 -22.24 -27.97 42.39
C ALA G 61 -20.74 -28.17 42.20
N ILE G 62 -20.09 -28.94 43.05
CA ILE G 62 -18.67 -29.27 42.87
C ILE G 62 -18.50 -30.63 42.21
N GLY G 63 -19.19 -31.66 42.71
CA GLY G 63 -19.02 -32.99 42.17
C GLY G 63 -19.54 -33.16 40.76
N VAL G 64 -20.71 -32.58 40.46
CA VAL G 64 -21.31 -32.78 39.13
C VAL G 64 -20.40 -32.26 38.02
N PRO G 65 -19.82 -31.06 38.10
CA PRO G 65 -18.81 -30.70 37.08
C PRO G 65 -17.63 -31.65 37.06
N ALA G 66 -17.18 -32.12 38.22
CA ALA G 66 -16.09 -33.08 38.26
C ALA G 66 -16.49 -34.40 37.60
N LEU G 67 -17.70 -34.88 37.88
CA LEU G 67 -18.18 -36.11 37.25
C LEU G 67 -18.30 -35.94 35.75
N VAL G 68 -18.79 -34.78 35.29
CA VAL G 68 -18.92 -34.54 33.86
C VAL G 68 -17.55 -34.52 33.19
N LEU G 69 -16.57 -33.87 33.83
CA LEU G 69 -15.22 -33.84 33.26
C LEU G 69 -14.60 -35.23 33.24
N PHE G 70 -14.84 -36.03 34.29
CA PHE G 70 -14.35 -37.40 34.30
C PHE G 70 -14.98 -38.22 33.18
N ILE G 71 -16.28 -38.06 32.96
CA ILE G 71 -16.97 -38.79 31.90
C ILE G 71 -16.43 -38.37 30.53
N ILE G 72 -16.22 -37.06 30.34
CA ILE G 72 -15.68 -36.59 29.06
C ILE G 72 -14.28 -37.15 28.83
N GLY G 73 -13.44 -37.16 29.87
CA GLY G 73 -12.11 -37.73 29.74
C GLY G 73 -12.14 -39.21 29.40
N ILE G 74 -13.06 -39.94 30.01
CA ILE G 74 -13.20 -41.36 29.69
C ILE G 74 -13.64 -41.54 28.24
N ILE G 75 -14.64 -40.76 27.81
CA ILE G 75 -15.23 -40.95 26.49
C ILE G 75 -14.22 -40.60 25.40
N LEU G 76 -13.53 -39.47 25.54
CA LEU G 76 -12.66 -39.00 24.47
C LEU G 76 -11.46 -39.91 24.25
N ASN G 77 -11.00 -40.59 25.30
CA ASN G 77 -9.87 -41.50 25.16
C ASN G 77 -10.26 -42.69 24.28
N ASN G 78 -9.33 -43.11 23.42
CA ASN G 78 -9.56 -44.26 22.56
C ASN G 78 -9.08 -45.57 23.17
N HIS G 79 -8.42 -45.53 24.34
CA HIS G 79 -7.97 -46.76 24.98
C HIS G 79 -9.12 -47.49 25.66
N THR G 80 -10.08 -46.75 26.20
CA THR G 80 -11.26 -47.42 26.75
C THR G 80 -12.02 -48.15 25.67
N TRP G 81 -12.05 -47.61 24.45
CA TRP G 81 -12.85 -48.22 23.40
C TRP G 81 -12.19 -49.49 22.86
N ASN G 82 -10.87 -49.51 22.70
CA ASN G 82 -10.29 -50.78 22.26
C ASN G 82 -10.20 -51.77 23.42
N LEU G 83 -10.20 -51.30 24.67
CA LEU G 83 -10.38 -52.21 25.79
C LEU G 83 -11.77 -52.86 25.74
N VAL G 84 -12.80 -52.07 25.46
CA VAL G 84 -14.14 -52.61 25.31
C VAL G 84 -14.20 -53.57 24.13
N ALA G 85 -13.52 -53.24 23.03
CA ALA G 85 -13.48 -54.12 21.88
C ALA G 85 -12.79 -55.44 22.21
N GLU G 86 -11.74 -55.40 23.03
CA GLU G 86 -11.09 -56.64 23.47
C GLU G 86 -12.04 -57.48 24.32
N CYS G 87 -12.70 -56.85 25.30
CA CYS G 87 -13.65 -57.58 26.12
C CYS G 87 -14.81 -58.12 25.30
N GLN G 88 -15.14 -57.46 24.19
CA GLN G 88 -16.24 -57.90 23.33
C GLN G 88 -15.82 -59.11 22.49
N HIS G 89 -14.74 -58.96 21.71
CA HIS G 89 -14.37 -60.02 20.78
C HIS G 89 -13.81 -61.23 21.50
N ARG G 90 -13.09 -61.04 22.61
CA ARG G 90 -12.60 -62.19 23.36
C ARG G 90 -13.76 -62.97 23.97
N ARG G 91 -14.75 -62.28 24.53
CA ARG G 91 -16.03 -62.86 24.95
C ARG G 91 -15.87 -64.08 25.86
N THR G 92 -14.70 -64.26 26.47
CA THR G 92 -14.46 -65.45 27.30
C THR G 92 -13.61 -65.09 28.53
N LYS G 93 -13.39 -63.80 28.81
CA LYS G 93 -12.53 -63.37 29.90
C LYS G 93 -11.12 -63.93 29.75
N ASN G 94 -10.64 -63.99 28.50
CA ASN G 94 -9.35 -64.61 28.23
C ASN G 94 -8.19 -63.78 28.80
N CYS G 95 -8.28 -62.45 28.73
CA CYS G 95 -7.19 -61.60 29.16
C CYS G 95 -6.94 -61.74 30.66
N SER G 96 -5.67 -61.73 31.04
CA SER G 96 -5.31 -61.88 32.44
C SER G 96 -5.63 -60.59 33.22
N ALA G 97 -5.51 -60.69 34.54
CA ALA G 97 -5.85 -59.56 35.40
C ALA G 97 -4.84 -58.43 35.26
N ALA G 98 -3.56 -58.76 35.09
CA ALA G 98 -2.53 -57.72 35.05
C ALA G 98 -2.68 -56.76 33.88
N PRO G 99 -2.83 -57.21 32.62
CA PRO G 99 -2.95 -56.22 31.54
C PRO G 99 -4.24 -55.40 31.63
N THR G 100 -5.36 -56.02 31.98
CA THR G 100 -6.60 -55.28 32.13
C THR G 100 -6.48 -54.24 33.23
N PHE G 101 -5.85 -54.61 34.35
CA PHE G 101 -5.65 -53.67 35.43
C PHE G 101 -4.76 -52.50 34.99
N LEU G 102 -3.69 -52.80 34.23
CA LEU G 102 -2.81 -51.73 33.78
C LEU G 102 -3.53 -50.77 32.83
N LEU G 103 -4.32 -51.31 31.89
CA LEU G 103 -5.07 -50.44 30.99
C LEU G 103 -6.11 -49.62 31.73
N LEU G 104 -6.84 -50.23 32.66
CA LEU G 104 -7.82 -49.47 33.43
C LEU G 104 -7.16 -48.37 34.24
N SER G 105 -6.01 -48.67 34.87
CA SER G 105 -5.29 -47.65 35.62
C SER G 105 -4.86 -46.51 34.71
N SER G 106 -4.34 -46.83 33.53
CA SER G 106 -3.91 -45.78 32.60
C SER G 106 -5.08 -44.91 32.17
N ILE G 107 -6.22 -45.53 31.85
CA ILE G 107 -7.39 -44.78 31.38
C ILE G 107 -7.89 -43.86 32.49
N LEU G 108 -8.03 -44.40 33.71
CA LEU G 108 -8.52 -43.59 34.81
C LEU G 108 -7.56 -42.46 35.16
N GLY G 109 -6.25 -42.73 35.13
CA GLY G 109 -5.29 -41.70 35.43
C GLY G 109 -5.30 -40.58 34.40
N ARG G 110 -5.42 -40.93 33.12
CA ARG G 110 -5.51 -39.90 32.09
C ARG G 110 -6.81 -39.12 32.19
N ALA G 111 -7.91 -39.78 32.57
CA ALA G 111 -9.19 -39.09 32.66
C ALA G 111 -9.29 -38.18 33.87
N ALA G 112 -8.66 -38.56 34.99
CA ALA G 112 -8.82 -37.84 36.24
C ALA G 112 -8.08 -36.51 36.31
N VAL G 113 -7.40 -36.10 35.24
CA VAL G 113 -6.65 -34.85 35.28
C VAL G 113 -7.59 -33.66 35.44
N ALA G 114 -8.64 -33.60 34.60
CA ALA G 114 -9.58 -32.48 34.67
C ALA G 114 -10.36 -32.44 35.98
N PRO G 115 -10.94 -33.54 36.48
CA PRO G 115 -11.61 -33.45 37.79
C PRO G 115 -10.69 -33.00 38.90
N VAL G 116 -9.42 -33.43 38.89
CA VAL G 116 -8.51 -33.07 39.96
C VAL G 116 -8.22 -31.57 39.94
N THR G 117 -7.94 -31.00 38.77
CA THR G 117 -7.66 -29.57 38.71
C THR G 117 -8.91 -28.75 38.99
N TRP G 118 -10.08 -29.21 38.55
CA TRP G 118 -11.32 -28.52 38.90
C TRP G 118 -11.54 -28.51 40.41
N SER G 119 -11.31 -29.65 41.07
CA SER G 119 -11.47 -29.72 42.51
C SER G 119 -10.43 -28.85 43.21
N VAL G 120 -9.21 -28.80 42.68
CA VAL G 120 -8.17 -27.96 43.27
C VAL G 120 -8.57 -26.50 43.20
N ILE G 121 -9.06 -26.06 42.04
CA ILE G 121 -9.47 -24.67 41.88
C ILE G 121 -10.63 -24.35 42.81
N SER G 122 -11.62 -25.26 42.89
CA SER G 122 -12.77 -25.03 43.75
C SER G 122 -12.37 -24.94 45.22
N LEU G 123 -11.46 -25.81 45.65
CA LEU G 123 -10.99 -25.77 47.03
C LEU G 123 -10.20 -24.51 47.33
N LEU G 124 -9.35 -24.08 46.39
CA LEU G 124 -8.56 -22.87 46.62
C LEU G 124 -9.43 -21.63 46.59
N ARG G 125 -10.55 -21.65 45.88
CA ARG G 125 -11.48 -20.53 45.93
C ARG G 125 -12.05 -20.36 47.35
N GLY G 126 -12.44 -21.47 47.98
CA GLY G 126 -12.90 -21.45 49.35
C GLY G 126 -14.38 -21.25 49.54
N GLU G 127 -15.10 -20.78 48.52
CA GLU G 127 -16.52 -20.49 48.67
C GLU G 127 -17.33 -21.76 48.95
N ALA G 128 -17.06 -22.82 48.18
CA ALA G 128 -17.83 -24.05 48.35
C ALA G 128 -17.60 -24.66 49.72
N TYR G 129 -16.36 -24.68 50.19
CA TYR G 129 -16.07 -25.32 51.47
C TYR G 129 -16.66 -24.54 52.63
N VAL G 130 -16.54 -23.20 52.62
CA VAL G 130 -17.13 -22.42 53.69
C VAL G 130 -18.65 -22.55 53.68
N CYS G 131 -19.25 -22.54 52.48
CA CYS G 131 -20.70 -22.73 52.40
C CYS G 131 -21.11 -24.09 52.95
N ALA G 132 -20.32 -25.13 52.68
CA ALA G 132 -20.69 -26.47 53.11
C ALA G 132 -20.48 -26.66 54.62
N LEU G 133 -19.45 -26.05 55.18
CA LEU G 133 -19.05 -26.32 56.56
C LEU G 133 -19.39 -25.19 57.52
N SER G 134 -20.13 -24.17 57.09
CA SER G 134 -20.50 -23.09 58.00
C SER G 134 -21.37 -23.61 59.14
N GLU G 135 -22.32 -24.50 58.85
CA GLU G 135 -23.27 -24.95 59.85
C GLU G 135 -22.66 -25.89 60.89
N PHE G 136 -21.46 -26.42 60.65
CA PHE G 136 -20.83 -27.36 61.57
C PHE G 136 -19.81 -26.70 62.48
N VAL G 137 -19.63 -25.38 62.40
CA VAL G 137 -18.68 -24.70 63.26
C VAL G 137 -19.16 -24.76 64.70
N ASP G 138 -18.25 -25.14 65.60
CA ASP G 138 -18.61 -25.25 67.01
C ASP G 138 -18.64 -23.86 67.64
N PRO G 139 -19.77 -23.42 68.20
CA PRO G 139 -19.80 -22.12 68.87
C PRO G 139 -18.84 -22.01 70.04
N SER G 140 -18.59 -23.11 70.75
CA SER G 140 -17.68 -23.07 71.89
C SER G 140 -16.27 -22.72 71.46
N SER G 141 -15.81 -23.27 70.32
CA SER G 141 -14.46 -23.01 69.84
C SER G 141 -14.29 -21.61 69.28
N LEU G 142 -15.37 -20.85 69.11
CA LEU G 142 -15.27 -19.50 68.59
C LEU G 142 -14.52 -18.60 69.56
N THR G 143 -13.75 -17.67 69.00
CA THR G 143 -12.86 -16.80 69.78
C THR G 143 -12.78 -15.44 69.10
N ALA G 144 -11.76 -14.65 69.46
CA ALA G 144 -11.49 -13.35 68.88
C ALA G 144 -12.55 -12.31 69.20
N ARG G 145 -13.32 -12.55 70.26
CA ARG G 145 -14.42 -11.68 70.67
C ARG G 145 -14.99 -12.24 71.97
N GLU G 146 -15.63 -11.37 72.74
CA GLU G 146 -16.33 -11.84 73.93
C GLU G 146 -17.49 -12.74 73.54
N GLU G 147 -17.93 -13.57 74.49
CA GLU G 147 -18.91 -14.61 74.22
C GLU G 147 -20.28 -13.97 74.02
N HIS G 148 -20.48 -13.42 72.83
CA HIS G 148 -21.75 -12.83 72.43
C HIS G 148 -22.57 -13.75 71.54
N PHE G 149 -22.10 -14.96 71.27
CA PHE G 149 -22.79 -15.84 70.33
C PHE G 149 -23.99 -16.49 71.02
N PRO G 150 -25.21 -16.28 70.53
CA PRO G 150 -26.37 -16.92 71.15
C PRO G 150 -26.36 -18.43 70.93
N SER G 151 -26.97 -19.13 71.87
CA SER G 151 -27.18 -20.57 71.76
C SER G 151 -28.63 -20.91 71.44
N ALA G 152 -29.45 -19.91 71.11
CA ALA G 152 -30.84 -20.17 70.77
C ALA G 152 -30.95 -21.03 69.52
N HIS G 153 -30.55 -20.48 68.36
CA HIS G 153 -30.49 -21.22 67.10
C HIS G 153 -29.06 -21.04 66.59
N ALA G 154 -28.13 -21.86 67.10
CA ALA G 154 -26.74 -21.70 66.70
C ALA G 154 -26.53 -22.11 65.24
N THR G 155 -27.11 -23.26 64.86
CA THR G 155 -26.89 -23.80 63.54
C THR G 155 -27.40 -22.86 62.46
N GLU G 156 -28.56 -22.24 62.69
CA GLU G 156 -29.14 -21.37 61.66
C GLU G 156 -28.29 -20.14 61.41
N ILE G 157 -27.81 -19.48 62.47
CA ILE G 157 -26.95 -18.31 62.28
C ILE G 157 -25.63 -18.71 61.64
N LEU G 158 -25.06 -19.84 62.08
CA LEU G 158 -23.81 -20.29 61.49
C LEU G 158 -23.98 -20.56 60.00
N ALA G 159 -25.10 -21.18 59.62
CA ALA G 159 -25.37 -21.45 58.22
C ALA G 159 -25.68 -20.17 57.44
N ARG G 160 -26.23 -19.15 58.10
CA ARG G 160 -26.53 -17.90 57.43
C ARG G 160 -25.34 -16.97 57.32
N PHE G 161 -24.21 -17.32 57.95
CA PHE G 161 -23.01 -16.49 57.83
C PHE G 161 -22.60 -16.18 56.39
N PRO G 162 -22.52 -17.14 55.46
CA PRO G 162 -21.98 -16.83 54.13
C PRO G 162 -22.74 -15.76 53.36
N CYS G 163 -24.06 -15.67 53.52
CA CYS G 163 -24.87 -14.74 52.72
C CYS G 163 -24.92 -13.34 53.29
N LYS G 164 -23.94 -12.94 54.11
CA LYS G 164 -23.87 -11.63 54.73
C LYS G 164 -25.01 -11.36 55.72
N GLU G 165 -25.86 -12.35 55.97
CA GLU G 165 -26.99 -12.18 56.89
C GLU G 165 -26.54 -12.47 58.33
N ASN G 166 -25.50 -11.76 58.73
CA ASN G 166 -24.95 -11.86 60.06
C ASN G 166 -25.32 -10.64 60.87
N PRO G 167 -25.89 -10.80 62.07
CA PRO G 167 -26.19 -9.63 62.91
C PRO G 167 -24.92 -8.86 63.24
N ASP G 168 -25.07 -7.53 63.32
CA ASP G 168 -23.91 -6.66 63.54
C ASP G 168 -23.22 -6.96 64.86
N ASN G 169 -23.97 -7.43 65.87
CA ASN G 169 -23.34 -7.83 67.12
C ASN G 169 -22.44 -9.05 66.96
N LEU G 170 -22.62 -9.83 65.90
CA LEU G 170 -21.77 -10.98 65.59
C LEU G 170 -20.87 -10.72 64.39
N SER G 171 -20.62 -9.45 64.07
CA SER G 171 -19.78 -9.10 62.93
C SER G 171 -18.37 -9.65 63.07
N ASP G 172 -17.85 -9.73 64.28
CA ASP G 172 -16.53 -10.30 64.48
C ASP G 172 -16.56 -11.82 64.34
N PHE G 173 -17.61 -12.47 64.85
CA PHE G 173 -17.70 -13.92 64.75
C PHE G 173 -17.77 -14.37 63.30
N ARG G 174 -18.53 -13.64 62.47
CA ARG G 174 -18.64 -14.02 61.07
C ARG G 174 -17.27 -14.07 60.39
N GLU G 175 -16.45 -13.02 60.62
CA GLU G 175 -15.11 -13.00 60.06
C GLU G 175 -14.23 -14.07 60.67
N GLU G 176 -14.39 -14.33 61.98
CA GLU G 176 -13.64 -15.38 62.64
C GLU G 176 -13.88 -16.74 61.97
N VAL G 177 -15.11 -16.98 61.54
CA VAL G 177 -15.43 -18.24 60.85
C VAL G 177 -14.95 -18.18 59.39
N SER G 178 -15.08 -17.02 58.76
CA SER G 178 -14.70 -16.88 57.35
C SER G 178 -13.22 -17.13 57.15
N ARG G 179 -12.38 -16.63 58.06
CA ARG G 179 -10.95 -16.86 57.93
C ARG G 179 -10.53 -18.26 58.33
N ARG G 180 -11.37 -18.98 59.07
CA ARG G 180 -11.03 -20.34 59.49
C ARG G 180 -11.39 -21.36 58.41
N LEU G 181 -12.66 -21.38 58.00
CA LEU G 181 -13.12 -22.38 57.04
C LEU G 181 -12.42 -22.22 55.70
N ARG G 182 -12.25 -20.97 55.25
CA ARG G 182 -11.50 -20.73 54.02
C ARG G 182 -10.06 -21.23 54.13
N TYR G 183 -9.44 -21.03 55.30
CA TYR G 183 -8.10 -21.57 55.52
C TYR G 183 -8.09 -23.07 55.33
N GLU G 184 -9.06 -23.76 55.93
CA GLU G 184 -9.11 -25.22 55.79
C GLU G 184 -9.27 -25.61 54.31
N SER G 185 -10.14 -24.89 53.59
CA SER G 185 -10.32 -25.14 52.17
C SER G 185 -9.01 -25.02 51.40
N GLN G 186 -8.30 -23.91 51.58
CA GLN G 186 -7.06 -23.70 50.86
C GLN G 186 -5.99 -24.72 51.27
N LEU G 187 -5.94 -25.07 52.55
CA LEU G 187 -5.03 -26.11 53.02
C LEU G 187 -5.29 -27.43 52.31
N PHE G 188 -6.57 -27.81 52.19
CA PHE G 188 -6.92 -29.03 51.47
C PHE G 188 -6.52 -28.95 50.01
N GLY G 189 -6.72 -27.78 49.39
CA GLY G 189 -6.29 -27.62 48.00
C GLY G 189 -4.81 -27.83 47.82
N TRP G 190 -4.01 -27.21 48.70
CA TRP G 190 -2.55 -27.36 48.60
C TRP G 190 -2.11 -28.78 48.90
N LEU G 191 -2.76 -29.46 49.83
CA LEU G 191 -2.43 -30.87 50.09
C LEU G 191 -2.77 -31.72 48.87
N LEU G 192 -3.88 -31.41 48.20
CA LEU G 192 -4.24 -32.15 46.99
C LEU G 192 -3.20 -31.96 45.91
N ILE G 193 -2.75 -30.71 45.70
CA ILE G 193 -1.70 -30.50 44.69
C ILE G 193 -0.44 -31.26 45.06
N GLY G 194 -0.07 -31.26 46.34
CA GLY G 194 1.12 -32.00 46.75
C GLY G 194 1.00 -33.50 46.50
N VAL G 195 -0.15 -34.08 46.86
CA VAL G 195 -0.34 -35.51 46.68
C VAL G 195 -0.36 -35.86 45.20
N VAL G 196 -1.05 -35.06 44.39
CA VAL G 196 -1.10 -35.32 42.95
C VAL G 196 0.29 -35.26 42.34
N ALA G 197 1.07 -34.24 42.71
CA ALA G 197 2.44 -34.16 42.21
C ALA G 197 3.27 -35.36 42.62
N ILE G 198 3.12 -35.81 43.87
CA ILE G 198 3.86 -36.98 44.33
C ILE G 198 3.47 -38.21 43.53
N LEU G 199 2.17 -38.39 43.28
CA LEU G 199 1.70 -39.54 42.51
C LEU G 199 2.22 -39.48 41.07
N VAL G 200 2.17 -38.31 40.44
CA VAL G 200 2.68 -38.19 39.08
C VAL G 200 4.16 -38.50 39.02
N PHE G 201 4.91 -38.11 40.07
CA PHE G 201 6.32 -38.46 40.11
C PHE G 201 6.53 -39.97 40.29
N LEU G 202 5.81 -40.57 41.24
CA LEU G 202 6.03 -41.97 41.58
C LEU G 202 5.60 -42.90 40.46
N THR G 203 4.43 -42.62 39.86
CA THR G 203 3.93 -43.45 38.78
C THR G 203 4.89 -43.50 37.61
N LYS G 204 5.41 -42.34 37.20
CA LYS G 204 6.40 -42.33 36.11
C LYS G 204 7.69 -43.02 36.52
N CYS G 205 8.13 -42.80 37.77
CA CYS G 205 9.36 -43.44 38.24
C CYS G 205 9.23 -44.96 38.24
N LEU G 206 8.02 -45.47 38.44
CA LEU G 206 7.78 -46.92 38.35
C LEU G 206 7.56 -47.38 36.91
N LYS G 207 6.93 -46.54 36.09
CA LYS G 207 6.69 -46.90 34.70
C LYS G 207 8.00 -47.08 33.94
N HIS G 208 8.96 -46.18 34.16
CA HIS G 208 10.26 -46.37 33.52
C HIS G 208 11.05 -47.51 34.15
N TYR G 209 10.86 -47.75 35.44
CA TYR G 209 11.67 -48.77 36.11
C TYR G 209 11.22 -50.18 35.74
N CYS G 210 9.91 -50.42 35.67
CA CYS G 210 9.39 -51.75 35.42
C CYS G 210 9.19 -52.06 33.94
N SER G 211 9.30 -51.08 33.06
CA SER G 211 9.14 -51.34 31.65
C SER G 211 10.34 -52.12 31.11
N PRO G 212 10.11 -53.13 30.26
CA PRO G 212 11.24 -53.87 29.68
C PRO G 212 11.97 -53.09 28.59
N LEU G 213 11.42 -51.99 28.11
CA LEU G 213 12.03 -51.17 27.08
C LEU G 213 12.76 -49.99 27.70
N SER G 214 13.67 -49.41 26.92
CA SER G 214 14.32 -48.17 27.31
C SER G 214 13.38 -46.99 27.04
N TYR G 215 13.70 -45.85 27.66
CA TYR G 215 12.83 -44.70 27.54
C TYR G 215 12.90 -44.06 26.16
N ARG G 216 14.06 -44.13 25.50
CA ARG G 216 14.16 -43.61 24.14
C ARG G 216 13.34 -44.44 23.17
N GLN G 217 13.37 -45.77 23.32
CA GLN G 217 12.55 -46.61 22.45
C GLN G 217 11.07 -46.39 22.71
N GLU G 218 10.68 -46.14 23.96
CA GLU G 218 9.29 -45.85 24.25
C GLU G 218 8.86 -44.51 23.68
N ALA G 219 9.77 -43.52 23.68
CA ALA G 219 9.47 -42.26 23.01
C ALA G 219 9.28 -42.46 21.51
N TYR G 220 10.14 -43.28 20.88
CA TYR G 220 9.95 -43.59 19.48
C TYR G 220 8.63 -44.30 19.24
N TRP G 221 8.25 -45.21 20.14
CA TRP G 221 6.99 -45.91 20.02
C TRP G 221 5.81 -44.94 20.11
N ALA G 222 5.87 -43.98 21.02
CA ALA G 222 4.80 -43.00 21.13
C ALA G 222 4.70 -42.14 19.87
N GLN G 223 5.84 -41.72 19.33
CA GLN G 223 5.83 -40.96 18.09
C GLN G 223 5.20 -41.77 16.96
N TYR G 224 5.56 -43.06 16.88
CA TYR G 224 4.99 -43.92 15.85
C TYR G 224 3.48 -44.06 16.03
N ARG G 225 3.02 -44.23 17.27
CA ARG G 225 1.58 -44.37 17.49
C ARG G 225 0.83 -43.12 17.06
N ALA G 226 1.35 -41.94 17.40
CA ALA G 226 0.70 -40.70 16.99
C ALA G 226 0.64 -40.58 15.47
N ASN G 227 1.77 -40.85 14.80
CA ASN G 227 1.79 -40.75 13.34
C ASN G 227 0.85 -41.75 12.70
N GLU G 228 0.84 -42.99 13.22
CA GLU G 228 -0.04 -44.01 12.67
C GLU G 228 -1.50 -43.62 12.82
N ASP G 229 -1.89 -43.10 13.98
CA ASP G 229 -3.28 -42.71 14.18
C ASP G 229 -3.67 -41.61 13.20
N GLN G 230 -2.85 -40.57 13.07
CA GLN G 230 -3.22 -39.47 12.19
C GLN G 230 -3.30 -39.94 10.73
N LEU G 231 -2.30 -40.70 10.29
CA LEU G 231 -2.28 -41.15 8.90
C LEU G 231 -3.45 -42.09 8.61
N PHE G 232 -3.78 -42.98 9.55
CA PHE G 232 -4.90 -43.89 9.35
C PHE G 232 -6.22 -43.12 9.25
N GLN G 233 -6.41 -42.11 10.10
CA GLN G 233 -7.63 -41.32 10.01
C GLN G 233 -7.72 -40.60 8.65
N ARG G 234 -6.62 -39.99 8.22
CA ARG G 234 -6.64 -39.25 6.96
C ARG G 234 -6.93 -40.18 5.78
N THR G 235 -6.27 -41.33 5.73
CA THR G 235 -6.49 -42.25 4.63
C THR G 235 -7.88 -42.87 4.68
N ALA G 236 -8.42 -43.10 5.87
CA ALA G 236 -9.80 -43.58 5.96
C ALA G 236 -10.76 -42.56 5.39
N GLU G 237 -10.55 -41.28 5.70
CA GLU G 237 -11.39 -40.23 5.13
C GLU G 237 -11.31 -40.22 3.61
N VAL G 238 -10.08 -40.28 3.07
CA VAL G 238 -9.92 -40.22 1.62
C VAL G 238 -10.53 -41.44 0.95
N HIS G 239 -10.30 -42.63 1.52
CA HIS G 239 -10.85 -43.86 0.95
C HIS G 239 -12.37 -43.84 0.95
N SER G 240 -12.97 -43.38 2.05
CA SER G 240 -14.43 -43.28 2.11
C SER G 240 -14.95 -42.30 1.07
N ARG G 241 -14.27 -41.17 0.90
CA ARG G 241 -14.71 -40.20 -0.10
C ARG G 241 -14.63 -40.79 -1.50
N VAL G 242 -13.57 -41.51 -1.81
CA VAL G 242 -13.44 -42.09 -3.15
C VAL G 242 -14.50 -43.16 -3.39
N LEU G 243 -14.77 -44.00 -2.39
CA LEU G 243 -15.81 -45.02 -2.53
C LEU G 243 -17.18 -44.38 -2.73
N ALA G 244 -17.48 -43.33 -1.95
CA ALA G 244 -18.75 -42.63 -2.10
C ALA G 244 -18.87 -42.00 -3.47
N ALA G 245 -17.77 -41.43 -3.98
CA ALA G 245 -17.78 -40.86 -5.32
C ALA G 245 -18.06 -41.92 -6.37
N ASN G 246 -17.46 -43.11 -6.22
CA ASN G 246 -17.74 -44.18 -7.16
C ASN G 246 -19.21 -44.58 -7.13
N ASN G 247 -19.79 -44.67 -5.93
CA ASN G 247 -21.21 -45.04 -5.84
C ASN G 247 -22.10 -43.97 -6.47
N VAL G 248 -21.81 -42.70 -6.21
CA VAL G 248 -22.61 -41.63 -6.78
C VAL G 248 -22.48 -41.60 -8.30
N ARG G 249 -21.29 -41.87 -8.81
CA ARG G 249 -21.11 -41.98 -10.26
C ARG G 249 -21.94 -43.13 -10.83
N ARG G 250 -21.97 -44.26 -10.13
CA ARG G 250 -22.81 -45.36 -10.57
C ARG G 250 -24.27 -44.96 -10.61
N PHE G 251 -24.70 -44.12 -9.67
CA PHE G 251 -26.11 -43.72 -9.65
C PHE G 251 -26.44 -42.72 -10.75
N PHE G 252 -25.77 -41.56 -10.74
CA PHE G 252 -26.13 -40.48 -11.65
C PHE G 252 -25.44 -40.54 -13.01
N GLY G 253 -24.29 -41.20 -13.11
CA GLY G 253 -23.50 -41.18 -14.33
C GLY G 253 -22.30 -40.26 -14.28
N PHE G 254 -22.22 -39.39 -13.28
CA PHE G 254 -21.07 -38.52 -13.09
C PHE G 254 -21.07 -38.07 -11.64
N VAL G 255 -19.98 -37.42 -11.23
CA VAL G 255 -19.86 -36.85 -9.90
C VAL G 255 -19.43 -35.40 -10.02
N ALA G 256 -20.07 -34.53 -9.25
CA ALA G 256 -19.69 -33.13 -9.17
C ALA G 256 -18.62 -33.00 -8.09
N LEU G 257 -17.36 -32.93 -8.52
CA LEU G 257 -16.22 -32.92 -7.61
C LEU G 257 -15.47 -31.60 -7.72
N ASN G 258 -14.91 -31.18 -6.59
CA ASN G 258 -14.03 -30.02 -6.58
C ASN G 258 -12.66 -30.39 -7.12
N LYS G 259 -11.79 -29.39 -7.28
CA LYS G 259 -10.47 -29.64 -7.83
C LYS G 259 -9.65 -30.55 -6.92
N ASP G 260 -9.69 -30.32 -5.60
CA ASP G 260 -8.99 -31.21 -4.68
C ASP G 260 -9.62 -32.60 -4.69
N ASP G 261 -10.95 -32.67 -4.78
CA ASP G 261 -11.61 -33.97 -4.91
C ASP G 261 -11.24 -34.65 -6.22
N GLU G 262 -11.09 -33.88 -7.30
CA GLU G 262 -10.64 -34.45 -8.56
C GLU G 262 -9.23 -35.02 -8.42
N GLU G 263 -8.34 -34.30 -7.73
CA GLU G 263 -7.00 -34.83 -7.49
C GLU G 263 -7.05 -36.09 -6.65
N LEU G 264 -7.92 -36.12 -5.64
CA LEU G 264 -8.06 -37.32 -4.82
C LEU G 264 -8.52 -38.51 -5.65
N ILE G 265 -9.52 -38.30 -6.51
CA ILE G 265 -10.04 -39.39 -7.34
C ILE G 265 -8.98 -39.87 -8.32
N ALA G 266 -8.25 -38.94 -8.94
CA ALA G 266 -7.25 -39.33 -9.93
C ALA G 266 -6.08 -40.07 -9.28
N ASN G 267 -5.57 -39.55 -8.16
CA ASN G 267 -4.40 -40.13 -7.54
C ASN G 267 -4.71 -41.46 -6.85
N PHE G 268 -5.82 -41.52 -6.11
CA PHE G 268 -6.11 -42.67 -5.27
C PHE G 268 -7.35 -43.41 -5.78
N PRO G 269 -7.20 -44.48 -6.55
CA PRO G 269 -8.36 -45.29 -6.94
C PRO G 269 -8.58 -46.45 -5.98
N VAL G 270 -9.85 -46.73 -5.71
CA VAL G 270 -10.24 -47.82 -4.82
C VAL G 270 -10.94 -48.89 -5.64
N GLU G 271 -10.60 -50.16 -5.36
CA GLU G 271 -11.20 -51.29 -6.06
C GLU G 271 -12.27 -51.98 -5.24
N GLY G 272 -12.15 -51.98 -3.92
CA GLY G 272 -13.13 -52.63 -3.08
C GLY G 272 -12.95 -52.21 -1.63
N THR G 273 -13.75 -52.83 -0.77
CA THR G 273 -13.73 -52.56 0.65
C THR G 273 -13.01 -53.67 1.41
N GLN G 274 -12.31 -53.28 2.46
CA GLN G 274 -11.61 -54.26 3.29
C GLN G 274 -12.61 -55.11 4.05
N PRO G 275 -12.34 -56.41 4.21
CA PRO G 275 -13.28 -57.28 4.91
C PRO G 275 -13.37 -56.95 6.39
N ARG G 276 -14.43 -57.44 7.02
CA ARG G 276 -14.61 -57.25 8.45
C ARG G 276 -13.49 -57.89 9.27
N PRO G 277 -13.04 -59.12 9.01
CA PRO G 277 -11.92 -59.65 9.81
C PRO G 277 -10.64 -58.83 9.66
N GLN G 278 -10.41 -58.21 8.51
CA GLN G 278 -9.24 -57.35 8.37
C GLN G 278 -9.33 -56.15 9.32
N TRP G 279 -10.52 -55.57 9.46
CA TRP G 279 -10.70 -54.51 10.45
C TRP G 279 -10.55 -55.03 11.86
N ASN G 280 -11.10 -56.21 12.15
CA ASN G 280 -11.01 -56.77 13.49
C ASN G 280 -9.58 -57.07 13.89
N ALA G 281 -8.73 -57.41 12.92
CA ALA G 281 -7.34 -57.77 13.22
C ALA G 281 -6.52 -56.59 13.71
N ILE G 282 -7.00 -55.35 13.57
CA ILE G 282 -6.25 -54.16 13.96
C ILE G 282 -6.90 -53.40 15.09
N THR G 283 -8.03 -53.87 15.63
CA THR G 283 -8.72 -53.21 16.72
C THR G 283 -8.56 -54.02 17.99
N GLY G 284 -8.09 -53.37 19.05
CA GLY G 284 -7.91 -54.01 20.33
C GLY G 284 -6.72 -53.40 21.04
N VAL G 285 -6.30 -54.07 22.10
CA VAL G 285 -5.13 -53.66 22.88
C VAL G 285 -3.92 -54.43 22.39
N TYR G 286 -2.76 -53.76 22.43
CA TYR G 286 -1.51 -54.33 21.98
C TYR G 286 -0.44 -54.08 23.03
N LEU G 287 0.35 -55.11 23.34
CA LEU G 287 1.43 -54.98 24.32
C LEU G 287 2.72 -55.54 23.72
N TYR G 288 3.38 -54.73 22.89
CA TYR G 288 4.76 -54.90 22.44
C TYR G 288 5.22 -56.34 22.22
N ARG G 289 4.61 -57.06 21.30
CA ARG G 289 5.23 -58.31 20.90
C ARG G 289 6.41 -58.05 19.97
N GLU G 290 7.30 -59.05 19.89
CA GLU G 290 8.51 -58.97 19.09
C GLU G 290 8.59 -60.20 18.21
N ASN G 291 8.88 -60.00 16.93
CA ASN G 291 8.95 -61.09 15.95
C ASN G 291 10.35 -61.16 15.37
N GLN G 292 11.01 -62.30 15.58
CA GLN G 292 12.35 -62.57 15.03
C GLN G 292 13.34 -61.48 15.43
N GLY G 293 13.24 -61.01 16.68
CA GLY G 293 14.13 -59.99 17.17
C GLY G 293 13.84 -58.59 16.67
N LEU G 294 12.75 -58.39 15.94
CA LEU G 294 12.38 -57.09 15.41
C LEU G 294 11.11 -56.60 16.09
N PRO G 295 11.12 -55.38 16.62
CA PRO G 295 9.94 -54.90 17.35
C PRO G 295 8.75 -54.67 16.43
N LEU G 296 7.57 -54.91 17.00
CA LEU G 296 6.30 -54.57 16.37
C LEU G 296 5.57 -53.60 17.29
N TYR G 297 5.16 -52.45 16.75
CA TYR G 297 4.71 -51.35 17.59
C TYR G 297 3.19 -51.17 17.61
N SER G 298 2.46 -51.89 16.78
CA SER G 298 1.00 -51.84 16.81
C SER G 298 0.46 -53.06 16.09
N ARG G 299 -0.82 -53.36 16.34
CA ARG G 299 -1.42 -54.50 15.65
C ARG G 299 -1.70 -54.21 14.20
N LEU G 300 -1.73 -52.94 13.79
CA LEU G 300 -1.69 -52.64 12.36
C LEU G 300 -0.35 -53.01 11.76
N HIS G 301 0.75 -52.68 12.45
CA HIS G 301 2.07 -53.11 12.01
C HIS G 301 2.18 -54.63 12.02
N LYS G 302 1.67 -55.27 13.07
CA LYS G 302 1.71 -56.72 13.16
C LYS G 302 0.90 -57.36 12.03
N TRP G 303 -0.26 -56.78 11.72
CA TRP G 303 -1.06 -57.28 10.60
C TRP G 303 -0.34 -57.09 9.27
N ALA G 304 0.29 -55.93 9.08
CA ALA G 304 1.00 -55.67 7.82
C ALA G 304 2.15 -56.64 7.64
N GLN G 305 2.83 -57.00 8.74
CA GLN G 305 3.87 -58.01 8.66
C GLN G 305 3.33 -59.40 8.32
N GLY G 306 2.02 -59.61 8.42
CA GLY G 306 1.43 -60.90 8.13
C GLY G 306 1.24 -61.81 9.31
N LEU G 307 1.32 -61.28 10.53
CA LEU G 307 1.23 -62.10 11.73
C LEU G 307 -0.15 -62.08 12.38
N ALA G 308 -1.11 -61.39 11.78
CA ALA G 308 -2.46 -61.31 12.34
C ALA G 308 -3.47 -62.16 11.58
N GLY G 309 -3.36 -62.23 10.26
CA GLY G 309 -4.27 -63.03 9.45
C GLY G 309 -3.97 -64.51 9.51
N ASP G 315 -15.71 -70.66 6.07
CA ASP G 315 -16.41 -71.80 6.66
C ASP G 315 -17.76 -71.37 7.21
N ASN G 316 -17.74 -70.45 8.18
CA ASN G 316 -18.95 -69.93 8.79
C ASN G 316 -19.19 -68.50 8.30
N VAL G 317 -20.40 -68.24 7.83
CA VAL G 317 -20.77 -66.94 7.27
C VAL G 317 -21.75 -66.27 8.22
N GLU G 318 -21.46 -65.03 8.59
CA GLU G 318 -22.28 -64.25 9.50
C GLU G 318 -22.75 -62.97 8.84
N MET G 319 -23.88 -62.47 9.33
CA MET G 319 -24.48 -61.19 8.92
C MET G 319 -24.42 -61.00 7.40
N ALA G 320 -24.80 -62.05 6.67
CA ALA G 320 -24.83 -62.00 5.22
C ALA G 320 -26.10 -61.30 4.73
N LEU G 321 -26.02 -60.72 3.54
CA LEU G 321 -27.17 -60.03 2.95
C LEU G 321 -28.23 -61.02 2.50
N LEU G 322 -27.83 -62.09 1.84
CA LEU G 322 -28.71 -63.09 1.26
C LEU G 322 -28.20 -64.47 1.63
N PRO G 323 -29.04 -65.51 1.53
CA PRO G 323 -28.61 -66.85 1.93
C PRO G 323 -27.50 -67.38 1.04
N SER G 324 -27.04 -68.59 1.31
CA SER G 324 -26.06 -69.22 0.43
C SER G 324 -26.62 -69.33 -0.98
N ALA G 325 -25.69 -69.38 -1.95
CA ALA G 325 -26.10 -69.42 -3.36
C ALA G 325 -27.04 -70.58 -3.64
N LEU G 326 -26.88 -71.69 -2.91
CA LEU G 326 -27.81 -72.81 -3.03
C LEU G 326 -29.23 -72.40 -2.64
N GLU G 327 -29.37 -71.63 -1.57
CA GLU G 327 -30.69 -71.14 -1.18
C GLU G 327 -31.19 -70.04 -2.11
N VAL G 328 -30.27 -69.23 -2.64
CA VAL G 328 -30.66 -68.20 -3.60
C VAL G 328 -31.24 -68.83 -4.86
N LEU G 329 -30.70 -69.99 -5.26
CA LEU G 329 -31.23 -70.68 -6.44
C LEU G 329 -32.70 -71.01 -6.27
N PHE G 330 -33.14 -71.33 -5.06
CA PHE G 330 -34.57 -71.57 -4.84
C PHE G 330 -35.29 -70.32 -4.32
N PHE H 40 -4.68 -16.66 38.84
CA PHE H 40 -3.62 -15.91 39.48
C PHE H 40 -4.09 -15.32 40.82
N SER H 41 -5.30 -14.76 40.81
CA SER H 41 -5.90 -14.30 42.06
C SER H 41 -6.30 -15.46 42.97
N VAL H 42 -6.39 -16.67 42.40
CA VAL H 42 -6.74 -17.83 43.20
C VAL H 42 -5.64 -18.16 44.20
N VAL H 43 -4.38 -17.97 43.80
CA VAL H 43 -3.23 -18.43 44.58
C VAL H 43 -2.76 -17.26 45.45
N ALA H 44 -3.58 -16.22 45.52
CA ALA H 44 -3.25 -15.08 46.37
C ALA H 44 -3.20 -15.49 47.84
N PHE H 45 -2.22 -14.95 48.56
CA PHE H 45 -2.01 -15.34 49.95
C PHE H 45 -3.11 -14.77 50.83
N HIS H 46 -3.64 -15.61 51.72
CA HIS H 46 -4.68 -15.21 52.67
C HIS H 46 -4.30 -15.79 54.03
N CYS H 47 -3.80 -14.94 54.92
CA CYS H 47 -3.30 -15.39 56.20
C CYS H 47 -4.45 -15.72 57.14
N PRO H 48 -4.56 -16.95 57.63
CA PRO H 48 -5.54 -17.24 58.69
C PRO H 48 -5.04 -16.77 60.05
N CYS H 49 -5.61 -15.68 60.56
CA CYS H 49 -5.12 -15.10 61.81
C CYS H 49 -5.65 -15.91 62.98
N SER H 50 -4.92 -16.98 63.30
CA SER H 50 -5.25 -17.86 64.40
C SER H 50 -3.96 -18.51 64.90
N PRO H 51 -3.80 -18.69 66.21
CA PRO H 51 -2.59 -19.34 66.71
C PRO H 51 -2.51 -20.79 66.28
N ALA H 52 -1.26 -21.25 66.09
CA ALA H 52 -0.95 -22.62 65.69
C ALA H 52 -1.60 -23.02 64.37
N ARG H 53 -2.07 -22.03 63.60
CA ARG H 53 -2.84 -22.30 62.40
C ARG H 53 -2.28 -21.51 61.21
N ASN H 54 -1.73 -20.33 61.48
CA ASN H 54 -1.21 -19.50 60.40
C ASN H 54 0.13 -20.02 59.88
N TYR H 55 0.99 -20.54 60.76
CA TYR H 55 2.27 -21.04 60.27
C TYR H 55 2.11 -22.33 59.49
N LEU H 56 1.12 -23.16 59.84
CA LEU H 56 0.83 -24.34 59.02
C LEU H 56 0.38 -23.93 57.63
N TYR H 57 -0.48 -22.92 57.53
CA TYR H 57 -0.92 -22.45 56.23
C TYR H 57 0.24 -21.87 55.44
N GLY H 58 1.10 -21.08 56.07
CA GLY H 58 2.25 -20.55 55.38
C GLY H 58 3.18 -21.65 54.89
N LEU H 59 3.45 -22.64 55.74
CA LEU H 59 4.30 -23.76 55.37
C LEU H 59 3.72 -24.49 54.17
N ALA H 60 2.42 -24.78 54.18
CA ALA H 60 1.81 -25.46 53.05
C ALA H 60 1.88 -24.61 51.79
N ALA H 61 1.42 -23.36 51.86
CA ALA H 61 1.30 -22.50 50.69
C ALA H 61 2.66 -22.10 50.12
N ILE H 62 3.74 -22.27 50.87
CA ILE H 62 5.08 -22.01 50.35
C ILE H 62 5.76 -23.29 49.88
N GLY H 63 5.73 -24.34 50.70
CA GLY H 63 6.42 -25.57 50.35
C GLY H 63 5.80 -26.31 49.19
N VAL H 64 4.46 -26.37 49.14
CA VAL H 64 3.80 -27.14 48.07
C VAL H 64 4.13 -26.61 46.69
N PRO H 65 4.09 -25.30 46.42
CA PRO H 65 4.61 -24.83 45.13
C PRO H 65 6.08 -25.17 44.92
N ALA H 66 6.89 -25.08 45.97
CA ALA H 66 8.30 -25.45 45.85
C ALA H 66 8.45 -26.93 45.53
N LEU H 67 7.68 -27.79 46.21
CA LEU H 67 7.73 -29.22 45.93
C LEU H 67 7.28 -29.52 44.51
N VAL H 68 6.24 -28.84 44.04
CA VAL H 68 5.75 -29.06 42.68
C VAL H 68 6.81 -28.65 41.67
N LEU H 69 7.45 -27.50 41.89
CA LEU H 69 8.50 -27.06 40.97
C LEU H 69 9.70 -28.01 40.99
N PHE H 70 10.05 -28.52 42.17
CA PHE H 70 11.12 -29.52 42.26
C PHE H 70 10.77 -30.78 41.50
N ILE H 71 9.53 -31.25 41.64
CA ILE H 71 9.09 -32.45 40.92
C ILE H 71 9.12 -32.22 39.42
N ILE H 72 8.66 -31.05 38.98
CA ILE H 72 8.66 -30.74 37.54
C ILE H 72 10.09 -30.71 37.02
N GLY H 73 11.01 -30.09 37.78
CA GLY H 73 12.40 -30.06 37.36
C GLY H 73 13.02 -31.43 37.27
N ILE H 74 12.68 -32.31 38.22
CA ILE H 74 13.17 -33.68 38.17
C ILE H 74 12.61 -34.40 36.95
N ILE H 75 11.30 -34.26 36.70
CA ILE H 75 10.65 -35.02 35.64
C ILE H 75 11.16 -34.59 34.27
N LEU H 76 11.25 -33.27 34.04
CA LEU H 76 11.59 -32.78 32.71
C LEU H 76 13.01 -33.12 32.31
N ASN H 77 13.92 -33.25 33.28
CA ASN H 77 15.30 -33.60 32.96
C ASN H 77 15.37 -35.02 32.42
N ASN H 78 16.21 -35.23 31.42
CA ASN H 78 16.41 -36.55 30.84
C ASN H 78 17.54 -37.33 31.49
N HIS H 79 18.30 -36.71 32.39
CA HIS H 79 19.39 -37.42 33.07
C HIS H 79 18.86 -38.35 34.15
N THR H 80 17.78 -37.97 34.82
CA THR H 80 17.18 -38.90 35.78
C THR H 80 16.67 -40.14 35.07
N TRP H 81 16.18 -40.01 33.84
CA TRP H 81 15.59 -41.15 33.16
C TRP H 81 16.65 -42.12 32.66
N ASN H 82 17.79 -41.62 32.14
CA ASN H 82 18.80 -42.59 31.76
C ASN H 82 19.56 -43.11 32.98
N LEU H 83 19.56 -42.37 34.09
CA LEU H 83 20.03 -42.95 35.35
C LEU H 83 19.13 -44.10 35.78
N VAL H 84 17.82 -43.92 35.69
CA VAL H 84 16.89 -45.00 36.00
C VAL H 84 17.08 -46.17 35.05
N ALA H 85 17.31 -45.88 33.76
CA ALA H 85 17.56 -46.94 32.79
C ALA H 85 18.83 -47.71 33.13
N GLU H 86 19.87 -47.02 33.59
CA GLU H 86 21.09 -47.70 34.02
C GLU H 86 20.82 -48.60 35.21
N CYS H 87 20.13 -48.08 36.23
CA CYS H 87 19.80 -48.90 37.40
C CYS H 87 18.91 -50.07 37.03
N GLN H 88 18.12 -49.93 35.96
CA GLN H 88 17.24 -51.00 35.52
C GLN H 88 18.00 -52.09 34.79
N HIS H 89 18.72 -51.71 33.72
CA HIS H 89 19.38 -52.72 32.90
C HIS H 89 20.56 -53.35 33.62
N ARG H 90 21.29 -52.58 34.43
CA ARG H 90 22.39 -53.18 35.19
C ARG H 90 21.87 -54.19 36.20
N ARG H 91 20.79 -53.86 36.90
CA ARG H 91 20.03 -54.79 37.76
C ARG H 91 20.90 -55.54 38.76
N THR H 92 22.12 -55.04 39.03
CA THR H 92 23.03 -55.75 39.94
C THR H 92 23.81 -54.77 40.81
N LYS H 93 23.44 -53.49 40.81
CA LYS H 93 24.18 -52.45 41.55
C LYS H 93 25.63 -52.39 41.09
N ASN H 94 25.85 -52.56 39.79
CA ASN H 94 27.21 -52.62 39.27
C ASN H 94 27.92 -51.28 39.36
N CYS H 95 27.20 -50.19 39.11
CA CYS H 95 27.83 -48.86 39.08
C CYS H 95 28.37 -48.49 40.46
N SER H 96 29.52 -47.84 40.47
CA SER H 96 30.16 -47.45 41.71
C SER H 96 29.42 -46.27 42.35
N ALA H 97 29.80 -45.95 43.58
CA ALA H 97 29.12 -44.89 44.32
C ALA H 97 29.44 -43.52 43.73
N ALA H 98 30.67 -43.30 43.26
CA ALA H 98 31.07 -41.98 42.77
C ALA H 98 30.27 -41.52 41.55
N PRO H 99 30.12 -42.30 40.48
CA PRO H 99 29.35 -41.79 39.34
C PRO H 99 27.88 -41.59 39.65
N THR H 100 27.27 -42.51 40.39
CA THR H 100 25.87 -42.35 40.77
C THR H 100 25.68 -41.11 41.62
N PHE H 101 26.60 -40.86 42.56
CA PHE H 101 26.53 -39.67 43.38
C PHE H 101 26.66 -38.40 42.54
N LEU H 102 27.59 -38.42 41.57
CA LEU H 102 27.76 -37.24 40.73
C LEU H 102 26.51 -36.96 39.90
N LEU H 103 25.92 -38.00 39.29
CA LEU H 103 24.71 -37.80 38.51
C LEU H 103 23.55 -37.33 39.39
N LEU H 104 23.38 -37.92 40.57
CA LEU H 104 22.30 -37.47 41.45
C LEU H 104 22.51 -36.02 41.88
N SER H 105 23.74 -35.64 42.19
CA SER H 105 24.02 -34.26 42.55
C SER H 105 23.69 -33.32 41.40
N SER H 106 24.08 -33.69 40.18
CA SER H 106 23.79 -32.84 39.01
C SER H 106 22.29 -32.69 38.80
N ILE H 107 21.55 -33.79 38.89
CA ILE H 107 20.10 -33.75 38.68
C ILE H 107 19.43 -32.88 39.73
N LEU H 108 19.78 -33.09 41.00
CA LEU H 108 19.17 -32.30 42.07
C LEU H 108 19.54 -30.83 41.96
N GLY H 109 20.79 -30.52 41.61
CA GLY H 109 21.18 -29.13 41.46
C GLY H 109 20.46 -28.44 40.31
N ARG H 110 20.29 -29.14 39.19
CA ARG H 110 19.54 -28.54 38.08
C ARG H 110 18.07 -28.39 38.42
N ALA H 111 17.50 -29.33 39.19
CA ALA H 111 16.08 -29.25 39.53
C ALA H 111 15.79 -28.17 40.56
N ALA H 112 16.71 -27.94 41.49
CA ALA H 112 16.45 -27.06 42.63
C ALA H 112 16.48 -25.57 42.28
N VAL H 113 16.68 -25.22 41.01
CA VAL H 113 16.75 -23.80 40.64
C VAL H 113 15.39 -23.13 40.88
N ALA H 114 14.32 -23.72 40.37
CA ALA H 114 12.99 -23.14 40.53
C ALA H 114 12.53 -23.09 41.97
N PRO H 115 12.63 -24.15 42.78
CA PRO H 115 12.26 -24.01 44.20
C PRO H 115 13.03 -22.93 44.93
N VAL H 116 14.33 -22.78 44.62
CA VAL H 116 15.14 -21.80 45.33
C VAL H 116 14.68 -20.38 45.01
N THR H 117 14.43 -20.08 43.72
CA THR H 117 13.99 -18.74 43.38
C THR H 117 12.57 -18.48 43.86
N TRP H 118 11.70 -19.49 43.85
CA TRP H 118 10.37 -19.32 44.42
C TRP H 118 10.45 -19.00 45.91
N SER H 119 11.29 -19.73 46.65
CA SER H 119 11.45 -19.46 48.07
C SER H 119 12.06 -18.09 48.32
N VAL H 120 13.00 -17.68 47.46
CA VAL H 120 13.60 -16.35 47.59
C VAL H 120 12.55 -15.27 47.42
N ILE H 121 11.72 -15.40 46.38
CA ILE H 121 10.67 -14.41 46.14
C ILE H 121 9.69 -14.38 47.30
N SER H 122 9.28 -15.56 47.79
CA SER H 122 8.33 -15.62 48.89
C SER H 122 8.90 -14.99 50.15
N LEU H 123 10.18 -15.24 50.44
CA LEU H 123 10.81 -14.64 51.62
C LEU H 123 10.94 -13.13 51.47
N LEU H 124 11.31 -12.66 50.29
CA LEU H 124 11.46 -11.22 50.10
C LEU H 124 10.12 -10.50 50.13
N ARG H 125 9.03 -11.19 49.77
CA ARG H 125 7.71 -10.59 49.92
C ARG H 125 7.40 -10.31 51.38
N GLY H 126 7.68 -11.27 52.26
CA GLY H 126 7.53 -11.08 53.69
C GLY H 126 6.18 -11.49 54.25
N GLU H 127 5.16 -11.64 53.40
CA GLU H 127 3.82 -11.96 53.90
C GLU H 127 3.78 -13.32 54.58
N ALA H 128 4.37 -14.34 53.95
CA ALA H 128 4.32 -15.68 54.51
C ALA H 128 5.05 -15.75 55.85
N TYR H 129 6.22 -15.12 55.94
CA TYR H 129 6.99 -15.22 57.17
C TYR H 129 6.32 -14.48 58.32
N VAL H 130 5.79 -13.28 58.06
CA VAL H 130 5.11 -12.56 59.14
C VAL H 130 3.86 -13.32 59.56
N CYS H 131 3.12 -13.88 58.60
CA CYS H 131 1.95 -14.67 58.95
C CYS H 131 2.33 -15.88 59.80
N ALA H 132 3.45 -16.52 59.48
CA ALA H 132 3.84 -17.72 60.20
C ALA H 132 4.39 -17.42 61.59
N LEU H 133 5.09 -16.29 61.75
CA LEU H 133 5.79 -16.00 62.98
C LEU H 133 5.15 -14.90 63.82
N SER H 134 3.95 -14.44 63.45
CA SER H 134 3.28 -13.42 64.26
C SER H 134 2.97 -13.94 65.66
N GLU H 135 2.54 -15.20 65.78
CA GLU H 135 2.10 -15.72 67.08
C GLU H 135 3.25 -15.99 68.02
N PHE H 136 4.50 -16.01 67.55
CA PHE H 136 5.65 -16.33 68.38
C PHE H 136 6.39 -15.08 68.86
N VAL H 137 5.90 -13.89 68.54
CA VAL H 137 6.56 -12.66 68.98
C VAL H 137 6.43 -12.54 70.49
N ASP H 138 7.55 -12.26 71.15
CA ASP H 138 7.54 -12.13 72.60
C ASP H 138 6.97 -10.77 73.00
N PRO H 139 5.89 -10.72 73.78
CA PRO H 139 5.36 -9.41 74.22
C PRO H 139 6.35 -8.62 75.04
N SER H 140 7.22 -9.28 75.81
CA SER H 140 8.18 -8.56 76.64
C SER H 140 9.17 -7.77 75.78
N SER H 141 9.61 -8.36 74.66
CA SER H 141 10.57 -7.69 73.79
C SER H 141 9.96 -6.55 72.99
N LEU H 142 8.64 -6.39 73.02
CA LEU H 142 7.99 -5.31 72.29
C LEU H 142 8.38 -3.96 72.86
N THR H 143 8.51 -2.97 71.98
CA THR H 143 9.01 -1.65 72.34
C THR H 143 8.31 -0.62 71.46
N ALA H 144 8.88 0.59 71.38
CA ALA H 144 8.40 1.70 70.56
C ALA H 144 7.05 2.22 71.01
N ARG H 145 6.68 1.98 72.26
CA ARG H 145 5.40 2.38 72.83
C ARG H 145 5.41 2.00 74.30
N GLU H 146 4.58 2.68 75.09
CA GLU H 146 4.41 2.30 76.47
C GLU H 146 3.77 0.92 76.58
N GLU H 147 3.95 0.27 77.72
CA GLU H 147 3.55 -1.12 77.89
C GLU H 147 2.03 -1.20 77.99
N HIS H 148 1.37 -1.11 76.83
CA HIS H 148 -0.07 -1.24 76.72
C HIS H 148 -0.50 -2.62 76.25
N PHE H 149 0.42 -3.54 76.04
CA PHE H 149 0.08 -4.85 75.48
C PHE H 149 -0.52 -5.72 76.56
N PRO H 150 -1.76 -6.18 76.41
CA PRO H 150 -2.34 -7.06 77.43
C PRO H 150 -1.68 -8.42 77.45
N SER H 151 -1.70 -9.04 78.62
CA SER H 151 -1.23 -10.42 78.79
C SER H 151 -2.37 -11.40 78.94
N ALA H 152 -3.61 -10.97 78.70
CA ALA H 152 -4.76 -11.87 78.81
C ALA H 152 -4.66 -12.99 77.78
N HIS H 153 -4.77 -12.64 76.50
CA HIS H 153 -4.59 -13.59 75.39
C HIS H 153 -3.55 -12.98 74.47
N ALA H 154 -2.27 -13.16 74.82
CA ALA H 154 -1.21 -12.55 74.04
C ALA H 154 -1.09 -13.20 72.67
N THR H 155 -1.12 -14.54 72.64
CA THR H 155 -0.91 -15.27 71.40
C THR H 155 -1.99 -14.94 70.38
N GLU H 156 -3.24 -14.83 70.82
CA GLU H 156 -4.34 -14.60 69.89
C GLU H 156 -4.23 -13.23 69.21
N ILE H 157 -3.94 -12.18 69.99
CA ILE H 157 -3.78 -10.85 69.38
C ILE H 157 -2.57 -10.81 68.47
N LEU H 158 -1.46 -11.43 68.90
CA LEU H 158 -0.27 -11.46 68.06
C LEU H 158 -0.56 -12.17 66.75
N ALA H 159 -1.30 -13.27 66.79
CA ALA H 159 -1.66 -13.99 65.57
C ALA H 159 -2.67 -13.21 64.73
N ARG H 160 -3.50 -12.39 65.35
CA ARG H 160 -4.48 -11.60 64.61
C ARG H 160 -3.90 -10.32 64.03
N PHE H 161 -2.65 -9.99 64.37
CA PHE H 161 -2.03 -8.79 63.79
C PHE H 161 -2.07 -8.74 62.26
N PRO H 162 -1.72 -9.78 61.51
CA PRO H 162 -1.63 -9.62 60.05
C PRO H 162 -2.94 -9.23 59.37
N CYS H 163 -4.10 -9.66 59.87
CA CYS H 163 -5.37 -9.41 59.21
C CYS H 163 -5.98 -8.06 59.54
N LYS H 164 -5.18 -7.09 59.99
CA LYS H 164 -5.61 -5.74 60.35
C LYS H 164 -6.55 -5.73 61.56
N GLU H 165 -6.79 -6.89 62.19
CA GLU H 165 -7.66 -6.98 63.36
C GLU H 165 -6.89 -6.66 64.63
N ASN H 166 -6.25 -5.50 64.62
CA ASN H 166 -5.49 -5.00 65.75
C ASN H 166 -6.25 -3.87 66.43
N PRO H 167 -6.45 -3.95 67.74
CA PRO H 167 -7.11 -2.84 68.45
C PRO H 167 -6.33 -1.54 68.29
N ASP H 168 -7.07 -0.43 68.20
CA ASP H 168 -6.44 0.87 67.95
C ASP H 168 -5.46 1.24 69.06
N ASN H 169 -5.70 0.79 70.29
CA ASN H 169 -4.75 1.04 71.37
C ASN H 169 -3.43 0.31 71.15
N LEU H 170 -3.40 -0.72 70.31
CA LEU H 170 -2.18 -1.44 69.96
C LEU H 170 -1.74 -1.16 68.52
N SER H 171 -2.17 -0.03 67.96
CA SER H 171 -1.83 0.32 66.59
C SER H 171 -0.33 0.48 66.41
N ASP H 172 0.38 0.95 67.44
CA ASP H 172 1.83 1.06 67.34
C ASP H 172 2.50 -0.31 67.44
N PHE H 173 1.99 -1.18 68.32
CA PHE H 173 2.57 -2.50 68.48
C PHE H 173 2.46 -3.31 67.18
N ARG H 174 1.32 -3.21 66.50
CA ARG H 174 1.16 -3.97 65.26
C ARG H 174 2.24 -3.60 64.26
N GLU H 175 2.49 -2.29 64.07
CA GLU H 175 3.54 -1.85 63.15
C GLU H 175 4.92 -2.25 63.66
N GLU H 176 5.13 -2.20 64.98
CA GLU H 176 6.40 -2.63 65.56
C GLU H 176 6.71 -4.07 65.20
N VAL H 177 5.68 -4.93 65.18
CA VAL H 177 5.88 -6.33 64.79
C VAL H 177 6.01 -6.46 63.28
N SER H 178 5.23 -5.67 62.53
CA SER H 178 5.24 -5.77 61.08
C SER H 178 6.60 -5.42 60.51
N ARG H 179 7.25 -4.39 61.06
CA ARG H 179 8.57 -4.01 60.58
C ARG H 179 9.67 -4.96 61.05
N ARG H 180 9.42 -5.74 62.10
CA ARG H 180 10.42 -6.67 62.61
C ARG H 180 10.40 -7.99 61.84
N LEU H 181 9.24 -8.64 61.80
CA LEU H 181 9.15 -9.96 61.18
C LEU H 181 9.44 -9.87 59.68
N ARG H 182 8.92 -8.85 59.01
CA ARG H 182 9.23 -8.63 57.60
C ARG H 182 10.72 -8.44 57.39
N TYR H 183 11.37 -7.70 58.30
CA TYR H 183 12.81 -7.54 58.21
C TYR H 183 13.52 -8.89 58.26
N GLU H 184 13.11 -9.74 59.21
CA GLU H 184 13.72 -11.06 59.30
C GLU H 184 13.51 -11.86 58.01
N SER H 185 12.30 -11.79 57.46
CA SER H 185 12.00 -12.46 56.20
C SER H 185 12.95 -12.02 55.09
N GLN H 186 13.06 -10.70 54.90
CA GLN H 186 13.91 -10.18 53.83
C GLN H 186 15.38 -10.51 54.07
N LEU H 187 15.81 -10.46 55.33
CA LEU H 187 17.18 -10.85 55.67
C LEU H 187 17.45 -12.30 55.28
N PHE H 188 16.50 -13.19 55.59
CA PHE H 188 16.65 -14.59 55.18
C PHE H 188 16.70 -14.74 53.67
N GLY H 189 15.86 -13.98 52.96
CA GLY H 189 15.90 -14.03 51.51
C GLY H 189 17.26 -13.62 50.95
N TRP H 190 17.81 -12.52 51.46
CA TRP H 190 19.11 -12.06 50.99
C TRP H 190 20.23 -13.03 51.36
N LEU H 191 20.15 -13.66 52.54
CA LEU H 191 21.14 -14.67 52.89
C LEU H 191 21.04 -15.87 51.97
N LEU H 192 19.82 -16.25 51.60
CA LEU H 192 19.62 -17.35 50.67
C LEU H 192 20.25 -17.04 49.33
N ILE H 193 20.02 -15.83 48.80
CA ILE H 193 20.64 -15.47 47.53
C ILE H 193 22.16 -15.49 47.64
N GLY H 194 22.70 -15.00 48.75
CA GLY H 194 24.15 -15.04 48.92
C GLY H 194 24.71 -16.44 48.94
N VAL H 195 24.05 -17.34 49.69
CA VAL H 195 24.53 -18.72 49.80
C VAL H 195 24.42 -19.42 48.45
N VAL H 196 23.31 -19.23 47.75
CA VAL H 196 23.12 -19.85 46.45
C VAL H 196 24.19 -19.38 45.47
N ALA H 197 24.46 -18.07 45.44
CA ALA H 197 25.50 -17.55 44.57
C ALA H 197 26.86 -18.14 44.92
N ILE H 198 27.16 -18.26 46.20
CA ILE H 198 28.44 -18.84 46.62
C ILE H 198 28.54 -20.29 46.16
N LEU H 199 27.46 -21.05 46.31
CA LEU H 199 27.46 -22.45 45.88
C LEU H 199 27.62 -22.57 44.37
N VAL H 200 26.91 -21.74 43.60
CA VAL H 200 27.05 -21.77 42.15
C VAL H 200 28.48 -21.43 41.74
N PHE H 201 29.12 -20.51 42.45
CA PHE H 201 30.51 -20.21 42.16
C PHE H 201 31.43 -21.38 42.50
N LEU H 202 31.26 -21.95 43.70
CA LEU H 202 32.18 -23.00 44.17
C LEU H 202 32.04 -24.27 43.36
N THR H 203 30.80 -24.67 43.08
CA THR H 203 30.56 -25.90 42.32
C THR H 203 31.21 -25.85 40.95
N LYS H 204 31.04 -24.73 40.24
CA LYS H 204 31.68 -24.59 38.94
C LYS H 204 33.20 -24.53 39.07
N CYS H 205 33.70 -23.82 40.09
CA CYS H 205 35.15 -23.75 40.30
C CYS H 205 35.75 -25.11 40.56
N LEU H 206 34.98 -26.03 41.17
CA LEU H 206 35.45 -27.40 41.37
C LEU H 206 35.22 -28.27 40.15
N LYS H 207 34.14 -28.03 39.41
CA LYS H 207 33.84 -28.81 38.21
C LYS H 207 34.93 -28.62 37.16
N HIS H 208 35.37 -27.38 36.96
CA HIS H 208 36.47 -27.16 36.01
C HIS H 208 37.80 -27.65 36.57
N TYR H 209 37.98 -27.59 37.88
CA TYR H 209 39.27 -27.97 38.46
C TYR H 209 39.48 -29.47 38.43
N CYS H 210 38.46 -30.25 38.77
CA CYS H 210 38.59 -31.70 38.89
C CYS H 210 38.31 -32.44 37.59
N SER H 211 37.79 -31.76 36.56
CA SER H 211 37.51 -32.44 35.31
C SER H 211 38.83 -32.75 34.59
N PRO H 212 38.94 -33.95 34.01
CA PRO H 212 40.17 -34.27 33.24
C PRO H 212 40.24 -33.57 31.90
N LEU H 213 39.16 -32.98 31.43
CA LEU H 213 39.12 -32.28 30.15
C LEU H 213 39.30 -30.77 30.35
N SER H 214 39.67 -30.11 29.28
CA SER H 214 39.71 -28.65 29.27
C SER H 214 38.30 -28.09 29.10
N TYR H 215 38.15 -26.81 29.43
CA TYR H 215 36.82 -26.20 29.38
C TYR H 215 36.34 -25.99 27.95
N ARG H 216 37.26 -25.73 27.01
CA ARG H 216 36.87 -25.59 25.61
C ARG H 216 36.37 -26.91 25.05
N GLN H 217 37.04 -28.02 25.38
CA GLN H 217 36.60 -29.32 24.93
C GLN H 217 35.25 -29.68 25.54
N GLU H 218 35.03 -29.30 26.80
CA GLU H 218 33.73 -29.56 27.42
C GLU H 218 32.63 -28.72 26.79
N ALA H 219 32.95 -27.49 26.38
CA ALA H 219 31.97 -26.69 25.64
C ALA H 219 31.63 -27.34 24.31
N TYR H 220 32.64 -27.85 23.61
CA TYR H 220 32.39 -28.58 22.36
C TYR H 220 31.54 -29.82 22.62
N TRP H 221 31.81 -30.52 23.71
CA TRP H 221 31.02 -31.69 24.06
C TRP H 221 29.56 -31.33 24.33
N ALA H 222 29.32 -30.22 25.03
CA ALA H 222 27.96 -29.79 25.28
C ALA H 222 27.23 -29.42 23.98
N GLN H 223 27.93 -28.71 23.09
CA GLN H 223 27.33 -28.40 21.80
C GLN H 223 26.98 -29.65 21.03
N TYR H 224 27.89 -30.65 21.05
CA TYR H 224 27.62 -31.90 20.38
C TYR H 224 26.41 -32.61 20.98
N ARG H 225 26.31 -32.62 22.31
CA ARG H 225 25.18 -33.30 22.95
C ARG H 225 23.86 -32.64 22.56
N ALA H 226 23.81 -31.31 22.54
CA ALA H 226 22.59 -30.62 22.15
C ALA H 226 22.21 -30.95 20.71
N ASN H 227 23.19 -30.87 19.79
CA ASN H 227 22.90 -31.16 18.40
C ASN H 227 22.46 -32.60 18.20
N GLU H 228 23.12 -33.54 18.88
CA GLU H 228 22.74 -34.95 18.76
C GLU H 228 21.32 -35.18 19.26
N ASP H 229 20.96 -34.58 20.39
CA ASP H 229 19.61 -34.76 20.90
C ASP H 229 18.57 -34.24 19.92
N GLN H 230 18.77 -33.02 19.41
CA GLN H 230 17.77 -32.46 18.50
C GLN H 230 17.66 -33.28 17.21
N LEU H 231 18.80 -33.64 16.63
CA LEU H 231 18.79 -34.41 15.38
C LEU H 231 18.17 -35.78 15.58
N PHE H 232 18.47 -36.44 16.70
CA PHE H 232 17.90 -37.75 16.96
C PHE H 232 16.39 -37.67 17.11
N GLN H 233 15.89 -36.65 17.82
CA GLN H 233 14.45 -36.50 17.95
C GLN H 233 13.79 -36.27 16.59
N ARG H 234 14.38 -35.39 15.78
CA ARG H 234 13.79 -35.09 14.47
C ARG H 234 13.76 -36.32 13.58
N THR H 235 14.87 -37.06 13.52
CA THR H 235 14.92 -38.24 12.67
C THR H 235 14.02 -39.36 13.20
N ALA H 236 13.87 -39.46 14.52
CA ALA H 236 12.93 -40.44 15.07
C ALA H 236 11.51 -40.10 14.63
N GLU H 237 11.14 -38.83 14.68
CA GLU H 237 9.81 -38.42 14.21
C GLU H 237 9.61 -38.78 12.75
N VAL H 238 10.60 -38.46 11.91
CA VAL H 238 10.47 -38.71 10.47
C VAL H 238 10.40 -40.21 10.19
N HIS H 239 11.24 -40.99 10.85
CA HIS H 239 11.25 -42.45 10.65
C HIS H 239 9.93 -43.07 11.08
N SER H 240 9.39 -42.63 12.22
CA SER H 240 8.10 -43.14 12.67
C SER H 240 7.00 -42.78 11.68
N ARG H 241 7.02 -41.55 11.16
CA ARG H 241 6.01 -41.17 10.17
C ARG H 241 6.09 -42.02 8.92
N VAL H 242 7.31 -42.28 8.43
CA VAL H 242 7.45 -43.08 7.21
C VAL H 242 6.99 -44.51 7.45
N LEU H 243 7.34 -45.10 8.60
CA LEU H 243 6.90 -46.46 8.91
C LEU H 243 5.37 -46.53 9.02
N ALA H 244 4.77 -45.54 9.67
CA ALA H 244 3.31 -45.50 9.78
C ALA H 244 2.66 -45.36 8.41
N ALA H 245 3.25 -44.54 7.53
CA ALA H 245 2.73 -44.41 6.19
C ALA H 245 2.81 -45.72 5.43
N ASN H 246 3.91 -46.46 5.59
CA ASN H 246 4.02 -47.76 4.94
C ASN H 246 2.94 -48.72 5.44
N ASN H 247 2.70 -48.73 6.75
CA ASN H 247 1.66 -49.62 7.28
C ASN H 247 0.27 -49.23 6.78
N VAL H 248 -0.03 -47.93 6.75
CA VAL H 248 -1.34 -47.49 6.27
C VAL H 248 -1.50 -47.81 4.79
N ARG H 249 -0.42 -47.68 4.01
CA ARG H 249 -0.49 -48.08 2.61
C ARG H 249 -0.76 -49.57 2.48
N ARG H 250 -0.13 -50.39 3.31
CA ARG H 250 -0.41 -51.82 3.30
C ARG H 250 -1.87 -52.09 3.62
N PHE H 251 -2.47 -51.29 4.50
CA PHE H 251 -3.87 -51.53 4.85
C PHE H 251 -4.83 -51.09 3.74
N PHE H 252 -4.79 -49.81 3.38
CA PHE H 252 -5.79 -49.25 2.46
C PHE H 252 -5.41 -49.37 0.99
N GLY H 253 -4.11 -49.49 0.67
CA GLY H 253 -3.65 -49.47 -0.70
C GLY H 253 -3.05 -48.16 -1.14
N PHE H 254 -3.20 -47.09 -0.34
CA PHE H 254 -2.59 -45.81 -0.62
C PHE H 254 -2.55 -45.03 0.70
N VAL H 255 -1.84 -43.91 0.67
CA VAL H 255 -1.76 -43.01 1.82
C VAL H 255 -2.11 -41.60 1.36
N ALA H 256 -2.93 -40.92 2.13
CA ALA H 256 -3.24 -39.51 1.89
C ALA H 256 -2.20 -38.66 2.59
N LEU H 257 -1.22 -38.19 1.83
CA LEU H 257 -0.08 -37.47 2.37
C LEU H 257 -0.07 -36.03 1.85
N ASN H 258 0.41 -35.13 2.70
CA ASN H 258 0.63 -33.75 2.29
C ASN H 258 1.90 -33.64 1.45
N LYS H 259 2.13 -32.45 0.91
CA LYS H 259 3.30 -32.26 0.05
C LYS H 259 4.61 -32.46 0.83
N ASP H 260 4.69 -31.92 2.05
CA ASP H 260 5.87 -32.16 2.87
C ASP H 260 5.99 -33.64 3.25
N ASP H 261 4.85 -34.29 3.54
CA ASP H 261 4.88 -35.72 3.80
C ASP H 261 5.29 -36.50 2.55
N GLU H 262 4.85 -36.04 1.38
CA GLU H 262 5.29 -36.69 0.14
C GLU H 262 6.80 -36.56 -0.03
N GLU H 263 7.35 -35.38 0.26
CA GLU H 263 8.81 -35.21 0.20
C GLU H 263 9.51 -36.11 1.20
N LEU H 264 8.96 -36.22 2.41
CA LEU H 264 9.54 -37.11 3.41
C LEU H 264 9.55 -38.56 2.93
N ILE H 265 8.45 -39.01 2.35
CA ILE H 265 8.37 -40.40 1.89
C ILE H 265 9.34 -40.64 0.73
N ALA H 266 9.41 -39.70 -0.21
CA ALA H 266 10.28 -39.87 -1.36
C ALA H 266 11.75 -39.84 -0.95
N ASN H 267 12.15 -38.89 -0.12
CA ASN H 267 13.55 -38.73 0.23
C ASN H 267 14.03 -39.83 1.17
N PHE H 268 13.23 -40.16 2.20
CA PHE H 268 13.68 -41.07 3.25
C PHE H 268 12.87 -42.35 3.23
N PRO H 269 13.36 -43.42 2.62
CA PRO H 269 12.68 -44.72 2.70
C PRO H 269 13.20 -45.57 3.84
N VAL H 270 12.28 -46.27 4.50
CA VAL H 270 12.62 -47.14 5.61
C VAL H 270 12.38 -48.58 5.20
N GLU H 271 13.32 -49.46 5.56
CA GLU H 271 13.21 -50.88 5.24
C GLU H 271 12.75 -51.72 6.42
N GLY H 272 13.10 -51.33 7.64
CA GLY H 272 12.71 -52.08 8.81
C GLY H 272 12.92 -51.26 10.07
N THR H 273 12.68 -51.90 11.20
CA THR H 273 12.82 -51.28 12.51
C THR H 273 14.10 -51.74 13.19
N GLN H 274 14.71 -50.83 13.93
CA GLN H 274 15.93 -51.17 14.66
C GLN H 274 15.60 -52.13 15.80
N PRO H 275 16.47 -53.10 16.08
CA PRO H 275 16.19 -54.07 17.14
C PRO H 275 16.23 -53.43 18.51
N ARG H 276 15.65 -54.14 19.48
CA ARG H 276 15.67 -53.68 20.86
C ARG H 276 17.08 -53.53 21.42
N PRO H 277 18.00 -54.48 21.24
CA PRO H 277 19.37 -54.26 21.76
C PRO H 277 20.06 -53.05 21.15
N GLN H 278 19.75 -52.72 19.89
CA GLN H 278 20.33 -51.51 19.29
C GLN H 278 19.86 -50.27 20.03
N TRP H 279 18.58 -50.22 20.42
CA TRP H 279 18.09 -49.12 21.24
C TRP H 279 18.73 -49.13 22.63
N ASN H 280 18.86 -50.32 23.22
CA ASN H 280 19.45 -50.41 24.56
C ASN H 280 20.89 -49.96 24.58
N ALA H 281 21.63 -50.16 23.48
CA ALA H 281 23.03 -49.80 23.42
C ALA H 281 23.28 -48.30 23.48
N ILE H 282 22.25 -47.48 23.30
CA ILE H 282 22.42 -46.03 23.28
C ILE H 282 21.68 -45.34 24.42
N THR H 283 21.03 -46.08 25.31
CA THR H 283 20.31 -45.51 26.43
C THR H 283 21.07 -45.80 27.73
N GLY H 284 21.35 -44.77 28.49
CA GLY H 284 22.04 -44.91 29.75
C GLY H 284 22.91 -43.68 30.01
N VAL H 285 23.78 -43.82 31.00
CA VAL H 285 24.72 -42.76 31.34
C VAL H 285 26.06 -43.05 30.66
N TYR H 286 26.74 -41.98 30.27
CA TYR H 286 28.02 -42.06 29.57
C TYR H 286 29.00 -41.12 30.24
N LEU H 287 30.23 -41.60 30.47
CA LEU H 287 31.29 -40.78 31.08
C LEU H 287 32.55 -40.88 30.23
N TYR H 288 32.58 -40.11 29.13
CA TYR H 288 33.78 -39.79 28.35
C TYR H 288 34.81 -40.91 28.23
N ARG H 289 34.46 -42.04 27.64
CA ARG H 289 35.51 -42.96 27.28
C ARG H 289 36.25 -42.50 26.03
N GLU H 290 37.46 -43.01 25.86
CA GLU H 290 38.33 -42.64 24.75
C GLU H 290 38.83 -43.91 24.08
N ASN H 291 38.76 -43.95 22.75
CA ASN H 291 39.16 -45.12 21.99
C ASN H 291 40.30 -44.75 21.05
N GLN H 292 41.45 -45.40 21.23
CA GLN H 292 42.63 -45.21 20.37
C GLN H 292 43.04 -43.75 20.31
N GLY H 293 42.95 -43.06 21.46
CA GLY H 293 43.32 -41.66 21.52
C GLY H 293 42.32 -40.71 20.91
N LEU H 294 41.16 -41.19 20.49
CA LEU H 294 40.13 -40.35 19.89
C LEU H 294 38.93 -40.28 20.82
N PRO H 295 38.46 -39.08 21.14
CA PRO H 295 37.33 -38.96 22.08
C PRO H 295 36.04 -39.50 21.51
N LEU H 296 35.23 -40.06 22.40
CA LEU H 296 33.86 -40.47 22.12
C LEU H 296 32.94 -39.69 23.05
N TYR H 297 31.95 -39.00 22.48
CA TYR H 297 31.18 -38.01 23.22
C TYR H 297 29.80 -38.49 23.64
N SER H 298 29.35 -39.64 23.16
CA SER H 298 28.08 -40.20 23.60
C SER H 298 28.06 -41.69 23.26
N ARG H 299 27.14 -42.42 23.89
CA ARG H 299 27.04 -43.84 23.59
C ARG H 299 26.39 -44.09 22.23
N LEU H 300 25.70 -43.10 21.66
CA LEU H 300 25.33 -43.20 20.25
C LEU H 300 26.56 -43.12 19.36
N HIS H 301 27.47 -42.19 19.67
CA HIS H 301 28.74 -42.12 18.94
C HIS H 301 29.56 -43.38 19.15
N LYS H 302 29.61 -43.88 20.38
CA LYS H 302 30.34 -45.10 20.68
C LYS H 302 29.74 -46.30 19.94
N TRP H 303 28.42 -46.38 19.88
CA TRP H 303 27.76 -47.43 19.12
C TRP H 303 28.06 -47.31 17.63
N ALA H 304 28.01 -46.09 17.09
CA ALA H 304 28.28 -45.90 15.66
C ALA H 304 29.71 -46.30 15.32
N GLN H 305 30.66 -46.04 16.22
CA GLN H 305 32.03 -46.51 16.00
C GLN H 305 32.15 -48.03 16.05
N GLY H 306 31.14 -48.73 16.55
CA GLY H 306 31.18 -50.17 16.63
C GLY H 306 31.65 -50.74 17.94
N LEU H 307 31.70 -49.93 19.00
CA LEU H 307 32.22 -50.35 20.29
C LEU H 307 31.13 -50.75 21.28
N ALA H 308 29.86 -50.71 20.89
CA ALA H 308 28.76 -51.06 21.77
C ALA H 308 28.17 -52.43 21.47
N GLY H 309 28.05 -52.79 20.19
CA GLY H 309 27.50 -54.07 19.81
C GLY H 309 28.47 -55.23 20.00
N ASP H 315 20.63 -66.40 20.96
CA ASP H 315 20.66 -67.53 21.88
C ASP H 315 19.39 -67.58 22.72
N ASN H 316 19.16 -66.52 23.48
CA ASN H 316 17.97 -66.40 24.33
C ASN H 316 17.01 -65.40 23.71
N VAL H 317 15.74 -65.81 23.56
CA VAL H 317 14.71 -64.99 22.95
C VAL H 317 13.73 -64.56 24.01
N GLU H 318 13.46 -63.27 24.09
CA GLU H 318 12.55 -62.70 25.08
C GLU H 318 11.41 -61.96 24.37
N MET H 319 10.28 -61.86 25.08
CA MET H 319 9.09 -61.12 24.66
C MET H 319 8.79 -61.33 23.17
N ALA H 320 8.82 -62.59 22.76
CA ALA H 320 8.50 -62.94 21.38
C ALA H 320 7.00 -63.01 21.17
N LEU H 321 6.59 -62.78 19.91
CA LEU H 321 5.16 -62.81 19.59
C LEU H 321 4.63 -64.24 19.60
N LEU H 322 5.36 -65.17 19.01
CA LEU H 322 4.97 -66.57 18.87
C LEU H 322 6.13 -67.45 19.30
N PRO H 323 5.87 -68.74 19.59
CA PRO H 323 6.95 -69.61 20.06
C PRO H 323 8.00 -69.84 18.97
N SER H 324 9.02 -70.62 19.29
CA SER H 324 10.01 -71.00 18.29
C SER H 324 9.32 -71.68 17.11
N ALA H 325 9.97 -71.61 15.95
CA ALA H 325 9.40 -72.18 14.74
C ALA H 325 9.08 -73.66 14.91
N LEU H 326 9.88 -74.36 15.72
CA LEU H 326 9.58 -75.76 16.04
C LEU H 326 8.24 -75.90 16.74
N GLU H 327 7.93 -75.00 17.68
CA GLU H 327 6.63 -75.04 18.34
C GLU H 327 5.52 -74.52 17.44
N VAL H 328 5.83 -73.58 16.54
CA VAL H 328 4.83 -73.10 15.59
C VAL H 328 4.41 -74.23 14.65
N LEU H 329 5.35 -75.11 14.30
CA LEU H 329 5.01 -76.25 13.44
C LEU H 329 3.93 -77.11 14.05
N PHE H 330 3.90 -77.24 15.38
CA PHE H 330 2.82 -78.00 16.02
C PHE H 330 1.72 -77.09 16.52
N PHE I 40 10.54 -6.26 40.73
CA PHE I 40 11.22 -4.99 40.93
C PHE I 40 10.77 -4.34 42.23
N SER I 41 9.46 -4.35 42.48
CA SER I 41 8.93 -3.88 43.75
C SER I 41 9.30 -4.82 44.90
N VAL I 42 9.68 -6.06 44.58
CA VAL I 42 10.07 -7.01 45.61
C VAL I 42 11.35 -6.57 46.31
N VAL I 43 12.28 -5.99 45.55
CA VAL I 43 13.63 -5.70 46.05
C VAL I 43 13.64 -4.26 46.58
N ALA I 44 12.44 -3.67 46.70
CA ALA I 44 12.34 -2.33 47.24
C ALA I 44 12.83 -2.28 48.68
N PHE I 45 13.56 -1.22 49.02
CA PHE I 45 14.16 -1.11 50.34
C PHE I 45 13.09 -0.84 51.40
N HIS I 46 13.18 -1.55 52.52
CA HIS I 46 12.26 -1.40 53.64
C HIS I 46 13.10 -1.39 54.92
N CYS I 47 13.28 -0.21 55.49
CA CYS I 47 14.15 -0.07 56.65
C CYS I 47 13.47 -0.59 57.91
N PRO I 48 14.04 -1.58 58.60
CA PRO I 48 13.51 -1.96 59.90
C PRO I 48 13.95 -0.99 60.98
N CYS I 49 13.04 -0.14 61.45
CA CYS I 49 13.40 0.89 62.42
C CYS I 49 13.54 0.27 63.80
N SER I 50 14.73 -0.28 64.07
CA SER I 50 15.05 -0.90 65.35
C SER I 50 16.54 -0.79 65.56
N PRO I 51 17.00 -0.54 66.79
CA PRO I 51 18.44 -0.46 67.04
C PRO I 51 19.13 -1.80 66.82
N ALA I 52 20.37 -1.73 66.38
CA ALA I 52 21.22 -2.90 66.12
C ALA I 52 20.61 -3.85 65.10
N ARG I 53 19.61 -3.39 64.35
CA ARG I 53 18.87 -4.27 63.46
C ARG I 53 18.77 -3.66 62.06
N ASN I 54 18.74 -2.33 61.99
CA ASN I 54 18.63 -1.67 60.69
C ASN I 54 19.93 -1.69 59.91
N TYR I 55 21.08 -1.56 60.60
CA TYR I 55 22.33 -1.58 59.86
C TYR I 55 22.67 -2.97 59.36
N LEU I 56 22.26 -4.02 60.08
CA LEU I 56 22.42 -5.38 59.57
C LEU I 56 21.59 -5.58 58.30
N TYR I 57 20.36 -5.08 58.29
CA TYR I 57 19.53 -5.19 57.09
C TYR I 57 20.12 -4.41 55.94
N GLY I 58 20.61 -3.20 56.20
CA GLY I 58 21.25 -2.43 55.13
C GLY I 58 22.47 -3.13 54.58
N LEU I 59 23.32 -3.66 55.48
CA LEU I 59 24.51 -4.37 55.05
C LEU I 59 24.15 -5.57 54.19
N ALA I 60 23.16 -6.35 54.60
CA ALA I 60 22.75 -7.50 53.80
C ALA I 60 22.20 -7.06 52.46
N ALA I 61 21.22 -6.15 52.46
CA ALA I 61 20.52 -5.75 51.24
C ALA I 61 21.40 -4.98 50.27
N ILE I 62 22.55 -4.48 50.70
CA ILE I 62 23.50 -3.83 49.80
C ILE I 62 24.61 -4.78 49.38
N GLY I 63 25.22 -5.49 50.33
CA GLY I 63 26.33 -6.36 49.99
C GLY I 63 25.93 -7.57 49.17
N VAL I 64 24.80 -8.21 49.50
CA VAL I 64 24.41 -9.43 48.79
C VAL I 64 24.21 -9.18 47.29
N PRO I 65 23.51 -8.14 46.85
CA PRO I 65 23.51 -7.84 45.40
C PRO I 65 24.90 -7.58 44.85
N ALA I 66 25.75 -6.89 45.62
CA ALA I 66 27.12 -6.65 45.17
C ALA I 66 27.89 -7.96 45.06
N LEU I 67 27.74 -8.84 46.05
CA LEU I 67 28.41 -10.13 45.99
C LEU I 67 27.92 -10.97 44.81
N VAL I 68 26.61 -10.93 44.55
CA VAL I 68 26.06 -11.67 43.42
C VAL I 68 26.61 -11.13 42.10
N LEU I 69 26.67 -9.81 41.97
CA LEU I 69 27.22 -9.22 40.75
C LEU I 69 28.69 -9.55 40.58
N PHE I 70 29.45 -9.54 41.68
CA PHE I 70 30.85 -9.93 41.62
C PHE I 70 31.01 -11.38 41.19
N ILE I 71 30.18 -12.27 41.73
CA ILE I 71 30.24 -13.69 41.35
C ILE I 71 29.89 -13.86 39.89
N ILE I 72 28.86 -13.15 39.41
CA ILE I 72 28.48 -13.25 37.99
C ILE I 72 29.61 -12.76 37.11
N GLY I 73 30.24 -11.65 37.47
CA GLY I 73 31.36 -11.14 36.70
C GLY I 73 32.53 -12.10 36.67
N ILE I 74 32.81 -12.76 37.79
CA ILE I 74 33.87 -13.76 37.82
C ILE I 74 33.52 -14.95 36.92
N ILE I 75 32.27 -15.43 37.02
CA ILE I 75 31.88 -16.64 36.31
C ILE I 75 31.88 -16.41 34.80
N LEU I 76 31.30 -15.29 34.36
CA LEU I 76 31.13 -15.05 32.93
C LEU I 76 32.46 -14.88 32.21
N ASN I 77 33.46 -14.34 32.90
CA ASN I 77 34.77 -14.15 32.28
C ASN I 77 35.40 -15.50 31.97
N ASN I 78 36.06 -15.59 30.80
CA ASN I 78 36.75 -16.81 30.40
C ASN I 78 38.21 -16.83 30.84
N HIS I 79 38.74 -15.74 31.39
CA HIS I 79 40.12 -15.73 31.84
C HIS I 79 40.30 -16.48 33.16
N THR I 80 39.30 -16.43 34.03
CA THR I 80 39.37 -17.24 35.24
C THR I 80 39.39 -18.72 34.90
N TRP I 81 38.69 -19.13 33.84
CA TRP I 81 38.60 -20.55 33.54
C TRP I 81 39.89 -21.07 32.93
N ASN I 82 40.54 -20.31 32.04
CA ASN I 82 41.82 -20.82 31.55
C ASN I 82 42.93 -20.64 32.59
N LEU I 83 42.78 -19.70 33.53
CA LEU I 83 43.67 -19.68 34.68
C LEU I 83 43.51 -20.95 35.52
N VAL I 84 42.27 -21.37 35.76
CA VAL I 84 42.01 -22.62 36.47
C VAL I 84 42.57 -23.80 35.70
N ALA I 85 42.42 -23.78 34.36
CA ALA I 85 42.97 -24.86 33.53
C ALA I 85 44.48 -24.91 33.62
N GLU I 86 45.13 -23.75 33.67
CA GLU I 86 46.58 -23.72 33.85
C GLU I 86 46.98 -24.30 35.20
N CYS I 87 46.31 -23.88 36.27
CA CYS I 87 46.62 -24.42 37.60
C CYS I 87 46.34 -25.92 37.66
N GLN I 88 45.39 -26.39 36.85
CA GLN I 88 45.05 -27.81 36.84
C GLN I 88 46.11 -28.62 36.10
N HIS I 89 46.36 -28.28 34.84
CA HIS I 89 47.27 -29.09 34.02
C HIS I 89 48.71 -28.96 34.47
N ARG I 90 49.12 -27.77 34.94
CA ARG I 90 50.48 -27.63 35.45
C ARG I 90 50.68 -28.47 36.70
N ARG I 91 49.71 -28.45 37.62
CA ARG I 91 49.64 -29.35 38.77
C ARG I 91 50.93 -29.37 39.61
N THR I 92 51.80 -28.37 39.46
CA THR I 92 53.07 -28.37 40.18
C THR I 92 53.43 -26.96 40.63
N LYS I 93 52.51 -25.99 40.55
CA LYS I 93 52.79 -24.60 40.89
C LYS I 93 53.94 -24.05 40.06
N ASN I 94 53.99 -24.45 38.78
CA ASN I 94 55.11 -24.06 37.92
C ASN I 94 55.11 -22.58 37.62
N CYS I 95 53.92 -21.99 37.40
CA CYS I 95 53.84 -20.59 37.01
C CYS I 95 54.37 -19.68 38.11
N SER I 96 55.07 -18.64 37.70
CA SER I 96 55.66 -17.69 38.66
C SER I 96 54.56 -16.82 39.28
N ALA I 97 54.97 -16.05 40.30
CA ALA I 97 54.01 -15.22 41.02
C ALA I 97 53.54 -14.05 40.16
N ALA I 98 54.43 -13.47 39.35
CA ALA I 98 54.06 -12.28 38.58
C ALA I 98 52.94 -12.53 37.57
N PRO I 99 53.00 -13.55 36.70
CA PRO I 99 51.89 -13.73 35.75
C PRO I 99 50.57 -14.09 36.42
N THR I 100 50.61 -14.96 37.43
CA THR I 100 49.38 -15.30 38.14
C THR I 100 48.78 -14.08 38.82
N PHE I 101 49.63 -13.24 39.42
CA PHE I 101 49.14 -12.01 40.04
C PHE I 101 48.53 -11.08 39.01
N LEU I 102 49.16 -10.95 37.84
CA LEU I 102 48.62 -10.08 36.81
C LEU I 102 47.26 -10.57 36.32
N LEU I 103 47.13 -11.88 36.07
CA LEU I 103 45.85 -12.43 35.62
C LEU I 103 44.78 -12.27 36.70
N LEU I 104 45.11 -12.54 37.96
CA LEU I 104 44.13 -12.38 39.03
C LEU I 104 43.70 -10.92 39.15
N SER I 105 44.65 -9.99 39.05
CA SER I 105 44.29 -8.58 39.11
C SER I 105 43.37 -8.20 37.95
N SER I 106 43.67 -8.67 36.74
CA SER I 106 42.82 -8.36 35.60
C SER I 106 41.41 -8.91 35.79
N ILE I 107 41.30 -10.16 36.25
CA ILE I 107 40.00 -10.79 36.42
C ILE I 107 39.18 -10.04 37.47
N LEU I 108 39.81 -9.74 38.61
CA LEU I 108 39.09 -9.03 39.68
C LEU I 108 38.70 -7.63 39.25
N GLY I 109 39.57 -6.92 38.52
CA GLY I 109 39.25 -5.59 38.06
C GLY I 109 38.10 -5.59 37.06
N ARG I 110 38.08 -6.56 36.15
CA ARG I 110 36.97 -6.65 35.22
C ARG I 110 35.67 -7.04 35.91
N ALA I 111 35.75 -7.89 36.94
CA ALA I 111 34.54 -8.33 37.63
C ALA I 111 33.97 -7.25 38.53
N ALA I 112 34.81 -6.42 39.13
CA ALA I 112 34.38 -5.47 40.15
C ALA I 112 33.65 -4.26 39.58
N VAL I 113 33.42 -4.18 38.26
CA VAL I 113 32.76 -3.03 37.69
C VAL I 113 31.32 -2.94 38.17
N ALA I 114 30.57 -4.05 38.07
CA ALA I 114 29.18 -4.05 38.50
C ALA I 114 29.01 -3.83 39.99
N PRO I 115 29.74 -4.49 40.89
CA PRO I 115 29.58 -4.17 42.32
C PRO I 115 29.88 -2.71 42.63
N VAL I 116 30.88 -2.12 41.98
CA VAL I 116 31.24 -0.74 42.27
C VAL I 116 30.13 0.22 41.87
N THR I 117 29.55 0.04 40.67
CA THR I 117 28.48 0.93 40.26
C THR I 117 27.20 0.69 41.07
N TRP I 118 26.93 -0.56 41.45
CA TRP I 118 25.80 -0.81 42.32
C TRP I 118 25.97 -0.12 43.67
N SER I 119 27.16 -0.20 44.24
CA SER I 119 27.43 0.46 45.52
C SER I 119 27.35 1.97 45.37
N VAL I 120 27.82 2.50 44.25
CA VAL I 120 27.75 3.95 44.01
C VAL I 120 26.30 4.41 43.96
N ILE I 121 25.46 3.67 43.22
CA ILE I 121 24.05 4.03 43.13
C ILE I 121 23.39 3.94 44.49
N SER I 122 23.67 2.87 45.25
CA SER I 122 23.06 2.72 46.56
C SER I 122 23.48 3.84 47.51
N LEU I 123 24.76 4.21 47.47
CA LEU I 123 25.22 5.31 48.33
C LEU I 123 24.60 6.64 47.93
N LEU I 124 24.50 6.90 46.63
CA LEU I 124 23.92 8.17 46.19
C LEU I 124 22.43 8.23 46.48
N ARG I 125 21.75 7.08 46.53
CA ARG I 125 20.35 7.08 46.94
C ARG I 125 20.20 7.59 48.37
N GLY I 126 21.05 7.10 49.28
CA GLY I 126 21.07 7.57 50.64
C GLY I 126 20.20 6.81 51.61
N GLU I 127 19.24 6.01 51.11
CA GLU I 127 18.32 5.31 51.99
C GLU I 127 19.04 4.29 52.86
N ALA I 128 19.91 3.49 52.25
CA ALA I 128 20.59 2.44 53.01
C ALA I 128 21.49 3.03 54.09
N TYR I 129 22.22 4.10 53.76
CA TYR I 129 23.16 4.66 54.73
C TYR I 129 22.43 5.31 55.89
N VAL I 130 21.36 6.07 55.61
CA VAL I 130 20.61 6.69 56.70
C VAL I 130 19.96 5.62 57.57
N CYS I 131 19.42 4.57 56.94
CA CYS I 131 18.84 3.47 57.71
C CYS I 131 19.88 2.81 58.60
N ALA I 132 21.10 2.64 58.09
CA ALA I 132 22.13 1.94 58.85
C ALA I 132 22.69 2.81 59.97
N LEU I 133 22.80 4.11 59.76
CA LEU I 133 23.49 4.99 60.70
C LEU I 133 22.56 5.89 61.49
N SER I 134 21.24 5.68 61.41
CA SER I 134 20.33 6.50 62.21
C SER I 134 20.54 6.29 63.71
N GLU I 135 20.77 5.05 64.13
CA GLU I 135 20.86 4.75 65.55
C GLU I 135 22.16 5.24 66.19
N PHE I 136 23.17 5.61 65.39
CA PHE I 136 24.45 6.05 65.91
C PHE I 136 24.59 7.56 65.98
N VAL I 137 23.55 8.32 65.62
CA VAL I 137 23.62 9.76 65.68
C VAL I 137 23.72 10.21 67.13
N ASP I 138 24.66 11.10 67.42
CA ASP I 138 24.86 11.59 68.77
C ASP I 138 23.79 12.63 69.10
N PRO I 139 22.96 12.43 70.13
CA PRO I 139 21.97 13.45 70.48
C PRO I 139 22.60 14.78 70.88
N SER I 140 23.79 14.76 71.48
CA SER I 140 24.43 16.00 71.88
C SER I 140 24.77 16.88 70.68
N SER I 141 25.23 16.26 69.58
CA SER I 141 25.60 17.02 68.39
C SER I 141 24.40 17.55 67.63
N LEU I 142 23.18 17.14 67.99
CA LEU I 142 21.99 17.62 67.30
C LEU I 142 21.79 19.11 67.54
N THR I 143 21.30 19.80 66.50
CA THR I 143 21.16 21.25 66.52
C THR I 143 19.92 21.62 65.71
N ALA I 144 19.84 22.90 65.31
CA ALA I 144 18.76 23.44 64.48
C ALA I 144 17.42 23.45 65.20
N ARG I 145 17.43 23.42 66.53
CA ARG I 145 16.23 23.36 67.35
C ARG I 145 16.68 23.43 68.80
N GLU I 146 15.77 23.88 69.67
CA GLU I 146 16.05 23.84 71.10
C GLU I 146 16.15 22.39 71.57
N GLU I 147 16.82 22.21 72.72
CA GLU I 147 17.15 20.87 73.21
C GLU I 147 15.88 20.19 73.72
N HIS I 148 15.08 19.69 72.79
CA HIS I 148 13.87 18.94 73.09
C HIS I 148 14.05 17.43 72.98
N PHE I 149 15.26 16.97 72.67
CA PHE I 149 15.47 15.54 72.43
C PHE I 149 15.56 14.81 73.76
N PRO I 150 14.67 13.85 74.02
CA PRO I 150 14.75 13.10 75.28
C PRO I 150 15.97 12.20 75.32
N SER I 151 16.44 11.96 76.53
CA SER I 151 17.53 11.01 76.78
C SER I 151 17.03 9.72 77.38
N ALA I 152 15.71 9.51 77.42
CA ALA I 152 15.16 8.27 77.97
C ALA I 152 15.59 7.07 77.15
N HIS I 153 15.11 6.99 75.90
CA HIS I 153 15.51 5.95 74.96
C HIS I 153 15.98 6.68 73.70
N ALA I 154 17.23 7.16 73.71
CA ALA I 154 17.72 7.93 72.58
C ALA I 154 17.89 7.05 71.35
N THR I 155 18.50 5.87 71.53
CA THR I 155 18.80 5.00 70.40
C THR I 155 17.53 4.56 69.68
N GLU I 156 16.47 4.25 70.43
CA GLU I 156 15.25 3.75 69.80
C GLU I 156 14.59 4.81 68.93
N ILE I 157 14.48 6.05 69.42
CA ILE I 157 13.89 7.11 68.61
C ILE I 157 14.77 7.42 67.40
N LEU I 158 16.08 7.45 67.61
CA LEU I 158 16.99 7.71 66.48
C LEU I 158 16.85 6.63 65.42
N ALA I 159 16.72 5.37 65.83
CA ALA I 159 16.54 4.29 64.88
C ALA I 159 15.16 4.32 64.24
N ARG I 160 14.15 4.85 64.93
CA ARG I 160 12.81 4.92 64.38
C ARG I 160 12.61 6.13 63.47
N PHE I 161 13.59 7.03 63.40
CA PHE I 161 13.47 8.18 62.50
C PHE I 161 13.14 7.82 61.05
N PRO I 162 13.81 6.86 60.40
CA PRO I 162 13.56 6.65 58.96
C PRO I 162 12.12 6.27 58.61
N CYS I 163 11.41 5.55 59.48
CA CYS I 163 10.07 5.05 59.15
C CYS I 163 8.97 6.06 59.43
N LYS I 164 9.29 7.35 59.48
CA LYS I 164 8.34 8.44 59.75
C LYS I 164 7.74 8.37 61.15
N GLU I 165 8.19 7.44 61.98
CA GLU I 165 7.66 7.29 63.34
C GLU I 165 8.41 8.23 64.30
N ASN I 166 8.41 9.50 63.93
CA ASN I 166 9.04 10.55 64.72
C ASN I 166 7.97 11.38 65.41
N PRO I 167 8.06 11.57 66.72
CA PRO I 167 7.09 12.44 67.39
C PRO I 167 7.13 13.86 66.83
N ASP I 168 5.96 14.49 66.79
CA ASP I 168 5.85 15.82 66.18
C ASP I 168 6.71 16.85 66.91
N ASN I 169 6.93 16.68 68.21
CA ASN I 169 7.82 17.57 68.94
C ASN I 169 9.27 17.43 68.48
N LEU I 170 9.63 16.32 67.84
CA LEU I 170 10.96 16.12 67.28
C LEU I 170 10.97 16.18 65.75
N SER I 171 9.96 16.83 65.17
CA SER I 171 9.86 16.93 63.71
C SER I 171 11.05 17.64 63.11
N ASP I 172 11.62 18.62 63.82
CA ASP I 172 12.81 19.30 63.32
C ASP I 172 14.05 18.42 63.44
N PHE I 173 14.16 17.66 64.54
CA PHE I 173 15.32 16.80 64.74
C PHE I 173 15.37 15.72 63.65
N ARG I 174 14.23 15.15 63.31
CA ARG I 174 14.22 14.10 62.29
C ARG I 174 14.81 14.62 60.98
N GLU I 175 14.39 15.80 60.54
CA GLU I 175 14.93 16.39 59.32
C GLU I 175 16.41 16.75 59.49
N GLU I 176 16.79 17.23 60.67
CA GLU I 176 18.18 17.54 60.95
C GLU I 176 19.07 16.32 60.74
N VAL I 177 18.58 15.14 61.12
CA VAL I 177 19.34 13.91 60.92
C VAL I 177 19.25 13.45 59.47
N SER I 178 18.08 13.62 58.85
CA SER I 178 17.88 13.15 57.48
C SER I 178 18.79 13.89 56.52
N ARG I 179 18.98 15.20 56.71
CA ARG I 179 19.86 15.95 55.83
C ARG I 179 21.33 15.71 56.12
N ARG I 180 21.66 15.21 57.31
CA ARG I 180 23.06 14.94 57.66
C ARG I 180 23.52 13.59 57.13
N LEU I 181 22.82 12.52 57.51
CA LEU I 181 23.24 11.17 57.14
C LEU I 181 23.20 10.98 55.63
N ARG I 182 22.15 11.49 54.99
CA ARG I 182 22.08 11.43 53.53
C ARG I 182 23.25 12.17 52.89
N TYR I 183 23.61 13.32 53.45
CA TYR I 183 24.78 14.05 52.95
C TYR I 183 26.02 13.17 53.02
N GLU I 184 26.23 12.51 54.16
CA GLU I 184 27.40 11.64 54.28
C GLU I 184 27.37 10.53 53.25
N SER I 185 26.18 9.94 53.04
CA SER I 185 26.02 8.90 52.02
C SER I 185 26.45 9.39 50.65
N GLN I 186 25.89 10.53 50.22
CA GLN I 186 26.20 11.07 48.90
C GLN I 186 27.67 11.46 48.78
N LEU I 187 28.24 12.02 49.85
CA LEU I 187 29.67 12.33 49.86
C LEU I 187 30.51 11.08 49.64
N PHE I 188 30.17 9.99 50.33
CA PHE I 188 30.88 8.73 50.12
C PHE I 188 30.73 8.23 48.68
N GLY I 189 29.52 8.35 48.13
CA GLY I 189 29.33 7.95 46.74
C GLY I 189 30.21 8.73 45.78
N TRP I 190 30.27 10.05 45.95
CA TRP I 190 31.10 10.87 45.08
C TRP I 190 32.58 10.59 45.27
N LEU I 191 33.01 10.32 46.50
CA LEU I 191 34.41 9.95 46.72
C LEU I 191 34.73 8.62 46.06
N LEU I 192 33.78 7.68 46.11
CA LEU I 192 33.97 6.40 45.44
C LEU I 192 34.13 6.59 43.93
N ILE I 193 33.27 7.40 43.33
CA ILE I 193 33.41 7.64 41.89
C ILE I 193 34.76 8.29 41.59
N GLY I 194 35.20 9.23 42.42
CA GLY I 194 36.49 9.86 42.19
C GLY I 194 37.64 8.88 42.28
N VAL I 195 37.63 8.01 43.30
CA VAL I 195 38.70 7.04 43.48
C VAL I 195 38.71 6.03 42.33
N VAL I 196 37.52 5.55 41.94
CA VAL I 196 37.44 4.58 40.85
C VAL I 196 37.96 5.20 39.56
N ALA I 197 37.58 6.44 39.27
CA ALA I 197 38.09 7.10 38.07
C ALA I 197 39.61 7.25 38.12
N ILE I 198 40.15 7.60 39.29
CA ILE I 198 41.60 7.75 39.41
C ILE I 198 42.28 6.40 39.17
N LEU I 199 41.73 5.33 39.73
CA LEU I 199 42.32 4.01 39.53
C LEU I 199 42.25 3.57 38.07
N VAL I 200 41.11 3.80 37.41
CA VAL I 200 40.99 3.45 36.00
C VAL I 200 42.00 4.24 35.16
N PHE I 201 42.25 5.50 35.53
CA PHE I 201 43.27 6.26 34.82
C PHE I 201 44.67 5.72 35.07
N LEU I 202 45.00 5.46 36.34
CA LEU I 202 46.36 5.07 36.71
C LEU I 202 46.70 3.68 36.17
N THR I 203 45.77 2.73 36.29
CA THR I 203 46.00 1.37 35.84
C THR I 203 46.31 1.34 34.35
N LYS I 204 45.51 2.05 33.54
CA LYS I 204 45.77 2.11 32.12
C LYS I 204 47.08 2.82 31.81
N CYS I 205 47.37 3.92 32.54
CA CYS I 205 48.61 4.64 32.33
C CYS I 205 49.83 3.77 32.62
N LEU I 206 49.70 2.82 33.55
CA LEU I 206 50.78 1.88 33.82
C LEU I 206 50.77 0.70 32.85
N LYS I 207 49.59 0.27 32.41
CA LYS I 207 49.50 -0.85 31.47
C LYS I 207 50.15 -0.50 30.15
N HIS I 208 49.93 0.71 29.65
CA HIS I 208 50.61 1.12 28.42
C HIS I 208 52.09 1.40 28.65
N TYR I 209 52.46 1.86 29.84
CA TYR I 209 53.85 2.22 30.10
C TYR I 209 54.73 0.99 30.24
N CYS I 210 54.26 -0.03 30.96
CA CYS I 210 55.08 -1.20 31.26
C CYS I 210 54.96 -2.30 30.21
N SER I 211 54.01 -2.19 29.29
CA SER I 211 53.88 -3.22 28.27
C SER I 211 55.04 -3.13 27.28
N PRO I 212 55.60 -4.27 26.87
CA PRO I 212 56.67 -4.24 25.87
C PRO I 212 56.18 -3.95 24.46
N LEU I 213 54.88 -4.01 24.21
CA LEU I 213 54.30 -3.75 22.91
C LEU I 213 53.78 -2.32 22.83
N SER I 214 53.60 -1.86 21.59
CA SER I 214 52.96 -0.58 21.35
C SER I 214 51.45 -0.72 21.49
N TYR I 215 50.77 0.41 21.64
CA TYR I 215 49.33 0.37 21.88
C TYR I 215 48.56 -0.01 20.61
N ARG I 216 49.08 0.35 19.44
CA ARG I 216 48.42 -0.06 18.19
C ARG I 216 48.52 -1.57 17.99
N GLN I 217 49.68 -2.16 18.29
CA GLN I 217 49.81 -3.60 18.18
C GLN I 217 48.93 -4.31 19.19
N GLU I 218 48.78 -3.75 20.39
CA GLU I 218 47.88 -4.36 21.37
C GLU I 218 46.43 -4.26 20.94
N ALA I 219 46.06 -3.15 20.28
CA ALA I 219 44.70 -3.06 19.72
C ALA I 219 44.49 -4.12 18.65
N TYR I 220 45.48 -4.32 17.78
CA TYR I 220 45.39 -5.37 16.78
C TYR I 220 45.27 -6.75 17.44
N TRP I 221 46.02 -6.97 18.52
CA TRP I 221 45.96 -8.22 19.25
C TRP I 221 44.57 -8.45 19.84
N ALA I 222 43.97 -7.40 20.40
CA ALA I 222 42.62 -7.54 20.95
C ALA I 222 41.60 -7.85 19.86
N GLN I 223 41.71 -7.18 18.71
CA GLN I 223 40.82 -7.48 17.59
C GLN I 223 40.97 -8.93 17.16
N TYR I 224 42.22 -9.41 17.07
CA TYR I 224 42.46 -10.79 16.71
C TYR I 224 41.86 -11.76 17.71
N ARG I 225 42.00 -11.46 19.01
CA ARG I 225 41.45 -12.36 20.02
C ARG I 225 39.93 -12.44 19.91
N ALA I 226 39.27 -11.30 19.72
CA ALA I 226 37.81 -11.32 19.56
C ALA I 226 37.39 -12.14 18.35
N ASN I 227 38.04 -11.90 17.21
CA ASN I 227 37.69 -12.63 15.99
C ASN I 227 37.95 -14.13 16.15
N GLU I 228 39.07 -14.49 16.76
CA GLU I 228 39.39 -15.89 16.96
C GLU I 228 38.35 -16.56 17.85
N ASP I 229 37.95 -15.90 18.94
CA ASP I 229 36.97 -16.50 19.83
C ASP I 229 35.65 -16.73 19.09
N GLN I 230 35.16 -15.73 18.37
CA GLN I 230 33.88 -15.88 17.70
C GLN I 230 33.94 -16.98 16.63
N LEU I 231 35.00 -16.97 15.81
CA LEU I 231 35.13 -17.96 14.76
C LEU I 231 35.27 -19.37 15.31
N PHE I 232 36.03 -19.52 16.39
CA PHE I 232 36.20 -20.83 17.00
C PHE I 232 34.88 -21.36 17.55
N GLN I 233 34.10 -20.49 18.20
CA GLN I 233 32.80 -20.94 18.70
C GLN I 233 31.89 -21.36 17.54
N ARG I 234 31.84 -20.57 16.47
CA ARG I 234 30.95 -20.89 15.35
C ARG I 234 31.36 -22.21 14.69
N THR I 235 32.65 -22.39 14.46
CA THR I 235 33.11 -23.63 13.82
C THR I 235 32.95 -24.84 14.74
N ALA I 236 33.10 -24.65 16.05
CA ALA I 236 32.83 -25.75 16.97
C ALA I 236 31.37 -26.17 16.90
N GLU I 237 30.45 -25.19 16.84
CA GLU I 237 29.04 -25.52 16.70
C GLU I 237 28.78 -26.29 15.41
N VAL I 238 29.34 -25.82 14.30
CA VAL I 238 29.08 -26.48 13.01
C VAL I 238 29.69 -27.88 12.99
N HIS I 239 30.90 -28.04 13.51
CA HIS I 239 31.55 -29.34 13.54
C HIS I 239 30.77 -30.33 14.40
N SER I 240 30.30 -29.88 15.57
CA SER I 240 29.49 -30.75 16.41
C SER I 240 28.20 -31.16 15.72
N ARG I 241 27.56 -30.22 15.03
CA ARG I 241 26.33 -30.55 14.32
C ARG I 241 26.58 -31.59 13.23
N VAL I 242 27.67 -31.44 12.48
CA VAL I 242 27.96 -32.38 11.41
C VAL I 242 28.28 -33.76 11.98
N LEU I 243 29.06 -33.82 13.07
CA LEU I 243 29.36 -35.11 13.69
C LEU I 243 28.09 -35.78 14.21
N ALA I 244 27.22 -35.01 14.86
CA ALA I 244 25.96 -35.57 15.34
C ALA I 244 25.09 -36.07 14.20
N ALA I 245 25.07 -35.33 13.08
CA ALA I 245 24.32 -35.78 11.92
C ALA I 245 24.88 -37.09 11.37
N ASN I 246 26.21 -37.23 11.34
CA ASN I 246 26.79 -38.49 10.90
C ASN I 246 26.39 -39.64 11.81
N ASN I 247 26.41 -39.42 13.12
CA ASN I 247 26.02 -40.48 14.06
C ASN I 247 24.56 -40.86 13.89
N VAL I 248 23.68 -39.86 13.74
CA VAL I 248 22.26 -40.15 13.58
C VAL I 248 22.00 -40.89 12.27
N ARG I 249 22.74 -40.53 11.21
CA ARG I 249 22.64 -41.26 9.96
C ARG I 249 23.07 -42.70 10.14
N ARG I 250 24.16 -42.93 10.88
CA ARG I 250 24.57 -44.29 11.17
C ARG I 250 23.50 -45.07 11.91
N PHE I 251 22.75 -44.40 12.78
CA PHE I 251 21.72 -45.10 13.54
C PHE I 251 20.49 -45.41 12.68
N PHE I 252 19.84 -44.37 12.14
CA PHE I 252 18.57 -44.53 11.44
C PHE I 252 18.71 -44.87 9.96
N GLY I 253 19.82 -44.51 9.33
CA GLY I 253 19.98 -44.66 7.90
C GLY I 253 19.81 -43.37 7.11
N PHE I 254 19.31 -42.31 7.75
CA PHE I 254 19.19 -41.01 7.13
C PHE I 254 19.09 -39.97 8.24
N VAL I 255 19.17 -38.70 7.86
CA VAL I 255 19.02 -37.59 8.79
C VAL I 255 17.98 -36.63 8.23
N ALA I 256 17.07 -36.17 9.08
CA ALA I 256 16.10 -35.15 8.73
C ALA I 256 16.74 -33.79 8.97
N LEU I 257 17.23 -33.16 7.90
CA LEU I 257 17.97 -31.91 8.00
C LEU I 257 17.22 -30.80 7.29
N ASN I 258 17.36 -29.58 7.82
CA ASN I 258 16.82 -28.41 7.17
C ASN I 258 17.73 -28.00 6.01
N LYS I 259 17.28 -27.00 5.25
CA LYS I 259 18.06 -26.57 4.08
C LYS I 259 19.42 -26.00 4.49
N ASP I 260 19.45 -25.18 5.55
CA ASP I 260 20.72 -24.69 6.04
C ASP I 260 21.58 -25.82 6.59
N ASP I 261 20.96 -26.78 7.28
CA ASP I 261 21.69 -27.95 7.74
C ASP I 261 22.20 -28.78 6.57
N GLU I 262 21.40 -28.88 5.49
CA GLU I 262 21.87 -29.57 4.30
C GLU I 262 23.09 -28.87 3.69
N GLU I 263 23.07 -27.53 3.65
CA GLU I 263 24.23 -26.80 3.17
C GLU I 263 25.44 -27.02 4.07
N LEU I 264 25.22 -27.05 5.38
CA LEU I 264 26.32 -27.31 6.32
C LEU I 264 26.92 -28.68 6.08
N ILE I 265 26.08 -29.70 5.90
CA ILE I 265 26.58 -31.05 5.69
C ILE I 265 27.33 -31.15 4.37
N ALA I 266 26.78 -30.55 3.31
CA ALA I 266 27.42 -30.63 2.00
C ALA I 266 28.75 -29.89 1.98
N ASN I 267 28.79 -28.67 2.53
CA ASN I 267 30.00 -27.87 2.45
C ASN I 267 31.09 -28.38 3.39
N PHE I 268 30.73 -28.73 4.62
CA PHE I 268 31.72 -29.06 5.64
C PHE I 268 31.62 -30.53 6.03
N PRO I 269 32.44 -31.41 5.48
CA PRO I 269 32.47 -32.79 5.94
C PRO I 269 33.53 -33.02 7.02
N VAL I 270 33.18 -33.84 8.00
CA VAL I 270 34.07 -34.17 9.10
C VAL I 270 34.47 -35.64 8.99
N GLU I 271 35.75 -35.92 9.22
CA GLU I 271 36.27 -37.27 9.16
C GLU I 271 36.48 -37.89 10.53
N GLY I 272 36.80 -37.08 11.53
CA GLY I 272 37.01 -37.59 12.86
C GLY I 272 37.03 -36.47 13.87
N THR I 273 37.33 -36.83 15.12
CA THR I 273 37.38 -35.90 16.22
C THR I 273 38.81 -35.58 16.59
N GLN I 274 39.06 -34.34 16.99
CA GLN I 274 40.39 -33.93 17.41
C GLN I 274 40.75 -34.61 18.72
N PRO I 275 42.01 -35.02 18.89
CA PRO I 275 42.41 -35.69 20.12
C PRO I 275 42.38 -34.77 21.33
N ARG I 276 42.37 -35.38 22.51
CA ARG I 276 42.42 -34.60 23.75
C ARG I 276 43.66 -33.75 23.88
N PRO I 277 44.88 -34.23 23.59
CA PRO I 277 46.05 -33.34 23.68
C PRO I 277 45.97 -32.16 22.73
N GLN I 278 45.34 -32.32 21.57
CA GLN I 278 45.17 -31.18 20.66
C GLN I 278 44.30 -30.10 21.30
N TRP I 279 43.24 -30.50 22.01
CA TRP I 279 42.45 -29.53 22.75
C TRP I 279 43.24 -28.92 23.89
N ASN I 280 44.01 -29.73 24.61
CA ASN I 280 44.80 -29.22 25.74
C ASN I 280 45.84 -28.21 25.29
N ALA I 281 46.38 -28.38 24.07
CA ALA I 281 47.42 -27.49 23.58
C ALA I 281 46.93 -26.07 23.34
N ILE I 282 45.63 -25.83 23.32
CA ILE I 282 45.09 -24.50 23.03
C ILE I 282 44.33 -23.91 24.21
N THR I 283 44.27 -24.61 25.35
CA THR I 283 43.57 -24.11 26.53
C THR I 283 44.59 -23.72 27.60
N GLY I 284 44.48 -22.49 28.08
CA GLY I 284 45.36 -22.00 29.11
C GLY I 284 45.58 -20.51 28.94
N VAL I 285 46.57 -20.00 29.65
CA VAL I 285 46.95 -18.60 29.57
C VAL I 285 48.13 -18.46 28.60
N TYR I 286 48.14 -17.35 27.87
CA TYR I 286 49.16 -17.06 26.89
C TYR I 286 49.70 -15.66 27.10
N LEU I 287 51.02 -15.50 27.06
CA LEU I 287 51.66 -14.18 27.22
C LEU I 287 52.65 -13.96 26.09
N TYR I 288 52.13 -13.58 24.92
CA TYR I 288 52.89 -13.00 23.81
C TYR I 288 54.29 -13.57 23.58
N ARG I 289 54.40 -14.85 23.29
CA ARG I 289 55.68 -15.31 22.80
C ARG I 289 55.89 -14.92 21.34
N GLU I 290 57.15 -14.89 20.92
CA GLU I 290 57.53 -14.50 19.57
C GLU I 290 58.46 -15.56 18.99
N ASN I 291 58.18 -15.98 17.76
CA ASN I 291 58.94 -17.03 17.10
C ASN I 291 59.59 -16.47 15.84
N GLN I 292 60.92 -16.51 15.81
CA GLN I 292 61.70 -16.08 14.65
C GLN I 292 61.36 -14.64 14.25
N GLY I 293 61.17 -13.79 15.25
CA GLY I 293 60.84 -12.40 14.99
C GLY I 293 59.43 -12.14 14.55
N LEU I 294 58.57 -13.16 14.54
CA LEU I 294 57.19 -13.01 14.12
C LEU I 294 56.26 -13.22 15.31
N PRO I 295 55.35 -12.29 15.57
CA PRO I 295 54.49 -12.41 16.75
C PRO I 295 53.52 -13.58 16.65
N LEU I 296 53.23 -14.17 17.80
CA LEU I 296 52.19 -15.16 17.96
C LEU I 296 51.19 -14.64 18.98
N TYR I 297 49.92 -14.60 18.60
CA TYR I 297 48.92 -13.87 19.37
C TYR I 297 48.02 -14.76 20.22
N SER I 298 48.08 -16.07 20.06
CA SER I 298 47.32 -16.98 20.90
C SER I 298 47.94 -18.36 20.81
N ARG I 299 47.60 -19.22 21.77
CA ARG I 299 48.12 -20.58 21.73
C ARG I 299 47.44 -21.42 20.66
N LEU I 300 46.28 -21.00 20.15
CA LEU I 300 45.77 -21.61 18.94
C LEU I 300 46.64 -21.25 17.74
N HIS I 301 47.04 -19.98 17.64
CA HIS I 301 47.98 -19.57 16.60
C HIS I 301 49.33 -20.28 16.76
N LYS I 302 49.81 -20.37 17.99
CA LYS I 302 51.08 -21.06 18.26
C LYS I 302 50.99 -22.53 17.91
N TRP I 303 49.86 -23.17 18.22
CA TRP I 303 49.65 -24.56 17.84
C TRP I 303 49.60 -24.73 16.32
N ALA I 304 48.90 -23.83 15.64
CA ALA I 304 48.80 -23.91 14.19
C ALA I 304 50.16 -23.75 13.53
N GLN I 305 51.01 -22.90 14.09
CA GLN I 305 52.37 -22.78 13.58
C GLN I 305 53.20 -24.04 13.82
N GLY I 306 52.74 -24.95 14.68
CA GLY I 306 53.47 -26.16 14.96
C GLY I 306 54.37 -26.12 16.17
N LEU I 307 54.21 -25.12 17.04
CA LEU I 307 55.09 -24.93 18.18
C LEU I 307 54.50 -25.47 19.48
N ALA I 308 53.32 -26.08 19.44
CA ALA I 308 52.68 -26.61 20.64
C ALA I 308 52.76 -28.13 20.73
N GLY I 309 52.60 -28.83 19.60
CA GLY I 309 52.67 -30.28 19.58
C GLY I 309 54.08 -30.82 19.67
N ASP I 315 52.70 -43.58 24.42
CA ASP I 315 53.41 -44.30 25.47
C ASP I 315 52.48 -44.66 26.62
N ASN I 316 51.91 -43.64 27.25
CA ASN I 316 50.97 -43.82 28.36
C ASN I 316 49.56 -43.51 27.88
N VAL I 317 48.64 -44.43 28.14
CA VAL I 317 47.25 -44.31 27.71
C VAL I 317 46.39 -44.07 28.94
N GLU I 318 45.55 -43.03 28.88
CA GLU I 318 44.67 -42.67 29.97
C GLU I 318 43.23 -42.69 29.51
N MET I 319 42.32 -42.89 30.47
CA MET I 319 40.87 -42.85 30.28
C MET I 319 40.45 -43.55 28.99
N ALA I 320 40.98 -44.74 28.77
CA ALA I 320 40.64 -45.53 27.60
C ALA I 320 39.33 -46.28 27.83
N LEU I 321 38.66 -46.58 26.72
CA LEU I 321 37.39 -47.30 26.80
C LEU I 321 37.59 -48.75 27.18
N LEU I 322 38.57 -49.41 26.56
CA LEU I 322 38.86 -50.82 26.74
C LEU I 322 40.34 -51.00 26.97
N PRO I 323 40.77 -52.14 27.51
CA PRO I 323 42.20 -52.33 27.79
C PRO I 323 43.03 -52.38 26.52
N SER I 324 44.34 -52.54 26.66
CA SER I 324 45.19 -52.71 25.49
C SER I 324 44.71 -53.91 24.67
N ALA I 325 45.03 -53.87 23.37
CA ALA I 325 44.60 -54.93 22.46
C ALA I 325 45.05 -56.31 22.94
N LEU I 326 46.21 -56.37 23.60
CA LEU I 326 46.66 -57.63 24.19
C LEU I 326 45.68 -58.13 25.25
N GLU I 327 45.16 -57.23 26.09
CA GLU I 327 44.17 -57.63 27.08
C GLU I 327 42.81 -57.89 26.44
N VAL I 328 42.48 -57.17 25.37
CA VAL I 328 41.22 -57.42 24.66
C VAL I 328 41.23 -58.82 24.06
N LEU I 329 42.39 -59.29 23.60
CA LEU I 329 42.49 -60.64 23.05
C LEU I 329 42.06 -61.70 24.06
N PHE I 330 42.33 -61.47 25.35
CA PHE I 330 41.86 -62.41 26.37
C PHE I 330 40.56 -61.95 27.00
N PHE J 40 19.07 9.67 36.63
CA PHE J 40 19.09 11.12 36.45
C PHE J 40 18.62 11.83 37.70
N SER J 41 17.53 11.34 38.29
CA SER J 41 17.08 11.86 39.57
C SER J 41 18.02 11.50 40.71
N VAL J 42 18.88 10.51 40.50
CA VAL J 42 19.85 10.10 41.52
C VAL J 42 20.87 11.20 41.76
N VAL J 43 21.27 11.90 40.70
CA VAL J 43 22.39 12.85 40.77
C VAL J 43 21.81 14.24 41.03
N ALA J 44 20.53 14.29 41.39
CA ALA J 44 19.89 15.56 41.73
C ALA J 44 20.56 16.17 42.95
N PHE J 45 20.74 17.49 42.91
CA PHE J 45 21.43 18.19 43.99
C PHE J 45 20.57 18.26 45.24
N HIS J 46 21.17 17.96 46.38
CA HIS J 46 20.50 18.01 47.67
C HIS J 46 21.43 18.70 48.66
N CYS J 47 21.14 19.95 48.97
CA CYS J 47 22.03 20.75 49.81
C CYS J 47 21.89 20.33 51.27
N PRO J 48 22.97 19.89 51.93
CA PRO J 48 22.91 19.68 53.38
C PRO J 48 23.03 21.00 54.13
N CYS J 49 21.92 21.47 54.69
CA CYS J 49 21.91 22.78 55.35
C CYS J 49 22.57 22.65 56.72
N SER J 50 23.90 22.74 56.74
CA SER J 50 24.68 22.68 57.96
C SER J 50 25.97 23.45 57.74
N PRO J 51 26.45 24.18 58.74
CA PRO J 51 27.70 24.92 58.57
C PRO J 51 28.89 23.98 58.40
N ALA J 52 29.86 24.44 57.61
CA ALA J 52 31.10 23.72 57.32
C ALA J 52 30.84 22.37 56.68
N ARG J 53 29.64 22.16 56.16
CA ARG J 53 29.25 20.85 55.65
C ARG J 53 28.64 20.96 54.26
N ASN J 54 27.98 22.10 53.98
CA ASN J 54 27.35 22.28 52.69
C ASN J 54 28.35 22.60 51.59
N TYR J 55 29.40 23.36 51.91
CA TYR J 55 30.38 23.69 50.87
C TYR J 55 31.23 22.49 50.52
N LEU J 56 31.49 21.60 51.48
CA LEU J 56 32.17 20.35 51.16
C LEU J 56 31.34 19.50 50.21
N TYR J 57 30.03 19.41 50.47
CA TYR J 57 29.16 18.65 49.58
C TYR J 57 29.11 19.27 48.19
N GLY J 58 29.01 20.60 48.11
CA GLY J 58 29.02 21.25 46.82
C GLY J 58 30.32 21.02 46.06
N LEU J 59 31.44 21.15 46.77
CA LEU J 59 32.74 20.92 46.15
C LEU J 59 32.84 19.50 45.61
N ALA J 60 32.42 18.51 46.40
CA ALA J 60 32.46 17.13 45.92
C ALA J 60 31.55 16.93 44.72
N ALA J 61 30.28 17.32 44.85
CA ALA J 61 29.28 17.05 43.82
C ALA J 61 29.51 17.83 42.54
N ILE J 62 30.35 18.86 42.56
CA ILE J 62 30.71 19.59 41.36
C ILE J 62 32.05 19.11 40.79
N GLY J 63 33.07 18.99 41.64
CA GLY J 63 34.39 18.62 41.16
C GLY J 63 34.47 17.19 40.67
N VAL J 64 33.84 16.25 41.39
CA VAL J 64 33.95 14.84 41.01
C VAL J 64 33.40 14.58 39.61
N PRO J 65 32.23 15.07 39.22
CA PRO J 65 31.85 14.95 37.79
C PRO J 65 32.83 15.62 36.86
N ALA J 66 33.38 16.77 37.25
CA ALA J 66 34.38 17.44 36.41
C ALA J 66 35.64 16.60 36.30
N LEU J 67 36.10 16.02 37.41
CA LEU J 67 37.27 15.16 37.38
C LEU J 67 37.03 13.93 36.52
N VAL J 68 35.84 13.34 36.62
CA VAL J 68 35.51 12.17 35.82
C VAL J 68 35.52 12.52 34.33
N LEU J 69 34.92 13.66 33.98
CA LEU J 69 34.90 14.08 32.58
C LEU J 69 36.31 14.37 32.07
N PHE J 70 37.15 14.98 32.91
CA PHE J 70 38.54 15.22 32.53
C PHE J 70 39.28 13.90 32.30
N ILE J 71 39.06 12.92 33.18
CA ILE J 71 39.72 11.63 33.03
C ILE J 71 39.25 10.94 31.75
N ILE J 72 37.94 11.00 31.47
CA ILE J 72 37.42 10.39 30.25
C ILE J 72 38.02 11.06 29.02
N GLY J 73 38.10 12.38 29.03
CA GLY J 73 38.70 13.08 27.90
C GLY J 73 40.16 12.73 27.71
N ILE J 74 40.90 12.57 28.79
CA ILE J 74 42.30 12.15 28.69
C ILE J 74 42.39 10.74 28.12
N ILE J 75 41.56 9.83 28.63
CA ILE J 75 41.66 8.42 28.24
C ILE J 75 41.29 8.23 26.78
N LEU J 76 40.19 8.84 26.34
CA LEU J 76 39.69 8.60 24.99
C LEU J 76 40.63 9.13 23.93
N ASN J 77 41.38 10.19 24.22
CA ASN J 77 42.31 10.74 23.25
C ASN J 77 43.45 9.75 22.98
N ASN J 78 43.85 9.64 21.72
CA ASN J 78 44.95 8.77 21.34
C ASN J 78 46.30 9.47 21.36
N HIS J 79 46.34 10.78 21.57
CA HIS J 79 47.61 11.49 21.62
C HIS J 79 48.35 11.26 22.94
N THR J 80 47.60 11.11 24.04
CA THR J 80 48.26 10.75 25.29
C THR J 80 48.91 9.39 25.19
N TRP J 81 48.30 8.46 24.44
CA TRP J 81 48.84 7.11 24.39
C TRP J 81 50.10 7.03 23.54
N ASN J 82 50.16 7.74 22.41
CA ASN J 82 51.42 7.70 21.67
C ASN J 82 52.47 8.59 22.33
N LEU J 83 52.06 9.58 23.11
CA LEU J 83 53.02 10.28 23.97
C LEU J 83 53.63 9.33 25.01
N VAL J 84 52.79 8.50 25.63
CA VAL J 84 53.27 7.51 26.57
C VAL J 84 54.18 6.50 25.87
N ALA J 85 53.81 6.11 24.64
CA ALA J 85 54.64 5.19 23.87
C ALA J 85 55.99 5.80 23.55
N GLU J 86 56.03 7.09 23.24
CA GLU J 86 57.29 7.78 23.02
C GLU J 86 58.15 7.78 24.28
N CYS J 87 57.56 8.16 25.42
CA CYS J 87 58.29 8.16 26.67
C CYS J 87 58.76 6.75 27.04
N GLN J 88 58.03 5.73 26.61
CA GLN J 88 58.40 4.36 26.91
C GLN J 88 59.57 3.89 26.04
N HIS J 89 59.41 3.97 24.71
CA HIS J 89 60.43 3.42 23.82
C HIS J 89 61.71 4.27 23.84
N ARG J 90 61.58 5.59 23.99
CA ARG J 90 62.78 6.41 24.07
C ARG J 90 63.57 6.10 25.34
N ARG J 91 62.88 5.95 26.48
CA ARG J 91 63.43 5.44 27.74
C ARG J 91 64.70 6.17 28.18
N THR J 92 64.96 7.38 27.64
CA THR J 92 66.18 8.10 27.97
C THR J 92 65.92 9.59 28.11
N LYS J 93 64.66 10.03 28.12
CA LYS J 93 64.30 11.45 28.15
C LYS J 93 64.89 12.20 26.96
N ASN J 94 64.90 11.52 25.79
CA ASN J 94 65.55 12.10 24.62
C ASN J 94 64.79 13.31 24.10
N CYS J 95 63.46 13.28 24.12
CA CYS J 95 62.67 14.36 23.55
C CYS J 95 62.88 15.66 24.31
N SER J 96 62.93 16.76 23.57
CA SER J 96 63.16 18.06 24.17
C SER J 96 61.91 18.54 24.92
N ALA J 97 62.08 19.63 25.66
CA ALA J 97 60.99 20.15 26.48
C ALA J 97 59.87 20.74 25.61
N ALA J 98 60.24 21.40 24.51
CA ALA J 98 59.24 22.08 23.70
C ALA J 98 58.21 21.13 23.08
N PRO J 99 58.59 20.04 22.40
CA PRO J 99 57.54 19.17 21.82
C PRO J 99 56.69 18.49 22.87
N THR J 100 57.30 18.01 23.96
CA THR J 100 56.52 17.38 25.03
C THR J 100 55.54 18.37 25.64
N PHE J 101 55.99 19.61 25.85
CA PHE J 101 55.10 20.65 26.38
C PHE J 101 53.96 20.93 25.42
N LEU J 102 54.24 21.00 24.12
CA LEU J 102 53.17 21.26 23.15
C LEU J 102 52.15 20.13 23.13
N LEU J 103 52.61 18.88 23.13
CA LEU J 103 51.68 17.75 23.15
C LEU J 103 50.86 17.72 24.44
N LEU J 104 51.50 17.95 25.59
CA LEU J 104 50.75 17.97 26.83
C LEU J 104 49.71 19.08 26.84
N SER J 105 50.07 20.26 26.35
CA SER J 105 49.12 21.36 26.27
C SER J 105 47.95 20.99 25.37
N SER J 106 48.22 20.39 24.21
CA SER J 106 47.14 20.01 23.32
C SER J 106 46.22 18.99 23.96
N ILE J 107 46.79 17.98 24.61
CA ILE J 107 45.97 16.93 25.24
C ILE J 107 45.10 17.52 26.33
N LEU J 108 45.69 18.34 27.21
CA LEU J 108 44.93 18.94 28.30
C LEU J 108 43.85 19.88 27.78
N GLY J 109 44.16 20.66 26.75
CA GLY J 109 43.17 21.57 26.19
C GLY J 109 42.01 20.83 25.56
N ARG J 110 42.29 19.74 24.84
CA ARG J 110 41.20 18.96 24.27
C ARG J 110 40.38 18.26 25.35
N ALA J 111 41.03 17.82 26.44
CA ALA J 111 40.30 17.11 27.49
C ALA J 111 39.46 18.05 28.33
N ALA J 112 39.90 19.28 28.55
CA ALA J 112 39.25 20.18 29.48
C ALA J 112 37.95 20.79 28.95
N VAL J 113 37.51 20.40 27.75
CA VAL J 113 36.28 20.99 27.21
C VAL J 113 35.07 20.58 28.04
N ALA J 114 34.94 19.28 28.33
CA ALA J 114 33.80 18.81 29.10
C ALA J 114 33.79 19.33 30.54
N PRO J 115 34.90 19.29 31.30
CA PRO J 115 34.86 19.88 32.64
C PRO J 115 34.49 21.35 32.64
N VAL J 116 34.97 22.12 31.65
CA VAL J 116 34.68 23.55 31.61
C VAL J 116 33.20 23.80 31.39
N THR J 117 32.58 23.09 30.44
CA THR J 117 31.15 23.32 30.20
C THR J 117 30.31 22.79 31.35
N TRP J 118 30.72 21.68 31.98
CA TRP J 118 30.00 21.21 33.16
C TRP J 118 30.06 22.25 34.28
N SER J 119 31.24 22.83 34.52
CA SER J 119 31.37 23.84 35.55
C SER J 119 30.57 25.09 35.20
N VAL J 120 30.53 25.46 33.92
CA VAL J 120 29.76 26.61 33.48
C VAL J 120 28.27 26.39 33.76
N ILE J 121 27.77 25.20 33.40
CA ILE J 121 26.36 24.91 33.64
C ILE J 121 26.06 24.91 35.13
N SER J 122 26.94 24.29 35.94
CA SER J 122 26.71 24.24 37.38
C SER J 122 26.71 25.64 38.00
N LEU J 123 27.63 26.50 37.56
CA LEU J 123 27.68 27.87 38.06
C LEU J 123 26.45 28.66 37.65
N LEU J 124 26.01 28.51 36.40
CA LEU J 124 24.84 29.26 35.95
C LEU J 124 23.56 28.75 36.61
N ARG J 125 23.52 27.49 37.02
CA ARG J 125 22.37 27.01 37.80
C ARG J 125 22.25 27.76 39.12
N GLY J 126 23.38 27.94 39.83
CA GLY J 126 23.41 28.71 41.05
C GLY J 126 23.17 27.93 42.32
N GLU J 127 22.64 26.71 42.22
CA GLU J 127 22.31 25.94 43.43
C GLU J 127 23.56 25.58 44.22
N ALA J 128 24.59 25.09 43.52
CA ALA J 128 25.80 24.66 44.21
C ALA J 128 26.49 25.83 44.90
N TYR J 129 26.58 26.98 44.23
CA TYR J 129 27.29 28.12 44.81
C TYR J 129 26.55 28.69 46.01
N VAL J 130 25.22 28.82 45.92
CA VAL J 130 24.47 29.34 47.06
C VAL J 130 24.55 28.36 48.23
N CYS J 131 24.47 27.05 47.94
CA CYS J 131 24.60 26.06 49.00
C CYS J 131 25.97 26.16 49.67
N ALA J 132 27.02 26.38 48.87
CA ALA J 132 28.37 26.40 49.42
C ALA J 132 28.65 27.68 50.21
N LEU J 133 28.09 28.81 49.77
CA LEU J 133 28.45 30.11 50.34
C LEU J 133 27.35 30.71 51.21
N SER J 134 26.29 29.96 51.52
CA SER J 134 25.25 30.49 52.40
C SER J 134 25.80 30.80 53.79
N GLU J 135 26.65 29.92 54.32
CA GLU J 135 27.12 30.07 55.69
C GLU J 135 28.11 31.21 55.87
N PHE J 136 28.67 31.74 54.78
CA PHE J 136 29.68 32.80 54.87
C PHE J 136 29.10 34.19 54.66
N VAL J 137 27.79 34.31 54.48
CA VAL J 137 27.17 35.62 54.30
C VAL J 137 27.30 36.43 55.57
N ASP J 138 27.74 37.67 55.45
CA ASP J 138 27.92 38.54 56.61
C ASP J 138 26.56 39.08 57.05
N PRO J 139 26.11 38.83 58.28
CA PRO J 139 24.84 39.40 58.73
C PRO J 139 24.83 40.91 58.73
N SER J 140 25.97 41.55 58.97
CA SER J 140 26.02 43.02 59.00
C SER J 140 25.69 43.60 57.63
N SER J 141 26.19 42.97 56.55
CA SER J 141 25.96 43.47 55.20
C SER J 141 24.53 43.23 54.72
N LEU J 142 23.73 42.46 55.46
CA LEU J 142 22.36 42.19 55.06
C LEU J 142 21.52 43.47 55.10
N THR J 143 20.60 43.59 54.15
CA THR J 143 19.81 44.80 53.97
C THR J 143 18.42 44.39 53.49
N ALA J 144 17.68 45.36 52.93
CA ALA J 144 16.34 45.17 52.35
C ALA J 144 15.30 44.81 53.39
N ARG J 145 15.56 45.13 54.66
CA ARG J 145 14.68 44.80 55.78
C ARG J 145 15.29 45.41 57.03
N GLU J 146 14.44 45.65 58.03
CA GLU J 146 14.94 46.11 59.31
C GLU J 146 15.80 45.02 59.96
N GLU J 147 16.65 45.43 60.90
CA GLU J 147 17.65 44.54 61.47
C GLU J 147 16.96 43.56 62.42
N HIS J 148 16.34 42.54 61.82
CA HIS J 148 15.69 41.46 62.56
C HIS J 148 16.53 40.20 62.63
N PHE J 149 17.74 40.21 62.08
CA PHE J 149 18.55 39.00 62.02
C PHE J 149 19.20 38.75 63.38
N PRO J 150 18.93 37.62 64.02
CA PRO J 150 19.56 37.32 65.30
C PRO J 150 21.05 37.07 65.14
N SER J 151 21.79 37.36 66.22
CA SER J 151 23.21 37.07 66.29
C SER J 151 23.49 35.88 67.20
N ALA J 152 22.45 35.16 67.64
CA ALA J 152 22.65 34.00 68.49
C ALA J 152 23.44 32.92 67.79
N HIS J 153 22.85 32.32 66.74
CA HIS J 153 23.52 31.34 65.90
C HIS J 153 23.37 31.85 64.47
N ALA J 154 24.23 32.77 64.07
CA ALA J 154 24.10 33.36 62.73
C ALA J 154 24.45 32.35 61.65
N THR J 155 25.56 31.62 61.84
CA THR J 155 26.04 30.69 60.83
C THR J 155 25.02 29.60 60.55
N GLU J 156 24.38 29.08 61.60
CA GLU J 156 23.44 27.97 61.42
C GLU J 156 22.23 28.38 60.60
N ILE J 157 21.64 29.54 60.91
CA ILE J 157 20.49 30.00 60.13
C ILE J 157 20.89 30.32 58.70
N LEU J 158 22.05 30.97 58.53
CA LEU J 158 22.52 31.27 57.18
C LEU J 158 22.72 30.00 56.37
N ALA J 159 23.28 28.95 56.99
CA ALA J 159 23.46 27.68 56.31
C ALA J 159 22.15 26.97 56.07
N ARG J 160 21.14 27.19 56.92
CA ARG J 160 19.85 26.55 56.74
C ARG J 160 18.96 27.28 55.75
N PHE J 161 19.37 28.45 55.28
CA PHE J 161 18.57 29.16 54.28
C PHE J 161 18.20 28.33 53.05
N PRO J 162 19.13 27.60 52.40
CA PRO J 162 18.75 26.94 51.13
C PRO J 162 17.63 25.92 51.25
N CYS J 163 17.50 25.22 52.37
CA CYS J 163 16.52 24.15 52.51
C CYS J 163 15.14 24.63 52.91
N LYS J 164 14.82 25.91 52.68
CA LYS J 164 13.53 26.52 53.02
C LYS J 164 13.28 26.57 54.52
N GLU J 165 14.26 26.17 55.33
CA GLU J 165 14.09 26.18 56.79
C GLU J 165 14.47 27.55 57.36
N ASN J 166 13.81 28.57 56.82
CA ASN J 166 14.01 29.94 57.22
C ASN J 166 12.80 30.41 58.04
N PRO J 167 13.02 30.96 59.23
CA PRO J 167 11.89 31.49 60.00
C PRO J 167 11.17 32.59 59.23
N ASP J 168 9.84 32.63 59.41
CA ASP J 168 9.02 33.58 58.66
C ASP J 168 9.40 35.03 58.96
N ASN J 169 9.90 35.31 60.17
CA ASN J 169 10.38 36.65 60.47
C ASN J 169 11.62 37.02 59.67
N LEU J 170 12.35 36.04 59.12
CA LEU J 170 13.49 36.28 58.27
C LEU J 170 13.21 35.93 56.81
N SER J 171 11.93 35.92 56.42
CA SER J 171 11.55 35.57 55.05
C SER J 171 12.15 36.54 54.05
N ASP J 172 12.30 37.81 54.41
CA ASP J 172 12.93 38.77 53.51
C ASP J 172 14.44 38.55 53.42
N PHE J 173 15.07 38.24 54.56
CA PHE J 173 16.52 38.02 54.56
C PHE J 173 16.89 36.82 53.68
N ARG J 174 16.10 35.76 53.76
CA ARG J 174 16.41 34.57 52.95
C ARG J 174 16.47 34.92 51.47
N GLU J 175 15.46 35.66 50.99
CA GLU J 175 15.45 36.08 49.59
C GLU J 175 16.58 37.05 49.28
N GLU J 176 16.89 37.95 50.24
CA GLU J 176 18.00 38.87 50.06
C GLU J 176 19.31 38.12 49.82
N VAL J 177 19.50 37.00 50.50
CA VAL J 177 20.70 36.19 50.29
C VAL J 177 20.60 35.36 49.01
N SER J 178 19.40 34.86 48.71
CA SER J 178 19.20 34.02 47.54
C SER J 178 19.49 34.78 46.25
N ARG J 179 19.06 36.05 46.19
CA ARG J 179 19.32 36.85 45.00
C ARG J 179 20.76 37.33 44.91
N ARG J 180 21.49 37.34 46.03
CA ARG J 180 22.88 37.78 46.02
C ARG J 180 23.83 36.66 45.61
N LEU J 181 23.78 35.54 46.33
CA LEU J 181 24.72 34.46 46.07
C LEU J 181 24.51 33.87 44.68
N ARG J 182 23.25 33.70 44.27
CA ARG J 182 22.97 33.24 42.91
C ARG J 182 23.52 34.21 41.88
N TYR J 183 23.40 35.52 42.14
CA TYR J 183 23.98 36.50 41.23
C TYR J 183 25.48 36.27 41.09
N GLU J 184 26.17 36.08 42.22
CA GLU J 184 27.62 35.85 42.15
C GLU J 184 27.93 34.59 41.35
N SER J 185 27.15 33.53 41.56
CA SER J 185 27.32 32.30 40.80
C SER J 185 27.21 32.54 39.30
N GLN J 186 26.13 33.19 38.88
CA GLN J 186 25.92 33.44 37.46
C GLN J 186 26.99 34.36 36.88
N LEU J 187 27.41 35.37 37.66
CA LEU J 187 28.50 36.24 37.23
C LEU J 187 29.77 35.44 36.98
N PHE J 188 30.10 34.54 37.89
CA PHE J 188 31.28 33.68 37.70
C PHE J 188 31.13 32.81 36.45
N GLY J 189 29.93 32.27 36.23
CA GLY J 189 29.72 31.47 35.03
C GLY J 189 29.95 32.27 33.76
N TRP J 190 29.41 33.49 33.70
CA TRP J 190 29.60 34.32 32.51
C TRP J 190 31.05 34.75 32.34
N LEU J 191 31.75 35.01 33.44
CA LEU J 191 33.18 35.33 33.32
C LEU J 191 33.96 34.13 32.82
N LEU J 192 33.59 32.93 33.26
CA LEU J 192 34.24 31.73 32.77
C LEU J 192 34.04 31.56 31.27
N ILE J 193 32.80 31.75 30.80
CA ILE J 193 32.57 31.65 29.36
C ILE J 193 33.38 32.69 28.61
N GLY J 194 33.46 33.92 29.13
CA GLY J 194 34.25 34.93 28.47
C GLY J 194 35.73 34.59 28.39
N VAL J 195 36.30 34.10 29.50
CA VAL J 195 37.71 33.75 29.52
C VAL J 195 37.99 32.57 28.59
N VAL J 196 37.12 31.57 28.62
CA VAL J 196 37.31 30.40 27.76
C VAL J 196 37.26 30.80 26.29
N ALA J 197 36.29 31.66 25.93
CA ALA J 197 36.23 32.13 24.54
C ALA J 197 37.47 32.90 24.16
N ILE J 198 37.98 33.74 25.06
CA ILE J 198 39.19 34.51 24.77
C ILE J 198 40.38 33.57 24.56
N LEU J 199 40.49 32.54 25.41
CA LEU J 199 41.59 31.58 25.27
C LEU J 199 41.48 30.80 23.96
N VAL J 200 40.27 30.35 23.61
CA VAL J 200 40.10 29.62 22.35
C VAL J 200 40.45 30.51 21.17
N PHE J 201 40.14 31.80 21.25
CA PHE J 201 40.54 32.71 20.19
C PHE J 201 42.06 32.89 20.13
N LEU J 202 42.68 33.14 21.28
CA LEU J 202 44.11 33.46 21.32
C LEU J 202 44.96 32.25 20.93
N THR J 203 44.61 31.08 21.45
CA THR J 203 45.38 29.88 21.17
C THR J 203 45.40 29.57 19.67
N LYS J 204 44.24 29.65 19.01
CA LYS J 204 44.20 29.43 17.57
C LYS J 204 44.95 30.53 16.83
N CYS J 205 44.81 31.79 17.27
CA CYS J 205 45.51 32.89 16.61
C CYS J 205 47.02 32.72 16.71
N LEU J 206 47.51 32.07 17.76
CA LEU J 206 48.93 31.78 17.87
C LEU J 206 49.32 30.50 17.13
N LYS J 207 48.42 29.51 17.11
CA LYS J 207 48.70 28.26 16.42
C LYS J 207 48.89 28.50 14.93
N HIS J 208 48.03 29.32 14.32
CA HIS J 208 48.22 29.64 12.91
C HIS J 208 49.41 30.56 12.68
N TYR J 209 49.71 31.42 13.64
CA TYR J 209 50.79 32.39 13.44
C TYR J 209 52.16 31.74 13.54
N CYS J 210 52.35 30.84 14.51
CA CYS J 210 53.67 30.24 14.75
C CYS J 210 53.90 28.96 13.96
N SER J 211 52.87 28.41 13.32
CA SER J 211 53.05 27.19 12.55
C SER J 211 53.85 27.49 11.28
N PRO J 212 54.80 26.64 10.92
CA PRO J 212 55.54 26.85 9.67
C PRO J 212 54.74 26.52 8.42
N LEU J 213 53.60 25.86 8.55
CA LEU J 213 52.75 25.51 7.43
C LEU J 213 51.62 26.51 7.27
N SER J 214 51.04 26.51 6.07
CA SER J 214 49.84 27.29 5.82
C SER J 214 48.62 26.57 6.39
N TYR J 215 47.52 27.31 6.54
CA TYR J 215 46.34 26.73 7.15
C TYR J 215 45.64 25.75 6.23
N ARG J 216 45.71 25.97 4.91
CA ARG J 216 45.12 25.02 3.97
C ARG J 216 45.88 23.70 3.99
N GLN J 217 47.21 23.75 4.05
CA GLN J 217 47.99 22.51 4.13
C GLN J 217 47.73 21.79 5.44
N GLU J 218 47.54 22.53 6.53
CA GLU J 218 47.21 21.88 7.81
C GLU J 218 45.82 21.26 7.78
N ALA J 219 44.88 21.88 7.08
CA ALA J 219 43.57 21.26 6.90
C ALA J 219 43.69 19.96 6.11
N TYR J 220 44.50 19.97 5.03
CA TYR J 220 44.75 18.75 4.29
C TYR J 220 45.39 17.69 5.15
N TRP J 221 46.33 18.09 6.01
CA TRP J 221 46.99 17.16 6.92
C TRP J 221 45.99 16.53 7.89
N ALA J 222 45.07 17.34 8.42
CA ALA J 222 44.07 16.81 9.33
C ALA J 222 43.15 15.82 8.62
N GLN J 223 42.74 16.16 7.40
CA GLN J 223 41.91 15.23 6.62
C GLN J 223 42.65 13.91 6.39
N TYR J 224 43.94 14.00 6.05
CA TYR J 224 44.73 12.79 5.84
C TYR J 224 44.83 11.98 7.11
N ARG J 225 45.04 12.63 8.27
CA ARG J 225 45.15 11.89 9.52
C ARG J 225 43.86 11.14 9.83
N ALA J 226 42.72 11.80 9.65
CA ALA J 226 41.44 11.15 9.91
C ALA J 226 41.25 9.94 9.00
N ASN J 227 41.51 10.12 7.69
CA ASN J 227 41.33 9.02 6.75
C ASN J 227 42.28 7.87 7.06
N GLU J 228 43.53 8.18 7.40
CA GLU J 228 44.50 7.15 7.72
C GLU J 228 44.07 6.35 8.95
N ASP J 229 43.60 7.05 9.99
CA ASP J 229 43.17 6.35 11.19
C ASP J 229 42.02 5.40 10.89
N GLN J 230 40.99 5.89 10.18
CA GLN J 230 39.85 5.04 9.91
C GLN J 230 40.24 3.84 9.05
N LEU J 231 41.01 4.07 7.98
CA LEU J 231 41.39 2.99 7.09
C LEU J 231 42.27 1.97 7.81
N PHE J 232 43.20 2.44 8.65
CA PHE J 232 44.06 1.53 9.38
C PHE J 232 43.25 0.66 10.34
N GLN J 233 42.28 1.26 11.04
CA GLN J 233 41.45 0.45 11.93
C GLN J 233 40.66 -0.60 11.16
N ARG J 234 40.06 -0.21 10.03
CA ARG J 234 39.26 -1.15 9.25
C ARG J 234 40.11 -2.30 8.72
N THR J 235 41.28 -1.98 8.17
CA THR J 235 42.14 -3.03 7.64
C THR J 235 42.72 -3.91 8.74
N ALA J 236 42.99 -3.34 9.92
CA ALA J 236 43.42 -4.17 11.04
C ALA J 236 42.35 -5.17 11.43
N GLU J 237 41.10 -4.72 11.47
CA GLU J 237 39.99 -5.63 11.78
C GLU J 237 39.92 -6.75 10.74
N VAL J 238 39.97 -6.39 9.46
CA VAL J 238 39.85 -7.41 8.41
C VAL J 238 41.03 -8.39 8.45
N HIS J 239 42.24 -7.87 8.63
CA HIS J 239 43.43 -8.73 8.69
C HIS J 239 43.36 -9.69 9.87
N SER J 240 42.93 -9.19 11.03
CA SER J 240 42.79 -10.06 12.19
C SER J 240 41.75 -11.13 11.95
N ARG J 241 40.62 -10.76 11.32
CA ARG J 241 39.60 -11.76 11.03
C ARG J 241 40.11 -12.84 10.09
N VAL J 242 40.86 -12.45 9.05
CA VAL J 242 41.37 -13.43 8.10
C VAL J 242 42.39 -14.35 8.78
N LEU J 243 43.27 -13.79 9.60
CA LEU J 243 44.25 -14.62 10.31
C LEU J 243 43.56 -15.61 11.26
N ALA J 244 42.54 -15.13 11.99
CA ALA J 244 41.80 -16.00 12.88
C ALA J 244 41.09 -17.10 12.11
N ALA J 245 40.54 -16.77 10.94
CA ALA J 245 39.89 -17.78 10.11
C ALA J 245 40.90 -18.82 9.65
N ASN J 246 42.11 -18.40 9.28
CA ASN J 246 43.13 -19.37 8.89
C ASN J 246 43.48 -20.30 10.04
N ASN J 247 43.62 -19.75 11.25
CA ASN J 247 43.94 -20.59 12.40
C ASN J 247 42.81 -21.57 12.70
N VAL J 248 41.56 -21.11 12.65
CA VAL J 248 40.44 -22.01 12.93
C VAL J 248 40.34 -23.09 11.86
N ARG J 249 40.63 -22.74 10.61
CA ARG J 249 40.66 -23.76 9.55
C ARG J 249 41.75 -24.79 9.83
N ARG J 250 42.92 -24.33 10.28
CA ARG J 250 43.97 -25.27 10.64
C ARG J 250 43.53 -26.20 11.77
N PHE J 251 42.71 -25.70 12.70
CA PHE J 251 42.28 -26.55 13.81
C PHE J 251 41.21 -27.55 13.36
N PHE J 252 40.08 -27.06 12.86
CA PHE J 252 38.94 -27.92 12.58
C PHE J 252 38.95 -28.54 11.18
N GLY J 253 39.64 -27.93 10.22
CA GLY J 253 39.60 -28.36 8.85
C GLY J 253 38.71 -27.52 7.95
N PHE J 254 37.90 -26.64 8.52
CA PHE J 254 37.07 -25.72 7.76
C PHE J 254 36.69 -24.57 8.68
N VAL J 255 36.11 -23.53 8.10
CA VAL J 255 35.61 -22.39 8.86
C VAL J 255 34.16 -22.14 8.45
N ALA J 256 33.31 -21.89 9.45
CA ALA J 256 31.93 -21.50 9.21
C ALA J 256 31.89 -19.98 9.06
N LEU J 257 31.84 -19.51 7.82
CA LEU J 257 31.91 -18.10 7.51
C LEU J 257 30.61 -17.62 6.88
N ASN J 258 30.25 -16.37 7.15
CA ASN J 258 29.13 -15.75 6.49
C ASN J 258 29.53 -15.32 5.08
N LYS J 259 28.54 -14.84 4.32
CA LYS J 259 28.81 -14.43 2.94
C LYS J 259 29.78 -13.27 2.88
N ASP J 260 29.61 -12.27 3.75
CA ASP J 260 30.57 -11.17 3.79
C ASP J 260 31.94 -11.65 4.25
N ASP J 261 31.97 -12.57 5.22
CA ASP J 261 33.23 -13.16 5.64
C ASP J 261 33.86 -13.98 4.51
N GLU J 262 33.04 -14.67 3.72
CA GLU J 262 33.56 -15.39 2.57
C GLU J 262 34.18 -14.44 1.57
N GLU J 263 33.52 -13.30 1.32
CA GLU J 263 34.10 -12.29 0.42
C GLU J 263 35.41 -11.75 1.00
N LEU J 264 35.46 -11.51 2.30
CA LEU J 264 36.69 -11.04 2.93
C LEU J 264 37.82 -12.04 2.75
N ILE J 265 37.54 -13.33 2.97
CA ILE J 265 38.57 -14.35 2.85
C ILE J 265 39.04 -14.47 1.40
N ALA J 266 38.10 -14.45 0.45
CA ALA J 266 38.47 -14.60 -0.95
C ALA J 266 39.28 -13.41 -1.45
N ASN J 267 38.83 -12.19 -1.13
CA ASN J 267 39.48 -10.99 -1.66
C ASN J 267 40.82 -10.74 -0.99
N PHE J 268 40.89 -10.87 0.33
CA PHE J 268 42.09 -10.47 1.08
C PHE J 268 42.74 -11.69 1.71
N PRO J 269 43.78 -12.26 1.10
CA PRO J 269 44.54 -13.33 1.76
C PRO J 269 45.73 -12.80 2.52
N VAL J 270 45.99 -13.41 3.68
CA VAL J 270 47.11 -13.03 4.54
C VAL J 270 48.12 -14.18 4.54
N GLU J 271 49.40 -13.81 4.45
CA GLU J 271 50.47 -14.80 4.47
C GLU J 271 51.18 -14.89 5.81
N GLY J 272 51.25 -13.79 6.55
CA GLY J 272 51.90 -13.79 7.84
C GLY J 272 51.57 -12.55 8.62
N THR J 273 52.21 -12.42 9.77
CA THR J 273 52.00 -11.29 10.66
C THR J 273 53.17 -10.31 10.57
N GLN J 274 52.85 -9.03 10.70
CA GLN J 274 53.90 -8.01 10.66
C GLN J 274 54.76 -8.10 11.93
N PRO J 275 56.06 -7.89 11.80
CA PRO J 275 56.95 -7.99 12.97
C PRO J 275 56.69 -6.87 13.97
N ARG J 276 57.17 -7.10 15.19
CA ARG J 276 57.06 -6.09 16.24
C ARG J 276 57.76 -4.78 15.89
N PRO J 277 59.00 -4.77 15.37
CA PRO J 277 59.60 -3.48 14.99
C PRO J 277 58.82 -2.74 13.93
N GLN J 278 58.14 -3.44 13.02
CA GLN J 278 57.31 -2.77 12.04
C GLN J 278 56.16 -2.02 12.70
N TRP J 279 55.54 -2.63 13.72
CA TRP J 279 54.53 -1.92 14.50
C TRP J 279 55.13 -0.75 15.27
N ASN J 280 56.31 -0.95 15.88
CA ASN J 280 56.94 0.11 16.64
C ASN J 280 57.30 1.30 15.78
N ALA J 281 57.62 1.08 14.51
CA ALA J 281 58.03 2.16 13.62
C ALA J 281 56.90 3.12 13.29
N ILE J 282 55.65 2.78 13.60
CA ILE J 282 54.52 3.64 13.27
C ILE J 282 53.78 4.14 14.50
N THR J 283 54.25 3.81 15.70
CA THR J 283 53.62 4.25 16.94
C THR J 283 54.50 5.30 17.61
N GLY J 284 53.91 6.44 17.92
CA GLY J 284 54.62 7.51 18.58
C GLY J 284 54.08 8.86 18.12
N VAL J 285 54.82 9.90 18.46
CA VAL J 285 54.49 11.26 18.05
C VAL J 285 55.27 11.61 16.79
N TYR J 286 54.64 12.41 15.93
CA TYR J 286 55.23 12.81 14.66
C TYR J 286 55.06 14.32 14.51
N LEU J 287 56.13 15.00 14.08
CA LEU J 287 56.09 16.44 13.86
C LEU J 287 56.66 16.75 12.48
N TYR J 288 55.82 16.57 11.44
CA TYR J 288 56.01 17.10 10.09
C TYR J 288 57.46 17.14 9.60
N ARG J 289 58.11 15.99 9.47
CA ARG J 289 59.35 16.00 8.74
C ARG J 289 59.09 16.05 7.24
N GLU J 290 60.11 16.49 6.49
CA GLU J 290 60.02 16.64 5.04
C GLU J 290 61.21 15.93 4.41
N ASN J 291 60.96 15.14 3.38
CA ASN J 291 62.00 14.37 2.71
C ASN J 291 62.08 14.81 1.25
N GLN J 292 63.26 15.31 0.85
CA GLN J 292 63.52 15.71 -0.53
C GLN J 292 62.49 16.71 -1.03
N GLY J 293 62.09 17.64 -0.16
CA GLY J 293 61.12 18.64 -0.53
C GLY J 293 59.70 18.16 -0.61
N LEU J 294 59.43 16.91 -0.22
CA LEU J 294 58.09 16.36 -0.27
C LEU J 294 57.59 16.11 1.14
N PRO J 295 56.40 16.59 1.49
CA PRO J 295 55.91 16.43 2.86
C PRO J 295 55.61 14.99 3.22
N LEU J 296 55.84 14.66 4.49
CA LEU J 296 55.42 13.39 5.08
C LEU J 296 54.48 13.71 6.23
N TYR J 297 53.29 13.10 6.21
CA TYR J 297 52.22 13.52 7.10
C TYR J 297 52.00 12.59 8.28
N SER J 298 52.65 11.43 8.32
CA SER J 298 52.55 10.55 9.48
C SER J 298 53.72 9.59 9.43
N ARG J 299 54.00 8.95 10.57
CA ARG J 299 55.08 7.98 10.60
C ARG J 299 54.70 6.68 9.90
N LEU J 300 53.42 6.42 9.67
CA LEU J 300 53.05 5.36 8.74
C LEU J 300 53.43 5.72 7.32
N HIS J 301 53.17 6.97 6.91
CA HIS J 301 53.61 7.44 5.60
C HIS J 301 55.13 7.44 5.51
N LYS J 302 55.81 7.88 6.56
CA LYS J 302 57.27 7.88 6.58
C LYS J 302 57.83 6.47 6.49
N TRP J 303 57.20 5.53 7.19
CA TRP J 303 57.61 4.13 7.11
C TRP J 303 57.38 3.57 5.70
N ALA J 304 56.23 3.88 5.10
CA ALA J 304 55.92 3.38 3.77
C ALA J 304 56.92 3.91 2.74
N GLN J 305 57.36 5.16 2.91
CA GLN J 305 58.40 5.70 2.04
C GLN J 305 59.74 5.02 2.24
N GLY J 306 59.92 4.26 3.32
CA GLY J 306 61.17 3.58 3.58
C GLY J 306 62.14 4.31 4.48
N LEU J 307 61.69 5.34 5.18
CA LEU J 307 62.55 6.17 6.01
C LEU J 307 62.52 5.80 7.48
N ALA J 308 61.77 4.77 7.86
CA ALA J 308 61.67 4.35 9.26
C ALA J 308 62.47 3.08 9.55
N GLY J 309 62.47 2.12 8.63
CA GLY J 309 63.19 0.88 8.83
C GLY J 309 64.69 1.02 8.61
N ASP J 315 70.28 -9.41 15.48
CA ASP J 315 71.43 -9.47 16.39
C ASP J 315 70.98 -9.87 17.79
N ASN J 316 70.11 -9.06 18.39
CA ASN J 316 69.58 -9.31 19.72
C ASN J 316 68.13 -9.76 19.59
N VAL J 317 67.80 -10.87 20.25
CA VAL J 317 66.47 -11.47 20.19
C VAL J 317 65.82 -11.30 21.56
N GLU J 318 64.60 -10.76 21.57
CA GLU J 318 63.86 -10.53 22.79
C GLU J 318 62.53 -11.26 22.74
N MET J 319 62.01 -11.56 23.94
CA MET J 319 60.70 -12.20 24.15
C MET J 319 60.44 -13.31 23.15
N ALA J 320 61.43 -14.18 22.98
CA ALA J 320 61.31 -15.32 22.08
C ALA J 320 60.55 -16.46 22.76
N LEU J 321 59.92 -17.30 21.94
CA LEU J 321 59.16 -18.44 22.47
C LEU J 321 60.09 -19.52 23.00
N LEU J 322 61.13 -19.83 22.26
CA LEU J 322 62.08 -20.89 22.56
C LEU J 322 63.50 -20.36 22.41
N PRO J 323 64.49 -21.04 22.98
CA PRO J 323 65.86 -20.53 22.89
C PRO J 323 66.39 -20.56 21.46
N SER J 324 67.62 -20.12 21.27
CA SER J 324 68.24 -20.21 19.96
C SER J 324 68.25 -21.67 19.48
N ALA J 325 68.29 -21.85 18.16
CA ALA J 325 68.25 -23.18 17.58
C ALA J 325 69.37 -24.07 18.13
N LEU J 326 70.52 -23.47 18.45
CA LEU J 326 71.60 -24.22 19.08
C LEU J 326 71.16 -24.79 20.42
N GLU J 327 70.44 -24.00 21.23
CA GLU J 327 69.93 -24.51 22.50
C GLU J 327 68.76 -25.47 22.30
N VAL J 328 67.95 -25.26 21.26
CA VAL J 328 66.87 -26.19 20.98
C VAL J 328 67.42 -27.56 20.61
N LEU J 329 68.57 -27.60 19.94
CA LEU J 329 69.20 -28.88 19.60
C LEU J 329 69.49 -29.71 20.84
N PHE J 330 69.85 -29.06 21.95
CA PHE J 330 70.05 -29.81 23.19
C PHE J 330 68.82 -29.79 24.08
N PHE K 40 18.36 25.97 28.10
CA PHE K 40 17.67 27.19 27.69
C PHE K 40 17.13 27.95 28.90
N SER K 41 16.54 27.22 29.84
CA SER K 41 16.12 27.83 31.10
C SER K 41 17.32 28.20 31.97
N VAL K 42 18.49 27.65 31.68
CA VAL K 42 19.69 27.98 32.44
C VAL K 42 20.08 29.43 32.22
N VAL K 43 19.92 29.92 30.99
CA VAL K 43 20.44 31.23 30.58
C VAL K 43 19.33 32.26 30.79
N ALA K 44 18.26 31.86 31.48
CA ALA K 44 17.18 32.78 31.78
C ALA K 44 17.66 33.93 32.65
N PHE K 45 17.19 35.14 32.36
CA PHE K 45 17.64 36.32 33.07
C PHE K 45 17.09 36.34 34.49
N HIS K 46 17.96 36.65 35.45
CA HIS K 46 17.58 36.75 36.86
C HIS K 46 18.23 38.01 37.42
N CYS K 47 17.43 39.05 37.60
CA CYS K 47 17.97 40.34 38.02
C CYS K 47 18.31 40.32 39.51
N PRO K 48 19.56 40.57 39.90
CA PRO K 48 19.86 40.75 41.32
C PRO K 48 19.47 42.13 41.80
N CYS K 49 18.39 42.24 42.57
CA CYS K 49 17.88 43.53 42.99
C CYS K 49 18.74 44.06 44.13
N SER K 50 19.85 44.71 43.75
CA SER K 50 20.77 45.30 44.71
C SER K 50 21.48 46.46 44.02
N PRO K 51 21.72 47.57 44.71
CA PRO K 51 22.43 48.69 44.09
C PRO K 51 23.86 48.33 43.73
N ALA K 52 24.34 48.94 42.65
CA ALA K 52 25.70 48.76 42.14
C ALA K 52 26.01 47.31 41.81
N ARG K 53 24.98 46.48 41.70
CA ARG K 53 25.17 45.04 41.53
C ARG K 53 24.35 44.51 40.36
N ASN K 54 23.19 45.14 40.10
CA ASN K 54 22.33 44.69 39.03
C ASN K 54 22.85 45.10 37.65
N TYR K 55 23.44 46.29 37.53
CA TYR K 55 23.95 46.70 36.24
C TYR K 55 25.20 45.92 35.85
N LEU K 56 26.01 45.53 36.83
CA LEU K 56 27.14 44.65 36.53
C LEU K 56 26.65 43.31 35.99
N TYR K 57 25.62 42.74 36.62
CA TYR K 57 25.07 41.48 36.13
C TYR K 57 24.50 41.63 34.74
N GLY K 58 23.76 42.71 34.48
CA GLY K 58 23.23 42.93 33.16
C GLY K 58 24.33 43.08 32.11
N LEU K 59 25.36 43.86 32.45
CA LEU K 59 26.48 44.04 31.54
C LEU K 59 27.15 42.70 31.22
N ALA K 60 27.39 41.88 32.24
CA ALA K 60 28.00 40.58 31.99
C ALA K 60 27.10 39.70 31.13
N ALA K 61 25.84 39.53 31.55
CA ALA K 61 24.92 38.61 30.91
C ALA K 61 24.54 39.04 29.50
N ILE K 62 24.77 40.29 29.14
CA ILE K 62 24.52 40.74 27.77
C ILE K 62 25.80 40.75 26.93
N GLY K 63 26.88 41.31 27.48
CA GLY K 63 28.11 41.41 26.70
C GLY K 63 28.77 40.07 26.44
N VAL K 64 28.80 39.18 27.45
CA VAL K 64 29.50 37.91 27.28
C VAL K 64 28.91 37.07 26.15
N PRO K 65 27.59 36.91 26.02
CA PRO K 65 27.07 36.26 24.81
C PRO K 65 27.44 37.01 23.53
N ALA K 66 27.43 38.34 23.57
CA ALA K 66 27.83 39.12 22.40
C ALA K 66 29.29 38.89 22.07
N LEU K 67 30.16 38.87 23.09
CA LEU K 67 31.58 38.63 22.86
C LEU K 67 31.81 37.22 22.31
N VAL K 68 31.07 36.23 22.82
CA VAL K 68 31.21 34.86 22.34
C VAL K 68 30.78 34.78 20.88
N LEU K 69 29.65 35.42 20.53
CA LEU K 69 29.20 35.40 19.14
C LEU K 69 30.20 36.11 18.23
N PHE K 70 30.77 37.22 18.69
CA PHE K 70 31.79 37.92 17.90
C PHE K 70 33.01 37.03 17.69
N ILE K 71 33.45 36.33 18.73
CA ILE K 71 34.60 35.44 18.60
C ILE K 71 34.30 34.31 17.64
N ILE K 72 33.10 33.73 17.72
CA ILE K 72 32.72 32.64 16.81
C ILE K 72 32.70 33.14 15.37
N GLY K 73 32.14 34.33 15.15
CA GLY K 73 32.13 34.89 13.81
C GLY K 73 33.52 35.15 13.27
N ILE K 74 34.43 35.62 14.12
CA ILE K 74 35.82 35.82 13.70
C ILE K 74 36.46 34.48 13.35
N ILE K 75 36.27 33.48 14.21
CA ILE K 75 36.96 32.20 14.03
C ILE K 75 36.47 31.49 12.78
N LEU K 76 35.15 31.44 12.57
CA LEU K 76 34.60 30.66 11.48
C LEU K 76 34.97 31.22 10.12
N ASN K 77 35.16 32.53 10.02
CA ASN K 77 35.54 33.14 8.76
C ASN K 77 36.94 32.69 8.35
N ASN K 78 37.11 32.44 7.05
CA ASN K 78 38.41 32.05 6.52
C ASN K 78 39.25 33.22 6.04
N HIS K 79 38.68 34.44 6.04
CA HIS K 79 39.47 35.60 5.61
C HIS K 79 40.43 36.06 6.70
N THR K 80 40.06 35.92 7.96
CA THR K 80 41.01 36.22 9.02
C THR K 80 42.21 35.28 8.97
N TRP K 81 42.00 34.03 8.57
CA TRP K 81 43.09 33.07 8.58
C TRP K 81 44.06 33.30 7.43
N ASN K 82 43.58 33.64 6.24
CA ASN K 82 44.55 33.94 5.19
C ASN K 82 45.16 35.33 5.38
N LEU K 83 44.46 36.23 6.08
CA LEU K 83 45.11 37.47 6.51
C LEU K 83 46.26 37.18 7.47
N VAL K 84 46.05 36.28 8.43
CA VAL K 84 47.11 35.86 9.35
C VAL K 84 48.24 35.20 8.57
N ALA K 85 47.90 34.38 7.59
CA ALA K 85 48.91 33.72 6.77
C ALA K 85 49.74 34.73 5.99
N GLU K 86 49.09 35.80 5.49
CA GLU K 86 49.82 36.86 4.81
C GLU K 86 50.77 37.56 5.77
N CYS K 87 50.28 37.94 6.95
CA CYS K 87 51.15 38.58 7.93
C CYS K 87 52.28 37.67 8.37
N GLN K 88 52.06 36.36 8.32
CA GLN K 88 53.09 35.40 8.72
C GLN K 88 54.16 35.26 7.64
N HIS K 89 53.75 34.90 6.41
CA HIS K 89 54.73 34.63 5.37
C HIS K 89 55.43 35.91 4.90
N ARG K 90 54.73 37.03 4.86
CA ARG K 90 55.39 38.29 4.49
C ARG K 90 56.44 38.69 5.52
N ARG K 91 56.10 38.56 6.81
CA ARG K 91 57.05 38.69 7.93
C ARG K 91 57.87 39.98 7.88
N THR K 92 57.43 40.98 7.11
CA THR K 92 58.20 42.21 6.98
C THR K 92 57.28 43.44 6.92
N LYS K 93 55.99 43.28 7.23
CA LYS K 93 55.01 44.37 7.14
C LYS K 93 54.97 44.94 5.72
N ASN K 94 55.08 44.06 4.73
CA ASN K 94 55.16 44.52 3.34
C ASN K 94 53.84 45.12 2.87
N CYS K 95 52.72 44.52 3.27
CA CYS K 95 51.42 44.96 2.78
C CYS K 95 51.12 46.39 3.24
N SER K 96 50.51 47.16 2.35
CA SER K 96 50.19 48.55 2.65
C SER K 96 49.02 48.63 3.64
N ALA K 97 48.78 49.85 4.13
CA ALA K 97 47.73 50.05 5.13
C ALA K 97 46.34 49.86 4.52
N ALA K 98 46.15 50.30 3.28
CA ALA K 98 44.81 50.23 2.67
C ALA K 98 44.27 48.82 2.53
N PRO K 99 44.99 47.85 1.95
CA PRO K 99 44.40 46.51 1.83
C PRO K 99 44.18 45.84 3.17
N THR K 100 45.13 45.97 4.11
CA THR K 100 44.94 45.38 5.42
C THR K 100 43.73 45.99 6.13
N PHE K 101 43.56 47.31 6.01
CA PHE K 101 42.40 47.96 6.60
C PHE K 101 41.11 47.47 5.97
N LEU K 102 41.10 47.31 4.64
CA LEU K 102 39.88 46.83 3.98
C LEU K 102 39.52 45.40 4.42
N LEU K 103 40.53 44.52 4.49
CA LEU K 103 40.26 43.16 4.94
C LEU K 103 39.80 43.12 6.39
N LEU K 104 40.43 43.89 7.28
CA LEU K 104 40.00 43.93 8.67
C LEU K 104 38.58 44.46 8.79
N SER K 105 38.25 45.50 8.04
CA SER K 105 36.89 46.03 8.06
C SER K 105 35.89 44.98 7.59
N SER K 106 36.21 44.27 6.51
CA SER K 106 35.30 43.23 6.01
C SER K 106 35.10 42.13 7.05
N ILE K 107 36.19 41.67 7.67
CA ILE K 107 36.10 40.59 8.65
C ILE K 107 35.26 41.03 9.84
N LEU K 108 35.53 42.22 10.37
CA LEU K 108 34.79 42.70 11.53
C LEU K 108 33.32 42.92 11.19
N GLY K 109 33.03 43.46 10.00
CA GLY K 109 31.64 43.67 9.61
C GLY K 109 30.88 42.38 9.46
N ARG K 110 31.51 41.36 8.87
CA ARG K 110 30.85 40.07 8.75
C ARG K 110 30.67 39.40 10.11
N ALA K 111 31.62 39.58 11.02
CA ALA K 111 31.52 38.94 12.33
C ALA K 111 30.49 39.62 13.23
N ALA K 112 30.34 40.94 13.11
CA ALA K 112 29.50 41.69 14.04
C ALA K 112 28.00 41.53 13.80
N VAL K 113 27.59 40.69 12.86
CA VAL K 113 26.16 40.53 12.58
C VAL K 113 25.46 39.89 13.78
N ALA K 114 26.01 38.79 14.29
CA ALA K 114 25.38 38.10 15.42
C ALA K 114 25.39 38.93 16.70
N PRO K 115 26.50 39.57 17.11
CA PRO K 115 26.42 40.43 18.31
C PRO K 115 25.40 41.54 18.18
N VAL K 116 25.28 42.14 16.98
CA VAL K 116 24.35 43.24 16.81
C VAL K 116 22.90 42.78 16.97
N THR K 117 22.54 41.65 16.35
CA THR K 117 21.17 41.18 16.50
C THR K 117 20.89 40.66 17.90
N TRP K 118 21.87 40.06 18.56
CA TRP K 118 21.69 39.66 19.94
C TRP K 118 21.45 40.88 20.83
N SER K 119 22.24 41.94 20.64
CA SER K 119 22.04 43.16 21.42
C SER K 119 20.69 43.80 21.12
N VAL K 120 20.26 43.76 19.86
CA VAL K 120 18.97 44.32 19.49
C VAL K 120 17.85 43.57 20.19
N ILE K 121 17.91 42.24 20.19
CA ILE K 121 16.88 41.45 20.84
C ILE K 121 16.89 41.72 22.35
N SER K 122 18.07 41.78 22.96
CA SER K 122 18.15 42.02 24.39
C SER K 122 17.60 43.39 24.76
N LEU K 123 17.90 44.42 23.94
CA LEU K 123 17.38 45.75 24.20
C LEU K 123 15.87 45.81 24.04
N LEU K 124 15.35 45.16 22.99
CA LEU K 124 13.91 45.18 22.77
C LEU K 124 13.16 44.39 23.84
N ARG K 125 13.80 43.39 24.44
CA ARG K 125 13.18 42.70 25.57
C ARG K 125 12.95 43.65 26.74
N GLY K 126 13.96 44.47 27.07
CA GLY K 126 13.84 45.47 28.08
C GLY K 126 14.23 45.03 29.49
N GLU K 127 14.33 43.73 29.74
CA GLU K 127 14.62 43.25 31.09
C GLU K 127 16.01 43.68 31.53
N ALA K 128 17.01 43.50 30.68
CA ALA K 128 18.37 43.83 31.05
C ALA K 128 18.53 45.32 31.34
N TYR K 129 17.95 46.16 30.49
CA TYR K 129 18.12 47.61 30.67
C TYR K 129 17.42 48.11 31.92
N VAL K 130 16.20 47.64 32.18
CA VAL K 130 15.51 48.08 33.40
C VAL K 130 16.25 47.57 34.63
N CYS K 131 16.74 46.33 34.59
CA CYS K 131 17.52 45.82 35.71
C CYS K 131 18.78 46.65 35.94
N ALA K 132 19.43 47.07 34.86
CA ALA K 132 20.68 47.82 35.00
C ALA K 132 20.45 49.25 35.46
N LEU K 133 19.36 49.87 35.03
CA LEU K 133 19.14 51.30 35.26
C LEU K 133 18.07 51.59 36.30
N SER K 134 17.56 50.58 37.01
CA SER K 134 16.57 50.83 38.06
C SER K 134 17.14 51.69 39.17
N GLU K 135 18.39 51.44 39.57
CA GLU K 135 18.96 52.14 40.71
C GLU K 135 19.32 53.59 40.43
N PHE K 136 19.35 54.00 39.16
CA PHE K 136 19.72 55.36 38.79
C PHE K 136 18.53 56.26 38.54
N VAL K 137 17.31 55.77 38.73
CA VAL K 137 16.12 56.59 38.51
C VAL K 137 16.07 57.68 39.56
N ASP K 138 15.85 58.92 39.13
CA ASP K 138 15.78 60.05 40.04
C ASP K 138 14.43 60.07 40.75
N PRO K 139 14.39 59.98 42.08
CA PRO K 139 13.10 60.07 42.77
C PRO K 139 12.36 61.37 42.54
N SER K 140 13.09 62.47 42.35
CA SER K 140 12.44 63.76 42.13
C SER K 140 11.64 63.76 40.83
N SER K 141 12.18 63.14 39.78
CA SER K 141 11.50 63.12 38.48
C SER K 141 10.30 62.17 38.47
N LEU K 142 10.11 61.37 39.51
CA LEU K 142 8.99 60.45 39.55
C LEU K 142 7.66 61.21 39.63
N THR K 143 6.65 60.67 38.97
CA THR K 143 5.36 61.34 38.83
C THR K 143 4.26 60.27 38.82
N ALA K 144 3.07 60.65 38.35
CA ALA K 144 1.91 59.77 38.21
C ALA K 144 1.37 59.28 39.54
N ARG K 145 1.66 60.01 40.62
CA ARG K 145 1.26 59.66 41.97
C ARG K 145 1.71 60.78 42.89
N GLU K 146 1.04 60.89 44.04
CA GLU K 146 1.48 61.84 45.04
C GLU K 146 2.84 61.43 45.60
N GLU K 147 3.55 62.41 46.17
CA GLU K 147 4.94 62.21 46.58
C GLU K 147 4.98 61.32 47.82
N HIS K 148 4.82 60.02 47.59
CA HIS K 148 4.90 59.01 48.64
C HIS K 148 6.24 58.29 48.67
N PHE K 149 7.18 58.67 47.80
CA PHE K 149 8.45 57.95 47.70
C PHE K 149 9.37 58.36 48.85
N PRO K 150 9.78 57.44 49.70
CA PRO K 150 10.69 57.79 50.80
C PRO K 150 12.08 58.16 50.27
N SER K 151 12.75 59.02 51.03
CA SER K 151 14.13 59.37 50.76
C SER K 151 15.10 58.71 51.73
N ALA K 152 14.62 57.77 52.54
CA ALA K 152 15.49 57.08 53.48
C ALA K 152 16.56 56.29 52.76
N HIS K 153 16.16 55.24 52.03
CA HIS K 153 17.06 54.45 51.19
C HIS K 153 16.42 54.44 49.80
N ALA K 154 16.65 55.50 49.03
CA ALA K 154 16.03 55.60 47.71
C ALA K 154 16.63 54.58 46.76
N THR K 155 17.96 54.47 46.74
CA THR K 155 18.64 53.60 45.79
C THR K 155 18.23 52.15 45.98
N GLU K 156 18.10 51.70 47.24
CA GLU K 156 17.80 50.29 47.50
C GLU K 156 16.41 49.92 47.00
N ILE K 157 15.40 50.76 47.27
CA ILE K 157 14.05 50.46 46.79
C ILE K 157 14.00 50.53 45.26
N LEU K 158 14.67 51.53 44.68
CA LEU K 158 14.69 51.63 43.22
C LEU K 158 15.33 50.39 42.60
N ALA K 159 16.41 49.90 43.20
CA ALA K 159 17.06 48.69 42.69
C ALA K 159 16.21 47.44 42.95
N ARG K 160 15.39 47.45 43.99
CA ARG K 160 14.55 46.30 44.29
C ARG K 160 13.26 46.28 43.49
N PHE K 161 12.97 47.35 42.74
CA PHE K 161 11.77 47.36 41.91
C PHE K 161 11.64 46.16 40.98
N PRO K 162 12.66 45.74 40.21
CA PRO K 162 12.43 44.67 39.22
C PRO K 162 11.97 43.34 39.80
N CYS K 163 12.39 42.98 41.02
CA CYS K 163 12.08 41.68 41.59
C CYS K 163 10.73 41.63 42.29
N LYS K 164 9.80 42.52 41.95
CA LYS K 164 8.47 42.61 42.54
C LYS K 164 8.49 42.95 44.02
N GLU K 165 9.66 43.23 44.59
CA GLU K 165 9.78 43.56 46.01
C GLU K 165 9.55 45.06 46.22
N ASN K 166 8.41 45.51 45.73
CA ASN K 166 7.99 46.89 45.85
C ASN K 166 6.88 47.01 46.89
N PRO K 167 7.00 47.89 47.87
CA PRO K 167 5.92 48.07 48.84
C PRO K 167 4.63 48.52 48.14
N ASP K 168 3.50 48.04 48.67
CA ASP K 168 2.21 48.32 48.04
C ASP K 168 1.90 49.81 47.98
N ASN K 169 2.42 50.59 48.95
CA ASN K 169 2.25 52.03 48.90
C ASN K 169 3.00 52.67 47.74
N LEU K 170 3.99 51.98 47.17
CA LEU K 170 4.72 52.43 45.99
C LEU K 170 4.39 51.63 44.75
N SER K 171 3.22 50.98 44.74
CA SER K 171 2.80 50.15 43.61
C SER K 171 2.69 50.97 42.33
N ASP K 172 2.29 52.24 42.44
CA ASP K 172 2.21 53.09 41.25
C ASP K 172 3.60 53.52 40.79
N PHE K 173 4.49 53.82 41.74
CA PHE K 173 5.84 54.23 41.36
C PHE K 173 6.57 53.12 40.62
N ARG K 174 6.42 51.88 41.08
CA ARG K 174 7.12 50.78 40.41
C ARG K 174 6.72 50.71 38.94
N GLU K 175 5.43 50.79 38.64
CA GLU K 175 4.98 50.77 37.26
C GLU K 175 5.43 52.01 36.50
N GLU K 176 5.44 53.17 37.18
CA GLU K 176 5.93 54.40 36.56
C GLU K 176 7.37 54.23 36.07
N VAL K 177 8.19 53.53 36.84
CA VAL K 177 9.57 53.28 36.44
C VAL K 177 9.65 52.18 35.39
N SER K 178 8.80 51.16 35.52
CA SER K 178 8.82 50.03 34.59
C SER K 178 8.48 50.47 33.18
N ARG K 179 7.50 51.36 33.03
CA ARG K 179 7.14 51.84 31.71
C ARG K 179 8.13 52.85 31.14
N ARG K 180 8.96 53.47 32.00
CA ARG K 180 9.93 54.43 31.53
C ARG K 180 11.21 53.76 31.05
N LEU K 181 11.83 52.97 31.93
CA LEU K 181 13.11 52.34 31.58
C LEU K 181 12.97 51.38 30.42
N ARG K 182 11.89 50.59 30.41
CA ARG K 182 11.63 49.71 29.28
C ARG K 182 11.46 50.50 27.99
N TYR K 183 10.78 51.65 28.06
CA TYR K 183 10.66 52.51 26.89
C TYR K 183 12.03 52.91 26.37
N GLU K 184 12.92 53.33 27.27
CA GLU K 184 14.25 53.73 26.85
C GLU K 184 14.98 52.55 26.19
N SER K 185 14.85 51.36 26.78
CA SER K 185 15.45 50.17 26.21
C SER K 185 14.98 49.93 24.77
N GLN K 186 13.66 49.93 24.58
CA GLN K 186 13.12 49.67 23.25
C GLN K 186 13.50 50.76 22.26
N LEU K 187 13.52 52.02 22.71
CA LEU K 187 13.97 53.12 21.87
C LEU K 187 15.40 52.91 21.40
N PHE K 188 16.28 52.50 22.33
CA PHE K 188 17.66 52.21 21.94
C PHE K 188 17.73 51.06 20.95
N GLY K 189 16.92 50.02 21.15
CA GLY K 189 16.90 48.92 20.20
C GLY K 189 16.51 49.37 18.80
N TRP K 190 15.44 50.18 18.70
CA TRP K 190 15.00 50.66 17.40
C TRP K 190 16.02 51.59 16.77
N LEU K 191 16.70 52.43 17.57
CA LEU K 191 17.75 53.28 17.01
C LEU K 191 18.90 52.43 16.50
N LEU K 192 19.23 51.35 17.21
CA LEU K 192 20.28 50.45 16.75
C LEU K 192 19.92 49.82 15.41
N ILE K 193 18.68 49.34 15.28
CA ILE K 193 18.28 48.76 14.00
C ILE K 193 18.35 49.81 12.90
N GLY K 194 17.93 51.04 13.18
CA GLY K 194 18.00 52.08 12.17
C GLY K 194 19.43 52.38 11.74
N VAL K 195 20.35 52.50 12.71
CA VAL K 195 21.74 52.80 12.39
C VAL K 195 22.37 51.66 11.62
N VAL K 196 22.12 50.42 12.04
CA VAL K 196 22.67 49.26 11.35
C VAL K 196 22.18 49.20 9.91
N ALA K 197 20.88 49.43 9.71
CA ALA K 197 20.34 49.44 8.35
C ALA K 197 20.99 50.53 7.50
N ILE K 198 21.18 51.72 8.09
CA ILE K 198 21.81 52.81 7.35
C ILE K 198 23.25 52.45 6.98
N LEU K 199 23.99 51.83 7.90
CA LEU K 199 25.36 51.42 7.61
C LEU K 199 25.42 50.35 6.53
N VAL K 200 24.52 49.36 6.60
CA VAL K 200 24.49 48.32 5.58
C VAL K 200 24.16 48.91 4.21
N PHE K 201 23.30 49.93 4.18
CA PHE K 201 23.02 50.60 2.91
C PHE K 201 24.23 51.38 2.41
N LEU K 202 24.86 52.17 3.29
CA LEU K 202 25.95 53.06 2.87
C LEU K 202 27.18 52.27 2.46
N THR K 203 27.53 51.24 3.23
CA THR K 203 28.71 50.45 2.94
C THR K 203 28.62 49.81 1.56
N LYS K 204 27.46 49.20 1.25
CA LYS K 204 27.27 48.62 -0.07
C LYS K 204 27.27 49.68 -1.16
N CYS K 205 26.63 50.83 -0.89
CA CYS K 205 26.60 51.89 -1.88
C CYS K 205 27.99 52.41 -2.20
N LEU K 206 28.90 52.35 -1.23
CA LEU K 206 30.30 52.72 -1.47
C LEU K 206 31.11 51.58 -2.08
N LYS K 207 30.80 50.34 -1.70
CA LYS K 207 31.51 49.19 -2.24
C LYS K 207 31.30 49.07 -3.74
N HIS K 208 30.06 49.26 -4.21
CA HIS K 208 29.82 49.23 -5.64
C HIS K 208 30.38 50.48 -6.34
N TYR K 209 30.40 51.62 -5.64
CA TYR K 209 30.84 52.86 -6.28
C TYR K 209 32.34 52.89 -6.47
N CYS K 210 33.11 52.46 -5.47
CA CYS K 210 34.56 52.55 -5.52
C CYS K 210 35.23 51.33 -6.13
N SER K 211 34.49 50.25 -6.36
CA SER K 211 35.10 49.06 -6.96
C SER K 211 35.41 49.33 -8.42
N PRO K 212 36.58 48.88 -8.90
CA PRO K 212 36.90 49.05 -10.33
C PRO K 212 36.14 48.10 -11.24
N LEU K 213 35.50 47.08 -10.68
CA LEU K 213 34.73 46.11 -11.45
C LEU K 213 33.25 46.46 -11.45
N SER K 214 32.54 45.89 -12.42
CA SER K 214 31.09 45.99 -12.45
C SER K 214 30.48 45.00 -11.46
N TYR K 215 29.21 45.23 -11.12
CA TYR K 215 28.57 44.38 -10.11
C TYR K 215 28.27 42.99 -10.64
N ARG K 216 27.99 42.86 -11.94
CA ARG K 216 27.78 41.54 -12.52
C ARG K 216 29.06 40.71 -12.51
N GLN K 217 30.19 41.34 -12.84
CA GLN K 217 31.47 40.63 -12.78
C GLN K 217 31.81 40.23 -11.35
N GLU K 218 31.49 41.09 -10.38
CA GLU K 218 31.75 40.74 -8.99
C GLU K 218 30.84 39.60 -8.53
N ALA K 219 29.61 39.55 -9.02
CA ALA K 219 28.74 38.40 -8.73
C ALA K 219 29.32 37.12 -9.31
N TYR K 220 29.82 37.19 -10.55
CA TYR K 220 30.48 36.03 -11.15
C TYR K 220 31.70 35.63 -10.33
N TRP K 221 32.47 36.59 -9.85
CA TRP K 221 33.64 36.31 -9.03
C TRP K 221 33.25 35.61 -7.74
N ALA K 222 32.17 36.06 -7.09
CA ALA K 222 31.71 35.42 -5.86
C ALA K 222 31.27 33.99 -6.13
N GLN K 223 30.53 33.77 -7.23
CA GLN K 223 30.13 32.41 -7.59
C GLN K 223 31.35 31.52 -7.81
N TYR K 224 32.36 32.05 -8.50
CA TYR K 224 33.59 31.30 -8.73
C TYR K 224 34.28 30.96 -7.43
N ARG K 225 34.35 31.92 -6.51
CA ARG K 225 35.02 31.66 -5.23
C ARG K 225 34.32 30.57 -4.45
N ALA K 226 32.99 30.60 -4.41
CA ALA K 226 32.24 29.56 -3.70
C ALA K 226 32.49 28.19 -4.33
N ASN K 227 32.39 28.10 -5.66
CA ASN K 227 32.61 26.83 -6.33
C ASN K 227 34.03 26.32 -6.12
N GLU K 228 35.02 27.21 -6.21
CA GLU K 228 36.40 26.81 -6.01
C GLU K 228 36.62 26.27 -4.61
N ASP K 229 36.07 26.95 -3.59
CA ASP K 229 36.24 26.48 -2.23
C ASP K 229 35.65 25.09 -2.04
N GLN K 230 34.41 24.90 -2.51
CA GLN K 230 33.77 23.60 -2.30
C GLN K 230 34.52 22.50 -3.04
N LEU K 231 34.90 22.74 -4.30
CA LEU K 231 35.59 21.72 -5.08
C LEU K 231 36.95 21.40 -4.48
N PHE K 232 37.68 22.43 -4.03
CA PHE K 232 38.99 22.19 -3.43
C PHE K 232 38.87 21.37 -2.16
N GLN K 233 37.87 21.65 -1.32
CA GLN K 233 37.69 20.84 -0.11
C GLN K 233 37.37 19.39 -0.47
N ARG K 234 36.47 19.18 -1.43
CA ARG K 234 36.09 17.82 -1.79
C ARG K 234 37.27 17.04 -2.35
N THR K 235 38.05 17.66 -3.25
CA THR K 235 39.19 16.97 -3.83
C THR K 235 40.29 16.76 -2.82
N ALA K 236 40.47 17.67 -1.86
CA ALA K 236 41.44 17.44 -0.80
C ALA K 236 41.05 16.22 0.03
N GLU K 237 39.76 16.10 0.35
CA GLU K 237 39.30 14.92 1.09
C GLU K 237 39.59 13.64 0.31
N VAL K 238 39.24 13.63 -0.98
CA VAL K 238 39.42 12.43 -1.78
C VAL K 238 40.91 12.08 -1.92
N HIS K 239 41.75 13.09 -2.17
CA HIS K 239 43.19 12.87 -2.31
C HIS K 239 43.79 12.32 -1.03
N SER K 240 43.40 12.88 0.12
CA SER K 240 43.89 12.39 1.40
C SER K 240 43.46 10.94 1.62
N ARG K 241 42.20 10.62 1.28
CA ARG K 241 41.75 9.25 1.46
C ARG K 241 42.53 8.28 0.58
N VAL K 242 42.81 8.66 -0.67
CA VAL K 242 43.55 7.77 -1.56
C VAL K 242 44.98 7.58 -1.06
N LEU K 243 45.62 8.66 -0.61
CA LEU K 243 46.99 8.55 -0.08
C LEU K 243 47.02 7.65 1.16
N ALA K 244 46.05 7.83 2.06
CA ALA K 244 45.99 7.00 3.26
C ALA K 244 45.76 5.54 2.89
N ALA K 245 44.91 5.29 1.89
CA ALA K 245 44.70 3.92 1.44
C ALA K 245 45.98 3.31 0.89
N ASN K 246 46.75 4.09 0.13
CA ASN K 246 48.02 3.58 -0.38
C ASN K 246 48.97 3.23 0.77
N ASN K 247 49.05 4.09 1.78
CA ASN K 247 49.93 3.80 2.92
C ASN K 247 49.48 2.56 3.67
N VAL K 248 48.17 2.41 3.90
CA VAL K 248 47.67 1.24 4.61
C VAL K 248 47.91 -0.03 3.81
N ARG K 249 47.78 0.05 2.48
CA ARG K 249 48.11 -1.08 1.63
C ARG K 249 49.58 -1.45 1.75
N ARG K 250 50.46 -0.43 1.78
CA ARG K 250 51.87 -0.70 1.98
C ARG K 250 52.13 -1.40 3.31
N PHE K 251 51.35 -1.06 4.33
CA PHE K 251 51.57 -1.68 5.64
C PHE K 251 51.06 -3.11 5.68
N PHE K 252 49.76 -3.31 5.44
CA PHE K 252 49.12 -4.61 5.63
C PHE K 252 49.19 -5.51 4.40
N GLY K 253 49.32 -4.95 3.21
CA GLY K 253 49.25 -5.71 1.98
C GLY K 253 47.93 -5.60 1.25
N PHE K 254 46.91 -5.03 1.87
CA PHE K 254 45.63 -4.78 1.24
C PHE K 254 44.91 -3.70 2.05
N VAL K 255 43.81 -3.20 1.49
CA VAL K 255 42.97 -2.22 2.17
C VAL K 255 41.53 -2.72 2.16
N ALA K 256 40.86 -2.60 3.30
CA ALA K 256 39.44 -2.91 3.39
C ALA K 256 38.66 -1.66 3.03
N LEU K 257 38.17 -1.61 1.79
CA LEU K 257 37.51 -0.44 1.27
C LEU K 257 36.05 -0.75 0.95
N ASN K 258 35.20 0.27 1.11
CA ASN K 258 33.81 0.16 0.70
C ASN K 258 33.70 0.32 -0.82
N LYS K 259 32.49 0.12 -1.33
CA LYS K 259 32.28 0.20 -2.77
C LYS K 259 32.57 1.61 -3.30
N ASP K 260 32.09 2.64 -2.58
CA ASP K 260 32.40 4.00 -2.98
C ASP K 260 33.90 4.29 -2.85
N ASP K 261 34.53 3.76 -1.79
CA ASP K 261 35.97 3.90 -1.65
C ASP K 261 36.70 3.16 -2.77
N GLU K 262 36.18 2.00 -3.17
CA GLU K 262 36.78 1.28 -4.31
C GLU K 262 36.68 2.11 -5.58
N GLU K 263 35.53 2.75 -5.81
CA GLU K 263 35.39 3.62 -6.97
C GLU K 263 36.35 4.81 -6.89
N LEU K 264 36.52 5.38 -5.70
CA LEU K 264 37.47 6.48 -5.53
C LEU K 264 38.89 6.04 -5.86
N ILE K 265 39.30 4.87 -5.37
CA ILE K 265 40.65 4.38 -5.60
C ILE K 265 40.85 4.09 -7.09
N ALA K 266 39.87 3.45 -7.74
CA ALA K 266 40.01 3.11 -9.15
C ALA K 266 40.05 4.35 -10.02
N ASN K 267 39.14 5.30 -9.79
CA ASN K 267 39.05 6.47 -10.65
C ASN K 267 40.21 7.43 -10.44
N PHE K 268 40.56 7.71 -9.18
CA PHE K 268 41.52 8.75 -8.87
C PHE K 268 42.79 8.15 -8.26
N PRO K 269 43.84 7.93 -9.04
CA PRO K 269 45.11 7.50 -8.47
C PRO K 269 46.03 8.66 -8.16
N VAL K 270 46.74 8.55 -7.04
CA VAL K 270 47.68 9.58 -6.61
C VAL K 270 49.09 9.02 -6.69
N GLU K 271 50.01 9.85 -7.20
CA GLU K 271 51.41 9.46 -7.33
C GLU K 271 52.29 10.04 -6.24
N GLY K 272 51.97 11.23 -5.74
CA GLY K 272 52.76 11.84 -4.70
C GLY K 272 52.01 12.99 -4.06
N THR K 273 52.69 13.68 -3.16
CA THR K 273 52.14 14.81 -2.43
C THR K 273 52.68 16.12 -3.00
N GLN K 274 51.82 17.13 -2.99
CA GLN K 274 52.22 18.44 -3.48
C GLN K 274 53.23 19.06 -2.51
N PRO K 275 54.23 19.77 -3.02
CA PRO K 275 55.24 20.37 -2.14
C PRO K 275 54.67 21.49 -1.29
N ARG K 276 55.41 21.83 -0.24
CA ARG K 276 55.01 22.93 0.62
C ARG K 276 54.93 24.27 -0.12
N PRO K 277 55.90 24.66 -0.95
CA PRO K 277 55.74 25.93 -1.68
C PRO K 277 54.52 25.96 -2.58
N GLN K 278 54.12 24.82 -3.14
CA GLN K 278 52.91 24.79 -3.95
C GLN K 278 51.68 25.12 -3.12
N TRP K 279 51.62 24.62 -1.88
CA TRP K 279 50.55 25.01 -0.98
C TRP K 279 50.65 26.48 -0.59
N ASN K 280 51.86 26.96 -0.32
CA ASN K 280 52.03 28.36 0.07
C ASN K 280 51.62 29.32 -1.04
N ALA K 281 51.79 28.92 -2.29
CA ALA K 281 51.47 29.78 -3.42
C ALA K 281 49.99 30.06 -3.56
N ILE K 282 49.12 29.31 -2.87
CA ILE K 282 47.68 29.48 -3.00
C ILE K 282 47.02 29.94 -1.71
N THR K 283 47.79 30.17 -0.65
CA THR K 283 47.25 30.62 0.63
C THR K 283 47.63 32.07 0.87
N GLY K 284 46.64 32.90 1.13
CA GLY K 284 46.86 34.31 1.39
C GLY K 284 45.68 35.12 0.90
N VAL K 285 45.88 36.43 0.85
CA VAL K 285 44.87 37.35 0.34
C VAL K 285 45.15 37.65 -1.12
N TYR K 286 44.08 37.84 -1.89
CA TYR K 286 44.17 38.11 -3.32
C TYR K 286 43.29 39.30 -3.65
N LEU K 287 43.82 40.23 -4.45
CA LEU K 287 43.05 41.40 -4.89
C LEU K 287 43.15 41.54 -6.40
N TYR K 288 42.33 40.76 -7.12
CA TYR K 288 42.01 40.92 -8.53
C TYR K 288 43.14 41.44 -9.41
N ARG K 289 44.22 40.68 -9.53
CA ARG K 289 45.17 41.03 -10.58
C ARG K 289 44.65 40.55 -11.94
N GLU K 290 45.20 41.16 -13.00
CA GLU K 290 44.80 40.86 -14.36
C GLU K 290 46.04 40.60 -15.18
N ASN K 291 46.02 39.53 -15.98
CA ASN K 291 47.17 39.12 -16.77
C ASN K 291 46.78 39.13 -18.25
N GLN K 292 47.48 39.97 -19.03
CA GLN K 292 47.28 40.06 -20.48
C GLN K 292 45.81 40.35 -20.82
N GLY K 293 45.19 41.21 -20.04
CA GLY K 293 43.81 41.58 -20.26
C GLY K 293 42.79 40.54 -19.87
N LEU K 294 43.23 39.44 -19.23
CA LEU K 294 42.33 38.39 -18.81
C LEU K 294 42.27 38.34 -17.29
N PRO K 295 41.07 38.35 -16.71
CA PRO K 295 40.97 38.37 -15.25
C PRO K 295 41.45 37.09 -14.61
N LEU K 296 42.03 37.23 -13.41
CA LEU K 296 42.38 36.13 -12.55
C LEU K 296 41.63 36.30 -11.24
N TYR K 297 40.88 35.28 -10.83
CA TYR K 297 39.92 35.42 -9.75
C TYR K 297 40.37 34.84 -8.42
N SER K 298 41.49 34.12 -8.38
CA SER K 298 42.03 33.63 -7.13
C SER K 298 43.49 33.27 -7.35
N ARG K 299 44.23 33.14 -6.25
CA ARG K 299 45.63 32.77 -6.37
C ARG K 299 45.80 31.30 -6.72
N LEU K 300 44.76 30.47 -6.55
CA LEU K 300 44.79 29.14 -7.15
C LEU K 300 44.69 29.24 -8.66
N HIS K 301 43.82 30.10 -9.17
CA HIS K 301 43.74 30.35 -10.61
C HIS K 301 45.03 30.96 -11.12
N LYS K 302 45.59 31.92 -10.38
CA LYS K 302 46.85 32.54 -10.78
C LYS K 302 47.99 31.52 -10.79
N TRP K 303 48.03 30.63 -9.81
CA TRP K 303 49.03 29.57 -9.78
C TRP K 303 48.85 28.61 -10.96
N ALA K 304 47.60 28.24 -11.25
CA ALA K 304 47.34 27.32 -12.36
C ALA K 304 47.77 27.93 -13.69
N GLN K 305 47.58 29.24 -13.85
CA GLN K 305 48.07 29.91 -15.04
C GLN K 305 49.59 29.94 -15.12
N GLY K 306 50.28 29.65 -14.03
CA GLY K 306 51.74 29.66 -14.04
C GLY K 306 52.38 30.94 -13.57
N LEU K 307 51.62 31.83 -12.93
CA LEU K 307 52.12 33.13 -12.52
C LEU K 307 52.54 33.19 -11.06
N ALA K 308 52.43 32.08 -10.33
CA ALA K 308 52.80 32.06 -8.92
C ALA K 308 54.14 31.37 -8.66
N GLY K 309 54.44 30.29 -9.38
CA GLY K 309 55.68 29.58 -9.21
C GLY K 309 56.87 30.27 -9.85
N ASP K 315 67.86 25.45 -3.28
CA ASP K 315 69.03 26.13 -2.72
C ASP K 315 69.08 25.97 -1.22
N ASN K 316 68.06 26.47 -0.53
CA ASN K 316 67.95 26.38 0.92
C ASN K 316 66.89 25.34 1.28
N VAL K 317 67.25 24.41 2.16
CA VAL K 317 66.38 23.32 2.57
C VAL K 317 65.98 23.55 4.02
N GLU K 318 64.68 23.51 4.29
CA GLU K 318 64.14 23.72 5.62
C GLU K 318 63.34 22.51 6.06
N MET K 319 63.24 22.35 7.39
CA MET K 319 62.45 21.31 8.05
C MET K 319 62.58 19.95 7.35
N ALA K 320 63.82 19.58 7.05
CA ALA K 320 64.08 18.30 6.41
C ALA K 320 64.11 17.18 7.44
N LEU K 321 63.80 15.96 6.97
CA LEU K 321 63.79 14.81 7.87
C LEU K 321 65.20 14.40 8.28
N LEU K 322 66.12 14.37 7.33
CA LEU K 322 67.50 13.93 7.52
C LEU K 322 68.43 14.94 6.89
N PRO K 323 69.72 14.94 7.26
CA PRO K 323 70.64 15.93 6.71
C PRO K 323 70.85 15.75 5.22
N SER K 324 71.67 16.59 4.62
CA SER K 324 72.03 16.42 3.22
C SER K 324 72.64 15.05 3.00
N ALA K 325 72.52 14.55 1.76
CA ALA K 325 73.02 13.23 1.44
C ALA K 325 74.50 13.08 1.77
N LEU K 326 75.26 14.17 1.67
CA LEU K 326 76.67 14.15 2.09
C LEU K 326 76.80 13.83 3.57
N GLU K 327 75.93 14.42 4.41
CA GLU K 327 75.97 14.11 5.83
C GLU K 327 75.39 12.73 6.12
N VAL K 328 74.41 12.29 5.33
CA VAL K 328 73.86 10.95 5.50
C VAL K 328 74.92 9.90 5.22
N LEU K 329 75.82 10.17 4.27
CA LEU K 329 76.90 9.24 3.97
C LEU K 329 77.77 8.98 5.19
N PHE K 330 77.96 9.98 6.05
CA PHE K 330 78.72 9.75 7.28
C PHE K 330 77.80 9.48 8.47
N PHE L 40 8.43 37.55 17.54
CA PHE L 40 7.18 38.21 17.16
C PHE L 40 6.57 38.96 18.34
N SER L 41 6.57 38.32 19.51
CA SER L 41 6.14 39.00 20.73
C SER L 41 7.14 40.05 21.17
N VAL L 42 8.37 39.99 20.66
CA VAL L 42 9.39 40.97 21.01
C VAL L 42 9.01 42.35 20.46
N VAL L 43 8.43 42.39 19.27
CA VAL L 43 8.19 43.64 18.55
C VAL L 43 6.79 44.12 18.89
N ALA L 44 6.17 43.51 19.89
CA ALA L 44 4.84 43.93 20.33
C ALA L 44 4.89 45.36 20.86
N PHE L 45 3.86 46.13 20.52
CA PHE L 45 3.82 47.54 20.89
C PHE L 45 3.57 47.69 22.39
N HIS L 46 4.35 48.57 23.03
CA HIS L 46 4.21 48.86 24.46
C HIS L 46 4.29 50.38 24.62
N CYS L 47 3.14 51.01 24.85
CA CYS L 47 3.08 52.46 24.91
C CYS L 47 3.64 52.96 26.24
N PRO L 48 4.67 53.80 26.23
CA PRO L 48 5.10 54.45 27.47
C PRO L 48 4.19 55.63 27.81
N CYS L 49 3.35 55.46 28.83
CA CYS L 49 2.37 56.48 29.17
C CYS L 49 3.06 57.60 29.93
N SER L 50 3.66 58.53 29.18
CA SER L 50 4.33 59.68 29.74
C SER L 50 4.30 60.81 28.72
N PRO L 51 4.10 62.05 29.16
CA PRO L 51 4.08 63.16 28.20
C PRO L 51 5.42 63.35 27.53
N ALA L 52 5.37 63.81 26.27
CA ALA L 52 6.54 64.09 25.45
C ALA L 52 7.44 62.87 25.27
N ARG L 53 6.92 61.69 25.56
CA ARG L 53 7.73 60.47 25.56
C ARG L 53 7.05 59.36 24.76
N ASN L 54 5.71 59.36 24.74
CA ASN L 54 5.00 58.32 24.01
C ASN L 54 5.02 58.55 22.51
N TYR L 55 4.96 59.80 22.06
CA TYR L 55 4.97 60.04 20.62
C TYR L 55 6.35 59.78 20.03
N LEU L 56 7.42 60.03 20.80
CA LEU L 56 8.75 59.66 20.34
C LEU L 56 8.86 58.15 20.17
N TYR L 57 8.34 57.39 21.14
CA TYR L 57 8.38 55.93 21.01
C TYR L 57 7.56 55.46 19.82
N GLY L 58 6.36 56.03 19.62
CA GLY L 58 5.57 55.65 18.45
C GLY L 58 6.28 55.98 17.15
N LEU L 59 6.87 57.17 17.07
CA LEU L 59 7.60 57.56 15.87
C LEU L 59 8.74 56.60 15.59
N ALA L 60 9.52 56.25 16.61
CA ALA L 60 10.62 55.31 16.41
C ALA L 60 10.09 53.95 15.98
N ALA L 61 9.16 53.37 16.74
CA ALA L 61 8.68 52.02 16.52
C ALA L 61 7.90 51.87 15.22
N ILE L 62 7.45 52.96 14.62
CA ILE L 62 6.79 52.90 13.32
C ILE L 62 7.74 53.23 12.18
N GLY L 63 8.52 54.31 12.31
CA GLY L 63 9.40 54.71 11.23
C GLY L 63 10.56 53.75 11.01
N VAL L 64 11.18 53.25 12.08
CA VAL L 64 12.35 52.39 11.93
C VAL L 64 12.04 51.12 11.14
N PRO L 65 10.94 50.40 11.41
CA PRO L 65 10.59 49.30 10.49
C PRO L 65 10.33 49.78 9.07
N ALA L 66 9.71 50.94 8.90
CA ALA L 66 9.49 51.48 7.57
C ALA L 66 10.80 51.81 6.89
N LEU L 67 11.74 52.43 7.62
CA LEU L 67 13.05 52.74 7.06
C LEU L 67 13.80 51.47 6.68
N VAL L 68 13.72 50.44 7.53
CA VAL L 68 14.39 49.18 7.23
C VAL L 68 13.81 48.54 5.98
N LEU L 69 12.48 48.54 5.85
CA LEU L 69 11.85 47.97 4.65
C LEU L 69 12.23 48.77 3.41
N PHE L 70 12.28 50.10 3.53
CA PHE L 70 12.71 50.93 2.40
C PHE L 70 14.15 50.62 1.99
N ILE L 71 15.03 50.45 2.98
CA ILE L 71 16.42 50.13 2.67
C ILE L 71 16.52 48.77 2.01
N ILE L 72 15.77 47.78 2.51
CA ILE L 72 15.80 46.45 1.90
C ILE L 72 15.28 46.51 0.47
N GLY L 73 14.21 47.26 0.23
CA GLY L 73 13.70 47.39 -1.13
C GLY L 73 14.69 48.04 -2.06
N ILE L 74 15.41 49.06 -1.57
CA ILE L 74 16.44 49.70 -2.37
C ILE L 74 17.57 48.72 -2.68
N ILE L 75 18.03 47.98 -1.66
CA ILE L 75 19.19 47.11 -1.82
C ILE L 75 18.88 45.97 -2.77
N LEU L 76 17.73 45.32 -2.59
CA LEU L 76 17.43 44.12 -3.37
C LEU L 76 17.26 44.42 -4.85
N ASN L 77 16.79 45.62 -5.19
CA ASN L 77 16.60 45.98 -6.59
C ASN L 77 17.96 46.07 -7.29
N ASN L 78 18.00 45.59 -8.54
CA ASN L 78 19.22 45.65 -9.33
C ASN L 78 19.31 46.90 -10.19
N HIS L 79 18.26 47.73 -10.23
CA HIS L 79 18.31 48.95 -11.01
C HIS L 79 19.12 50.03 -10.32
N THR L 80 19.08 50.08 -8.99
CA THR L 80 19.96 51.02 -8.28
C THR L 80 21.42 50.69 -8.53
N TRP L 81 21.75 49.40 -8.65
CA TRP L 81 23.15 49.03 -8.80
C TRP L 81 23.69 49.35 -10.18
N ASN L 82 22.90 49.13 -11.25
CA ASN L 82 23.43 49.53 -12.54
C ASN L 82 23.33 51.04 -12.74
N LEU L 83 22.43 51.72 -12.03
CA LEU L 83 22.49 53.18 -11.98
C LEU L 83 23.79 53.66 -11.34
N VAL L 84 24.19 53.03 -10.23
CA VAL L 84 25.46 53.35 -9.59
C VAL L 84 26.62 53.04 -10.52
N ALA L 85 26.54 51.92 -11.25
CA ALA L 85 27.58 51.57 -12.20
C ALA L 85 27.68 52.59 -13.32
N GLU L 86 26.54 53.12 -13.78
CA GLU L 86 26.56 54.17 -14.79
C GLU L 86 27.23 55.43 -14.24
N CYS L 87 26.82 55.86 -13.04
CA CYS L 87 27.44 57.04 -12.44
C CYS L 87 28.93 56.83 -12.19
N GLN L 88 29.35 55.57 -11.98
CA GLN L 88 30.75 55.27 -11.74
C GLN L 88 31.56 55.33 -13.03
N HIS L 89 31.16 54.54 -14.03
CA HIS L 89 31.96 54.44 -15.24
C HIS L 89 31.89 55.71 -16.08
N ARG L 90 30.74 56.39 -16.09
CA ARG L 90 30.66 57.66 -16.82
C ARG L 90 31.56 58.72 -16.18
N ARG L 91 31.56 58.81 -14.84
CA ARG L 91 32.51 59.61 -14.06
C ARG L 91 32.60 61.05 -14.54
N THR L 92 31.62 61.55 -15.29
CA THR L 92 31.69 62.90 -15.81
C THR L 92 30.31 63.57 -15.79
N LYS L 93 29.32 62.97 -15.13
CA LYS L 93 27.95 63.49 -15.12
C LYS L 93 27.39 63.60 -16.53
N ASN L 94 27.73 62.63 -17.39
CA ASN L 94 27.35 62.70 -18.79
C ASN L 94 25.84 62.54 -18.97
N CYS L 95 25.22 61.66 -18.19
CA CYS L 95 23.80 61.38 -18.37
C CYS L 95 22.96 62.61 -18.06
N SER L 96 21.91 62.80 -18.86
CA SER L 96 21.04 63.94 -18.70
C SER L 96 20.15 63.79 -17.46
N ALA L 97 19.46 64.87 -17.12
CA ALA L 97 18.63 64.86 -15.91
C ALA L 97 17.41 63.96 -16.08
N ALA L 98 16.82 63.93 -17.28
CA ALA L 98 15.59 63.18 -17.47
C ALA L 98 15.75 61.67 -17.26
N PRO L 99 16.73 60.99 -17.86
CA PRO L 99 16.83 59.54 -17.61
C PRO L 99 17.19 59.20 -16.17
N THR L 100 18.11 59.96 -15.57
CA THR L 100 18.44 59.70 -14.16
C THR L 100 17.24 59.91 -13.27
N PHE L 101 16.45 60.96 -13.53
CA PHE L 101 15.25 61.20 -12.75
C PHE L 101 14.25 60.07 -12.93
N LEU L 102 14.07 59.57 -14.16
CA LEU L 102 13.14 58.48 -14.38
C LEU L 102 13.58 57.21 -13.65
N LEU L 103 14.87 56.87 -13.72
CA LEU L 103 15.34 55.69 -13.01
C LEU L 103 15.22 55.84 -11.51
N LEU L 104 15.55 57.01 -10.96
CA LEU L 104 15.41 57.22 -9.52
C LEU L 104 13.95 57.11 -9.09
N SER L 105 13.05 57.69 -9.89
CA SER L 105 11.62 57.58 -9.58
C SER L 105 11.17 56.13 -9.58
N SER L 106 11.59 55.36 -10.58
CA SER L 106 11.21 53.96 -10.65
C SER L 106 11.73 53.17 -9.46
N ILE L 107 12.99 53.40 -9.09
CA ILE L 107 13.58 52.67 -7.98
C ILE L 107 12.86 53.01 -6.68
N LEU L 108 12.63 54.30 -6.43
CA LEU L 108 11.96 54.70 -5.20
C LEU L 108 10.52 54.19 -5.16
N GLY L 109 9.81 54.23 -6.28
CA GLY L 109 8.45 53.74 -6.31
C GLY L 109 8.37 52.25 -6.06
N ARG L 110 9.29 51.48 -6.63
CA ARG L 110 9.30 50.04 -6.36
C ARG L 110 9.69 49.74 -4.93
N ALA L 111 10.60 50.54 -4.35
CA ALA L 111 11.03 50.28 -2.98
C ALA L 111 9.97 50.67 -1.96
N ALA L 112 9.19 51.71 -2.22
CA ALA L 112 8.28 52.27 -1.23
C ALA L 112 7.03 51.43 -1.02
N VAL L 113 6.89 50.28 -1.68
CA VAL L 113 5.68 49.48 -1.53
C VAL L 113 5.58 48.94 -0.10
N ALA L 114 6.66 48.33 0.40
CA ALA L 114 6.64 47.77 1.75
C ALA L 114 6.47 48.83 2.84
N PRO L 115 7.21 49.96 2.84
CA PRO L 115 6.95 50.98 3.86
C PRO L 115 5.52 51.49 3.84
N VAL L 116 4.93 51.64 2.66
CA VAL L 116 3.57 52.16 2.58
C VAL L 116 2.56 51.21 3.19
N THR L 117 2.67 49.91 2.87
CA THR L 117 1.72 48.96 3.45
C THR L 117 1.97 48.75 4.94
N TRP L 118 3.23 48.81 5.39
CA TRP L 118 3.49 48.75 6.82
C TRP L 118 2.86 49.93 7.55
N SER L 119 3.01 51.14 6.98
CA SER L 119 2.41 52.32 7.60
C SER L 119 0.90 52.24 7.58
N VAL L 120 0.32 51.70 6.50
CA VAL L 120 -1.13 51.55 6.41
C VAL L 120 -1.63 50.61 7.50
N ILE L 121 -0.96 49.48 7.68
CA ILE L 121 -1.36 48.52 8.72
C ILE L 121 -1.22 49.15 10.09
N SER L 122 -0.11 49.85 10.34
CA SER L 122 0.09 50.48 11.65
C SER L 122 -0.97 51.53 11.94
N LEU L 123 -1.32 52.34 10.93
CA LEU L 123 -2.36 53.36 11.12
C LEU L 123 -3.72 52.73 11.35
N LEU L 124 -4.05 51.66 10.61
CA LEU L 124 -5.35 51.04 10.79
C LEU L 124 -5.45 50.31 12.12
N ARG L 125 -4.31 49.86 12.67
CA ARG L 125 -4.34 49.28 14.01
C ARG L 125 -4.78 50.32 15.05
N GLY L 126 -4.23 51.53 14.96
CA GLY L 126 -4.62 52.63 15.81
C GLY L 126 -3.85 52.78 17.10
N GLU L 127 -3.11 51.74 17.51
CA GLU L 127 -2.40 51.80 18.78
C GLU L 127 -1.31 52.87 18.78
N ALA L 128 -0.51 52.91 17.71
CA ALA L 128 0.60 53.86 17.64
C ALA L 128 0.08 55.29 17.65
N TYR L 129 -0.98 55.58 16.87
CA TYR L 129 -1.46 56.94 16.77
C TYR L 129 -2.10 57.41 18.08
N VAL L 130 -2.89 56.56 18.74
CA VAL L 130 -3.47 56.96 20.01
C VAL L 130 -2.39 57.16 21.05
N CYS L 131 -1.39 56.28 21.07
CA CYS L 131 -0.28 56.44 22.00
C CYS L 131 0.45 57.74 21.75
N ALA L 132 0.64 58.11 20.48
CA ALA L 132 1.41 59.32 20.16
C ALA L 132 0.61 60.59 20.46
N LEU L 133 -0.71 60.56 20.24
CA LEU L 133 -1.51 61.78 20.31
C LEU L 133 -2.41 61.84 21.54
N SER L 134 -2.24 60.93 22.51
CA SER L 134 -3.05 61.02 23.72
C SER L 134 -2.76 62.29 24.50
N GLU L 135 -1.48 62.69 24.58
CA GLU L 135 -1.13 63.84 25.41
C GLU L 135 -1.55 65.18 24.82
N PHE L 136 -1.92 65.21 23.54
CA PHE L 136 -2.30 66.47 22.89
C PHE L 136 -3.81 66.69 22.84
N VAL L 137 -4.60 65.79 23.42
CA VAL L 137 -6.04 65.96 23.41
C VAL L 137 -6.42 67.17 24.26
N ASP L 138 -7.27 68.03 23.71
CA ASP L 138 -7.69 69.22 24.43
C ASP L 138 -8.74 68.85 25.47
N PRO L 139 -8.52 69.11 26.75
CA PRO L 139 -9.55 68.82 27.76
C PRO L 139 -10.84 69.59 27.53
N SER L 140 -10.76 70.81 26.99
CA SER L 140 -11.97 71.60 26.76
C SER L 140 -12.88 70.92 25.74
N SER L 141 -12.31 70.34 24.69
CA SER L 141 -13.12 69.70 23.66
C SER L 141 -13.71 68.37 24.11
N LEU L 142 -13.32 67.86 25.26
CA LEU L 142 -13.86 66.60 25.76
C LEU L 142 -15.35 66.74 26.07
N THR L 143 -16.09 65.66 25.80
CA THR L 143 -17.54 65.66 25.92
C THR L 143 -17.99 64.28 26.37
N ALA L 144 -19.29 63.98 26.19
CA ALA L 144 -19.90 62.69 26.50
C ALA L 144 -19.92 62.40 28.00
N ARG L 145 -19.81 63.42 28.83
CA ARG L 145 -19.77 63.30 30.27
C ARG L 145 -19.74 64.70 30.86
N GLU L 146 -20.18 64.82 32.11
CA GLU L 146 -20.06 66.09 32.80
C GLU L 146 -18.59 66.45 33.01
N GLU L 147 -18.34 67.74 33.23
CA GLU L 147 -16.97 68.25 33.26
C GLU L 147 -16.31 67.82 34.57
N HIS L 148 -15.87 66.55 34.59
CA HIS L 148 -15.15 65.99 35.71
C HIS L 148 -13.64 65.93 35.48
N PHE L 149 -13.16 66.42 34.36
CA PHE L 149 -11.74 66.30 34.03
C PHE L 149 -10.94 67.33 34.81
N PRO L 150 -9.99 66.93 35.65
CA PRO L 150 -9.18 67.91 36.38
C PRO L 150 -8.26 68.67 35.45
N SER L 151 -7.93 69.90 35.86
CA SER L 151 -6.95 70.71 35.17
C SER L 151 -5.64 70.79 35.93
N ALA L 152 -5.47 69.98 36.97
CA ALA L 152 -4.24 69.99 37.74
C ALA L 152 -3.05 69.56 36.88
N HIS L 153 -3.04 68.29 36.45
CA HIS L 153 -2.04 67.76 35.54
C HIS L 153 -2.82 67.13 34.39
N ALA L 154 -3.25 67.95 33.43
CA ALA L 154 -4.06 67.43 32.34
C ALA L 154 -3.23 66.55 31.41
N THR L 155 -2.04 67.01 31.06
CA THR L 155 -1.22 66.28 30.10
C THR L 155 -0.84 64.90 30.61
N GLU L 156 -0.53 64.79 31.91
CA GLU L 156 -0.09 63.50 32.45
C GLU L 156 -1.21 62.46 32.40
N ILE L 157 -2.42 62.84 32.81
CA ILE L 157 -3.54 61.90 32.76
C ILE L 157 -3.88 61.54 31.32
N LEU L 158 -3.87 62.54 30.43
CA LEU L 158 -4.15 62.26 29.03
C LEU L 158 -3.13 61.29 28.45
N ALA L 159 -1.85 61.46 28.80
CA ALA L 159 -0.82 60.55 28.33
C ALA L 159 -0.92 59.18 28.99
N ARG L 160 -1.45 59.11 30.21
CA ARG L 160 -1.59 57.82 30.89
C ARG L 160 -2.84 57.07 30.48
N PHE L 161 -3.72 57.69 29.69
CA PHE L 161 -4.91 56.98 29.22
C PHE L 161 -4.62 55.64 28.55
N PRO L 162 -3.67 55.50 27.61
CA PRO L 162 -3.54 54.22 26.90
C PRO L 162 -3.23 53.02 27.78
N CYS L 163 -2.48 53.20 28.87
CA CYS L 163 -2.03 52.08 29.69
C CYS L 163 -3.06 51.65 30.73
N LYS L 164 -4.35 51.96 30.52
CA LYS L 164 -5.44 51.62 31.44
C LYS L 164 -5.32 52.31 32.78
N GLU L 165 -4.33 53.19 32.97
CA GLU L 165 -4.15 53.90 34.23
C GLU L 165 -5.01 55.16 34.27
N ASN L 166 -6.30 54.95 34.05
CA ASN L 166 -7.29 56.01 34.07
C ASN L 166 -8.12 55.91 35.34
N PRO L 167 -8.26 56.98 36.10
CA PRO L 167 -9.12 56.94 37.28
C PRO L 167 -10.55 56.61 36.90
N ASP L 168 -11.23 55.86 37.79
CA ASP L 168 -12.58 55.39 37.50
C ASP L 168 -13.55 56.55 37.31
N ASN L 169 -13.31 57.69 37.96
CA ASN L 169 -14.15 58.87 37.74
C ASN L 169 -13.98 59.43 36.33
N LEU L 170 -12.90 59.10 35.63
CA LEU L 170 -12.68 59.50 34.25
C LEU L 170 -12.81 58.34 33.28
N SER L 171 -13.52 57.27 33.69
CA SER L 171 -13.69 56.10 32.85
C SER L 171 -14.40 56.43 31.54
N ASP L 172 -15.32 57.39 31.56
CA ASP L 172 -15.99 57.79 30.33
C ASP L 172 -15.06 58.63 29.44
N PHE L 173 -14.26 59.51 30.05
CA PHE L 173 -13.35 60.34 29.27
C PHE L 173 -12.33 59.49 28.53
N ARG L 174 -11.80 58.46 29.20
CA ARG L 174 -10.81 57.61 28.55
C ARG L 174 -11.36 57.02 27.26
N GLU L 175 -12.57 56.46 27.32
CA GLU L 175 -13.21 55.90 26.13
C GLU L 175 -13.52 56.97 25.10
N GLU L 176 -13.94 58.16 25.57
CA GLU L 176 -14.18 59.28 24.66
C GLU L 176 -12.95 59.61 23.83
N VAL L 177 -11.77 59.54 24.45
CA VAL L 177 -10.54 59.80 23.72
C VAL L 177 -10.13 58.60 22.87
N SER L 178 -10.37 57.38 23.39
CA SER L 178 -9.98 56.18 22.66
C SER L 178 -10.73 56.05 21.35
N ARG L 179 -12.02 56.38 21.34
CA ARG L 179 -12.79 56.31 20.11
C ARG L 179 -12.50 57.46 19.14
N ARG L 180 -11.92 58.56 19.65
CA ARG L 180 -11.61 59.70 18.78
C ARG L 180 -10.26 59.50 18.08
N LEU L 181 -9.21 59.31 18.87
CA LEU L 181 -7.86 59.22 18.29
C LEU L 181 -7.74 58.01 17.36
N ARG L 182 -8.30 56.87 17.76
CA ARG L 182 -8.32 55.70 16.90
C ARG L 182 -9.05 55.99 15.60
N TYR L 183 -10.17 56.72 15.68
CA TYR L 183 -10.88 57.11 14.46
C TYR L 183 -9.97 57.91 13.54
N GLU L 184 -9.25 58.88 14.10
CA GLU L 184 -8.34 59.66 13.27
C GLU L 184 -7.28 58.78 12.63
N SER L 185 -6.73 57.84 13.40
CA SER L 185 -5.75 56.90 12.87
C SER L 185 -6.30 56.13 11.67
N GLN L 186 -7.47 55.52 11.84
CA GLN L 186 -8.06 54.72 10.77
C GLN L 186 -8.40 55.59 9.56
N LEU L 187 -8.90 56.81 9.81
CA LEU L 187 -9.17 57.73 8.71
C LEU L 187 -7.91 58.02 7.91
N PHE L 188 -6.79 58.28 8.60
CA PHE L 188 -5.53 58.50 7.91
C PHE L 188 -5.10 57.28 7.12
N GLY L 189 -5.28 56.09 7.69
CA GLY L 189 -4.96 54.87 6.96
C GLY L 189 -5.75 54.74 5.67
N TRP L 190 -7.06 54.98 5.75
CA TRP L 190 -7.89 54.87 4.55
C TRP L 190 -7.57 55.94 3.53
N LEU L 191 -7.22 57.16 3.98
CA LEU L 191 -6.80 58.20 3.04
C LEU L 191 -5.50 57.82 2.37
N LEU L 192 -4.59 57.19 3.11
CA LEU L 192 -3.33 56.73 2.54
C LEU L 192 -3.58 55.68 1.46
N ILE L 193 -4.46 54.71 1.74
CA ILE L 193 -4.76 53.71 0.72
C ILE L 193 -5.37 54.37 -0.51
N GLY L 194 -6.27 55.34 -0.31
CA GLY L 194 -6.86 56.01 -1.46
C GLY L 194 -5.84 56.76 -2.29
N VAL L 195 -4.94 57.49 -1.64
CA VAL L 195 -3.93 58.26 -2.37
C VAL L 195 -2.97 57.32 -3.10
N VAL L 196 -2.55 56.25 -2.44
CA VAL L 196 -1.64 55.30 -3.07
C VAL L 196 -2.29 54.67 -4.29
N ALA L 197 -3.56 54.27 -4.17
CA ALA L 197 -4.26 53.70 -5.32
C ALA L 197 -4.37 54.71 -6.46
N ILE L 198 -4.64 55.97 -6.14
CA ILE L 198 -4.74 57.00 -7.18
C ILE L 198 -3.39 57.18 -7.87
N LEU L 199 -2.31 57.19 -7.09
CA LEU L 199 -0.98 57.34 -7.68
C LEU L 199 -0.61 56.15 -8.56
N VAL L 200 -0.90 54.93 -8.10
CA VAL L 200 -0.62 53.75 -8.91
C VAL L 200 -1.41 53.78 -10.21
N PHE L 201 -2.65 54.29 -10.16
CA PHE L 201 -3.43 54.43 -11.38
C PHE L 201 -2.83 55.49 -12.31
N LEU L 202 -2.50 56.66 -11.77
CA LEU L 202 -2.05 57.78 -12.60
C LEU L 202 -0.68 57.51 -13.20
N THR L 203 0.24 56.96 -12.41
CA THR L 203 1.58 56.68 -12.89
C THR L 203 1.56 55.73 -14.07
N LYS L 204 0.79 54.65 -13.96
CA LYS L 204 0.67 53.71 -15.07
C LYS L 204 -0.02 54.35 -16.28
N CYS L 205 -1.07 55.15 -16.02
CA CYS L 205 -1.76 55.81 -17.11
C CYS L 205 -0.85 56.76 -17.87
N LEU L 206 0.14 57.35 -17.19
CA LEU L 206 1.13 58.18 -17.86
C LEU L 206 2.26 57.37 -18.48
N LYS L 207 2.64 56.27 -17.85
CA LYS L 207 3.70 55.43 -18.38
C LYS L 207 3.31 54.84 -19.73
N HIS L 208 2.07 54.37 -19.86
CA HIS L 208 1.63 53.87 -21.16
C HIS L 208 1.41 55.01 -22.16
N TYR L 209 1.01 56.19 -21.68
CA TYR L 209 0.70 57.29 -22.59
C TYR L 209 1.96 57.90 -23.19
N CYS L 210 2.99 58.10 -22.38
CA CYS L 210 4.20 58.78 -22.83
C CYS L 210 5.24 57.84 -23.41
N SER L 211 5.08 56.53 -23.26
CA SER L 211 6.05 55.60 -23.81
C SER L 211 5.95 55.58 -25.34
N PRO L 212 7.07 55.56 -26.04
CA PRO L 212 7.04 55.47 -27.51
C PRO L 212 6.67 54.08 -28.03
N LEU L 213 6.68 53.07 -27.17
CA LEU L 213 6.34 51.70 -27.55
C LEU L 213 4.89 51.39 -27.20
N SER L 214 4.37 50.36 -27.83
CA SER L 214 3.06 49.83 -27.47
C SER L 214 3.17 48.97 -26.22
N TYR L 215 2.02 48.71 -25.59
CA TYR L 215 2.04 47.98 -24.34
C TYR L 215 2.34 46.50 -24.55
N ARG L 216 1.93 45.94 -25.69
CA ARG L 216 2.27 44.54 -25.98
C ARG L 216 3.77 44.36 -26.19
N GLN L 217 4.40 45.30 -26.91
CA GLN L 217 5.84 45.23 -27.09
C GLN L 217 6.58 45.40 -25.77
N GLU L 218 6.06 46.26 -24.89
CA GLU L 218 6.69 46.42 -23.58
C GLU L 218 6.53 45.17 -22.72
N ALA L 219 5.38 44.48 -22.84
CA ALA L 219 5.23 43.20 -22.16
C ALA L 219 6.23 42.18 -22.68
N TYR L 220 6.41 42.13 -24.00
CA TYR L 220 7.43 41.24 -24.57
C TYR L 220 8.82 41.59 -24.07
N TRP L 221 9.10 42.89 -23.97
CA TRP L 221 10.40 43.35 -23.46
C TRP L 221 10.61 42.91 -22.02
N ALA L 222 9.58 43.01 -21.19
CA ALA L 222 9.69 42.58 -19.80
C ALA L 222 9.93 41.08 -19.71
N GLN L 223 9.21 40.30 -20.51
CA GLN L 223 9.43 38.86 -20.54
C GLN L 223 10.86 38.54 -20.95
N TYR L 224 11.37 39.24 -21.96
CA TYR L 224 12.75 39.03 -22.40
C TYR L 224 13.74 39.38 -21.30
N ARG L 225 13.50 40.48 -20.58
CA ARG L 225 14.43 40.86 -19.52
C ARG L 225 14.47 39.81 -18.43
N ALA L 226 13.30 39.29 -18.02
CA ALA L 226 13.27 38.26 -17.00
C ALA L 226 14.02 37.01 -17.45
N ASN L 227 13.75 36.55 -18.68
CA ASN L 227 14.40 35.35 -19.17
C ASN L 227 15.91 35.56 -19.29
N GLU L 228 16.34 36.73 -19.78
CA GLU L 228 17.76 37.01 -19.89
C GLU L 228 18.44 37.00 -18.54
N ASP L 229 17.82 37.62 -17.54
CA ASP L 229 18.43 37.64 -16.21
C ASP L 229 18.59 36.23 -15.66
N GLN L 230 17.54 35.42 -15.74
CA GLN L 230 17.62 34.07 -15.17
C GLN L 230 18.67 33.23 -15.91
N LEU L 231 18.66 33.28 -17.25
CA LEU L 231 19.60 32.49 -18.02
C LEU L 231 21.04 32.94 -17.78
N PHE L 232 21.26 34.25 -17.69
CA PHE L 232 22.61 34.74 -17.45
C PHE L 232 23.11 34.30 -16.08
N GLN L 233 22.26 34.35 -15.06
CA GLN L 233 22.69 33.88 -13.74
C GLN L 233 23.03 32.39 -13.77
N ARG L 234 22.18 31.58 -14.41
CA ARG L 234 22.43 30.14 -14.44
C ARG L 234 23.73 29.81 -15.18
N THR L 235 23.94 30.45 -16.34
CA THR L 235 25.16 30.18 -17.09
C THR L 235 26.40 30.72 -16.39
N ALA L 236 26.28 31.83 -15.67
CA ALA L 236 27.42 32.31 -14.90
C ALA L 236 27.78 31.30 -13.82
N GLU L 237 26.78 30.74 -13.14
CA GLU L 237 27.06 29.71 -12.14
C GLU L 237 27.78 28.51 -12.76
N VAL L 238 27.26 28.03 -13.89
CA VAL L 238 27.85 26.85 -14.53
C VAL L 238 29.27 27.13 -15.01
N HIS L 239 29.48 28.30 -15.62
CA HIS L 239 30.81 28.67 -16.12
C HIS L 239 31.80 28.78 -14.98
N SER L 240 31.40 29.40 -13.87
CA SER L 240 32.28 29.50 -12.72
C SER L 240 32.62 28.13 -12.16
N ARG L 241 31.63 27.23 -12.09
CA ARG L 241 31.90 25.89 -11.59
C ARG L 241 32.88 25.15 -12.49
N VAL L 242 32.73 25.27 -13.81
CA VAL L 242 33.64 24.58 -14.72
C VAL L 242 35.06 25.14 -14.61
N LEU L 243 35.18 26.47 -14.52
CA LEU L 243 36.50 27.08 -14.37
C LEU L 243 37.17 26.63 -13.07
N ALA L 244 36.40 26.62 -11.98
CA ALA L 244 36.94 26.17 -10.70
C ALA L 244 37.36 24.71 -10.76
N ALA L 245 36.58 23.88 -11.45
CA ALA L 245 36.96 22.48 -11.61
C ALA L 245 38.25 22.34 -12.39
N ASN L 246 38.43 23.15 -13.44
CA ASN L 246 39.68 23.11 -14.18
C ASN L 246 40.86 23.50 -13.30
N ASN L 247 40.70 24.54 -12.48
CA ASN L 247 41.80 24.95 -11.60
C ASN L 247 42.12 23.87 -10.58
N VAL L 248 41.09 23.26 -9.98
CA VAL L 248 41.34 22.21 -8.99
C VAL L 248 42.00 21.00 -9.64
N ARG L 249 41.61 20.68 -10.87
CA ARG L 249 42.28 19.59 -11.59
C ARG L 249 43.74 19.93 -11.83
N ARG L 250 44.03 21.18 -12.18
CA ARG L 250 45.42 21.60 -12.34
C ARG L 250 46.19 21.44 -11.05
N PHE L 251 45.55 21.68 -9.90
CA PHE L 251 46.26 21.57 -8.63
C PHE L 251 46.49 20.11 -8.23
N PHE L 252 45.41 19.34 -8.07
CA PHE L 252 45.51 17.99 -7.54
C PHE L 252 45.77 16.92 -8.59
N GLY L 253 45.41 17.15 -9.84
CA GLY L 253 45.50 16.14 -10.87
C GLY L 253 44.17 15.50 -11.23
N PHE L 254 43.13 15.73 -10.43
CA PHE L 254 41.79 15.24 -10.73
C PHE L 254 40.81 16.10 -9.93
N VAL L 255 39.52 15.92 -10.23
CA VAL L 255 38.46 16.60 -9.52
C VAL L 255 37.44 15.56 -9.06
N ALA L 256 37.00 15.67 -7.81
CA ALA L 256 35.93 14.83 -7.28
C ALA L 256 34.61 15.51 -7.61
N LEU L 257 33.94 15.03 -8.66
CA LEU L 257 32.72 15.64 -9.16
C LEU L 257 31.56 14.68 -9.01
N ASN L 258 30.38 15.24 -8.78
CA ASN L 258 29.15 14.46 -8.78
C ASN L 258 28.72 14.16 -10.21
N LYS L 259 27.68 13.35 -10.35
CA LYS L 259 27.21 12.96 -11.67
C LYS L 259 26.70 14.17 -12.46
N ASP L 260 25.93 15.05 -11.81
CA ASP L 260 25.50 16.26 -12.48
C ASP L 260 26.67 17.18 -12.80
N ASP L 261 27.65 17.25 -11.89
CA ASP L 261 28.86 18.02 -12.17
C ASP L 261 29.65 17.38 -13.31
N GLU L 262 29.67 16.05 -13.39
CA GLU L 262 30.32 15.39 -14.51
C GLU L 262 29.64 15.73 -15.82
N GLU L 263 28.30 15.76 -15.83
CA GLU L 263 27.57 16.15 -17.02
C GLU L 263 27.87 17.61 -17.39
N LEU L 264 27.95 18.48 -16.39
CA LEU L 264 28.29 19.88 -16.65
C LEU L 264 29.66 20.01 -17.28
N ILE L 265 30.65 19.28 -16.74
CA ILE L 265 32.00 19.36 -17.27
C ILE L 265 32.06 18.81 -18.69
N ALA L 266 31.40 17.69 -18.94
CA ALA L 266 31.44 17.08 -20.26
C ALA L 266 30.74 17.96 -21.30
N ASN L 267 29.55 18.46 -20.97
CA ASN L 267 28.77 19.21 -21.95
C ASN L 267 29.36 20.59 -22.20
N PHE L 268 29.75 21.29 -21.14
CA PHE L 268 30.15 22.70 -21.27
C PHE L 268 31.63 22.85 -20.95
N PRO L 269 32.52 22.91 -21.94
CA PRO L 269 33.93 23.20 -21.68
C PRO L 269 34.22 24.68 -21.81
N VAL L 270 35.09 25.18 -20.92
CA VAL L 270 35.49 26.58 -20.92
C VAL L 270 36.96 26.66 -21.30
N GLU L 271 37.28 27.63 -22.15
CA GLU L 271 38.65 27.85 -22.60
C GLU L 271 39.34 29.00 -21.89
N GLY L 272 38.59 30.02 -21.51
CA GLY L 272 39.16 31.16 -20.83
C GLY L 272 38.10 32.01 -20.19
N THR L 273 38.52 33.14 -19.63
CA THR L 273 37.64 34.07 -18.96
C THR L 273 37.39 35.29 -19.83
N GLN L 274 36.17 35.82 -19.76
CA GLN L 274 35.82 37.00 -20.52
C GLN L 274 36.57 38.22 -19.97
N PRO L 275 37.02 39.12 -20.85
CA PRO L 275 37.77 40.29 -20.38
C PRO L 275 36.89 41.24 -19.58
N ARG L 276 37.56 42.12 -18.83
CA ARG L 276 36.85 43.15 -18.06
C ARG L 276 36.03 44.09 -18.94
N PRO L 277 36.54 44.62 -20.06
CA PRO L 277 35.68 45.46 -20.91
C PRO L 277 34.45 44.75 -21.44
N GLN L 278 34.54 43.44 -21.68
CA GLN L 278 33.37 42.69 -22.12
C GLN L 278 32.29 42.70 -21.05
N TRP L 279 32.69 42.54 -19.78
CA TRP L 279 31.73 42.67 -18.69
C TRP L 279 31.19 44.08 -18.58
N ASN L 280 32.07 45.09 -18.72
CA ASN L 280 31.63 46.48 -18.60
C ASN L 280 30.63 46.85 -19.69
N ALA L 281 30.76 46.24 -20.87
CA ALA L 281 29.87 46.57 -21.98
C ALA L 281 28.44 46.16 -21.76
N ILE L 282 28.15 45.32 -20.75
CA ILE L 282 26.80 44.84 -20.51
C ILE L 282 26.25 45.29 -19.17
N THR L 283 26.98 46.09 -18.41
CA THR L 283 26.53 46.59 -17.11
C THR L 283 26.21 48.07 -17.22
N GLY L 284 25.01 48.44 -16.81
CA GLY L 284 24.59 49.83 -16.84
C GLY L 284 23.10 49.91 -17.10
N VAL L 285 22.66 51.13 -17.42
CA VAL L 285 21.27 51.38 -17.76
C VAL L 285 21.12 51.38 -19.27
N TYR L 286 19.97 50.89 -19.74
CA TYR L 286 19.67 50.79 -21.16
C TYR L 286 18.29 51.37 -21.42
N LEU L 287 18.17 52.19 -22.46
CA LEU L 287 16.88 52.79 -22.84
C LEU L 287 16.64 52.56 -24.34
N TYR L 288 16.18 51.35 -24.67
CA TYR L 288 15.57 51.00 -25.96
C TYR L 288 16.17 51.68 -27.18
N ARG L 289 17.44 51.46 -27.47
CA ARG L 289 17.92 51.87 -28.77
C ARG L 289 17.46 50.90 -29.86
N GLU L 290 17.45 51.38 -31.10
CA GLU L 290 17.01 50.60 -32.25
C GLU L 290 18.07 50.68 -33.33
N ASN L 291 18.42 49.53 -33.90
CA ASN L 291 19.46 49.46 -34.92
C ASN L 291 18.87 48.92 -36.21
N GLN L 292 18.95 49.74 -37.27
CA GLN L 292 18.47 49.36 -38.61
C GLN L 292 17.02 48.92 -38.58
N GLY L 293 16.20 49.61 -37.80
CA GLY L 293 14.80 49.29 -37.69
C GLY L 293 14.47 48.06 -36.88
N LEU L 294 15.46 47.46 -36.23
CA LEU L 294 15.27 46.26 -35.43
C LEU L 294 15.50 46.58 -33.97
N PRO L 295 14.55 46.24 -33.09
CA PRO L 295 14.71 46.60 -31.68
C PRO L 295 15.84 45.85 -30.99
N LEU L 296 16.47 46.53 -30.05
CA LEU L 296 17.45 45.93 -29.14
C LEU L 296 16.94 46.12 -27.72
N TYR L 297 16.85 45.01 -26.98
CA TYR L 297 16.13 45.02 -25.72
C TYR L 297 17.03 45.05 -24.49
N SER L 298 18.33 44.89 -24.64
CA SER L 298 19.25 45.01 -23.52
C SER L 298 20.65 45.26 -24.07
N ARG L 299 21.53 45.74 -23.21
CA ARG L 299 22.91 45.96 -23.64
C ARG L 299 23.68 44.67 -23.81
N LEU L 300 23.20 43.57 -23.24
CA LEU L 300 23.74 42.27 -23.61
C LEU L 300 23.36 41.91 -25.05
N HIS L 301 22.09 42.17 -25.42
CA HIS L 301 21.67 41.98 -26.80
C HIS L 301 22.42 42.91 -27.73
N LYS L 302 22.58 44.17 -27.33
CA LYS L 302 23.31 45.14 -28.14
C LYS L 302 24.77 44.73 -28.30
N TRP L 303 25.39 44.22 -27.24
CA TRP L 303 26.76 43.72 -27.34
C TRP L 303 26.84 42.51 -28.26
N ALA L 304 25.88 41.59 -28.14
CA ALA L 304 25.91 40.39 -28.98
C ALA L 304 25.75 40.75 -30.45
N GLN L 305 24.95 41.78 -30.75
CA GLN L 305 24.85 42.26 -32.12
C GLN L 305 26.14 42.91 -32.62
N GLY L 306 27.08 43.23 -31.72
CA GLY L 306 28.33 43.83 -32.12
C GLY L 306 28.36 45.35 -32.05
N LEU L 307 27.40 45.97 -31.37
CA LEU L 307 27.30 47.42 -31.31
C LEU L 307 27.88 48.01 -30.04
N ALA L 308 28.44 47.20 -29.16
CA ALA L 308 29.01 47.69 -27.92
C ALA L 308 30.54 47.72 -27.93
N GLY L 309 31.17 46.73 -28.53
CA GLY L 309 32.62 46.66 -28.60
C GLY L 309 33.21 47.60 -29.63
N ASP L 315 46.14 49.70 -25.64
CA ASP L 315 46.92 50.92 -25.54
C ASP L 315 47.31 51.20 -24.09
N ASN L 316 46.31 51.38 -23.24
CA ASN L 316 46.50 51.63 -21.82
C ASN L 316 46.13 50.38 -21.03
N VAL L 317 47.04 49.95 -20.15
CA VAL L 317 46.86 48.74 -19.36
C VAL L 317 46.65 49.15 -17.91
N GLU L 318 45.59 48.64 -17.30
CA GLU L 318 45.25 48.95 -15.91
C GLU L 318 45.21 47.66 -15.09
N MET L 319 45.43 47.83 -13.79
CA MET L 319 45.34 46.75 -12.77
C MET L 319 45.96 45.44 -13.28
N ALA L 320 47.16 45.57 -13.85
CA ALA L 320 47.88 44.40 -14.33
C ALA L 320 48.60 43.70 -13.18
N LEU L 321 48.83 42.39 -13.36
CA LEU L 321 49.52 41.62 -12.33
C LEU L 321 51.00 41.96 -12.27
N LEU L 322 51.65 42.06 -13.41
CA LEU L 322 53.08 42.31 -13.53
C LEU L 322 53.31 43.42 -14.54
N PRO L 323 54.48 44.06 -14.53
CA PRO L 323 54.72 45.16 -15.46
C PRO L 323 54.74 44.70 -16.91
N SER L 324 54.94 45.63 -17.83
CA SER L 324 55.09 45.26 -19.23
C SER L 324 56.23 44.26 -19.40
N ALA L 325 56.15 43.47 -20.47
CA ALA L 325 57.14 42.44 -20.72
C ALA L 325 58.55 43.02 -20.77
N LEU L 326 58.68 44.26 -21.25
CA LEU L 326 59.98 44.92 -21.23
C LEU L 326 60.49 45.10 -19.80
N GLU L 327 59.62 45.47 -18.87
CA GLU L 327 60.04 45.57 -17.47
C GLU L 327 60.23 44.21 -16.83
N VAL L 328 59.45 43.21 -17.25
CA VAL L 328 59.64 41.85 -16.73
C VAL L 328 61.01 41.31 -17.13
N LEU L 329 61.48 41.68 -18.32
CA LEU L 329 62.81 41.24 -18.75
C LEU L 329 63.89 41.70 -17.79
N PHE L 330 63.74 42.87 -17.18
CA PHE L 330 64.71 43.31 -16.18
C PHE L 330 64.26 42.99 -14.76
N GLN M 4 -57.69 10.77 -55.41
CA GLN M 4 -58.91 11.25 -56.05
C GLN M 4 -58.65 11.68 -57.48
N VAL M 5 -57.44 12.18 -57.74
CA VAL M 5 -57.06 12.68 -59.05
C VAL M 5 -55.91 11.81 -59.57
N GLN M 6 -56.08 11.30 -60.79
CA GLN M 6 -55.06 10.49 -61.43
C GLN M 6 -54.63 11.13 -62.74
N LEU M 7 -53.35 11.01 -63.05
CA LEU M 7 -52.76 11.56 -64.27
C LEU M 7 -52.25 10.42 -65.13
N VAL M 8 -52.72 10.35 -66.37
CA VAL M 8 -52.30 9.33 -67.32
C VAL M 8 -51.45 10.00 -68.38
N GLU M 9 -50.19 9.56 -68.49
CA GLU M 9 -49.22 10.16 -69.39
C GLU M 9 -48.87 9.17 -70.50
N SER M 10 -48.70 9.69 -71.71
CA SER M 10 -48.41 8.85 -72.87
C SER M 10 -47.66 9.66 -73.91
N GLY M 11 -47.07 8.95 -74.86
CA GLY M 11 -46.33 9.57 -75.94
C GLY M 11 -44.84 9.30 -75.93
N GLY M 12 -44.32 8.57 -74.95
CA GLY M 12 -42.91 8.30 -74.89
C GLY M 12 -42.44 7.42 -76.03
N GLY M 13 -41.17 7.62 -76.42
CA GLY M 13 -40.61 6.86 -77.52
C GLY M 13 -39.19 7.32 -77.79
N SER M 14 -38.61 6.72 -78.83
CA SER M 14 -37.24 7.02 -79.23
C SER M 14 -37.26 7.78 -80.54
N VAL M 15 -36.76 9.03 -80.51
CA VAL M 15 -36.68 9.89 -81.68
C VAL M 15 -35.29 10.50 -81.73
N GLN M 16 -34.70 10.52 -82.93
CA GLN M 16 -33.36 11.06 -83.11
C GLN M 16 -33.37 12.58 -82.89
N ALA M 17 -32.19 13.18 -82.97
CA ALA M 17 -32.05 14.61 -82.76
C ALA M 17 -32.76 15.39 -83.87
N GLY M 18 -33.34 16.52 -83.49
CA GLY M 18 -34.06 17.36 -84.43
C GLY M 18 -35.48 16.94 -84.71
N GLY M 19 -35.96 15.86 -84.11
CA GLY M 19 -37.31 15.40 -84.32
C GLY M 19 -38.31 16.15 -83.47
N SER M 20 -39.58 15.78 -83.64
CA SER M 20 -40.69 16.39 -82.92
C SER M 20 -41.45 15.30 -82.16
N LEU M 21 -41.80 15.60 -80.90
CA LEU M 21 -42.54 14.68 -80.06
C LEU M 21 -43.68 15.41 -79.38
N ARG M 22 -44.78 14.69 -79.16
CA ARG M 22 -45.97 15.22 -78.52
C ARG M 22 -46.35 14.29 -77.37
N LEU M 23 -46.15 14.76 -76.13
CA LEU M 23 -46.49 13.99 -74.95
C LEU M 23 -47.78 14.53 -74.34
N SER M 24 -48.67 13.62 -73.98
CA SER M 24 -50.00 13.98 -73.48
C SER M 24 -50.15 13.51 -72.02
N CYS M 25 -50.86 14.32 -71.23
CA CYS M 25 -51.17 13.97 -69.85
C CYS M 25 -52.64 14.28 -69.61
N ALA M 26 -53.42 13.27 -69.28
CA ALA M 26 -54.86 13.40 -69.07
C ALA M 26 -55.16 13.31 -67.58
N ALA M 27 -55.96 14.23 -67.08
CA ALA M 27 -56.33 14.29 -65.67
C ALA M 27 -57.74 13.76 -65.48
N SER M 28 -57.91 12.85 -64.52
CA SER M 28 -59.21 12.29 -64.19
C SER M 28 -59.49 12.52 -62.71
N GLY M 29 -60.62 13.15 -62.40
CA GLY M 29 -60.98 13.43 -61.04
C GLY M 29 -61.36 14.86 -60.77
N ASN M 30 -61.07 15.35 -59.57
CA ASN M 30 -61.41 16.71 -59.17
C ASN M 30 -60.34 17.66 -59.69
N ILE M 31 -60.54 18.14 -60.91
CA ILE M 31 -59.60 19.09 -61.52
C ILE M 31 -60.00 20.54 -61.27
N ARG M 32 -61.09 20.78 -60.56
CA ARG M 32 -61.55 22.14 -60.31
C ARG M 32 -60.52 22.92 -59.48
N ASN M 33 -59.99 22.29 -58.43
CA ASN M 33 -59.11 22.97 -57.49
C ASN M 33 -57.66 23.04 -57.96
N ILE M 34 -57.30 22.30 -59.01
CA ILE M 34 -55.92 22.29 -59.50
C ILE M 34 -55.60 23.62 -60.17
N SER M 35 -54.47 24.20 -59.77
CA SER M 35 -54.03 25.47 -60.34
C SER M 35 -52.61 25.41 -60.85
N TYR M 36 -51.99 24.24 -60.76
CA TYR M 36 -50.57 24.09 -61.04
C TYR M 36 -50.42 22.93 -62.01
N LEU M 37 -50.15 23.22 -63.26
CA LEU M 37 -49.98 22.16 -64.24
C LEU M 37 -48.64 22.38 -64.91
N GLY M 38 -47.82 21.34 -64.92
CA GLY M 38 -46.48 21.45 -65.45
C GLY M 38 -45.90 20.07 -65.69
N TRP M 39 -44.70 20.07 -66.25
CA TRP M 39 -43.95 18.86 -66.51
C TRP M 39 -42.56 18.96 -65.89
N PHE M 40 -42.04 17.80 -65.50
CA PHE M 40 -40.72 17.67 -64.90
C PHE M 40 -39.92 16.58 -65.62
N ARG M 41 -38.60 16.76 -65.63
CA ARG M 41 -37.70 15.76 -66.19
C ARG M 41 -36.61 15.46 -65.17
N GLN M 42 -36.33 14.16 -64.97
CA GLN M 42 -35.24 13.73 -64.12
C GLN M 42 -34.42 12.67 -64.84
N ALA M 43 -33.11 12.72 -64.64
CA ALA M 43 -32.18 11.80 -65.27
C ALA M 43 -31.33 11.09 -64.21
N PRO M 44 -30.86 9.87 -64.49
CA PRO M 44 -30.00 9.19 -63.51
C PRO M 44 -28.73 9.99 -63.23
N GLY M 45 -28.30 9.97 -61.98
CA GLY M 45 -27.14 10.73 -61.57
C GLY M 45 -27.40 12.20 -61.31
N LYS M 46 -28.66 12.64 -61.34
CA LYS M 46 -28.98 14.05 -61.10
C LYS M 46 -30.42 14.14 -60.62
N GLU M 47 -30.77 15.30 -60.10
CA GLU M 47 -32.09 15.54 -59.52
C GLU M 47 -33.11 15.83 -60.62
N ARG M 48 -34.30 16.30 -60.23
CA ARG M 48 -35.42 16.52 -61.13
C ARG M 48 -35.65 18.02 -61.30
N GLU M 49 -35.81 18.44 -62.55
CA GLU M 49 -36.04 19.85 -62.88
C GLU M 49 -37.28 19.97 -63.77
N GLY M 50 -37.85 21.18 -63.78
CA GLY M 50 -39.07 21.44 -64.50
C GLY M 50 -38.85 22.13 -65.83
N VAL M 51 -39.35 21.49 -66.89
CA VAL M 51 -39.26 22.10 -68.22
C VAL M 51 -40.24 23.26 -68.36
N ALA M 52 -41.48 23.08 -67.91
CA ALA M 52 -42.48 24.14 -68.06
C ALA M 52 -43.64 23.90 -67.11
N ALA M 53 -44.42 24.97 -66.92
CA ALA M 53 -45.65 24.94 -66.12
C ALA M 53 -46.48 26.15 -66.53
N LEU M 54 -47.77 26.13 -66.14
CA LEU M 54 -48.76 27.11 -66.59
C LEU M 54 -49.69 27.48 -65.44
N TRP M 55 -50.41 28.59 -65.56
CA TRP M 55 -51.28 28.99 -64.47
C TRP M 55 -52.71 28.99 -65.01
N THR M 56 -53.56 28.12 -64.48
CA THR M 56 -54.97 28.16 -64.80
C THR M 56 -55.66 29.35 -64.14
N THR M 57 -55.22 29.71 -62.93
CA THR M 57 -55.84 30.84 -62.23
C THR M 57 -55.45 32.17 -62.84
N GLN M 58 -54.17 32.37 -63.16
CA GLN M 58 -53.69 33.66 -63.64
C GLN M 58 -53.44 33.72 -65.14
N GLY M 59 -53.04 32.61 -65.77
CA GLY M 59 -52.84 32.54 -67.20
C GLY M 59 -51.40 32.51 -67.67
N GLN M 60 -50.47 33.05 -66.90
CA GLN M 60 -49.08 33.13 -67.33
C GLN M 60 -48.40 31.76 -67.31
N THR M 61 -47.18 31.71 -67.82
CA THR M 61 -46.46 30.46 -68.01
C THR M 61 -44.96 30.70 -67.82
N TYR M 62 -44.24 29.63 -67.45
CA TYR M 62 -42.79 29.63 -67.28
C TYR M 62 -42.19 28.52 -68.13
N TYR M 63 -41.08 28.82 -68.77
CA TYR M 63 -40.27 27.80 -69.44
C TYR M 63 -38.87 27.87 -68.84
N ALA M 64 -38.22 26.72 -68.75
CA ALA M 64 -36.84 26.73 -68.30
C ALA M 64 -35.95 27.37 -69.37
N ASP M 65 -34.71 27.67 -68.98
CA ASP M 65 -33.79 28.30 -69.91
C ASP M 65 -33.53 27.42 -71.12
N SER M 66 -33.35 26.11 -70.90
CA SER M 66 -33.16 25.17 -71.99
C SER M 66 -34.43 24.91 -72.78
N VAL M 67 -35.58 25.40 -72.32
CA VAL M 67 -36.84 25.16 -73.01
C VAL M 67 -37.28 26.36 -73.85
N LYS M 68 -36.80 27.56 -73.55
CA LYS M 68 -37.20 28.75 -74.29
C LYS M 68 -36.76 28.65 -75.75
N GLY M 69 -37.74 28.73 -76.65
CA GLY M 69 -37.47 28.68 -78.07
C GLY M 69 -37.29 27.29 -78.64
N ARG M 70 -37.37 26.24 -77.81
CA ARG M 70 -37.19 24.87 -78.27
C ARG M 70 -38.42 24.02 -78.05
N PHE M 71 -39.02 24.06 -76.86
CA PHE M 71 -40.16 23.22 -76.53
C PHE M 71 -41.30 24.07 -75.98
N THR M 72 -42.52 23.61 -76.20
CA THR M 72 -43.71 24.33 -75.79
C THR M 72 -44.68 23.39 -75.07
N VAL M 73 -45.54 23.97 -74.25
CA VAL M 73 -46.58 23.23 -73.54
C VAL M 73 -47.89 23.98 -73.67
N SER M 74 -48.96 23.26 -73.99
CA SER M 74 -50.29 23.84 -74.14
C SER M 74 -51.29 23.06 -73.29
N LEU M 75 -52.38 23.72 -72.92
CA LEU M 75 -53.43 23.13 -72.11
C LEU M 75 -54.75 23.13 -72.89
N ASP M 76 -55.44 22.00 -72.89
CA ASP M 76 -56.77 21.88 -73.47
C ASP M 76 -57.78 21.91 -72.35
N ASN M 77 -58.43 23.06 -72.16
CA ASN M 77 -59.41 23.19 -71.08
C ASN M 77 -60.60 22.29 -71.30
N ALA M 78 -61.07 22.19 -72.55
CA ALA M 78 -62.21 21.31 -72.85
C ALA M 78 -61.86 19.85 -72.56
N LYS M 79 -60.65 19.42 -72.94
CA LYS M 79 -60.20 18.07 -72.64
C LYS M 79 -59.61 17.92 -71.25
N ASN M 80 -59.32 19.05 -70.57
CA ASN M 80 -58.66 19.02 -69.26
C ASN M 80 -57.36 18.23 -69.31
N THR M 81 -56.60 18.43 -70.39
CA THR M 81 -55.37 17.70 -70.64
C THR M 81 -54.22 18.66 -70.86
N VAL M 82 -53.00 18.14 -70.73
CA VAL M 82 -51.78 18.90 -70.94
C VAL M 82 -51.00 18.26 -72.09
N TYR M 83 -50.67 19.05 -73.10
CA TYR M 83 -49.87 18.60 -74.22
C TYR M 83 -48.55 19.38 -74.25
N LEU M 84 -47.46 18.68 -74.50
CA LEU M 84 -46.14 19.29 -74.65
C LEU M 84 -45.55 18.87 -75.98
N GLN M 85 -44.90 19.82 -76.65
CA GLN M 85 -44.27 19.58 -77.95
C GLN M 85 -42.77 19.77 -77.81
N MET M 86 -42.03 18.66 -77.93
CA MET M 86 -40.57 18.69 -77.94
C MET M 86 -40.09 18.90 -79.36
N ASN M 87 -39.50 20.07 -79.64
CA ASN M 87 -38.97 20.39 -80.95
C ASN M 87 -37.46 20.61 -80.85
N SER M 88 -36.76 20.24 -81.91
CA SER M 88 -35.29 20.27 -81.95
C SER M 88 -34.71 19.43 -80.81
N LEU M 89 -35.01 18.14 -80.85
CA LEU M 89 -34.58 17.22 -79.81
C LEU M 89 -33.05 17.11 -79.77
N LYS M 90 -32.53 16.92 -78.58
CA LYS M 90 -31.10 16.81 -78.32
C LYS M 90 -30.85 15.57 -77.46
N PRO M 91 -29.62 15.05 -77.48
CA PRO M 91 -29.31 13.89 -76.62
C PRO M 91 -29.42 14.21 -75.13
N GLU M 92 -29.40 15.49 -74.75
CA GLU M 92 -29.55 15.86 -73.36
C GLU M 92 -30.96 15.63 -72.82
N ASP M 93 -31.91 15.32 -73.69
CA ASP M 93 -33.32 15.15 -73.31
C ASP M 93 -33.66 13.73 -72.90
N THR M 94 -32.67 12.82 -72.83
CA THR M 94 -32.91 11.45 -72.41
C THR M 94 -33.16 11.43 -70.91
N ALA M 95 -34.43 11.45 -70.51
CA ALA M 95 -34.76 11.51 -69.09
C ALA M 95 -36.18 11.01 -68.89
N LEU M 96 -36.49 10.68 -67.64
CA LEU M 96 -37.85 10.33 -67.25
C LEU M 96 -38.68 11.60 -67.11
N TYR M 97 -39.86 11.61 -67.74
CA TYR M 97 -40.72 12.78 -67.77
C TYR M 97 -42.01 12.51 -67.00
N TYR M 98 -42.42 13.50 -66.19
CA TYR M 98 -43.61 13.41 -65.37
C TYR M 98 -44.45 14.67 -65.52
N CYS M 99 -45.76 14.52 -65.42
CA CYS M 99 -46.70 15.64 -65.37
C CYS M 99 -47.27 15.73 -63.96
N ALA M 100 -47.26 16.94 -63.40
CA ALA M 100 -47.62 17.15 -62.01
C ALA M 100 -48.71 18.21 -61.88
N ALA M 101 -49.60 18.01 -60.91
CA ALA M 101 -50.69 18.94 -60.64
C ALA M 101 -50.72 19.27 -59.15
N ALA M 102 -50.88 20.56 -58.84
CA ALA M 102 -50.96 21.00 -57.45
C ALA M 102 -52.11 21.98 -57.28
N THR M 103 -52.77 21.89 -56.13
CA THR M 103 -53.96 22.67 -55.80
C THR M 103 -53.64 23.82 -54.83
N SER M 104 -53.11 24.90 -55.40
CA SER M 104 -52.75 26.08 -54.62
C SER M 104 -51.69 25.75 -53.58
N GLY M 105 -52.05 25.96 -52.31
CA GLY M 105 -51.16 25.81 -51.17
C GLY M 105 -51.36 26.97 -50.23
N GLN M 106 -51.88 26.70 -49.03
CA GLN M 106 -52.19 27.74 -48.06
C GLN M 106 -51.20 27.68 -46.92
N TYR M 107 -50.62 28.82 -46.59
CA TYR M 107 -49.53 28.89 -45.61
C TYR M 107 -50.08 29.42 -44.31
N ASN M 108 -50.22 28.54 -43.33
CA ASN M 108 -50.44 29.21 -42.06
C ASN M 108 -49.12 29.35 -41.32
N PRO M 109 -48.89 30.50 -40.67
CA PRO M 109 -47.56 30.75 -40.09
C PRO M 109 -47.12 29.73 -39.05
N LEU M 110 -48.07 29.14 -38.33
CA LEU M 110 -47.69 28.25 -37.24
C LEU M 110 -47.26 26.88 -37.75
N ARG M 111 -47.88 26.37 -38.82
CA ARG M 111 -47.64 25.02 -39.29
C ARG M 111 -46.86 24.94 -40.59
N GLY M 112 -47.19 25.76 -41.59
CA GLY M 112 -46.46 25.78 -42.83
C GLY M 112 -47.40 25.67 -44.02
N TYR M 113 -46.84 25.28 -45.16
CA TYR M 113 -47.61 25.14 -46.39
C TYR M 113 -48.33 23.80 -46.44
N HIS M 114 -49.59 23.81 -46.87
CA HIS M 114 -50.35 22.60 -47.09
C HIS M 114 -51.06 22.69 -48.43
N TYR M 115 -51.04 21.59 -49.17
CA TYR M 115 -51.59 21.53 -50.52
C TYR M 115 -51.72 20.06 -50.89
N ASN M 116 -52.06 19.79 -52.15
CA ASN M 116 -52.11 18.43 -52.68
C ASN M 116 -51.29 18.38 -53.96
N GLU M 117 -50.59 17.27 -54.16
CA GLU M 117 -49.71 17.12 -55.32
C GLU M 117 -49.94 15.75 -55.94
N TYR M 118 -49.77 15.68 -57.26
CA TYR M 118 -49.99 14.45 -58.01
C TYR M 118 -48.87 14.26 -59.01
N TRP M 119 -48.66 13.01 -59.42
CA TRP M 119 -47.55 12.65 -60.28
C TRP M 119 -47.93 11.52 -61.21
N GLY M 120 -47.17 11.38 -62.29
CA GLY M 120 -47.35 10.30 -63.24
C GLY M 120 -46.06 9.93 -63.94
N GLN M 121 -45.75 8.63 -64.02
CA GLN M 121 -44.45 8.16 -64.48
C GLN M 121 -44.44 8.01 -66.00
N GLY M 122 -43.45 8.64 -66.64
CA GLY M 122 -43.26 8.50 -68.08
C GLY M 122 -41.79 8.62 -68.42
N THR M 123 -41.46 8.30 -69.67
CA THR M 123 -40.09 8.30 -70.13
C THR M 123 -40.00 8.94 -71.50
N GLN M 124 -38.81 9.46 -71.80
CA GLN M 124 -38.53 10.03 -73.12
C GLN M 124 -37.02 9.99 -73.33
N VAL M 125 -36.56 9.09 -74.20
CA VAL M 125 -35.14 8.91 -74.48
C VAL M 125 -34.91 9.10 -75.97
N THR M 126 -33.92 9.92 -76.31
CA THR M 126 -33.53 10.17 -77.70
C THR M 126 -32.30 9.34 -78.03
N VAL M 127 -32.38 8.58 -79.12
CA VAL M 127 -31.27 7.71 -79.50
C VAL M 127 -30.03 8.53 -79.86
N SER M 128 -30.22 9.55 -80.70
CA SER M 128 -29.11 10.38 -81.13
C SER M 128 -29.60 11.71 -81.71
N GLN N 4 -63.89 -29.56 -38.34
CA GLN N 4 -65.28 -29.86 -38.68
C GLN N 4 -65.52 -29.75 -40.19
N VAL N 5 -64.77 -28.86 -40.83
CA VAL N 5 -64.91 -28.61 -42.26
C VAL N 5 -63.60 -29.00 -42.94
N GLN N 6 -63.70 -29.84 -43.98
CA GLN N 6 -62.55 -30.28 -44.75
C GLN N 6 -62.73 -29.89 -46.20
N LEU N 7 -61.62 -29.51 -46.83
CA LEU N 7 -61.61 -29.10 -48.23
C LEU N 7 -60.76 -30.10 -49.01
N VAL N 8 -61.33 -30.68 -50.05
CA VAL N 8 -60.65 -31.64 -50.92
C VAL N 8 -60.42 -30.97 -52.26
N GLU N 9 -59.16 -30.84 -52.65
CA GLU N 9 -58.77 -30.14 -53.87
C GLU N 9 -58.18 -31.12 -54.86
N SER N 10 -58.50 -30.93 -56.14
CA SER N 10 -58.05 -31.84 -57.18
C SER N 10 -57.97 -31.08 -58.51
N GLY N 11 -57.29 -31.70 -59.47
CA GLY N 11 -57.14 -31.13 -60.79
C GLY N 11 -55.73 -30.72 -61.17
N GLY N 12 -54.77 -30.87 -60.25
CA GLY N 12 -53.41 -30.46 -60.56
C GLY N 12 -52.78 -31.31 -61.64
N GLY N 13 -51.87 -30.70 -62.39
CA GLY N 13 -51.20 -31.40 -63.47
C GLY N 13 -50.26 -30.46 -64.19
N SER N 14 -49.65 -30.99 -65.24
CA SER N 14 -48.69 -30.26 -66.06
C SER N 14 -49.30 -29.95 -67.41
N VAL N 15 -49.47 -28.66 -67.70
CA VAL N 15 -50.02 -28.20 -68.97
C VAL N 15 -49.13 -27.08 -69.51
N GLN N 16 -48.85 -27.12 -70.80
CA GLN N 16 -48.00 -26.12 -71.43
C GLN N 16 -48.71 -24.76 -71.45
N ALA N 17 -47.99 -23.75 -71.94
CA ALA N 17 -48.54 -22.41 -72.00
C ALA N 17 -49.71 -22.35 -72.97
N GLY N 18 -50.69 -21.51 -72.64
CA GLY N 18 -51.87 -21.35 -73.44
C GLY N 18 -52.94 -22.41 -73.25
N GLY N 19 -52.71 -23.39 -72.37
CA GLY N 19 -53.69 -24.43 -72.12
C GLY N 19 -54.77 -23.98 -71.17
N SER N 20 -55.71 -24.90 -70.92
CA SER N 20 -56.82 -24.66 -70.01
C SER N 20 -56.82 -25.72 -68.92
N LEU N 21 -57.04 -25.28 -67.68
CA LEU N 21 -57.09 -26.18 -66.53
C LEU N 21 -58.30 -25.86 -65.68
N ARG N 22 -58.85 -26.91 -65.06
CA ARG N 22 -60.03 -26.79 -64.19
C ARG N 22 -59.70 -27.44 -62.86
N LEU N 23 -59.54 -26.64 -61.82
CA LEU N 23 -59.25 -27.12 -60.48
C LEU N 23 -60.51 -27.06 -59.63
N SER N 24 -60.78 -28.13 -58.90
CA SER N 24 -61.99 -28.26 -58.10
C SER N 24 -61.65 -28.35 -56.63
N CYS N 25 -62.50 -27.76 -55.79
CA CYS N 25 -62.37 -27.82 -54.34
C CYS N 25 -63.74 -28.13 -53.76
N ALA N 26 -63.86 -29.25 -53.08
CA ALA N 26 -65.12 -29.69 -52.49
C ALA N 26 -65.07 -29.52 -50.97
N ALA N 27 -66.12 -28.93 -50.41
CA ALA N 27 -66.21 -28.67 -48.98
C ALA N 27 -67.14 -29.68 -48.33
N SER N 28 -66.68 -30.29 -47.24
CA SER N 28 -67.46 -31.25 -46.47
C SER N 28 -67.55 -30.77 -45.04
N GLY N 29 -68.78 -30.64 -44.53
CA GLY N 29 -68.99 -30.20 -43.16
C GLY N 29 -69.96 -29.07 -43.03
N ASN N 30 -69.74 -28.19 -42.04
CA ASN N 30 -70.62 -27.06 -41.77
C ASN N 30 -70.25 -25.92 -42.71
N ILE N 31 -70.87 -25.90 -43.90
CA ILE N 31 -70.62 -24.85 -44.87
C ILE N 31 -71.62 -23.71 -44.75
N ARG N 32 -72.56 -23.79 -43.80
CA ARG N 32 -73.56 -22.74 -43.65
C ARG N 32 -72.92 -21.41 -43.25
N ASN N 33 -71.97 -21.44 -42.32
CA ASN N 33 -71.39 -20.23 -41.79
C ASN N 33 -70.26 -19.67 -42.64
N ILE N 34 -69.77 -20.43 -43.62
CA ILE N 34 -68.68 -19.97 -44.47
C ILE N 34 -69.16 -18.86 -45.39
N SER N 35 -68.41 -17.77 -45.43
CA SER N 35 -68.74 -16.63 -46.27
C SER N 35 -67.58 -16.21 -47.14
N TYR N 36 -66.47 -16.91 -47.06
CA TYR N 36 -65.23 -16.51 -47.70
C TYR N 36 -64.71 -17.70 -48.47
N LEU N 37 -64.84 -17.66 -49.79
CA LEU N 37 -64.33 -18.76 -50.59
C LEU N 37 -63.41 -18.17 -51.63
N GLY N 38 -62.21 -18.71 -51.72
CA GLY N 38 -61.21 -18.18 -52.62
C GLY N 38 -60.09 -19.18 -52.79
N TRP N 39 -59.16 -18.80 -53.65
CA TRP N 39 -57.97 -19.60 -53.92
C TRP N 39 -56.72 -18.74 -53.74
N PHE N 40 -55.64 -19.41 -53.34
CA PHE N 40 -54.34 -18.79 -53.12
C PHE N 40 -53.26 -19.57 -53.85
N ARG N 41 -52.21 -18.85 -54.26
CA ARG N 41 -51.05 -19.46 -54.90
C ARG N 41 -49.79 -18.99 -54.18
N GLN N 42 -48.90 -19.93 -53.87
CA GLN N 42 -47.60 -19.60 -53.29
C GLN N 42 -46.51 -20.35 -54.06
N ALA N 43 -45.37 -19.69 -54.24
CA ALA N 43 -44.23 -20.25 -54.94
C ALA N 43 -42.99 -20.21 -54.07
N PRO N 44 -42.03 -21.12 -54.29
CA PRO N 44 -40.80 -21.08 -53.49
C PRO N 44 -40.05 -19.77 -53.70
N GLY N 45 -39.46 -19.27 -52.63
CA GLY N 45 -38.77 -18.00 -52.67
C GLY N 45 -39.66 -16.78 -52.58
N LYS N 46 -40.95 -16.94 -52.33
CA LYS N 46 -41.87 -15.82 -52.23
C LYS N 46 -43.06 -16.24 -51.39
N GLU N 47 -43.83 -15.24 -50.97
CA GLU N 47 -44.98 -15.47 -50.09
C GLU N 47 -46.19 -15.93 -50.90
N ARG N 48 -47.36 -15.95 -50.26
CA ARG N 48 -48.58 -16.48 -50.84
C ARG N 48 -49.54 -15.34 -51.17
N GLU N 49 -50.10 -15.37 -52.37
CA GLU N 49 -51.03 -14.35 -52.84
C GLU N 49 -52.31 -15.02 -53.34
N GLY N 50 -53.38 -14.22 -53.40
CA GLY N 50 -54.69 -14.71 -53.77
C GLY N 50 -55.05 -14.39 -55.20
N VAL N 51 -55.38 -15.43 -55.97
CA VAL N 51 -55.82 -15.23 -57.35
C VAL N 51 -57.24 -14.68 -57.38
N ALA N 52 -58.14 -15.26 -56.59
CA ALA N 52 -59.53 -14.82 -56.61
C ALA N 52 -60.25 -15.28 -55.35
N ALA N 53 -61.40 -14.65 -55.10
CA ALA N 53 -62.30 -14.99 -54.02
C ALA N 53 -63.68 -14.41 -54.35
N LEU N 54 -64.70 -14.89 -53.61
CA LEU N 54 -66.10 -14.59 -53.91
C LEU N 54 -66.88 -14.37 -52.62
N TRP N 55 -68.05 -13.76 -52.71
CA TRP N 55 -68.82 -13.50 -51.49
C TRP N 55 -70.12 -14.27 -51.61
N THR N 56 -70.33 -15.25 -50.73
CA THR N 56 -71.63 -15.91 -50.65
C THR N 56 -72.69 -15.00 -50.02
N THR N 57 -72.27 -14.19 -49.04
CA THR N 57 -73.22 -13.30 -48.38
C THR N 57 -73.64 -12.14 -49.28
N GLN N 58 -72.69 -11.49 -49.96
CA GLN N 58 -73.00 -10.30 -50.75
C GLN N 58 -73.06 -10.55 -52.25
N GLY N 59 -72.29 -11.49 -52.78
CA GLY N 59 -72.35 -11.85 -54.18
C GLY N 59 -71.17 -11.38 -55.03
N GLN N 60 -70.50 -10.30 -54.63
CA GLN N 60 -69.43 -9.74 -55.45
C GLN N 60 -68.17 -10.63 -55.40
N THR N 61 -67.19 -10.27 -56.23
CA THR N 61 -66.00 -11.09 -56.42
C THR N 61 -64.80 -10.19 -56.68
N TYR N 62 -63.60 -10.69 -56.38
CA TYR N 62 -62.33 -10.02 -56.62
C TYR N 62 -61.43 -10.94 -57.42
N TYR N 63 -60.72 -10.37 -58.38
CA TYR N 63 -59.66 -11.08 -59.07
C TYR N 63 -58.39 -10.25 -58.92
N ALA N 64 -57.25 -10.94 -58.85
CA ALA N 64 -56.00 -10.20 -58.80
C ALA N 64 -55.73 -9.55 -60.16
N ASP N 65 -54.74 -8.66 -60.18
CA ASP N 65 -54.42 -7.96 -61.42
C ASP N 65 -53.98 -8.93 -62.51
N SER N 66 -53.17 -9.92 -62.14
CA SER N 66 -52.73 -10.93 -63.08
C SER N 66 -53.82 -11.92 -63.44
N VAL N 67 -54.97 -11.88 -62.76
CA VAL N 67 -56.06 -12.81 -63.03
C VAL N 67 -57.16 -12.19 -63.89
N LYS N 68 -57.28 -10.87 -63.92
CA LYS N 68 -58.33 -10.21 -64.69
C LYS N 68 -58.16 -10.50 -66.18
N GLY N 69 -59.19 -11.09 -66.78
CA GLY N 69 -59.18 -11.41 -68.19
C GLY N 69 -58.45 -12.66 -68.57
N ARG N 70 -57.88 -13.38 -67.60
CA ARG N 70 -57.13 -14.60 -67.87
C ARG N 70 -57.74 -15.82 -67.19
N PHE N 71 -58.07 -15.72 -65.91
CA PHE N 71 -58.58 -16.86 -65.15
C PHE N 71 -59.85 -16.47 -64.44
N THR N 72 -60.73 -17.45 -64.23
CA THR N 72 -62.04 -17.24 -63.62
C THR N 72 -62.27 -18.28 -62.53
N VAL N 73 -63.17 -17.93 -61.61
CA VAL N 73 -63.56 -18.84 -60.53
C VAL N 73 -65.07 -18.79 -60.40
N SER N 74 -65.69 -19.96 -60.30
CA SER N 74 -67.14 -20.08 -60.15
C SER N 74 -67.47 -20.97 -58.95
N LEU N 75 -68.66 -20.76 -58.40
CA LEU N 75 -69.14 -21.52 -57.25
C LEU N 75 -70.40 -22.28 -57.62
N ASP N 76 -70.45 -23.56 -57.26
CA ASP N 76 -71.63 -24.39 -57.43
C ASP N 76 -72.32 -24.51 -56.07
N ASN N 77 -73.39 -23.75 -55.89
CA ASN N 77 -74.11 -23.77 -54.62
C ASN N 77 -74.74 -25.13 -54.36
N ALA N 78 -75.31 -25.75 -55.39
CA ALA N 78 -75.90 -27.08 -55.23
C ALA N 78 -74.85 -28.11 -54.83
N LYS N 79 -73.67 -28.06 -55.46
CA LYS N 79 -72.58 -28.94 -55.09
C LYS N 79 -71.76 -28.44 -53.92
N ASN N 80 -71.93 -27.17 -53.53
CA ASN N 80 -71.13 -26.55 -52.46
C ASN N 80 -69.64 -26.69 -52.76
N THR N 81 -69.28 -26.48 -54.02
CA THR N 81 -67.91 -26.64 -54.49
C THR N 81 -67.43 -25.36 -55.16
N VAL N 82 -66.12 -25.26 -55.30
CA VAL N 82 -65.47 -24.13 -55.96
C VAL N 82 -64.69 -24.64 -57.15
N TYR N 83 -64.97 -24.09 -58.33
CA TYR N 83 -64.25 -24.42 -59.55
C TYR N 83 -63.51 -23.19 -60.06
N LEU N 84 -62.28 -23.39 -60.50
CA LEU N 84 -61.47 -22.34 -61.10
C LEU N 84 -60.99 -22.79 -62.47
N GLN N 85 -61.01 -21.87 -63.43
CA GLN N 85 -60.59 -22.14 -64.79
C GLN N 85 -59.35 -21.30 -65.11
N MET N 86 -58.21 -21.96 -65.26
CA MET N 86 -56.97 -21.31 -65.68
C MET N 86 -56.91 -21.30 -67.20
N ASN N 87 -57.03 -20.11 -67.79
CA ASN N 87 -56.94 -19.95 -69.23
C ASN N 87 -55.75 -19.08 -69.60
N SER N 88 -55.15 -19.37 -70.75
CA SER N 88 -53.92 -18.73 -71.19
C SER N 88 -52.81 -18.89 -70.14
N LEU N 89 -52.44 -20.14 -69.91
CA LEU N 89 -51.45 -20.47 -68.90
C LEU N 89 -50.09 -19.89 -69.27
N LYS N 90 -49.33 -19.52 -68.25
CA LYS N 90 -48.01 -18.92 -68.38
C LYS N 90 -47.04 -19.65 -67.46
N PRO N 91 -45.74 -19.59 -67.74
CA PRO N 91 -44.77 -20.21 -66.83
C PRO N 91 -44.75 -19.59 -65.44
N GLU N 92 -45.29 -18.39 -65.28
CA GLU N 92 -45.36 -17.75 -63.97
C GLU N 92 -46.36 -18.43 -63.04
N ASP N 93 -47.19 -19.34 -63.55
CA ASP N 93 -48.23 -19.99 -62.77
C ASP N 93 -47.76 -21.26 -62.06
N THR N 94 -46.47 -21.58 -62.14
CA THR N 94 -45.94 -22.75 -61.46
C THR N 94 -45.88 -22.48 -59.97
N ALA N 95 -46.90 -22.91 -59.24
CA ALA N 95 -46.98 -22.63 -57.81
C ALA N 95 -47.91 -23.61 -57.15
N LEU N 96 -47.81 -23.71 -55.82
CA LEU N 96 -48.73 -24.49 -55.02
C LEU N 96 -50.04 -23.73 -54.86
N TYR N 97 -51.16 -24.40 -55.13
CA TYR N 97 -52.47 -23.76 -55.09
C TYR N 97 -53.31 -24.35 -53.96
N TYR N 98 -54.00 -23.46 -53.24
CA TYR N 98 -54.84 -23.84 -52.11
C TYR N 98 -56.19 -23.15 -52.21
N CYS N 99 -57.23 -23.83 -51.73
CA CYS N 99 -58.56 -23.25 -51.59
C CYS N 99 -58.86 -23.06 -50.12
N ALA N 100 -59.33 -21.86 -49.76
CA ALA N 100 -59.51 -21.46 -48.37
C ALA N 100 -60.93 -20.99 -48.11
N ALA N 101 -61.43 -21.28 -46.91
CA ALA N 101 -62.76 -20.89 -46.49
C ALA N 101 -62.69 -20.21 -45.13
N ALA N 102 -63.40 -19.10 -44.98
CA ALA N 102 -63.44 -18.38 -43.71
C ALA N 102 -64.87 -17.99 -43.38
N THR N 103 -65.19 -18.06 -42.10
CA THR N 103 -66.54 -17.81 -41.56
C THR N 103 -66.65 -16.43 -40.91
N SER N 104 -66.82 -15.41 -41.75
CA SER N 104 -66.94 -14.03 -41.30
C SER N 104 -65.70 -13.58 -40.56
N GLY N 105 -65.89 -13.22 -39.29
CA GLY N 105 -64.85 -12.66 -38.44
C GLY N 105 -65.43 -11.50 -37.65
N GLN N 106 -65.52 -11.64 -36.34
CA GLN N 106 -66.14 -10.62 -35.49
C GLN N 106 -65.05 -9.93 -34.66
N TYR N 107 -65.05 -8.61 -34.68
CA TYR N 107 -63.99 -7.83 -34.08
C TYR N 107 -64.49 -7.26 -32.77
N ASN N 108 -64.01 -7.82 -31.67
CA ASN N 108 -64.31 -7.00 -30.51
C ASN N 108 -63.11 -6.10 -30.19
N PRO N 109 -63.35 -4.85 -29.81
CA PRO N 109 -62.24 -3.90 -29.68
C PRO N 109 -61.19 -4.31 -28.67
N LEU N 110 -61.59 -5.03 -27.62
CA LEU N 110 -60.64 -5.37 -26.55
C LEU N 110 -59.69 -6.48 -26.95
N ARG N 111 -60.17 -7.47 -27.71
CA ARG N 111 -59.39 -8.66 -28.02
C ARG N 111 -58.90 -8.74 -29.47
N GLY N 112 -59.76 -8.44 -30.44
CA GLY N 112 -59.36 -8.44 -31.83
C GLY N 112 -60.32 -9.26 -32.67
N TYR N 113 -59.85 -9.65 -33.85
CA TYR N 113 -60.65 -10.43 -34.78
C TYR N 113 -60.62 -11.91 -34.43
N HIS N 114 -61.79 -12.56 -34.48
CA HIS N 114 -61.90 -13.99 -34.29
C HIS N 114 -62.79 -14.58 -35.37
N TYR N 115 -62.36 -15.70 -35.93
CA TYR N 115 -63.04 -16.36 -37.04
C TYR N 115 -62.49 -17.79 -37.14
N ASN N 116 -62.88 -18.50 -38.19
CA ASN N 116 -62.36 -19.82 -38.48
C ASN N 116 -61.85 -19.85 -39.91
N GLU N 117 -60.74 -20.56 -40.13
CA GLU N 117 -60.12 -20.62 -41.43
C GLU N 117 -59.75 -22.06 -41.76
N TYR N 118 -59.81 -22.40 -43.05
CA TYR N 118 -59.54 -23.75 -43.52
C TYR N 118 -58.66 -23.69 -44.75
N TRP N 119 -57.94 -24.80 -44.99
CA TRP N 119 -56.96 -24.83 -46.07
C TRP N 119 -56.91 -26.24 -46.67
N GLY N 120 -56.37 -26.31 -47.89
CA GLY N 120 -56.17 -27.57 -48.58
C GLY N 120 -55.00 -27.51 -49.54
N GLN N 121 -54.13 -28.52 -49.50
CA GLN N 121 -52.86 -28.48 -50.24
C GLN N 121 -53.04 -29.01 -51.66
N GLY N 122 -52.61 -28.22 -52.63
CA GLY N 122 -52.63 -28.63 -54.02
C GLY N 122 -51.49 -27.98 -54.77
N THR N 123 -51.27 -28.45 -56.00
CA THR N 123 -50.17 -27.97 -56.82
C THR N 123 -50.64 -27.74 -58.25
N GLN N 124 -49.92 -26.86 -58.95
CA GLN N 124 -50.19 -26.59 -60.36
C GLN N 124 -48.92 -26.04 -60.97
N VAL N 125 -48.24 -26.84 -61.79
CA VAL N 125 -46.98 -26.47 -62.42
C VAL N 125 -47.13 -26.59 -63.93
N THR N 126 -46.73 -25.55 -64.65
CA THR N 126 -46.76 -25.54 -66.10
C THR N 126 -45.36 -25.80 -66.64
N VAL N 127 -45.25 -26.77 -67.54
CA VAL N 127 -43.94 -27.15 -68.07
C VAL N 127 -43.35 -26.00 -68.88
N SER N 128 -44.14 -25.42 -69.79
CA SER N 128 -43.67 -24.34 -70.64
C SER N 128 -44.85 -23.56 -71.24
N GLN O 4 -47.79 -62.54 -14.30
CA GLN O 4 -48.88 -63.49 -14.17
C GLN O 4 -49.40 -63.93 -15.55
N VAL O 5 -49.32 -63.01 -16.51
CA VAL O 5 -49.81 -63.24 -17.86
C VAL O 5 -48.63 -63.18 -18.81
N GLN O 6 -48.48 -64.21 -19.64
CA GLN O 6 -47.41 -64.28 -20.62
C GLN O 6 -48.01 -64.42 -22.02
N LEU O 7 -47.36 -63.77 -22.98
CA LEU O 7 -47.79 -63.79 -24.38
C LEU O 7 -46.71 -64.48 -25.21
N VAL O 8 -47.10 -65.52 -25.93
CA VAL O 8 -46.19 -66.27 -26.81
C VAL O 8 -46.57 -65.95 -28.24
N GLU O 9 -45.63 -65.38 -28.99
CA GLU O 9 -45.85 -64.94 -30.36
C GLU O 9 -45.03 -65.80 -31.31
N SER O 10 -45.62 -66.12 -32.47
CA SER O 10 -44.97 -66.98 -33.45
C SER O 10 -45.50 -66.65 -34.83
N GLY O 11 -44.80 -67.13 -35.85
CA GLY O 11 -45.18 -66.94 -37.23
C GLY O 11 -44.25 -66.06 -38.04
N GLY O 12 -43.20 -65.52 -37.43
CA GLY O 12 -42.30 -64.64 -38.15
C GLY O 12 -41.53 -65.38 -39.23
N GLY O 13 -41.19 -64.66 -40.28
CA GLY O 13 -40.46 -65.25 -41.39
C GLY O 13 -40.25 -64.23 -42.49
N SER O 14 -39.65 -64.70 -43.58
CA SER O 14 -39.33 -63.86 -44.73
C SER O 14 -40.25 -64.24 -45.88
N VAL O 15 -41.08 -63.29 -46.31
CA VAL O 15 -42.00 -63.48 -47.43
C VAL O 15 -41.89 -62.28 -48.36
N GLN O 16 -41.86 -62.54 -49.66
CA GLN O 16 -41.74 -61.47 -50.64
C GLN O 16 -43.02 -60.63 -50.67
N ALA O 17 -42.99 -59.58 -51.49
CA ALA O 17 -44.13 -58.69 -51.60
C ALA O 17 -45.33 -59.41 -52.20
N GLY O 18 -46.52 -59.05 -51.71
CA GLY O 18 -47.75 -59.65 -52.18
C GLY O 18 -48.11 -60.97 -51.53
N GLY O 19 -47.27 -61.47 -50.62
CA GLY O 19 -47.54 -62.72 -49.96
C GLY O 19 -48.51 -62.58 -48.80
N SER O 20 -48.82 -63.71 -48.17
CA SER O 20 -49.72 -63.75 -47.03
C SER O 20 -49.00 -64.36 -45.84
N LEU O 21 -49.19 -63.75 -44.67
CA LEU O 21 -48.59 -64.22 -43.43
C LEU O 21 -49.63 -64.27 -42.33
N ARG O 22 -49.48 -65.23 -41.43
CA ARG O 22 -50.38 -65.42 -40.29
C ARG O 22 -49.55 -65.48 -39.02
N LEU O 23 -49.63 -64.43 -38.20
CA LEU O 23 -48.91 -64.36 -36.94
C LEU O 23 -49.86 -64.64 -35.79
N SER O 24 -49.43 -65.48 -34.86
CA SER O 24 -50.26 -65.91 -33.74
C SER O 24 -49.67 -65.43 -32.42
N CYS O 25 -50.54 -65.08 -31.49
CA CYS O 25 -50.15 -64.69 -30.14
C CYS O 25 -51.06 -65.39 -29.15
N ALA O 26 -50.48 -66.23 -28.30
CA ALA O 26 -51.23 -67.01 -27.32
C ALA O 26 -51.01 -66.42 -25.93
N ALA O 27 -52.10 -66.25 -25.19
CA ALA O 27 -52.06 -65.68 -23.85
C ALA O 27 -52.23 -66.77 -22.82
N SER O 28 -51.36 -66.79 -21.83
CA SER O 28 -51.41 -67.76 -20.74
C SER O 28 -51.47 -67.00 -19.41
N GLY O 29 -52.49 -67.29 -18.61
CA GLY O 29 -52.65 -66.64 -17.33
C GLY O 29 -54.03 -66.07 -17.10
N ASN O 30 -54.09 -64.96 -16.35
CA ASN O 30 -55.35 -64.30 -16.02
C ASN O 30 -55.76 -63.42 -17.18
N ILE O 31 -56.51 -64.00 -18.14
CA ILE O 31 -56.99 -63.25 -19.29
C ILE O 31 -58.39 -62.69 -19.06
N ARG O 32 -58.97 -62.92 -17.89
CA ARG O 32 -60.33 -62.42 -17.62
C ARG O 32 -60.38 -60.90 -17.63
N ASN O 33 -59.38 -60.25 -17.01
CA ASN O 33 -59.40 -58.80 -16.85
C ASN O 33 -58.86 -58.07 -18.07
N ILE O 34 -58.24 -58.76 -19.02
CA ILE O 34 -57.68 -58.10 -20.19
C ILE O 34 -58.80 -57.62 -21.11
N SER O 35 -58.72 -56.36 -21.52
CA SER O 35 -59.70 -55.76 -22.40
C SER O 35 -59.08 -55.12 -23.61
N TYR O 36 -57.77 -55.22 -23.74
CA TYR O 36 -57.03 -54.50 -24.75
C TYR O 36 -56.13 -55.49 -25.46
N LEU O 37 -56.49 -55.86 -26.68
CA LEU O 37 -55.66 -56.81 -27.40
C LEU O 37 -55.35 -56.17 -28.75
N GLY O 38 -54.07 -56.12 -29.09
CA GLY O 38 -53.64 -55.46 -30.30
C GLY O 38 -52.22 -55.87 -30.63
N TRP O 39 -51.76 -55.37 -31.76
CA TRP O 39 -50.40 -55.59 -32.23
C TRP O 39 -49.74 -54.26 -32.54
N PHE O 40 -48.41 -54.24 -32.37
CA PHE O 40 -47.58 -53.08 -32.62
C PHE O 40 -46.41 -53.46 -33.50
N ARG O 41 -45.94 -52.50 -34.29
CA ARG O 41 -44.76 -52.67 -35.13
C ARG O 41 -43.79 -51.51 -34.89
N GLN O 42 -42.52 -51.84 -34.70
CA GLN O 42 -41.46 -50.83 -34.58
C GLN O 42 -40.30 -51.20 -35.48
N ALA O 43 -39.69 -50.17 -36.08
CA ALA O 43 -38.58 -50.34 -36.99
C ALA O 43 -37.38 -49.52 -36.52
N PRO O 44 -36.16 -49.94 -36.85
CA PRO O 44 -34.99 -49.13 -36.46
C PRO O 44 -35.04 -47.74 -37.06
N GLY O 45 -34.59 -46.76 -36.29
CA GLY O 45 -34.64 -45.38 -36.72
C GLY O 45 -35.99 -44.70 -36.57
N LYS O 46 -36.96 -45.36 -35.94
CA LYS O 46 -38.28 -44.78 -35.76
C LYS O 46 -38.95 -45.44 -34.56
N GLU O 47 -40.02 -44.81 -34.09
CA GLU O 47 -40.73 -45.27 -32.91
C GLU O 47 -41.67 -46.43 -33.26
N ARG O 48 -42.55 -46.78 -32.32
CA ARG O 48 -43.43 -47.94 -32.44
C ARG O 48 -44.86 -47.48 -32.65
N GLU O 49 -45.53 -48.08 -33.63
CA GLU O 49 -46.92 -47.75 -33.96
C GLU O 49 -47.76 -49.02 -33.98
N GLY O 50 -49.08 -48.83 -33.85
CA GLY O 50 -50.01 -49.93 -33.76
C GLY O 50 -50.73 -50.19 -35.06
N VAL O 51 -50.62 -51.44 -35.54
CA VAL O 51 -51.34 -51.83 -36.75
C VAL O 51 -52.83 -52.00 -36.47
N ALA O 52 -53.17 -52.68 -35.37
CA ALA O 52 -54.57 -52.93 -35.07
C ALA O 52 -54.74 -53.30 -33.60
N ALA O 53 -55.99 -53.20 -33.14
CA ALA O 53 -56.40 -53.59 -31.80
C ALA O 53 -57.90 -53.80 -31.81
N LEU O 54 -58.42 -54.45 -30.76
CA LEU O 54 -59.81 -54.91 -30.69
C LEU O 54 -60.35 -54.73 -29.28
N TRP O 55 -61.67 -54.74 -29.12
CA TRP O 55 -62.23 -54.53 -27.80
C TRP O 55 -62.99 -55.80 -27.42
N THR O 56 -62.53 -56.48 -26.38
CA THR O 56 -63.29 -57.61 -25.84
C THR O 56 -64.52 -57.13 -25.07
N THR O 57 -64.41 -55.99 -24.40
CA THR O 57 -65.54 -55.47 -23.64
C THR O 57 -66.63 -54.91 -24.54
N GLN O 58 -66.26 -54.11 -25.55
CA GLN O 58 -67.24 -53.44 -26.40
C GLN O 58 -67.45 -54.09 -27.77
N GLY O 59 -66.41 -54.70 -28.35
CA GLY O 59 -66.53 -55.41 -29.60
C GLY O 59 -65.90 -54.72 -30.80
N GLN O 60 -65.80 -53.39 -30.78
CA GLN O 60 -65.30 -52.66 -31.94
C GLN O 60 -63.79 -52.84 -32.11
N THR O 61 -63.27 -52.32 -33.23
CA THR O 61 -61.89 -52.55 -33.62
C THR O 61 -61.36 -51.31 -34.35
N TYR O 62 -60.04 -51.14 -34.32
CA TYR O 62 -59.34 -50.06 -35.02
C TYR O 62 -58.25 -50.66 -35.88
N TYR O 63 -58.10 -50.12 -37.09
CA TYR O 63 -56.96 -50.44 -37.94
C TYR O 63 -56.27 -49.13 -38.26
N ALA O 64 -54.95 -49.20 -38.42
CA ALA O 64 -54.23 -48.00 -38.84
C ALA O 64 -54.57 -47.69 -40.30
N ASP O 65 -54.18 -46.49 -40.74
CA ASP O 65 -54.47 -46.09 -42.11
C ASP O 65 -53.80 -47.02 -43.11
N SER O 66 -52.55 -47.39 -42.84
CA SER O 66 -51.84 -48.33 -43.72
C SER O 66 -52.35 -49.76 -43.59
N VAL O 67 -53.23 -50.04 -42.63
CA VAL O 67 -53.73 -51.40 -42.43
C VAL O 67 -55.14 -51.59 -43.03
N LYS O 68 -55.89 -50.51 -43.22
CA LYS O 68 -57.25 -50.63 -43.76
C LYS O 68 -57.21 -51.20 -45.17
N GLY O 69 -57.91 -52.32 -45.35
CA GLY O 69 -57.99 -52.96 -46.65
C GLY O 69 -56.80 -53.82 -47.03
N ARG O 70 -55.79 -53.92 -46.17
CA ARG O 70 -54.60 -54.71 -46.45
C ARG O 70 -54.39 -55.84 -45.45
N PHE O 71 -54.50 -55.55 -44.15
CA PHE O 71 -54.24 -56.54 -43.12
C PHE O 71 -55.40 -56.58 -42.14
N THR O 72 -55.61 -57.76 -41.55
CA THR O 72 -56.72 -57.99 -40.64
C THR O 72 -56.22 -58.69 -39.38
N VAL O 73 -56.99 -58.54 -38.30
CA VAL O 73 -56.70 -59.20 -37.03
C VAL O 73 -57.98 -59.80 -36.49
N SER O 74 -57.92 -61.05 -36.04
CA SER O 74 -59.06 -61.75 -35.48
C SER O 74 -58.69 -62.32 -34.11
N LEU O 75 -59.71 -62.53 -33.28
CA LEU O 75 -59.54 -63.08 -31.94
C LEU O 75 -60.30 -64.39 -31.83
N ASP O 76 -59.64 -65.40 -31.26
CA ASP O 76 -60.26 -66.69 -30.97
C ASP O 76 -60.55 -66.73 -29.47
N ASN O 77 -61.82 -66.50 -29.11
CA ASN O 77 -62.19 -66.50 -27.70
C ASN O 77 -62.01 -67.88 -27.07
N ALA O 78 -62.36 -68.94 -27.79
CA ALA O 78 -62.18 -70.29 -27.27
C ALA O 78 -60.70 -70.59 -27.03
N LYS O 79 -59.84 -70.20 -27.97
CA LYS O 79 -58.41 -70.38 -27.80
C LYS O 79 -57.76 -69.26 -26.99
N ASN O 80 -58.46 -68.15 -26.76
CA ASN O 80 -57.91 -66.98 -26.08
C ASN O 80 -56.62 -66.51 -26.76
N THR O 81 -56.63 -66.52 -28.09
CA THR O 81 -55.47 -66.17 -28.89
C THR O 81 -55.82 -65.05 -29.87
N VAL O 82 -54.77 -64.42 -30.39
CA VAL O 82 -54.90 -63.33 -31.36
C VAL O 82 -54.19 -63.75 -32.63
N TYR O 83 -54.90 -63.72 -33.75
CA TYR O 83 -54.34 -64.01 -35.06
C TYR O 83 -54.41 -62.77 -35.94
N LEU O 84 -53.33 -62.51 -36.68
CA LEU O 84 -53.27 -61.42 -37.63
C LEU O 84 -52.88 -61.96 -38.99
N GLN O 85 -53.52 -61.44 -40.03
CA GLN O 85 -53.26 -61.86 -41.41
C GLN O 85 -52.69 -60.68 -42.18
N MET O 86 -51.42 -60.78 -42.55
CA MET O 86 -50.76 -59.78 -43.38
C MET O 86 -50.98 -60.15 -44.85
N ASN O 87 -51.77 -59.35 -45.56
CA ASN O 87 -52.03 -59.56 -46.98
C ASN O 87 -51.51 -58.39 -47.78
N SER O 88 -51.04 -58.68 -49.00
CA SER O 88 -50.39 -57.70 -49.87
C SER O 88 -49.20 -57.07 -49.16
N LEU O 89 -48.22 -57.91 -48.85
CA LEU O 89 -47.03 -57.49 -48.14
C LEU O 89 -46.23 -56.49 -48.96
N LYS O 90 -45.59 -55.56 -48.26
CA LYS O 90 -44.78 -54.50 -48.85
C LYS O 90 -43.45 -54.44 -48.14
N PRO O 91 -42.41 -53.88 -48.78
CA PRO O 91 -41.12 -53.74 -48.10
C PRO O 91 -41.17 -52.84 -46.88
N GLU O 92 -42.20 -51.99 -46.76
CA GLU O 92 -42.34 -51.13 -45.59
C GLU O 92 -42.70 -51.90 -44.33
N ASP O 93 -43.04 -53.19 -44.44
CA ASP O 93 -43.47 -53.99 -43.30
C ASP O 93 -42.32 -54.68 -42.58
N THR O 94 -41.08 -54.41 -42.96
CA THR O 94 -39.92 -55.00 -42.30
C THR O 94 -39.74 -54.33 -40.94
N ALA O 95 -40.27 -54.95 -39.90
CA ALA O 95 -40.23 -54.36 -38.57
C ALA O 95 -40.43 -55.45 -37.52
N LEU O 96 -40.06 -55.11 -36.29
CA LEU O 96 -40.31 -55.99 -35.14
C LEU O 96 -41.78 -55.86 -34.74
N TYR O 97 -42.44 -57.00 -34.57
CA TYR O 97 -43.87 -57.04 -34.26
C TYR O 97 -44.10 -57.60 -32.86
N TYR O 98 -45.00 -56.96 -32.12
CA TYR O 98 -45.32 -57.34 -30.76
C TYR O 98 -46.83 -57.38 -30.58
N CYS O 99 -47.29 -58.29 -29.72
CA CYS O 99 -48.69 -58.36 -29.30
C CYS O 99 -48.78 -57.92 -27.85
N ALA O 100 -49.72 -57.01 -27.56
CA ALA O 100 -49.82 -56.37 -26.27
C ALA O 100 -51.22 -56.52 -25.68
N ALA O 101 -51.30 -56.68 -24.37
CA ALA O 101 -52.55 -56.81 -23.65
C ALA O 101 -52.59 -55.84 -22.48
N ALA O 102 -53.71 -55.16 -22.31
CA ALA O 102 -53.89 -54.22 -21.21
C ALA O 102 -55.24 -54.44 -20.54
N THR O 103 -55.26 -54.29 -19.22
CA THR O 103 -56.43 -54.53 -18.39
C THR O 103 -57.09 -53.23 -17.93
N SER O 104 -57.89 -52.66 -18.84
CA SER O 104 -58.60 -51.41 -18.58
C SER O 104 -57.64 -50.27 -18.31
N GLY O 105 -57.76 -49.70 -17.11
CA GLY O 105 -57.00 -48.54 -16.68
C GLY O 105 -57.94 -47.59 -15.95
N GLN O 106 -57.71 -47.40 -14.66
CA GLN O 106 -58.59 -46.57 -13.84
C GLN O 106 -57.87 -45.29 -13.46
N TYR O 107 -58.53 -44.16 -13.68
CA TYR O 107 -57.90 -42.85 -13.54
C TYR O 107 -58.39 -42.23 -12.23
N ASN O 108 -57.50 -42.21 -11.24
CA ASN O 108 -57.96 -41.32 -10.19
C ASN O 108 -57.33 -39.94 -10.36
N PRO O 109 -58.10 -38.88 -10.12
CA PRO O 109 -57.60 -37.54 -10.46
C PRO O 109 -56.32 -37.15 -9.72
N LEU O 110 -56.11 -37.65 -8.51
CA LEU O 110 -54.96 -37.23 -7.72
C LEU O 110 -53.67 -37.88 -8.21
N ARG O 111 -53.73 -39.14 -8.63
CA ARG O 111 -52.52 -39.90 -8.97
C ARG O 111 -52.32 -40.14 -10.46
N GLY O 112 -53.37 -40.52 -11.18
CA GLY O 112 -53.27 -40.71 -12.61
C GLY O 112 -53.83 -42.07 -13.02
N TYR O 113 -53.43 -42.51 -14.21
CA TYR O 113 -53.90 -43.78 -14.74
C TYR O 113 -53.08 -44.94 -14.19
N HIS O 114 -53.76 -46.02 -13.81
CA HIS O 114 -53.10 -47.25 -13.39
C HIS O 114 -53.76 -48.44 -14.07
N TYR O 115 -52.94 -49.37 -14.54
CA TYR O 115 -53.38 -50.53 -15.31
C TYR O 115 -52.23 -51.53 -15.33
N ASN O 116 -52.39 -52.59 -16.12
CA ASN O 116 -51.33 -53.57 -16.34
C ASN O 116 -51.14 -53.76 -17.82
N GLU O 117 -49.88 -53.93 -18.24
CA GLU O 117 -49.55 -54.05 -19.65
C GLU O 117 -48.58 -55.21 -19.84
N TYR O 118 -48.69 -55.88 -20.99
CA TYR O 118 -47.87 -57.04 -21.30
C TYR O 118 -47.36 -56.93 -22.73
N TRP O 119 -46.25 -57.62 -23.00
CA TRP O 119 -45.59 -57.52 -24.29
C TRP O 119 -44.95 -58.85 -24.66
N GLY O 120 -44.66 -59.00 -25.96
CA GLY O 120 -43.98 -60.18 -26.47
C GLY O 120 -43.19 -59.87 -27.72
N GLN O 121 -41.94 -60.33 -27.78
CA GLN O 121 -41.01 -59.93 -28.84
C GLN O 121 -41.15 -60.85 -30.05
N GLY O 122 -41.34 -60.24 -31.22
CA GLY O 122 -41.39 -60.98 -32.47
C GLY O 122 -40.89 -60.12 -33.60
N THR O 123 -40.68 -60.76 -34.75
CA THR O 123 -40.12 -60.08 -35.91
C THR O 123 -40.89 -60.48 -37.18
N GLN O 124 -40.84 -59.60 -38.17
CA GLN O 124 -41.44 -59.86 -39.47
C GLN O 124 -40.74 -58.98 -40.49
N VAL O 125 -39.91 -59.60 -41.34
CA VAL O 125 -39.13 -58.88 -42.34
C VAL O 125 -39.46 -59.47 -43.71
N THR O 126 -39.77 -58.59 -44.67
CA THR O 126 -40.06 -58.98 -46.04
C THR O 126 -38.83 -58.74 -46.90
N VAL O 127 -38.40 -59.77 -47.64
CA VAL O 127 -37.20 -59.64 -48.46
C VAL O 127 -37.40 -58.62 -49.57
N SER O 128 -38.52 -58.73 -50.28
CA SER O 128 -38.80 -57.81 -51.39
C SER O 128 -40.29 -57.83 -51.75
N GLN P 4 -14.37 -78.19 9.29
CA GLN P 4 -14.85 -79.46 9.84
C GLN P 4 -15.33 -80.39 8.73
N VAL P 5 -15.87 -79.81 7.67
CA VAL P 5 -16.42 -80.56 6.55
C VAL P 5 -15.59 -80.25 5.31
N GLN P 6 -15.11 -81.29 4.64
CA GLN P 6 -14.33 -81.15 3.42
C GLN P 6 -15.03 -81.88 2.28
N LEU P 7 -14.94 -81.29 1.09
CA LEU P 7 -15.55 -81.85 -0.12
C LEU P 7 -14.43 -82.20 -1.09
N VAL P 8 -14.40 -83.45 -1.54
CA VAL P 8 -13.43 -83.93 -2.50
C VAL P 8 -14.15 -84.19 -3.82
N GLU P 9 -13.73 -83.48 -4.86
CA GLU P 9 -14.37 -83.54 -6.17
C GLU P 9 -13.43 -84.18 -7.17
N SER P 10 -13.98 -84.99 -8.07
CA SER P 10 -13.19 -85.72 -9.05
C SER P 10 -14.05 -86.01 -10.27
N GLY P 11 -13.39 -86.39 -11.36
CA GLY P 11 -14.05 -86.74 -12.60
C GLY P 11 -13.80 -85.78 -13.74
N GLY P 12 -13.04 -84.70 -13.53
CA GLY P 12 -12.79 -83.76 -14.59
C GLY P 12 -11.97 -84.35 -15.72
N GLY P 13 -12.19 -83.84 -16.92
CA GLY P 13 -11.48 -84.33 -18.09
C GLY P 13 -11.97 -83.63 -19.33
N SER P 14 -11.42 -84.06 -20.47
CA SER P 14 -11.74 -83.49 -21.77
C SER P 14 -12.56 -84.50 -22.56
N VAL P 15 -13.80 -84.13 -22.88
CA VAL P 15 -14.70 -84.96 -23.66
C VAL P 15 -15.33 -84.10 -24.75
N GLN P 16 -15.41 -84.64 -25.96
CA GLN P 16 -15.98 -83.92 -27.10
C GLN P 16 -17.49 -83.73 -26.89
N ALA P 17 -18.09 -83.01 -27.83
CA ALA P 17 -19.53 -82.73 -27.76
C ALA P 17 -20.33 -84.02 -27.89
N GLY P 18 -21.44 -84.09 -27.17
CA GLY P 18 -22.31 -85.24 -27.19
C GLY P 18 -21.88 -86.39 -26.29
N GLY P 19 -20.77 -86.24 -25.57
CA GLY P 19 -20.30 -87.28 -24.68
C GLY P 19 -21.01 -87.26 -23.35
N SER P 20 -20.63 -88.21 -22.49
CA SER P 20 -21.19 -88.35 -21.16
C SER P 20 -20.08 -88.28 -20.13
N LEU P 21 -20.32 -87.53 -19.05
CA LEU P 21 -19.36 -87.37 -17.97
C LEU P 21 -20.05 -87.57 -16.64
N ARG P 22 -19.31 -88.11 -15.68
CA ARG P 22 -19.80 -88.36 -14.33
C ARG P 22 -18.83 -87.75 -13.34
N LEU P 23 -19.24 -86.66 -12.68
CA LEU P 23 -18.44 -85.98 -11.69
C LEU P 23 -18.93 -86.33 -10.29
N SER P 24 -18.00 -86.65 -9.40
CA SER P 24 -18.32 -87.09 -8.05
C SER P 24 -17.81 -86.09 -7.03
N CYS P 25 -18.56 -85.92 -5.95
CA CYS P 25 -18.17 -85.07 -4.84
C CYS P 25 -18.45 -85.82 -3.55
N ALA P 26 -17.42 -86.09 -2.76
CA ALA P 26 -17.53 -86.83 -1.52
C ALA P 26 -17.37 -85.88 -0.35
N ALA P 27 -18.27 -85.99 0.62
CA ALA P 27 -18.26 -85.14 1.81
C ALA P 27 -17.72 -85.91 3.00
N SER P 28 -16.77 -85.31 3.71
CA SER P 28 -16.17 -85.89 4.91
C SER P 28 -16.36 -84.93 6.07
N GLY P 29 -16.96 -85.41 7.15
CA GLY P 29 -17.18 -84.58 8.32
C GLY P 29 -18.61 -84.60 8.83
N ASN P 30 -19.05 -83.47 9.39
CA ASN P 30 -20.40 -83.36 9.95
C ASN P 30 -21.37 -83.05 8.83
N ILE P 31 -21.90 -84.11 8.21
CA ILE P 31 -22.87 -83.96 7.13
C ILE P 31 -24.31 -83.99 7.65
N ARG P 32 -24.50 -84.14 8.96
CA ARG P 32 -25.85 -84.20 9.51
C ARG P 32 -26.62 -82.90 9.28
N ASN P 33 -25.96 -81.77 9.52
CA ASN P 33 -26.62 -80.47 9.46
C ASN P 33 -26.72 -79.91 8.04
N ILE P 34 -26.02 -80.50 7.08
CA ILE P 34 -26.05 -80.00 5.71
C ILE P 34 -27.40 -80.27 5.07
N SER P 35 -28.00 -79.24 4.48
CA SER P 35 -29.28 -79.36 3.82
C SER P 35 -29.25 -78.85 2.39
N TYR P 36 -28.09 -78.41 1.94
CA TYR P 36 -27.97 -77.72 0.66
C TYR P 36 -26.86 -78.38 -0.10
N LEU P 37 -27.19 -79.17 -1.10
CA LEU P 37 -26.16 -79.83 -1.89
C LEU P 37 -26.43 -79.48 -3.34
N GLY P 38 -25.40 -78.99 -4.02
CA GLY P 38 -25.55 -78.54 -5.39
C GLY P 38 -24.19 -78.38 -6.03
N TRP P 39 -24.22 -78.03 -7.31
CA TRP P 39 -23.03 -77.78 -8.08
C TRP P 39 -23.13 -76.42 -8.75
N PHE P 40 -21.96 -75.80 -8.95
CA PHE P 40 -21.83 -74.51 -9.58
C PHE P 40 -20.78 -74.56 -10.69
N ARG P 41 -20.97 -73.73 -11.71
CA ARG P 41 -20.01 -73.59 -12.80
C ARG P 41 -19.68 -72.12 -13.00
N GLN P 42 -18.39 -71.82 -13.12
CA GLN P 42 -17.93 -70.46 -13.42
C GLN P 42 -16.91 -70.53 -14.55
N ALA P 43 -16.97 -69.52 -15.43
CA ALA P 43 -16.08 -69.43 -16.57
C ALA P 43 -15.34 -68.10 -16.56
N PRO P 44 -14.15 -68.02 -17.15
CA PRO P 44 -13.44 -66.75 -17.21
C PRO P 44 -14.24 -65.70 -17.98
N GLY P 45 -14.18 -64.47 -17.51
CA GLY P 45 -14.95 -63.38 -18.11
C GLY P 45 -16.41 -63.32 -17.70
N LYS P 46 -16.83 -64.14 -16.74
CA LYS P 46 -18.22 -64.15 -16.29
C LYS P 46 -18.28 -64.70 -14.88
N GLU P 47 -19.42 -64.50 -14.23
CA GLU P 47 -19.61 -64.89 -12.83
C GLU P 47 -19.94 -66.38 -12.76
N ARG P 48 -20.37 -66.82 -11.58
CA ARG P 48 -20.61 -68.23 -11.28
C ARG P 48 -22.10 -68.49 -11.16
N GLU P 49 -22.57 -69.54 -11.83
CA GLU P 49 -23.99 -69.92 -11.82
C GLU P 49 -24.13 -71.38 -11.42
N GLY P 50 -25.33 -71.74 -10.96
CA GLY P 50 -25.60 -73.06 -10.47
C GLY P 50 -26.33 -73.93 -11.47
N VAL P 51 -25.74 -75.09 -11.77
CA VAL P 51 -26.38 -76.03 -12.68
C VAL P 51 -27.55 -76.74 -11.98
N ALA P 52 -27.33 -77.20 -10.74
CA ALA P 52 -28.37 -77.94 -10.04
C ALA P 52 -28.09 -77.95 -8.54
N ALA P 53 -29.14 -78.28 -7.79
CA ALA P 53 -29.07 -78.46 -6.34
C ALA P 53 -30.28 -79.28 -5.91
N LEU P 54 -30.24 -79.79 -4.67
CA LEU P 54 -31.21 -80.76 -4.17
C LEU P 54 -31.53 -80.46 -2.70
N TRP P 55 -32.64 -80.99 -2.20
CA TRP P 55 -32.98 -80.71 -0.81
C TRP P 55 -32.99 -82.04 -0.07
N THR P 56 -32.07 -82.18 0.90
CA THR P 56 -32.12 -83.34 1.79
C THR P 56 -33.28 -83.25 2.77
N THR P 57 -33.60 -82.04 3.23
CA THR P 57 -34.69 -81.88 4.18
C THR P 57 -36.05 -82.06 3.53
N GLN P 58 -36.28 -81.48 2.36
CA GLN P 58 -37.59 -81.52 1.71
C GLN P 58 -37.70 -82.51 0.56
N GLY P 59 -36.62 -82.76 -0.18
CA GLY P 59 -36.61 -83.74 -1.24
C GLY P 59 -36.61 -83.17 -2.65
N GLN P 60 -37.14 -81.97 -2.85
CA GLN P 60 -37.25 -81.42 -4.20
C GLN P 60 -35.89 -80.99 -4.74
N THR P 61 -35.88 -80.61 -6.02
CA THR P 61 -34.64 -80.32 -6.74
C THR P 61 -34.89 -79.21 -7.77
N TYR P 62 -33.82 -78.48 -8.10
CA TYR P 62 -33.84 -77.43 -9.12
C TYR P 62 -32.77 -77.71 -10.15
N TYR P 63 -33.10 -77.48 -11.42
CA TYR P 63 -32.12 -77.50 -12.49
C TYR P 63 -32.19 -76.15 -13.18
N ALA P 64 -31.04 -75.68 -13.68
CA ALA P 64 -31.06 -74.46 -14.44
C ALA P 64 -31.74 -74.69 -15.78
N ASP P 65 -32.05 -73.60 -16.48
CA ASP P 65 -32.73 -73.72 -17.76
C ASP P 65 -31.88 -74.50 -18.76
N SER P 66 -30.57 -74.23 -18.79
CA SER P 66 -29.68 -74.97 -19.68
C SER P 66 -29.42 -76.39 -19.21
N VAL P 67 -29.88 -76.76 -18.01
CA VAL P 67 -29.66 -78.11 -17.49
C VAL P 67 -30.88 -79.01 -17.66
N LYS P 68 -32.07 -78.45 -17.79
CA LYS P 68 -33.28 -79.25 -17.92
C LYS P 68 -33.24 -80.09 -19.19
N GLY P 69 -33.34 -81.41 -19.03
CA GLY P 69 -33.34 -82.33 -20.13
C GLY P 69 -31.97 -82.68 -20.68
N ARG P 70 -30.91 -82.12 -20.12
CA ARG P 70 -29.56 -82.38 -20.60
C ARG P 70 -28.67 -83.01 -19.54
N PHE P 71 -28.67 -82.49 -18.32
CA PHE P 71 -27.80 -82.97 -17.27
C PHE P 71 -28.61 -83.25 -16.01
N THR P 72 -28.14 -84.21 -15.22
CA THR P 72 -28.83 -84.66 -14.02
C THR P 72 -27.86 -84.74 -12.85
N VAL P 73 -28.41 -84.66 -11.64
CA VAL P 73 -27.61 -84.78 -10.42
C VAL P 73 -28.36 -85.72 -9.47
N SER P 74 -27.63 -86.66 -8.87
CA SER P 74 -28.20 -87.61 -7.93
C SER P 74 -27.36 -87.60 -6.64
N LEU P 75 -28.01 -88.01 -5.55
CA LEU P 75 -27.38 -88.07 -4.24
C LEU P 75 -27.39 -89.50 -3.73
N ASP P 76 -26.25 -89.96 -3.23
CA ASP P 76 -26.12 -91.28 -2.60
C ASP P 76 -26.11 -91.06 -1.09
N ASN P 77 -27.24 -91.30 -0.43
CA ASN P 77 -27.32 -91.09 1.01
C ASN P 77 -26.40 -92.06 1.76
N ALA P 78 -26.35 -93.32 1.32
CA ALA P 78 -25.46 -94.28 1.96
C ALA P 78 -24.00 -93.87 1.84
N LYS P 79 -23.60 -93.39 0.67
CA LYS P 79 -22.25 -92.91 0.46
C LYS P 79 -22.07 -91.46 0.89
N ASN P 80 -23.16 -90.73 1.13
CA ASN P 80 -23.10 -89.30 1.46
C ASN P 80 -22.33 -88.53 0.40
N THR P 81 -22.57 -88.87 -0.87
CA THR P 81 -21.86 -88.29 -1.99
C THR P 81 -22.86 -87.71 -2.98
N VAL P 82 -22.35 -86.83 -3.86
CA VAL P 82 -23.13 -86.20 -4.91
C VAL P 82 -22.54 -86.58 -6.26
N TYR P 83 -23.37 -87.14 -7.13
CA TYR P 83 -22.98 -87.49 -8.48
C TYR P 83 -23.77 -86.66 -9.48
N LEU P 84 -23.08 -86.17 -10.51
CA LEU P 84 -23.72 -85.43 -11.59
C LEU P 84 -23.37 -86.08 -12.92
N GLN P 85 -24.35 -86.17 -13.81
CA GLN P 85 -24.16 -86.77 -15.12
C GLN P 85 -24.36 -85.69 -16.19
N MET P 86 -23.27 -85.34 -16.87
CA MET P 86 -23.31 -84.41 -17.99
C MET P 86 -23.59 -85.19 -19.27
N ASN P 87 -24.76 -85.00 -19.85
CA ASN P 87 -25.14 -85.66 -21.09
C ASN P 87 -25.39 -84.62 -22.17
N SER P 88 -25.06 -84.98 -23.41
CA SER P 88 -25.11 -84.08 -24.56
C SER P 88 -24.24 -82.84 -24.30
N LEU P 89 -22.94 -83.10 -24.16
CA LEU P 89 -22.00 -82.04 -23.85
C LEU P 89 -21.91 -81.04 -25.00
N LYS P 90 -21.67 -79.78 -24.65
CA LYS P 90 -21.57 -78.67 -25.58
C LYS P 90 -20.32 -77.87 -25.27
N PRO P 91 -19.79 -77.13 -26.24
CA PRO P 91 -18.62 -76.27 -25.96
C PRO P 91 -18.87 -75.21 -24.92
N GLU P 92 -20.14 -74.87 -24.65
CA GLU P 92 -20.47 -73.89 -23.62
C GLU P 92 -20.20 -74.39 -22.21
N ASP P 93 -19.91 -75.67 -22.05
CA ASP P 93 -19.71 -76.27 -20.73
C ASP P 93 -18.26 -76.20 -20.24
N THR P 94 -17.38 -75.53 -20.99
CA THR P 94 -15.98 -75.40 -20.59
C THR P 94 -15.90 -74.40 -19.44
N ALA P 95 -15.90 -74.90 -18.20
CA ALA P 95 -15.90 -74.03 -17.04
C ALA P 95 -15.37 -74.79 -15.84
N LEU P 96 -14.99 -74.04 -14.81
CA LEU P 96 -14.61 -74.61 -13.53
C LEU P 96 -15.87 -75.01 -12.76
N TYR P 97 -15.88 -76.25 -12.26
CA TYR P 97 -17.04 -76.81 -11.57
C TYR P 97 -16.74 -77.03 -10.10
N TYR P 98 -17.68 -76.66 -9.24
CA TYR P 98 -17.54 -76.80 -7.80
C TYR P 98 -18.81 -77.42 -7.21
N CYS P 99 -18.63 -78.19 -6.14
CA CYS P 99 -19.73 -78.72 -5.36
C CYS P 99 -19.76 -78.02 -4.02
N ALA P 100 -20.95 -77.55 -3.62
CA ALA P 100 -21.11 -76.70 -2.44
C ALA P 100 -22.15 -77.29 -1.50
N ALA P 101 -21.91 -77.11 -0.20
CA ALA P 101 -22.81 -77.58 0.84
C ALA P 101 -23.09 -76.45 1.83
N ALA P 102 -24.36 -76.28 2.20
CA ALA P 102 -24.76 -75.26 3.15
C ALA P 102 -25.72 -75.85 4.18
N THR P 103 -25.57 -75.39 5.42
CA THR P 103 -26.32 -75.89 6.58
C THR P 103 -27.43 -74.92 6.99
N SER P 104 -28.54 -74.99 6.26
CA SER P 104 -29.69 -74.14 6.51
C SER P 104 -29.36 -72.66 6.35
N GLY P 105 -29.50 -71.92 7.44
CA GLY P 105 -29.33 -70.48 7.48
C GLY P 105 -30.46 -69.86 8.29
N GLN P 106 -30.13 -69.27 9.43
CA GLN P 106 -31.14 -68.72 10.33
C GLN P 106 -31.04 -67.20 10.30
N TYR P 107 -32.18 -66.55 10.10
CA TYR P 107 -32.24 -65.11 9.89
C TYR P 107 -32.71 -64.44 11.16
N ASN P 108 -31.79 -63.80 11.87
CA ASN P 108 -32.42 -62.95 12.87
C ASN P 108 -32.55 -61.53 12.32
N PRO P 109 -33.66 -60.86 12.60
CA PRO P 109 -33.92 -59.56 11.96
C PRO P 109 -32.86 -58.51 12.25
N LEU P 110 -32.24 -58.56 13.43
CA LEU P 110 -31.31 -57.50 13.81
C LEU P 110 -29.96 -57.64 13.09
N ARG P 111 -29.50 -58.88 12.87
CA ARG P 111 -28.15 -59.11 12.35
C ARG P 111 -28.13 -59.61 10.91
N GLY P 112 -28.99 -60.57 10.55
CA GLY P 112 -29.05 -61.07 9.20
C GLY P 112 -28.98 -62.58 9.16
N TYR P 113 -28.63 -63.10 7.99
CA TYR P 113 -28.54 -64.54 7.79
C TYR P 113 -27.18 -65.06 8.27
N HIS P 114 -27.20 -66.20 8.96
CA HIS P 114 -25.99 -66.89 9.37
C HIS P 114 -26.12 -68.36 9.06
N TYR P 115 -25.05 -68.95 8.53
CA TYR P 115 -25.02 -70.34 8.09
C TYR P 115 -23.56 -70.73 7.90
N ASN P 116 -23.33 -71.92 7.35
CA ASN P 116 -22.01 -72.39 7.01
C ASN P 116 -22.01 -72.84 5.56
N GLU P 117 -20.91 -72.57 4.85
CA GLU P 117 -20.81 -72.90 3.44
C GLU P 117 -19.46 -73.55 3.16
N TYR P 118 -19.44 -74.46 2.20
CA TYR P 118 -18.25 -75.20 1.85
C TYR P 118 -18.10 -75.26 0.33
N TRP P 119 -16.86 -75.47 -0.13
CA TRP P 119 -16.56 -75.42 -1.55
C TRP P 119 -15.45 -76.41 -1.88
N GLY P 120 -15.36 -76.74 -3.16
CA GLY P 120 -14.32 -77.61 -3.67
C GLY P 120 -13.98 -77.33 -5.12
N GLN P 121 -12.69 -77.22 -5.45
CA GLN P 121 -12.27 -76.76 -6.76
C GLN P 121 -12.17 -77.92 -7.74
N GLY P 122 -12.82 -77.76 -8.90
CA GLY P 122 -12.74 -78.74 -9.96
C GLY P 122 -12.90 -78.07 -11.31
N THR P 123 -12.62 -78.82 -12.36
CA THR P 123 -12.66 -78.29 -13.72
C THR P 123 -13.35 -79.28 -14.65
N GLN P 124 -13.90 -78.74 -15.74
CA GLN P 124 -14.53 -79.56 -16.77
C GLN P 124 -14.51 -78.76 -18.07
N VAL P 125 -13.65 -79.16 -19.01
CA VAL P 125 -13.49 -78.46 -20.28
C VAL P 125 -13.73 -79.46 -21.41
N THR P 126 -14.58 -79.06 -22.36
CA THR P 126 -14.88 -79.88 -23.53
C THR P 126 -14.09 -79.36 -24.72
N VAL P 127 -13.36 -80.26 -25.38
CA VAL P 127 -12.51 -79.86 -26.51
C VAL P 127 -13.37 -79.33 -27.66
N SER P 128 -14.41 -80.08 -28.02
CA SER P 128 -15.29 -79.69 -29.12
C SER P 128 -16.62 -80.41 -29.07
N GLN Q 4 26.00 -71.84 25.25
CA GLN Q 4 26.23 -73.01 26.08
C GLN Q 4 26.08 -74.29 25.28
N VAL Q 5 25.19 -74.26 24.29
CA VAL Q 5 24.88 -75.42 23.47
C VAL Q 5 25.28 -75.10 22.04
N GLN Q 6 26.07 -75.99 21.44
CA GLN Q 6 26.51 -75.84 20.06
C GLN Q 6 26.07 -77.03 19.24
N LEU Q 7 25.69 -76.78 17.99
CA LEU Q 7 25.25 -77.80 17.06
C LEU Q 7 26.24 -77.89 15.90
N VAL Q 8 26.77 -79.08 15.67
CA VAL Q 8 27.71 -79.34 14.58
C VAL Q 8 26.99 -80.17 13.53
N GLU Q 9 26.88 -79.63 12.32
CA GLU Q 9 26.15 -80.27 11.24
C GLU Q 9 27.13 -80.68 10.14
N SER Q 10 26.88 -81.85 9.55
CA SER Q 10 27.75 -82.39 8.53
C SER Q 10 26.96 -83.31 7.61
N GLY Q 11 27.56 -83.62 6.46
CA GLY Q 11 26.95 -84.50 5.47
C GLY Q 11 26.56 -83.84 4.18
N GLY Q 12 26.76 -82.53 4.04
CA GLY Q 12 26.38 -81.85 2.82
C GLY Q 12 27.21 -82.31 1.63
N GLY Q 13 26.60 -82.24 0.46
CA GLY Q 13 27.27 -82.66 -0.77
C GLY Q 13 26.34 -82.56 -1.95
N SER Q 14 26.85 -82.97 -3.10
CA SER Q 14 26.11 -82.93 -4.35
C SER Q 14 25.75 -84.35 -4.77
N VAL Q 15 24.45 -84.62 -4.83
CA VAL Q 15 23.92 -85.92 -5.24
C VAL Q 15 22.81 -85.69 -6.26
N GLN Q 16 22.81 -86.50 -7.31
CA GLN Q 16 21.81 -86.37 -8.37
C GLN Q 16 20.44 -86.79 -7.84
N ALA Q 17 19.43 -86.66 -8.70
CA ALA Q 17 18.07 -87.00 -8.33
C ALA Q 17 17.94 -88.50 -8.07
N GLY Q 18 17.09 -88.83 -7.09
CA GLY Q 18 16.87 -90.22 -6.73
C GLY Q 18 17.90 -90.81 -5.80
N GLY Q 19 18.92 -90.05 -5.40
CA GLY Q 19 19.94 -90.54 -4.51
C GLY Q 19 19.50 -90.49 -3.05
N SER Q 20 20.40 -90.95 -2.19
CA SER Q 20 20.17 -90.99 -0.75
C SER Q 20 21.27 -90.20 -0.05
N LEU Q 21 20.87 -89.39 0.94
CA LEU Q 21 21.80 -88.58 1.70
C LEU Q 21 21.48 -88.73 3.19
N ARG Q 22 22.53 -88.66 4.01
CA ARG Q 22 22.42 -88.76 5.46
C ARG Q 22 23.12 -87.57 6.09
N LEU Q 23 22.36 -86.64 6.65
CA LEU Q 23 22.91 -85.46 7.30
C LEU Q 23 22.83 -85.63 8.81
N SER Q 24 23.93 -85.31 9.49
CA SER Q 24 24.05 -85.50 10.92
C SER Q 24 24.19 -84.16 11.62
N CYS Q 25 23.61 -84.06 12.82
CA CYS Q 25 23.74 -82.88 13.67
C CYS Q 25 24.01 -83.34 15.08
N ALA Q 26 25.17 -82.95 15.61
CA ALA Q 26 25.60 -83.35 16.95
C ALA Q 26 25.47 -82.15 17.90
N ALA Q 27 24.89 -82.40 19.06
CA ALA Q 27 24.67 -81.37 20.06
C ALA Q 27 25.68 -81.52 21.20
N SER Q 28 26.33 -80.42 21.56
CA SER Q 28 27.30 -80.39 22.64
C SER Q 28 26.87 -79.34 23.66
N GLY Q 29 26.72 -79.75 24.91
CA GLY Q 29 26.33 -78.84 25.96
C GLY Q 29 25.17 -79.32 26.80
N ASN Q 30 24.34 -78.39 27.28
CA ASN Q 30 23.20 -78.70 28.12
C ASN Q 30 22.04 -79.12 27.23
N ILE Q 31 21.97 -80.42 26.92
CA ILE Q 31 20.88 -80.96 26.11
C ILE Q 31 19.72 -81.46 26.95
N ARG Q 32 19.82 -81.36 28.28
CA ARG Q 32 18.74 -81.86 29.14
C ARG Q 32 17.45 -81.08 28.92
N ASN Q 33 17.53 -79.75 28.81
CA ASN Q 33 16.34 -78.92 28.72
C ASN Q 33 15.79 -78.81 27.30
N ILE Q 34 16.53 -79.26 26.28
CA ILE Q 34 16.07 -79.16 24.92
C ILE Q 34 14.92 -80.12 24.68
N SER Q 35 13.84 -79.62 24.10
CA SER Q 35 12.67 -80.43 23.80
C SER Q 35 12.25 -80.31 22.34
N TYR Q 36 12.98 -79.56 21.55
CA TYR Q 36 12.60 -79.21 20.20
C TYR Q 36 13.76 -79.52 19.30
N LEU Q 37 13.68 -80.60 18.54
CA LEU Q 37 14.77 -80.92 17.64
C LEU Q 37 14.16 -81.09 16.26
N GLY Q 38 14.73 -80.39 15.29
CA GLY Q 38 14.19 -80.39 13.94
C GLY Q 38 15.21 -79.84 12.97
N TRP Q 39 14.83 -79.86 11.70
CA TRP Q 39 15.64 -79.32 10.63
C TRP Q 39 14.83 -78.34 9.81
N PHE Q 40 15.54 -77.36 9.25
CA PHE Q 40 14.96 -76.33 8.41
C PHE Q 40 15.74 -76.21 7.11
N ARG Q 41 15.04 -75.80 6.05
CA ARG Q 41 15.66 -75.54 4.75
C ARG Q 41 15.24 -74.18 4.26
N GLN Q 42 16.21 -73.39 3.78
CA GLN Q 42 15.95 -72.10 3.18
C GLN Q 42 16.69 -71.99 1.85
N ALA Q 43 16.06 -71.36 0.87
CA ALA Q 43 16.62 -71.19 -0.45
C ALA Q 43 16.65 -69.71 -0.82
N PRO Q 44 17.57 -69.29 -1.68
CA PRO Q 44 17.59 -67.88 -2.11
C PRO Q 44 16.29 -67.49 -2.81
N GLY Q 45 15.85 -66.27 -2.55
CA GLY Q 45 14.60 -65.80 -3.10
C GLY Q 45 13.36 -66.26 -2.37
N LYS Q 46 13.50 -66.91 -1.23
CA LYS Q 46 12.36 -67.39 -0.46
C LYS Q 46 12.77 -67.55 0.99
N GLU Q 47 11.77 -67.69 1.86
CA GLU Q 47 11.99 -67.78 3.30
C GLU Q 47 12.41 -69.20 3.68
N ARG Q 48 12.41 -69.49 4.98
CA ARG Q 48 12.88 -70.74 5.53
C ARG Q 48 11.71 -71.56 6.05
N GLU Q 49 11.69 -72.85 5.68
CA GLU Q 49 10.63 -73.76 6.10
C GLU Q 49 11.24 -75.00 6.73
N GLY Q 50 10.42 -75.71 7.52
CA GLY Q 50 10.87 -76.87 8.26
C GLY Q 50 10.47 -78.17 7.60
N VAL Q 51 11.47 -79.01 7.34
CA VAL Q 51 11.21 -80.33 6.78
C VAL Q 51 10.62 -81.26 7.83
N ALA Q 52 11.21 -81.27 9.03
CA ALA Q 52 10.74 -82.18 10.08
C ALA Q 52 11.21 -81.72 11.44
N ALA Q 53 10.56 -82.25 12.47
CA ALA Q 53 10.92 -82.03 13.87
C ALA Q 53 10.31 -83.14 14.70
N LEU Q 54 10.77 -83.28 15.94
CA LEU Q 54 10.43 -84.41 16.81
C LEU Q 54 10.24 -83.93 18.25
N TRP Q 55 9.59 -84.73 19.09
CA TRP Q 55 9.36 -84.29 20.45
C TRP Q 55 10.07 -85.27 21.37
N THR Q 56 11.08 -84.79 22.10
CA THR Q 56 11.71 -85.59 23.13
C THR Q 56 10.81 -85.77 24.34
N THR Q 57 10.03 -84.73 24.67
CA THR Q 57 9.15 -84.81 25.83
C THR Q 57 7.94 -85.71 25.56
N GLN Q 58 7.29 -85.57 24.40
CA GLN Q 58 6.08 -86.31 24.11
C GLN Q 58 6.26 -87.51 23.18
N GLY Q 59 7.21 -87.45 22.26
CA GLY Q 59 7.52 -88.57 21.38
C GLY Q 59 7.05 -88.41 19.94
N GLN Q 60 6.01 -87.63 19.69
CA GLN Q 60 5.45 -87.52 18.34
C GLN Q 60 6.37 -86.71 17.43
N THR Q 61 6.01 -86.67 16.15
CA THR Q 61 6.84 -86.08 15.11
C THR Q 61 5.97 -85.47 14.03
N TYR Q 62 6.52 -84.47 13.32
CA TYR Q 62 5.87 -83.80 12.20
C TYR Q 62 6.78 -83.86 10.99
N TYR Q 63 6.20 -84.11 9.83
CA TYR Q 63 6.90 -83.96 8.57
C TYR Q 63 6.12 -82.98 7.72
N ALA Q 64 6.84 -82.21 6.90
CA ALA Q 64 6.14 -81.33 5.98
C ALA Q 64 5.45 -82.15 4.90
N ASP Q 65 4.58 -81.49 4.13
CA ASP Q 65 3.84 -82.19 3.09
C ASP Q 65 4.80 -82.76 2.04
N SER Q 66 5.81 -81.99 1.66
CA SER Q 66 6.80 -82.47 0.71
C SER Q 66 7.75 -83.51 1.31
N VAL Q 67 7.70 -83.74 2.61
CA VAL Q 67 8.59 -84.68 3.27
C VAL Q 67 7.91 -86.02 3.54
N LYS Q 68 6.58 -86.07 3.62
CA LYS Q 68 5.88 -87.30 3.91
C LYS Q 68 6.12 -88.34 2.81
N GLY Q 69 6.66 -89.49 3.19
CA GLY Q 69 6.92 -90.56 2.27
C GLY Q 69 8.20 -90.43 1.46
N ARG Q 70 8.95 -89.36 1.65
CA ARG Q 70 10.18 -89.13 0.91
C ARG Q 70 11.41 -89.06 1.81
N PHE Q 71 11.36 -88.30 2.89
CA PHE Q 71 12.50 -88.11 3.77
C PHE Q 71 12.10 -88.38 5.21
N THR Q 72 13.07 -88.84 6.01
CA THR Q 72 12.84 -89.22 7.39
C THR Q 72 13.91 -88.60 8.27
N VAL Q 73 13.58 -88.47 9.56
CA VAL Q 73 14.50 -87.95 10.55
C VAL Q 73 14.42 -88.84 11.79
N SER Q 74 15.59 -89.22 12.33
CA SER Q 74 15.66 -90.05 13.51
C SER Q 74 16.58 -89.39 14.54
N LEU Q 75 16.37 -89.75 15.81
CA LEU Q 75 17.16 -89.22 16.92
C LEU Q 75 17.86 -90.35 17.63
N ASP Q 76 19.16 -90.15 17.90
CA ASP Q 76 19.95 -91.10 18.68
C ASP Q 76 20.10 -90.52 20.09
N ASN Q 77 19.32 -91.06 21.02
CA ASN Q 77 19.37 -90.56 22.40
C ASN Q 77 20.72 -90.84 23.04
N ALA Q 78 21.29 -92.01 22.79
CA ALA Q 78 22.60 -92.34 23.34
C ALA Q 78 23.67 -91.39 22.81
N LYS Q 79 23.63 -91.10 21.51
CA LYS Q 79 24.56 -90.15 20.91
C LYS Q 79 24.11 -88.71 21.06
N ASN Q 80 22.86 -88.46 21.45
CA ASN Q 80 22.29 -87.12 21.54
C ASN Q 80 22.46 -86.38 20.21
N THR Q 81 22.22 -87.08 19.11
CA THR Q 81 22.40 -86.54 17.78
C THR Q 81 21.12 -86.70 16.97
N VAL Q 82 21.04 -85.93 15.88
CA VAL Q 82 19.90 -85.97 14.97
C VAL Q 82 20.40 -86.38 13.60
N TYR Q 83 19.79 -87.43 13.04
CA TYR Q 83 20.10 -87.90 11.70
C TYR Q 83 18.87 -87.75 10.82
N LEU Q 84 19.09 -87.28 9.59
CA LEU Q 84 18.04 -87.17 8.59
C LEU Q 84 18.45 -87.91 7.33
N GLN Q 85 17.50 -88.61 6.72
CA GLN Q 85 17.74 -89.38 5.51
C GLN Q 85 16.91 -88.77 4.38
N MET Q 86 17.60 -88.18 3.41
CA MET Q 86 16.97 -87.66 2.20
C MET Q 86 16.90 -88.77 1.16
N ASN Q 87 15.70 -89.24 0.86
CA ASN Q 87 15.49 -90.27 -0.14
C ASN Q 87 14.64 -89.73 -1.27
N SER Q 88 14.90 -90.22 -2.48
CA SER Q 88 14.27 -89.73 -3.71
C SER Q 88 14.50 -88.22 -3.86
N LEU Q 89 15.78 -87.86 -3.99
CA LEU Q 89 16.16 -86.46 -4.09
C LEU Q 89 15.60 -85.83 -5.36
N LYS Q 90 15.28 -84.55 -5.27
CA LYS Q 90 14.73 -83.76 -6.35
C LYS Q 90 15.50 -82.46 -6.48
N PRO Q 91 15.47 -81.82 -7.65
CA PRO Q 91 16.15 -80.52 -7.79
C PRO Q 91 15.59 -79.44 -6.90
N GLU Q 92 14.37 -79.60 -6.38
CA GLU Q 92 13.78 -78.64 -5.47
C GLU Q 92 14.46 -78.61 -4.11
N ASP Q 93 15.33 -79.58 -3.82
CA ASP Q 93 15.97 -79.70 -2.52
C ASP Q 93 17.28 -78.92 -2.43
N THR Q 94 17.64 -78.15 -3.45
CA THR Q 94 18.86 -77.33 -3.42
C THR Q 94 18.63 -76.15 -2.49
N ALA Q 95 19.05 -76.29 -1.23
CA ALA Q 95 18.82 -75.24 -0.25
C ALA Q 95 19.81 -75.40 0.90
N LEU Q 96 19.95 -74.33 1.67
CA LEU Q 96 20.74 -74.36 2.90
C LEU Q 96 19.95 -75.05 3.99
N TYR Q 97 20.58 -76.02 4.66
CA TYR Q 97 19.91 -76.82 5.69
C TYR Q 97 20.51 -76.53 7.06
N TYR Q 98 19.64 -76.39 8.06
CA TYR Q 98 20.04 -76.10 9.43
C TYR Q 98 19.30 -77.02 10.39
N CYS Q 99 19.97 -77.37 11.49
CA CYS Q 99 19.37 -78.12 12.59
C CYS Q 99 19.21 -77.18 13.78
N ALA Q 100 18.02 -77.18 14.37
CA ALA Q 100 17.66 -76.21 15.40
C ALA Q 100 17.16 -76.92 16.66
N ALA Q 101 17.47 -76.35 17.82
CA ALA Q 101 17.07 -76.88 19.11
C ALA Q 101 16.45 -75.77 19.94
N ALA Q 102 15.32 -76.08 20.59
CA ALA Q 102 14.64 -75.12 21.44
C ALA Q 102 14.23 -75.78 22.74
N THR Q 103 14.33 -75.01 23.82
CA THR Q 103 14.06 -75.49 25.19
C THR Q 103 12.71 -74.99 25.71
N SER Q 104 11.66 -75.71 25.29
CA SER Q 104 10.29 -75.37 25.68
C SER Q 104 9.90 -73.98 25.22
N GLY Q 105 9.58 -73.13 26.19
CA GLY Q 105 9.08 -71.79 25.97
C GLY Q 105 7.93 -71.52 26.92
N GLN Q 106 8.12 -70.60 27.85
CA GLN Q 106 7.11 -70.31 28.87
C GLN Q 106 6.50 -68.95 28.59
N TYR Q 107 5.16 -68.91 28.58
CA TYR Q 107 4.42 -67.71 28.16
C TYR Q 107 3.89 -67.02 29.40
N ASN Q 108 4.50 -65.90 29.76
CA ASN Q 108 3.72 -65.18 30.74
C ASN Q 108 2.87 -64.13 30.04
N PRO Q 109 1.62 -63.94 30.48
CA PRO Q 109 0.71 -63.07 29.73
C PRO Q 109 1.18 -61.64 29.60
N LEU Q 110 1.92 -61.13 30.58
CA LEU Q 110 2.32 -59.73 30.55
C LEU Q 110 3.45 -59.46 29.56
N ARG Q 111 4.39 -60.39 29.43
CA ARG Q 111 5.60 -60.17 28.64
C ARG Q 111 5.63 -60.95 27.33
N GLY Q 112 5.28 -62.23 27.34
CA GLY Q 112 5.24 -63.02 26.13
C GLY Q 112 6.00 -64.32 26.30
N TYR Q 113 6.37 -64.92 25.18
CA TYR Q 113 7.09 -66.19 25.18
C TYR Q 113 8.59 -65.96 25.38
N HIS Q 114 9.19 -66.79 26.23
CA HIS Q 114 10.63 -66.78 26.43
C HIS Q 114 11.16 -68.21 26.39
N TYR Q 115 12.28 -68.40 25.71
CA TYR Q 115 12.87 -69.71 25.49
C TYR Q 115 14.30 -69.49 25.01
N ASN Q 116 14.97 -70.58 24.62
CA ASN Q 116 16.30 -70.51 24.03
C ASN Q 116 16.29 -71.26 22.71
N GLU Q 117 17.02 -70.73 21.73
CA GLU Q 117 17.05 -71.32 20.40
C GLU Q 117 18.49 -71.40 19.91
N TYR Q 118 18.78 -72.42 19.11
CA TYR Q 118 20.12 -72.65 18.60
C TYR Q 118 20.05 -73.01 17.12
N TRP Q 119 21.15 -72.78 16.42
CA TRP Q 119 21.19 -72.96 14.97
C TRP Q 119 22.57 -73.44 14.53
N GLY Q 120 22.61 -74.01 13.33
CA GLY Q 120 23.85 -74.46 12.72
C GLY Q 120 23.79 -74.43 11.21
N GLN Q 121 24.82 -73.86 10.57
CA GLN Q 121 24.79 -73.61 9.14
C GLN Q 121 25.27 -74.81 8.35
N GLY Q 122 24.45 -75.24 7.38
CA GLY Q 122 24.80 -76.32 6.49
C GLY Q 122 24.16 -76.12 5.14
N THR Q 123 24.59 -76.93 4.17
CA THR Q 123 24.12 -76.81 2.80
C THR Q 123 23.82 -78.19 2.22
N GLN Q 124 22.94 -78.21 1.23
CA GLN Q 124 22.61 -79.45 0.51
C GLN Q 124 22.07 -79.05 -0.85
N VAL Q 125 22.86 -79.26 -1.90
CA VAL Q 125 22.50 -78.90 -3.27
C VAL Q 125 22.56 -80.14 -4.14
N THR Q 126 21.51 -80.39 -4.90
CA THR Q 126 21.44 -81.52 -5.83
C THR Q 126 21.72 -81.02 -7.24
N VAL Q 127 22.67 -81.67 -7.92
CA VAL Q 127 23.05 -81.24 -9.25
C VAL Q 127 21.90 -81.41 -10.23
N SER Q 128 21.27 -82.58 -10.22
CA SER Q 128 20.17 -82.88 -11.12
C SER Q 128 19.34 -84.06 -10.63
N GLN R 4 60.59 -44.62 27.67
CA GLN R 4 61.51 -45.29 28.58
C GLN R 4 61.87 -46.68 28.08
N VAL R 5 60.91 -47.32 27.40
CA VAL R 5 61.08 -48.67 26.89
C VAL R 5 61.01 -48.62 25.37
N GLN R 6 62.02 -49.21 24.71
CA GLN R 6 62.08 -49.26 23.26
C GLN R 6 62.15 -50.71 22.81
N LEU R 7 61.48 -51.00 21.69
CA LEU R 7 61.44 -52.33 21.11
C LEU R 7 62.12 -52.29 19.76
N VAL R 8 63.12 -53.16 19.57
CA VAL R 8 63.85 -53.26 18.32
C VAL R 8 63.48 -54.58 17.66
N GLU R 9 62.90 -54.51 16.47
CA GLU R 9 62.40 -55.67 15.75
C GLU R 9 63.24 -55.91 14.50
N SER R 10 63.49 -57.18 14.20
CA SER R 10 64.33 -57.54 13.07
C SER R 10 63.94 -58.93 12.58
N GLY R 11 64.40 -59.26 11.38
CA GLY R 11 64.14 -60.55 10.76
C GLY R 11 63.26 -60.51 9.54
N GLY R 12 62.76 -59.34 9.14
CA GLY R 12 61.90 -59.27 7.98
C GLY R 12 62.62 -59.62 6.70
N GLY R 13 61.86 -60.16 5.75
CA GLY R 13 62.42 -60.57 4.48
C GLY R 13 61.37 -61.20 3.61
N SER R 14 61.81 -61.66 2.44
CA SER R 14 60.94 -62.30 1.46
C SER R 14 61.24 -63.79 1.40
N VAL R 15 60.25 -64.60 1.77
CA VAL R 15 60.37 -66.05 1.74
C VAL R 15 59.14 -66.62 1.06
N GLN R 16 59.34 -67.61 0.18
CA GLN R 16 58.25 -68.23 -0.54
C GLN R 16 57.37 -69.03 0.41
N ALA R 17 56.29 -69.59 -0.13
CA ALA R 17 55.35 -70.37 0.66
C ALA R 17 56.02 -71.64 1.19
N GLY R 18 55.65 -72.03 2.40
CA GLY R 18 56.19 -73.21 3.03
C GLY R 18 57.52 -73.01 3.71
N GLY R 19 58.09 -71.81 3.68
CA GLY R 19 59.36 -71.53 4.31
C GLY R 19 59.21 -71.28 5.80
N SER R 20 60.36 -71.05 6.43
CA SER R 20 60.43 -70.78 7.85
C SER R 20 61.11 -69.44 8.09
N LEU R 21 60.55 -68.64 9.00
CA LEU R 21 61.08 -67.34 9.34
C LEU R 21 61.13 -67.18 10.85
N ARG R 22 62.14 -66.44 11.31
CA ARG R 22 62.34 -66.18 12.73
C ARG R 22 62.48 -64.67 12.92
N LEU R 23 61.47 -64.05 13.52
CA LEU R 23 61.47 -62.62 13.79
C LEU R 23 61.75 -62.38 15.27
N SER R 24 62.65 -61.43 15.55
CA SER R 24 63.10 -61.15 16.89
C SER R 24 62.70 -59.74 17.30
N CYS R 25 62.35 -59.59 18.58
CA CYS R 25 62.03 -58.28 19.15
C CYS R 25 62.75 -58.16 20.48
N ALA R 26 63.63 -57.18 20.60
CA ALA R 26 64.43 -56.96 21.80
C ALA R 26 63.90 -55.73 22.54
N ALA R 27 63.72 -55.87 23.85
CA ALA R 27 63.21 -54.80 24.69
C ALA R 27 64.34 -54.18 25.49
N SER R 28 64.42 -52.85 25.47
CA SER R 28 65.43 -52.10 26.22
C SER R 28 64.73 -51.11 27.13
N GLY R 29 65.02 -51.17 28.42
CA GLY R 29 64.42 -50.27 29.38
C GLY R 29 63.81 -50.96 30.58
N ASN R 30 62.73 -50.39 31.11
CA ASN R 30 62.06 -50.93 32.29
C ASN R 30 61.12 -52.04 31.85
N ILE R 31 61.64 -53.27 31.79
CA ILE R 31 60.83 -54.43 31.41
C ILE R 31 60.23 -55.12 32.62
N ARG R 32 60.49 -54.62 33.84
CA ARG R 32 59.97 -55.27 35.04
C ARG R 32 58.45 -55.23 35.07
N ASN R 33 57.85 -54.09 34.73
CA ASN R 33 56.41 -53.91 34.85
C ASN R 33 55.64 -54.46 33.65
N ILE R 34 56.31 -54.80 32.56
CA ILE R 34 55.63 -55.30 31.37
C ILE R 34 55.08 -56.70 31.63
N SER R 35 53.81 -56.88 31.31
CA SER R 35 53.15 -58.17 31.49
C SER R 35 52.48 -58.65 30.22
N TYR R 36 52.61 -57.90 29.14
CA TYR R 36 51.86 -58.16 27.92
C TYR R 36 52.84 -58.16 26.78
N LEU R 37 53.17 -59.33 26.26
CA LEU R 37 54.10 -59.39 25.15
C LEU R 37 53.42 -60.18 24.05
N GLY R 38 53.40 -59.61 22.85
CA GLY R 38 52.71 -60.22 21.74
C GLY R 38 53.14 -59.56 20.44
N TRP R 39 52.61 -60.10 19.35
CA TRP R 39 52.85 -59.59 18.03
C TRP R 39 51.53 -59.32 17.33
N PHE R 40 51.56 -58.34 16.43
CA PHE R 40 50.41 -57.92 15.63
C PHE R 40 50.80 -57.86 14.17
N ARG R 41 49.81 -58.10 13.30
CA ARG R 41 49.99 -57.97 11.85
C ARG R 41 48.87 -57.11 11.30
N GLN R 42 49.24 -56.15 10.44
CA GLN R 42 48.27 -55.32 9.73
C GLN R 42 48.63 -55.29 8.26
N ALA R 43 47.60 -55.28 7.41
CA ALA R 43 47.76 -55.26 5.97
C ALA R 43 47.00 -54.08 5.37
N PRO R 44 47.44 -53.56 4.22
CA PRO R 44 46.69 -52.47 3.58
C PRO R 44 45.27 -52.89 3.23
N GLY R 45 44.33 -51.97 3.40
CA GLY R 45 42.94 -52.25 3.17
C GLY R 45 42.22 -52.99 4.29
N LYS R 46 42.88 -53.16 5.44
CA LYS R 46 42.27 -53.86 6.56
C LYS R 46 42.95 -53.41 7.84
N GLU R 47 42.32 -53.73 8.97
CA GLU R 47 42.80 -53.31 10.28
C GLU R 47 43.91 -54.24 10.75
N ARG R 48 44.28 -54.12 12.03
CA ARG R 48 45.40 -54.84 12.62
C ARG R 48 44.89 -55.91 13.57
N GLU R 49 45.43 -57.12 13.44
CA GLU R 49 45.05 -58.25 14.28
C GLU R 49 46.29 -58.88 14.90
N GLY R 50 46.07 -59.61 15.99
CA GLY R 50 47.14 -60.20 16.76
C GLY R 50 47.34 -61.68 16.45
N VAL R 51 48.56 -62.03 16.06
CA VAL R 51 48.89 -63.44 15.82
C VAL R 51 49.01 -64.19 17.13
N ALA R 52 49.74 -63.62 18.09
CA ALA R 52 49.95 -64.31 19.36
C ALA R 52 50.38 -63.32 20.45
N ALA R 53 50.26 -63.79 21.69
CA ALA R 53 50.69 -63.05 22.87
C ALA R 53 50.87 -64.04 24.01
N LEU R 54 51.55 -63.61 25.07
CA LEU R 54 51.96 -64.48 26.18
C LEU R 54 51.81 -63.76 27.51
N TRP R 55 51.79 -64.50 28.61
CA TRP R 55 51.63 -63.85 29.90
C TRP R 55 52.88 -64.12 30.71
N THR R 56 53.62 -63.06 31.04
CA THR R 56 54.74 -63.20 31.96
C THR R 56 54.26 -63.40 33.40
N THR R 57 53.15 -62.75 33.76
CA THR R 57 52.64 -62.88 35.12
C THR R 57 52.01 -64.25 35.36
N GLN R 58 51.18 -64.74 34.43
CA GLN R 58 50.45 -65.99 34.62
C GLN R 58 51.03 -67.19 33.88
N GLY R 59 51.65 -66.99 32.72
CA GLY R 59 52.31 -68.04 31.99
C GLY R 59 51.58 -68.52 30.74
N GLN R 60 50.26 -68.37 30.68
CA GLN R 60 49.50 -68.89 29.55
C GLN R 60 49.72 -68.05 28.29
N THR R 61 49.17 -68.54 27.17
CA THR R 61 49.42 -67.94 25.87
C THR R 61 48.18 -68.10 24.99
N TYR R 62 48.03 -67.21 24.01
CA TYR R 62 46.96 -67.23 23.03
C TYR R 62 47.55 -67.21 21.64
N TYR R 63 46.98 -68.00 20.74
CA TYR R 63 47.29 -67.93 19.32
C TYR R 63 45.99 -67.66 18.58
N ALA R 64 46.08 -66.92 17.48
CA ALA R 64 44.90 -66.71 16.67
C ALA R 64 44.52 -68.02 15.97
N ASP R 65 43.32 -68.04 15.40
CA ASP R 65 42.84 -69.26 14.74
C ASP R 65 43.76 -69.62 13.57
N SER R 66 44.18 -68.63 12.79
CA SER R 66 45.10 -68.87 11.68
C SER R 66 46.52 -69.18 12.14
N VAL R 67 46.81 -69.04 13.43
CA VAL R 67 48.16 -69.28 13.94
C VAL R 67 48.28 -70.65 14.62
N LYS R 68 47.18 -71.24 15.08
CA LYS R 68 47.23 -72.53 15.75
C LYS R 68 47.74 -73.61 14.82
N GLY R 69 48.84 -74.26 15.21
CA GLY R 69 49.43 -75.32 14.43
C GLY R 69 50.31 -74.88 13.28
N ARG R 70 50.46 -73.58 13.07
CA ARG R 70 51.28 -73.06 11.98
C ARG R 70 52.45 -72.22 12.47
N PHE R 71 52.22 -71.29 13.39
CA PHE R 71 53.26 -70.39 13.86
C PHE R 71 53.30 -70.40 15.38
N THR R 72 54.49 -70.15 15.92
CA THR R 72 54.73 -70.19 17.36
C THR R 72 55.49 -68.94 17.79
N VAL R 73 55.36 -68.61 19.07
CA VAL R 73 56.08 -67.49 19.67
C VAL R 73 56.67 -67.95 21.00
N SER R 74 57.93 -67.62 21.25
CA SER R 74 58.62 -67.96 22.47
C SER R 74 59.26 -66.72 23.08
N LEU R 75 59.47 -66.76 24.39
CA LEU R 75 60.08 -65.66 25.13
C LEU R 75 61.37 -66.14 25.78
N ASP R 76 62.42 -65.33 25.64
CA ASP R 76 63.70 -65.57 26.30
C ASP R 76 63.79 -64.63 27.49
N ASN R 77 63.54 -65.16 28.69
CA ASN R 77 63.58 -64.33 29.89
C ASN R 77 64.99 -63.80 30.15
N ALA R 78 66.01 -64.64 29.95
CA ALA R 78 67.38 -64.19 30.15
C ALA R 78 67.74 -63.07 29.19
N LYS R 79 67.33 -63.20 27.92
CA LYS R 79 67.56 -62.15 26.94
C LYS R 79 66.50 -61.06 26.97
N ASN R 80 65.38 -61.29 27.66
CA ASN R 80 64.25 -60.35 27.69
C ASN R 80 63.79 -60.01 26.27
N THR R 81 63.74 -61.03 25.41
CA THR R 81 63.41 -60.86 24.00
C THR R 81 62.24 -61.76 23.64
N VAL R 82 61.61 -61.45 22.51
CA VAL R 82 60.49 -62.23 21.99
C VAL R 82 60.87 -62.75 20.61
N TYR R 83 60.78 -64.06 20.43
CA TYR R 83 61.04 -64.70 19.15
C TYR R 83 59.76 -65.36 18.63
N LEU R 84 59.51 -65.20 17.34
CA LEU R 84 58.37 -65.83 16.68
C LEU R 84 58.88 -66.64 15.49
N GLN R 85 58.29 -67.82 15.30
CA GLN R 85 58.66 -68.71 14.21
C GLN R 85 57.46 -68.87 13.28
N MET R 86 57.59 -68.33 12.07
CA MET R 86 56.59 -68.49 11.03
C MET R 86 56.89 -69.77 10.25
N ASN R 87 56.03 -70.77 10.38
CA ASN R 87 56.19 -72.03 9.66
C ASN R 87 54.99 -72.25 8.75
N SER R 88 55.25 -72.88 7.61
CA SER R 88 54.26 -73.07 6.55
C SER R 88 53.69 -71.72 6.10
N LEU R 89 54.58 -70.90 5.56
CA LEU R 89 54.21 -69.56 5.12
C LEU R 89 53.20 -69.62 3.98
N LYS R 90 52.32 -68.63 3.95
CA LYS R 90 51.26 -68.50 2.96
C LYS R 90 51.27 -67.08 2.40
N PRO R 91 50.73 -66.88 1.21
CA PRO R 91 50.64 -65.51 0.66
C PRO R 91 49.79 -64.57 1.50
N GLU R 92 48.92 -65.10 2.36
CA GLU R 92 48.11 -64.27 3.23
C GLU R 92 48.92 -63.58 4.32
N ASP R 93 50.18 -63.95 4.50
CA ASP R 93 51.02 -63.41 5.57
C ASP R 93 51.76 -62.14 5.16
N THR R 94 51.51 -61.62 3.97
CA THR R 94 52.16 -60.39 3.52
C THR R 94 51.55 -59.21 4.27
N ALA R 95 52.20 -58.80 5.35
CA ALA R 95 51.67 -57.73 6.18
C ALA R 95 52.79 -57.11 7.01
N LEU R 96 52.52 -55.92 7.53
CA LEU R 96 53.43 -55.27 8.46
C LEU R 96 53.28 -55.90 9.84
N TYR R 97 54.40 -56.27 10.45
CA TYR R 97 54.41 -56.95 11.74
C TYR R 97 55.02 -56.07 12.82
N TYR R 98 54.38 -56.06 13.98
CA TYR R 98 54.81 -55.25 15.11
C TYR R 98 54.81 -56.10 16.38
N CYS R 99 55.74 -55.80 17.29
CA CYS R 99 55.78 -56.39 18.62
C CYS R 99 55.40 -55.32 19.64
N ALA R 100 54.47 -55.67 20.53
CA ALA R 100 53.88 -54.72 21.46
C ALA R 100 54.02 -55.20 22.90
N ALA R 101 54.22 -54.25 23.81
CA ALA R 101 54.36 -54.52 25.23
C ALA R 101 53.43 -53.61 26.02
N ALA R 102 52.71 -54.18 27.00
CA ALA R 102 51.82 -53.41 27.84
C ALA R 102 52.02 -53.80 29.31
N THR R 103 51.92 -52.80 30.18
CA THR R 103 52.17 -52.93 31.61
C THR R 103 50.87 -52.96 32.41
N SER R 104 50.23 -54.14 32.43
CA SER R 104 48.98 -54.35 33.13
C SER R 104 47.87 -53.45 32.59
N GLY R 105 47.37 -52.59 33.46
CA GLY R 105 46.23 -51.72 33.18
C GLY R 105 45.29 -51.73 34.36
N GLN R 106 45.16 -50.59 35.03
CA GLN R 106 44.34 -50.49 36.24
C GLN R 106 43.09 -49.68 35.94
N TYR R 107 41.93 -50.22 36.30
CA TYR R 107 40.65 -49.64 35.92
C TYR R 107 40.07 -48.93 37.14
N ASN R 108 40.11 -47.60 37.12
CA ASN R 108 39.25 -47.05 38.15
C ASN R 108 37.89 -46.71 37.56
N PRO R 109 36.81 -46.98 38.30
CA PRO R 109 35.47 -46.84 37.72
C PRO R 109 35.16 -45.43 37.22
N LEU R 110 35.71 -44.40 37.85
CA LEU R 110 35.36 -43.04 37.49
C LEU R 110 36.03 -42.60 36.19
N ARG R 111 37.26 -43.02 35.95
CA ARG R 111 38.04 -42.52 34.81
C ARG R 111 38.22 -43.54 33.70
N GLY R 112 38.55 -44.79 34.01
CA GLY R 112 38.70 -45.82 33.01
C GLY R 112 40.01 -46.56 33.17
N TYR R 113 40.43 -47.22 32.09
CA TYR R 113 41.66 -48.00 32.10
C TYR R 113 42.86 -47.09 31.83
N HIS R 114 43.93 -47.31 32.58
CA HIS R 114 45.20 -46.63 32.36
C HIS R 114 46.33 -47.63 32.40
N TYR R 115 47.26 -47.49 31.47
CA TYR R 115 48.38 -48.42 31.31
C TYR R 115 49.41 -47.75 30.41
N ASN R 116 50.43 -48.50 30.02
CA ASN R 116 51.44 -48.02 29.07
C ASN R 116 51.57 -49.04 27.95
N GLU R 117 51.76 -48.54 26.73
CA GLU R 117 51.84 -49.40 25.56
C GLU R 117 53.02 -48.98 24.70
N TYR R 118 53.64 -49.96 24.03
CA TYR R 118 54.81 -49.71 23.20
C TYR R 118 54.65 -50.46 21.88
N TRP R 119 55.37 -49.98 20.86
CA TRP R 119 55.23 -50.53 19.52
C TRP R 119 56.56 -50.46 18.79
N GLY R 120 56.68 -51.27 17.73
CA GLY R 120 57.85 -51.28 16.88
C GLY R 120 57.52 -51.69 15.46
N GLN R 121 58.01 -50.95 14.47
CA GLN R 121 57.60 -51.13 13.08
C GLN R 121 58.47 -52.18 12.39
N GLY R 122 57.80 -53.17 11.78
CA GLY R 122 58.48 -54.19 11.01
C GLY R 122 57.60 -54.67 9.88
N THR R 123 58.19 -55.45 8.98
CA THR R 123 57.49 -55.93 7.80
C THR R 123 57.82 -57.40 7.56
N GLN R 124 56.88 -58.08 6.89
CA GLN R 124 57.09 -59.47 6.49
C GLN R 124 56.19 -59.76 5.29
N VAL R 125 56.79 -59.88 4.12
CA VAL R 125 56.06 -60.10 2.87
C VAL R 125 56.58 -61.38 2.23
N THR R 126 55.67 -62.27 1.85
CA THR R 126 56.00 -63.51 1.17
C THR R 126 55.75 -63.36 -0.32
N VAL R 127 56.76 -63.69 -1.12
CA VAL R 127 56.64 -63.53 -2.57
C VAL R 127 55.57 -64.46 -3.13
N SER R 128 55.61 -65.73 -2.75
CA SER R 128 54.65 -66.71 -3.24
C SER R 128 54.61 -67.94 -2.35
N GLN S 4 77.99 -5.98 16.64
CA GLN S 4 79.26 -5.95 17.34
C GLN S 4 80.13 -7.14 16.95
N VAL S 5 79.48 -8.26 16.65
CA VAL S 5 80.17 -9.50 16.31
C VAL S 5 79.81 -9.86 14.87
N GLN S 6 80.83 -10.10 14.06
CA GLN S 6 80.65 -10.48 12.66
C GLN S 6 81.30 -11.84 12.41
N LEU S 7 80.65 -12.64 11.56
CA LEU S 7 81.14 -13.96 11.21
C LEU S 7 81.45 -13.98 9.72
N VAL S 8 82.69 -14.35 9.39
CA VAL S 8 83.14 -14.44 8.01
C VAL S 8 83.32 -15.92 7.67
N GLU S 9 82.57 -16.38 6.68
CA GLU S 9 82.56 -17.79 6.29
C GLU S 9 83.16 -17.95 4.90
N SER S 10 83.92 -19.02 4.72
CA SER S 10 84.61 -19.27 3.46
C SER S 10 84.83 -20.76 3.29
N GLY S 11 85.17 -21.15 2.05
CA GLY S 11 85.43 -22.54 1.73
C GLY S 11 84.42 -23.18 0.80
N GLY S 12 83.37 -22.47 0.40
CA GLY S 12 82.38 -23.05 -0.48
C GLY S 12 82.94 -23.37 -1.85
N GLY S 13 82.36 -24.40 -2.47
CA GLY S 13 82.81 -24.82 -3.78
C GLY S 13 82.03 -26.04 -4.24
N SER S 14 82.42 -26.55 -5.40
CA SER S 14 81.78 -27.70 -6.02
C SER S 14 82.73 -28.89 -5.94
N VAL S 15 82.33 -29.93 -5.22
CA VAL S 15 83.11 -31.15 -5.09
C VAL S 15 82.18 -32.34 -5.32
N GLN S 16 82.66 -33.33 -6.07
CA GLN S 16 81.87 -34.51 -6.38
C GLN S 16 81.66 -35.35 -5.12
N ALA S 17 80.89 -36.42 -5.27
CA ALA S 17 80.61 -37.30 -4.13
C ALA S 17 81.87 -38.00 -3.66
N GLY S 18 81.95 -38.21 -2.34
CA GLY S 18 83.09 -38.84 -1.73
C GLY S 18 84.28 -37.93 -1.48
N GLY S 19 84.19 -36.65 -1.84
CA GLY S 19 85.28 -35.73 -1.61
C GLY S 19 85.32 -35.20 -0.20
N SER S 20 86.31 -34.36 0.06
CA SER S 20 86.50 -33.74 1.36
C SER S 20 86.50 -32.22 1.21
N LEU S 21 85.80 -31.56 2.13
CA LEU S 21 85.71 -30.10 2.13
C LEU S 21 85.96 -29.57 3.53
N ARG S 22 86.57 -28.38 3.59
CA ARG S 22 86.88 -27.72 4.85
C ARG S 22 86.33 -26.30 4.80
N LEU S 23 85.27 -26.04 5.56
CA LEU S 23 84.65 -24.73 5.62
C LEU S 23 85.06 -24.03 6.92
N SER S 24 85.44 -22.76 6.81
CA SER S 24 85.94 -21.99 7.93
C SER S 24 85.01 -20.83 8.24
N CYS S 25 84.87 -20.52 9.53
CA CYS S 25 84.08 -19.38 9.98
C CYS S 25 84.89 -18.64 11.04
N ALA S 26 85.22 -17.39 10.77
CA ALA S 26 86.01 -16.56 11.66
C ALA S 26 85.13 -15.53 12.34
N ALA S 27 85.28 -15.41 13.66
CA ALA S 27 84.48 -14.48 14.46
C ALA S 27 85.32 -13.27 14.82
N SER S 28 84.76 -12.08 14.61
CA SER S 28 85.42 -10.82 14.94
C SER S 28 84.51 -10.03 15.86
N GLY S 29 85.03 -9.65 17.01
CA GLY S 29 84.26 -8.87 17.97
C GLY S 29 84.28 -9.44 19.37
N ASN S 30 83.18 -9.25 20.10
CA ASN S 30 83.06 -9.72 21.48
C ASN S 30 82.68 -11.20 21.48
N ILE S 31 83.71 -12.06 21.44
CA ILE S 31 83.49 -13.50 21.47
C ILE S 31 83.52 -14.07 22.87
N ARG S 32 83.73 -13.23 23.89
CA ARG S 32 83.81 -13.72 25.26
C ARG S 32 82.48 -14.33 25.71
N ASN S 33 81.36 -13.66 25.39
CA ASN S 33 80.05 -14.08 25.88
C ASN S 33 79.42 -15.17 25.03
N ILE S 34 79.97 -15.47 23.84
CA ILE S 34 79.40 -16.48 22.97
C ILE S 34 79.63 -17.86 23.57
N SER S 35 78.56 -18.65 23.63
CA SER S 35 78.62 -20.00 24.16
C SER S 35 78.04 -21.02 23.20
N TYR S 36 77.60 -20.57 22.04
CA TYR S 36 76.85 -21.41 21.11
C TYR S 36 77.49 -21.28 19.76
N LEU S 37 78.23 -22.29 19.34
CA LEU S 37 78.86 -22.23 18.04
C LEU S 37 78.45 -23.47 17.27
N GLY S 38 77.93 -23.28 16.06
CA GLY S 38 77.41 -24.37 15.28
C GLY S 38 77.25 -23.95 13.84
N TRP S 39 76.84 -24.90 13.02
CA TRP S 39 76.56 -24.68 11.62
C TRP S 39 75.17 -25.18 11.27
N PHE S 40 74.57 -24.52 10.28
CA PHE S 40 73.23 -24.85 9.80
C PHE S 40 73.26 -24.98 8.27
N ARG S 41 72.37 -25.83 7.76
CA ARG S 41 72.20 -26.00 6.32
C ARG S 41 70.73 -25.85 5.97
N GLN S 42 70.44 -25.08 4.93
CA GLN S 42 69.08 -24.93 4.42
C GLN S 42 69.10 -25.11 2.90
N ALA S 43 68.06 -25.75 2.37
CA ALA S 43 67.93 -26.01 0.96
C ALA S 43 66.60 -25.46 0.45
N PRO S 44 66.52 -25.10 -0.84
CA PRO S 44 65.25 -24.62 -1.39
C PRO S 44 64.16 -25.68 -1.27
N GLY S 45 62.94 -25.23 -0.97
CA GLY S 45 61.83 -26.12 -0.77
C GLY S 45 61.76 -26.79 0.58
N LYS S 46 62.62 -26.39 1.52
CA LYS S 46 62.62 -26.97 2.85
C LYS S 46 63.25 -25.98 3.82
N GLU S 47 63.05 -26.25 5.12
CA GLU S 47 63.51 -25.35 6.17
C GLU S 47 65.01 -25.58 6.44
N ARG S 48 65.49 -25.00 7.54
CA ARG S 48 66.91 -25.01 7.88
C ARG S 48 67.15 -25.92 9.07
N GLU S 49 68.16 -26.78 8.96
CA GLU S 49 68.51 -27.72 10.03
C GLU S 49 69.99 -27.59 10.36
N GLY S 50 70.35 -28.06 11.56
CA GLY S 50 71.69 -27.94 12.07
C GLY S 50 72.49 -29.21 11.93
N VAL S 51 73.65 -29.11 11.26
CA VAL S 51 74.54 -30.26 11.13
C VAL S 51 75.25 -30.53 12.44
N ALA S 52 75.78 -29.49 13.09
CA ALA S 52 76.53 -29.69 14.33
C ALA S 52 76.63 -28.39 15.10
N ALA S 53 76.98 -28.53 16.38
CA ALA S 53 77.22 -27.42 17.29
C ALA S 53 78.04 -27.94 18.47
N LEU S 54 78.62 -27.00 19.23
CA LEU S 54 79.59 -27.32 20.28
C LEU S 54 79.37 -26.43 21.50
N TRP S 55 79.91 -26.80 22.65
CA TRP S 55 79.68 -25.99 23.84
C TRP S 55 81.05 -25.49 24.30
N THR S 56 81.25 -24.17 24.26
CA THR S 56 82.46 -23.60 24.85
C THR S 56 82.39 -23.62 26.37
N THR S 57 81.20 -23.44 26.94
CA THR S 57 81.06 -23.44 28.39
C THR S 57 81.20 -24.84 28.99
N GLN S 58 80.55 -25.84 28.38
CA GLN S 58 80.54 -27.19 28.94
C GLN S 58 81.47 -28.17 28.24
N GLY S 59 81.70 -28.02 26.94
CA GLY S 59 82.63 -28.85 26.20
C GLY S 59 81.99 -29.88 25.28
N GLN S 60 80.77 -30.32 25.56
CA GLN S 60 80.15 -31.37 24.77
C GLN S 60 79.71 -30.86 23.40
N THR S 61 79.27 -31.79 22.55
CA THR S 61 78.97 -31.49 21.16
C THR S 61 77.80 -32.36 20.69
N TYR S 62 77.08 -31.89 19.67
CA TYR S 62 75.98 -32.60 19.04
C TYR S 62 76.23 -32.68 17.54
N TYR S 63 75.94 -33.83 16.96
CA TYR S 63 75.91 -33.98 15.51
C TYR S 63 74.53 -34.48 15.13
N ALA S 64 74.06 -34.06 13.96
CA ALA S 64 72.79 -34.59 13.48
C ALA S 64 72.96 -36.06 13.10
N ASP S 65 71.82 -36.72 12.89
CA ASP S 65 71.86 -38.14 12.55
C ASP S 65 72.60 -38.37 11.24
N SER S 66 72.37 -37.52 10.24
CA SER S 66 73.07 -37.61 8.97
C SER S 66 74.53 -37.17 9.06
N VAL S 67 74.95 -36.60 10.19
CA VAL S 67 76.32 -36.12 10.35
C VAL S 67 77.19 -37.10 11.13
N LYS S 68 76.60 -37.97 11.95
CA LYS S 68 77.37 -38.90 12.75
C LYS S 68 78.15 -39.85 11.86
N GLY S 69 79.48 -39.86 12.03
CA GLY S 69 80.34 -40.74 11.26
C GLY S 69 80.68 -40.26 9.87
N ARG S 70 80.17 -39.10 9.46
CA ARG S 70 80.42 -38.58 8.12
C ARG S 70 81.13 -37.23 8.15
N PHE S 71 80.66 -36.29 8.96
CA PHE S 71 81.22 -34.95 9.00
C PHE S 71 81.55 -34.57 10.44
N THR S 72 82.55 -33.71 10.59
CA THR S 72 83.04 -33.30 11.90
C THR S 72 83.19 -31.78 11.93
N VAL S 73 83.16 -31.23 13.15
CA VAL S 73 83.37 -29.81 13.36
C VAL S 73 84.33 -29.62 14.53
N SER S 74 85.31 -28.75 14.37
CA SER S 74 86.30 -28.46 15.39
C SER S 74 86.37 -26.95 15.62
N LEU S 75 86.82 -26.58 16.83
CA LEU S 75 86.96 -25.18 17.21
C LEU S 75 88.41 -24.88 17.53
N ASP S 76 88.91 -23.78 17.00
CA ASP S 76 90.26 -23.28 17.31
C ASP S 76 90.11 -22.13 18.29
N ASN S 77 90.38 -22.40 19.57
CA ASN S 77 90.24 -21.36 20.60
C ASN S 77 91.25 -20.25 20.39
N ALA S 78 92.49 -20.60 20.02
CA ALA S 78 93.50 -19.57 19.77
C ALA S 78 93.10 -18.68 18.61
N LYS S 79 92.58 -19.27 17.53
CA LYS S 79 92.10 -18.50 16.39
C LYS S 79 90.68 -18.00 16.57
N ASN S 80 89.95 -18.50 17.56
CA ASN S 80 88.54 -18.15 17.76
C ASN S 80 87.73 -18.40 16.50
N THR S 81 88.00 -19.52 15.84
CA THR S 81 87.37 -19.86 14.57
C THR S 81 86.73 -21.23 14.67
N VAL S 82 85.82 -21.50 13.73
CA VAL S 82 85.12 -22.78 13.64
C VAL S 82 85.46 -23.41 12.29
N TYR S 83 85.95 -24.65 12.32
CA TYR S 83 86.24 -25.41 11.12
C TYR S 83 85.35 -26.64 11.07
N LEU S 84 84.82 -26.93 9.88
CA LEU S 84 84.02 -28.13 9.66
C LEU S 84 84.61 -28.91 8.50
N GLN S 85 84.63 -30.23 8.64
CA GLN S 85 85.17 -31.13 7.62
C GLN S 85 84.05 -31.99 7.08
N MET S 86 83.67 -31.77 5.82
CA MET S 86 82.68 -32.59 5.13
C MET S 86 83.40 -33.76 4.48
N ASN S 87 83.17 -34.97 4.98
CA ASN S 87 83.75 -36.18 4.42
C ASN S 87 82.66 -37.10 3.91
N SER S 88 82.96 -37.83 2.84
CA SER S 88 82.00 -38.67 2.13
C SER S 88 80.80 -37.85 1.68
N LEU S 89 81.08 -36.89 0.80
CA LEU S 89 80.05 -35.98 0.31
C LEU S 89 79.00 -36.74 -0.49
N LYS S 90 77.76 -36.25 -0.41
CA LYS S 90 76.62 -36.83 -1.08
C LYS S 90 75.86 -35.73 -1.80
N PRO S 91 75.07 -36.08 -2.82
CA PRO S 91 74.25 -35.05 -3.50
C PRO S 91 73.23 -34.39 -2.59
N GLU S 92 72.88 -35.00 -1.46
CA GLU S 92 71.95 -34.42 -0.52
C GLU S 92 72.53 -33.20 0.21
N ASP S 93 73.83 -32.95 0.07
CA ASP S 93 74.49 -31.86 0.78
C ASP S 93 74.47 -30.54 0.02
N THR S 94 73.78 -30.48 -1.12
CA THR S 94 73.68 -29.24 -1.89
C THR S 94 72.75 -28.29 -1.17
N ALA S 95 73.30 -27.38 -0.37
CA ALA S 95 72.49 -26.48 0.42
C ALA S 95 73.32 -25.25 0.81
N LEU S 96 72.62 -24.20 1.23
CA LEU S 96 73.27 -23.02 1.78
C LEU S 96 73.69 -23.30 3.22
N TYR S 97 74.95 -22.99 3.53
CA TYR S 97 75.51 -23.28 4.85
C TYR S 97 75.82 -21.98 5.58
N TYR S 98 75.48 -21.95 6.88
CA TYR S 98 75.68 -20.79 7.72
C TYR S 98 76.31 -21.21 9.04
N CYS S 99 77.14 -20.33 9.61
CA CYS S 99 77.70 -20.50 10.94
C CYS S 99 77.06 -19.49 11.88
N ALA S 100 76.59 -19.96 13.03
CA ALA S 100 75.80 -19.14 13.94
C ALA S 100 76.40 -19.15 15.33
N ALA S 101 76.30 -18.02 16.02
CA ALA S 101 76.80 -17.86 17.38
C ALA S 101 75.72 -17.25 18.27
N ALA S 102 75.55 -17.81 19.46
CA ALA S 102 74.58 -17.30 20.42
C ALA S 102 75.20 -17.20 21.80
N THR S 103 74.80 -16.15 22.52
CA THR S 103 75.34 -15.81 23.83
C THR S 103 74.37 -16.20 24.96
N SER S 104 74.39 -17.48 25.31
CA SER S 104 73.53 -18.02 26.36
C SER S 104 72.06 -17.84 26.02
N GLY S 105 71.36 -17.09 26.88
CA GLY S 105 69.93 -16.87 26.80
C GLY S 105 69.34 -16.99 28.18
N GLN S 106 68.81 -15.89 28.71
CA GLN S 106 68.28 -15.86 30.07
C GLN S 106 66.77 -15.75 30.02
N TYR S 107 66.09 -16.62 30.75
CA TYR S 107 64.64 -16.74 30.67
C TYR S 107 64.02 -16.07 31.89
N ASN S 108 63.43 -14.90 31.68
CA ASN S 108 62.62 -14.53 32.83
C ASN S 108 61.19 -14.96 32.60
N PRO S 109 60.51 -15.45 33.63
CA PRO S 109 59.18 -16.05 33.42
C PRO S 109 58.16 -15.08 32.85
N LEU S 110 58.27 -13.78 33.16
CA LEU S 110 57.26 -12.83 32.73
C LEU S 110 57.39 -12.48 31.25
N ARG S 111 58.61 -12.39 30.73
CA ARG S 111 58.85 -11.91 29.38
C ARG S 111 59.27 -12.99 28.40
N GLY S 112 60.20 -13.87 28.78
CA GLY S 112 60.62 -14.96 27.92
C GLY S 112 62.14 -15.01 27.81
N TYR S 113 62.60 -15.67 26.76
CA TYR S 113 64.03 -15.83 26.53
C TYR S 113 64.60 -14.61 25.82
N HIS S 114 65.76 -14.15 26.27
CA HIS S 114 66.49 -13.07 25.61
C HIS S 114 67.95 -13.46 25.48
N TYR S 115 68.52 -13.19 24.32
CA TYR S 115 69.90 -13.55 23.98
C TYR S 115 70.30 -12.75 22.76
N ASN S 116 71.47 -13.07 22.20
CA ASN S 116 71.94 -12.46 20.96
C ASN S 116 72.32 -13.58 19.99
N GLU S 117 72.03 -13.36 18.71
CA GLU S 117 72.29 -14.36 17.69
C GLU S 117 72.95 -13.71 16.48
N TYR S 118 73.82 -14.47 15.81
CA TYR S 118 74.56 -13.96 14.67
C TYR S 118 74.54 -15.00 13.56
N TRP S 119 74.74 -14.54 12.32
CA TRP S 119 74.64 -15.40 11.15
C TRP S 119 75.62 -14.96 10.08
N GLY S 120 75.90 -15.87 9.15
CA GLY S 120 76.76 -15.60 8.03
C GLY S 120 76.41 -16.45 6.82
N GLN S 121 76.31 -15.84 5.65
CA GLN S 121 75.78 -16.51 4.46
C GLN S 121 76.90 -17.23 3.70
N GLY S 122 76.68 -18.52 3.44
CA GLY S 122 77.61 -19.31 2.66
C GLY S 122 76.86 -20.38 1.90
N THR S 123 77.58 -21.03 0.97
CA THR S 123 76.97 -22.05 0.12
C THR S 123 77.90 -23.25 -0.01
N GLN S 124 77.29 -24.40 -0.30
CA GLN S 124 78.05 -25.62 -0.55
C GLN S 124 77.19 -26.54 -1.40
N VAL S 125 77.55 -26.69 -2.67
CA VAL S 125 76.80 -27.50 -3.62
C VAL S 125 77.73 -28.56 -4.19
N THR S 126 77.28 -29.81 -4.19
CA THR S 126 78.03 -30.93 -4.75
C THR S 126 77.47 -31.27 -6.13
N VAL S 127 78.35 -31.33 -7.13
CA VAL S 127 77.91 -31.59 -8.49
C VAL S 127 77.31 -32.98 -8.61
N SER S 128 78.01 -33.98 -8.08
CA SER S 128 77.55 -35.36 -8.16
C SER S 128 78.27 -36.24 -7.12
N GLN T 4 73.49 32.07 -4.48
CA GLN T 4 74.71 32.81 -4.15
C GLN T 4 75.94 32.04 -4.58
N VAL T 5 75.85 30.70 -4.52
CA VAL T 5 76.96 29.82 -4.86
C VAL T 5 76.56 29.01 -6.09
N GLN T 6 77.42 29.01 -7.10
CA GLN T 6 77.21 28.26 -8.32
C GLN T 6 78.35 27.28 -8.53
N LEU T 7 78.02 26.11 -9.05
CA LEU T 7 78.99 25.06 -9.33
C LEU T 7 79.02 24.81 -10.83
N VAL T 8 80.22 24.92 -11.42
CA VAL T 8 80.42 24.69 -12.85
C VAL T 8 81.19 23.38 -13.00
N GLU T 9 80.59 22.41 -13.68
CA GLU T 9 81.15 21.08 -13.84
C GLU T 9 81.52 20.85 -15.30
N SER T 10 82.65 20.18 -15.53
CA SER T 10 83.15 19.94 -16.87
C SER T 10 84.00 18.68 -16.88
N GLY T 11 84.26 18.17 -18.08
CA GLY T 11 85.08 17.00 -18.27
C GLY T 11 84.34 15.79 -18.80
N GLY T 12 83.03 15.87 -19.02
CA GLY T 12 82.28 14.73 -19.50
C GLY T 12 82.68 14.34 -20.91
N GLY T 13 82.55 13.05 -21.20
CA GLY T 13 82.91 12.55 -22.51
C GLY T 13 82.72 11.05 -22.56
N SER T 14 83.09 10.48 -23.70
CA SER T 14 82.97 9.05 -23.96
C SER T 14 84.35 8.42 -23.96
N VAL T 15 84.60 7.51 -23.02
CA VAL T 15 85.86 6.81 -22.91
C VAL T 15 85.57 5.33 -22.72
N GLN T 16 86.31 4.47 -23.42
CA GLN T 16 86.11 3.04 -23.34
C GLN T 16 86.54 2.53 -21.96
N ALA T 17 86.34 1.23 -21.75
CA ALA T 17 86.68 0.62 -20.47
C ALA T 17 88.18 0.65 -20.24
N GLY T 18 88.57 0.83 -18.97
CA GLY T 18 89.97 0.90 -18.60
C GLY T 18 90.63 2.24 -18.80
N GLY T 19 89.89 3.23 -19.30
CA GLY T 19 90.45 4.55 -19.51
C GLY T 19 90.48 5.38 -18.25
N SER T 20 91.01 6.59 -18.38
CA SER T 20 91.11 7.54 -17.27
C SER T 20 90.39 8.82 -17.63
N LEU T 21 89.62 9.36 -16.68
CA LEU T 21 88.87 10.59 -16.87
C LEU T 21 89.09 11.51 -15.67
N ARG T 22 89.08 12.81 -15.95
CA ARG T 22 89.26 13.83 -14.92
C ARG T 22 88.12 14.83 -15.03
N LEU T 23 87.21 14.80 -14.06
CA LEU T 23 86.07 15.72 -14.03
C LEU T 23 86.32 16.81 -13.00
N SER T 24 86.05 18.06 -13.39
CA SER T 24 86.33 19.22 -12.56
C SER T 24 85.03 19.91 -12.19
N CYS T 25 84.98 20.45 -10.97
CA CYS T 25 83.85 21.23 -10.49
C CYS T 25 84.39 22.47 -9.81
N ALA T 26 84.05 23.64 -10.32
CA ALA T 26 84.52 24.92 -9.80
C ALA T 26 83.39 25.61 -9.07
N ALA T 27 83.68 26.11 -7.87
CA ALA T 27 82.69 26.79 -7.03
C ALA T 27 82.93 28.30 -7.08
N SER T 28 81.86 29.04 -7.31
CA SER T 28 81.91 30.50 -7.36
C SER T 28 80.91 31.04 -6.34
N GLY T 29 81.38 31.89 -5.44
CA GLY T 29 80.51 32.49 -4.44
C GLY T 29 81.03 32.34 -3.02
N ASN T 30 80.11 32.22 -2.06
CA ASN T 30 80.46 32.10 -0.65
C ASN T 30 80.81 30.66 -0.34
N ILE T 31 82.09 30.31 -0.52
CA ILE T 31 82.57 28.96 -0.24
C ILE T 31 83.10 28.83 1.18
N ARG T 32 83.07 29.90 1.98
CA ARG T 32 83.59 29.84 3.34
C ARG T 32 82.79 28.87 4.20
N ASN T 33 81.45 28.91 4.10
CA ASN T 33 80.60 28.13 4.97
C ASN T 33 80.40 26.69 4.48
N ILE T 34 80.82 26.37 3.24
CA ILE T 34 80.64 25.03 2.71
C ILE T 34 81.57 24.06 3.42
N SER T 35 81.01 22.94 3.87
CA SER T 35 81.78 21.91 4.55
C SER T 35 81.58 20.55 3.94
N TYR T 36 80.79 20.46 2.88
CA TYR T 36 80.38 19.20 2.32
C TYR T 36 80.65 19.24 0.84
N LEU T 37 81.67 18.56 0.38
CA LEU T 37 81.97 18.56 -1.04
C LEU T 37 82.05 17.11 -1.47
N GLY T 38 81.31 16.77 -2.52
CA GLY T 38 81.23 15.40 -2.97
C GLY T 38 80.65 15.34 -4.36
N TRP T 39 80.59 14.13 -4.89
CA TRP T 39 80.01 13.87 -6.20
C TRP T 39 78.97 12.78 -6.09
N PHE T 40 77.97 12.85 -6.97
CA PHE T 40 76.88 11.89 -7.04
C PHE T 40 76.72 11.41 -8.47
N ARG T 41 76.24 10.18 -8.61
CA ARG T 41 75.92 9.60 -9.91
C ARG T 41 74.51 9.03 -9.88
N GLN T 42 73.73 9.34 -10.92
CA GLN T 42 72.39 8.77 -11.07
C GLN T 42 72.23 8.24 -12.50
N ALA T 43 71.53 7.12 -12.63
CA ALA T 43 71.30 6.49 -13.91
C ALA T 43 69.80 6.29 -14.14
N PRO T 44 69.36 6.26 -15.39
CA PRO T 44 67.92 6.02 -15.65
C PRO T 44 67.48 4.67 -15.10
N GLY T 45 66.27 4.64 -14.56
CA GLY T 45 65.75 3.43 -13.95
C GLY T 45 66.23 3.17 -12.54
N LYS T 46 66.95 4.10 -11.93
CA LYS T 46 67.45 3.92 -10.57
C LYS T 46 67.69 5.29 -9.96
N GLU T 47 67.86 5.29 -8.64
CA GLU T 47 68.04 6.52 -7.88
C GLU T 47 69.48 7.02 -7.97
N ARG T 48 69.83 7.98 -7.14
CA ARG T 48 71.12 8.65 -7.18
C ARG T 48 71.96 8.24 -5.97
N GLU T 49 73.22 7.89 -6.21
CA GLU T 49 74.13 7.47 -5.17
C GLU T 49 75.42 8.29 -5.26
N GLY T 50 76.15 8.31 -4.14
CA GLY T 50 77.36 9.11 -4.02
C GLY T 50 78.62 8.29 -4.18
N VAL T 51 79.46 8.70 -5.14
CA VAL T 51 80.74 8.03 -5.33
C VAL T 51 81.71 8.40 -4.22
N ALA T 52 81.81 9.70 -3.89
CA ALA T 52 82.75 10.14 -2.89
C ALA T 52 82.38 11.51 -2.35
N ALA T 53 82.96 11.85 -1.20
CA ALA T 53 82.81 13.15 -0.56
C ALA T 53 83.96 13.32 0.41
N LEU T 54 84.18 14.57 0.87
CA LEU T 54 85.34 14.95 1.65
C LEU T 54 84.94 15.94 2.74
N TRP T 55 85.77 16.12 3.76
CA TRP T 55 85.41 17.04 4.83
C TRP T 55 86.44 18.15 4.85
N THR T 56 86.01 19.37 4.56
CA THR T 56 86.90 20.53 4.73
C THR T 56 87.11 20.86 6.20
N THR T 57 86.08 20.66 7.03
CA THR T 57 86.21 20.97 8.44
C THR T 57 87.07 19.94 9.18
N GLN T 58 86.87 18.64 8.93
CA GLN T 58 87.58 17.60 9.65
C GLN T 58 88.71 16.95 8.88
N GLY T 59 88.62 16.86 7.56
CA GLY T 59 89.70 16.34 6.73
C GLY T 59 89.46 14.94 6.17
N GLN T 60 88.65 14.12 6.82
CA GLN T 60 88.46 12.74 6.37
C GLN T 60 87.61 12.68 5.11
N THR T 61 87.51 11.47 4.55
CA THR T 61 86.86 11.27 3.26
C THR T 61 86.18 9.90 3.24
N TYR T 62 85.15 9.76 2.39
CA TYR T 62 84.41 8.52 2.18
C TYR T 62 84.42 8.19 0.70
N TYR T 63 84.59 6.91 0.38
CA TYR T 63 84.39 6.42 -0.97
C TYR T 63 83.35 5.31 -0.90
N ALA T 64 82.56 5.20 -1.95
CA ALA T 64 81.61 4.09 -2.00
C ALA T 64 82.37 2.78 -2.20
N ASP T 65 81.65 1.67 -2.00
CA ASP T 65 82.28 0.36 -2.13
C ASP T 65 82.81 0.15 -3.54
N SER T 66 82.04 0.56 -4.56
CA SER T 66 82.48 0.45 -5.94
C SER T 66 83.56 1.45 -6.30
N VAL T 67 83.86 2.42 -5.42
CA VAL T 67 84.86 3.44 -5.69
C VAL T 67 86.20 3.14 -5.03
N LYS T 68 86.22 2.33 -3.98
CA LYS T 68 87.47 2.04 -3.28
C LYS T 68 88.44 1.31 -4.19
N GLY T 69 89.62 1.88 -4.38
CA GLY T 69 90.65 1.29 -5.21
C GLY T 69 90.49 1.51 -6.69
N ARG T 70 89.44 2.20 -7.12
CA ARG T 70 89.19 2.44 -8.54
C ARG T 70 89.20 3.92 -8.89
N PHE T 71 88.49 4.75 -8.13
CA PHE T 71 88.36 6.17 -8.43
C PHE T 71 88.71 6.99 -7.21
N THR T 72 89.22 8.20 -7.45
CA THR T 72 89.67 9.09 -6.38
C THR T 72 89.12 10.49 -6.61
N VAL T 73 89.04 11.25 -5.52
CA VAL T 73 88.60 12.64 -5.57
C VAL T 73 89.56 13.49 -4.73
N SER T 74 89.98 14.62 -5.28
CA SER T 74 90.88 15.53 -4.60
C SER T 74 90.29 16.94 -4.62
N LEU T 75 90.70 17.75 -3.65
CA LEU T 75 90.25 19.13 -3.51
C LEU T 75 91.43 20.08 -3.63
N ASP T 76 91.28 21.12 -4.43
CA ASP T 76 92.27 22.19 -4.56
C ASP T 76 91.78 23.38 -3.75
N ASN T 77 92.35 23.57 -2.56
CA ASN T 77 91.92 24.67 -1.70
C ASN T 77 92.26 26.02 -2.32
N ALA T 78 93.43 26.13 -2.94
CA ALA T 78 93.80 27.38 -3.59
C ALA T 78 92.84 27.71 -4.73
N LYS T 79 92.48 26.71 -5.54
CA LYS T 79 91.52 26.91 -6.61
C LYS T 79 90.07 26.81 -6.13
N ASN T 80 89.83 26.30 -4.92
CA ASN T 80 88.48 26.08 -4.41
C ASN T 80 87.67 25.22 -5.38
N THR T 81 88.32 24.18 -5.91
CA THR T 81 87.71 23.31 -6.91
C THR T 81 87.79 21.86 -6.44
N VAL T 82 86.97 21.02 -7.07
CA VAL T 82 86.94 19.59 -6.79
C VAL T 82 87.29 18.85 -8.07
N TYR T 83 88.29 17.98 -7.99
CA TYR T 83 88.70 17.12 -9.10
C TYR T 83 88.49 15.67 -8.74
N LEU T 84 87.95 14.90 -9.68
CA LEU T 84 87.76 13.47 -9.52
C LEU T 84 88.45 12.74 -10.67
N GLN T 85 89.10 11.63 -10.35
CA GLN T 85 89.81 10.81 -11.33
C GLN T 85 89.13 9.45 -11.43
N MET T 86 88.49 9.19 -12.56
CA MET T 86 87.89 7.89 -12.84
C MET T 86 88.95 7.00 -13.48
N ASN T 87 89.39 5.97 -12.77
CA ASN T 87 90.36 5.01 -13.29
C ASN T 87 89.74 3.62 -13.36
N SER T 88 90.17 2.85 -14.36
CA SER T 88 89.60 1.54 -14.66
C SER T 88 88.09 1.64 -14.89
N LEU T 89 87.74 2.39 -15.94
CA LEU T 89 86.35 2.64 -16.26
C LEU T 89 85.64 1.34 -16.64
N LYS T 90 84.36 1.27 -16.32
CA LYS T 90 83.51 0.12 -16.57
C LYS T 90 82.22 0.60 -17.22
N PRO T 91 81.51 -0.29 -17.93
CA PRO T 91 80.22 0.11 -18.51
C PRO T 91 79.17 0.49 -17.48
N GLU T 92 79.35 0.08 -16.21
CA GLU T 92 78.43 0.45 -15.16
C GLU T 92 78.48 1.92 -14.79
N ASP T 93 79.48 2.65 -15.30
CA ASP T 93 79.68 4.05 -14.95
C ASP T 93 78.92 5.01 -15.87
N THR T 94 78.11 4.51 -16.78
CA THR T 94 77.32 5.35 -17.68
C THR T 94 76.18 5.98 -16.88
N ALA T 95 76.39 7.21 -16.39
CA ALA T 95 75.40 7.86 -15.55
C ALA T 95 75.63 9.36 -15.57
N LEU T 96 74.60 10.09 -15.15
CA LEU T 96 74.71 11.53 -14.96
C LEU T 96 75.46 11.82 -13.67
N TYR T 97 76.45 12.69 -13.73
CA TYR T 97 77.31 13.00 -12.59
C TYR T 97 77.11 14.45 -12.15
N TYR T 98 77.02 14.65 -10.84
CA TYR T 98 76.80 15.96 -10.24
C TYR T 98 77.76 16.17 -9.09
N CYS T 99 78.18 17.42 -8.90
CA CYS T 99 78.97 17.83 -7.74
C CYS T 99 78.10 18.69 -6.83
N ALA T 100 78.11 18.37 -5.54
CA ALA T 100 77.20 18.97 -4.58
C ALA T 100 77.96 19.57 -3.41
N ALA T 101 77.46 20.69 -2.89
CA ALA T 101 78.05 21.37 -1.75
C ALA T 101 76.99 21.67 -0.71
N ALA T 102 77.30 21.40 0.55
CA ALA T 102 76.38 21.67 1.65
C ALA T 102 77.11 22.37 2.80
N THR T 103 76.40 23.30 3.43
CA THR T 103 76.94 24.14 4.50
C THR T 103 76.46 23.68 5.89
N SER T 104 77.13 22.65 6.39
CA SER T 104 76.80 22.09 7.70
C SER T 104 75.38 21.55 7.75
N GLY T 105 74.57 22.13 8.63
CA GLY T 105 73.22 21.70 8.90
C GLY T 105 72.99 21.70 10.39
N GLN T 106 72.11 22.58 10.88
CA GLN T 106 71.87 22.71 12.31
C GLN T 106 70.49 22.17 12.64
N TYR T 107 70.42 21.30 13.64
CA TYR T 107 69.20 20.57 13.96
C TYR T 107 68.56 21.20 15.18
N ASN T 108 67.48 21.93 14.98
CA ASN T 108 66.79 22.21 16.23
C ASN T 108 65.69 21.18 16.45
N PRO T 109 65.52 20.71 17.68
CA PRO T 109 64.59 19.60 17.92
C PRO T 109 63.16 19.88 17.51
N LEU T 110 62.72 21.13 17.58
CA LEU T 110 61.32 21.44 17.30
C LEU T 110 61.02 21.43 15.80
N ARG T 111 61.96 21.89 14.97
CA ARG T 111 61.71 22.07 13.55
C ARG T 111 62.42 21.06 12.66
N GLY T 112 63.69 20.78 12.91
CA GLY T 112 64.42 19.79 12.13
C GLY T 112 65.74 20.34 11.63
N TYR T 113 66.27 19.69 10.61
CA TYR T 113 67.55 20.10 10.03
C TYR T 113 67.36 21.23 9.03
N HIS T 114 68.25 22.23 9.09
CA HIS T 114 68.27 23.31 8.12
C HIS T 114 69.70 23.54 7.67
N TYR T 115 69.87 23.74 6.37
CA TYR T 115 71.18 23.90 5.74
C TYR T 115 70.95 24.47 4.35
N ASN T 116 72.02 24.53 3.56
CA ASN T 116 71.95 24.96 2.17
C ASN T 116 72.63 23.91 1.30
N GLU T 117 72.06 23.66 0.12
CA GLU T 117 72.57 22.63 -0.78
C GLU T 117 72.64 23.18 -2.19
N TYR T 118 73.62 22.71 -2.95
CA TYR T 118 73.85 23.18 -4.31
C TYR T 118 74.13 21.98 -5.21
N TRP T 119 73.88 22.17 -6.51
CA TRP T 119 73.99 21.09 -7.47
C TRP T 119 74.46 21.62 -8.82
N GLY T 120 74.97 20.71 -9.64
CA GLY T 120 75.40 21.02 -10.99
C GLY T 120 75.28 19.83 -11.92
N GLN T 121 74.70 20.04 -13.11
CA GLN T 121 74.36 18.94 -14.01
C GLN T 121 75.53 18.58 -14.90
N GLY T 122 75.89 17.30 -14.91
CA GLY T 122 76.93 16.79 -15.80
C GLY T 122 76.64 15.36 -16.17
N THR T 123 77.41 14.86 -17.14
CA THR T 123 77.20 13.52 -17.66
C THR T 123 78.55 12.82 -17.84
N GLN T 124 78.51 11.49 -17.80
CA GLN T 124 79.69 10.67 -18.05
C GLN T 124 79.21 9.29 -18.51
N VAL T 125 79.39 9.00 -19.80
CA VAL T 125 78.94 7.75 -20.40
C VAL T 125 80.14 7.06 -21.03
N THR T 126 80.32 5.79 -20.73
CA THR T 126 81.39 4.98 -21.30
C THR T 126 80.83 4.11 -22.42
N VAL T 127 81.46 4.18 -23.59
CA VAL T 127 80.96 3.42 -24.75
C VAL T 127 81.07 1.93 -24.49
N SER T 128 82.23 1.48 -24.03
CA SER T 128 82.45 0.05 -23.78
C SER T 128 83.65 -0.17 -22.87
N GLN U 4 47.57 57.75 -29.40
CA GLN U 4 48.34 58.98 -29.52
C GLN U 4 49.70 58.72 -30.15
N VAL U 5 50.25 57.54 -29.87
CA VAL U 5 51.57 57.15 -30.34
C VAL U 5 51.41 55.97 -31.29
N GLN U 6 51.99 56.09 -32.49
CA GLN U 6 51.95 55.03 -33.49
C GLN U 6 53.37 54.61 -33.85
N LEU U 7 53.54 53.32 -34.08
CA LEU U 7 54.83 52.74 -34.45
C LEU U 7 54.73 52.17 -35.85
N VAL U 8 55.61 52.61 -36.74
CA VAL U 8 55.65 52.14 -38.12
C VAL U 8 56.91 51.29 -38.28
N GLU U 9 56.73 50.03 -38.62
CA GLU U 9 57.82 49.07 -38.73
C GLU U 9 58.00 48.66 -40.19
N SER U 10 59.26 48.49 -40.60
CA SER U 10 59.57 48.16 -41.98
C SER U 10 60.90 47.42 -42.02
N GLY U 11 61.17 46.79 -43.17
CA GLY U 11 62.40 46.06 -43.39
C GLY U 11 62.24 44.56 -43.52
N GLY U 12 61.03 44.03 -43.39
CA GLY U 12 60.84 42.60 -43.49
C GLY U 12 61.13 42.08 -44.88
N GLY U 13 61.57 40.82 -44.94
CA GLY U 13 61.90 40.21 -46.21
C GLY U 13 62.43 38.81 -45.98
N SER U 14 62.83 38.18 -47.08
CA SER U 14 63.36 36.81 -47.08
C SER U 14 64.85 36.86 -47.37
N VAL U 15 65.65 36.41 -46.40
CA VAL U 15 67.10 36.36 -46.53
C VAL U 15 67.57 34.99 -46.04
N GLN U 16 68.49 34.39 -46.78
CA GLN U 16 69.02 33.08 -46.44
C GLN U 16 69.85 33.15 -45.16
N ALA U 17 70.32 32.00 -44.71
CA ALA U 17 71.12 31.93 -43.50
C ALA U 17 72.45 32.65 -43.67
N GLY U 18 72.90 33.29 -42.61
CA GLY U 18 74.14 34.03 -42.62
C GLY U 18 74.05 35.43 -43.18
N GLY U 19 72.87 35.86 -43.62
CA GLY U 19 72.70 37.19 -44.16
C GLY U 19 72.54 38.24 -43.08
N SER U 20 72.41 39.48 -43.52
CA SER U 20 72.24 40.63 -42.64
C SER U 20 70.94 41.36 -42.98
N LEU U 21 70.19 41.73 -41.94
CA LEU U 21 68.93 42.44 -42.10
C LEU U 21 68.88 43.63 -41.16
N ARG U 22 68.22 44.69 -41.60
CA ARG U 22 68.08 45.92 -40.82
C ARG U 22 66.60 46.27 -40.78
N LEU U 23 65.98 46.11 -39.61
CA LEU U 23 64.57 46.43 -39.42
C LEU U 23 64.44 47.75 -38.67
N SER U 24 63.56 48.61 -39.15
CA SER U 24 63.39 49.95 -38.61
C SER U 24 62.00 50.11 -38.00
N CYS U 25 61.91 50.86 -36.91
CA CYS U 25 60.65 51.18 -36.26
C CYS U 25 60.64 52.67 -35.94
N ALA U 26 59.72 53.41 -36.52
CA ALA U 26 59.61 54.85 -36.33
C ALA U 26 58.42 55.16 -35.44
N ALA U 27 58.65 56.01 -34.44
CA ALA U 27 57.62 56.40 -33.48
C ALA U 27 57.10 57.79 -33.81
N SER U 28 55.78 57.94 -33.87
CA SER U 28 55.12 59.22 -34.13
C SER U 28 54.18 59.52 -32.99
N GLY U 29 54.35 60.68 -32.37
CA GLY U 29 53.48 61.07 -31.27
C GLY U 29 54.23 61.53 -30.03
N ASN U 30 53.65 61.27 -28.86
CA ASN U 30 54.24 61.68 -27.59
C ASN U 30 55.28 60.64 -27.18
N ILE U 31 56.51 60.84 -27.63
CA ILE U 31 57.62 59.94 -27.29
C ILE U 31 58.38 60.41 -26.05
N ARG U 32 57.97 61.53 -25.45
CA ARG U 32 58.68 62.04 -24.28
C ARG U 32 58.58 61.07 -23.11
N ASN U 33 57.39 60.53 -22.86
CA ASN U 33 57.16 59.68 -21.69
C ASN U 33 57.59 58.23 -21.90
N ILE U 34 57.89 57.83 -23.13
CA ILE U 34 58.27 56.44 -23.39
C ILE U 34 59.65 56.17 -22.83
N SER U 35 59.78 55.07 -22.08
CA SER U 35 61.05 54.67 -21.48
C SER U 35 61.41 53.25 -21.81
N TYR U 36 60.59 52.58 -22.61
CA TYR U 36 60.73 51.15 -22.84
C TYR U 36 60.69 50.94 -24.33
N LEU U 37 61.82 50.67 -24.94
CA LEU U 37 61.85 50.43 -26.36
C LEU U 37 62.53 49.09 -26.59
N GLY U 38 61.88 48.22 -27.35
CA GLY U 38 62.37 46.89 -27.56
C GLY U 38 61.66 46.24 -28.72
N TRP U 39 62.09 45.03 -29.04
CA TRP U 39 61.49 44.23 -30.08
C TRP U 39 61.12 42.86 -29.54
N PHE U 40 60.08 42.28 -30.14
CA PHE U 40 59.57 40.97 -29.78
C PHE U 40 59.40 40.12 -31.03
N ARG U 41 59.55 38.81 -30.86
CA ARG U 41 59.33 37.84 -31.93
C ARG U 41 58.38 36.76 -31.44
N GLN U 42 57.38 36.43 -32.26
CA GLN U 42 56.47 35.34 -31.98
C GLN U 42 56.34 34.46 -33.22
N ALA U 43 56.24 33.16 -33.00
CA ALA U 43 56.11 32.17 -34.06
C ALA U 43 54.87 31.32 -33.85
N PRO U 44 54.30 30.78 -34.93
CA PRO U 44 53.12 29.91 -34.76
C PRO U 44 53.47 28.68 -33.93
N GLY U 45 52.51 28.27 -33.09
CA GLY U 45 52.73 27.16 -32.20
C GLY U 45 53.50 27.48 -30.93
N LYS U 46 53.80 28.75 -30.68
CA LYS U 46 54.54 29.15 -29.49
C LYS U 46 54.21 30.59 -29.17
N GLU U 47 54.58 31.01 -27.95
CA GLU U 47 54.28 32.33 -27.45
C GLU U 47 55.29 33.35 -28.00
N ARG U 48 55.26 34.56 -27.45
CA ARG U 48 56.07 35.68 -27.92
C ARG U 48 57.18 35.98 -26.92
N GLU U 49 58.41 36.14 -27.43
CA GLU U 49 59.57 36.42 -26.62
C GLU U 49 60.30 37.65 -27.15
N GLY U 50 61.09 38.28 -26.29
CA GLY U 50 61.78 39.50 -26.61
C GLY U 50 63.24 39.28 -26.97
N VAL U 51 63.62 39.75 -28.16
CA VAL U 51 65.01 39.66 -28.59
C VAL U 51 65.86 40.68 -27.84
N ALA U 52 65.38 41.93 -27.75
CA ALA U 52 66.17 42.98 -27.09
C ALA U 52 65.28 44.14 -26.69
N ALA U 53 65.83 44.97 -25.79
CA ALA U 53 65.20 46.20 -25.34
C ALA U 53 66.27 47.09 -24.74
N LEU U 54 65.94 48.37 -24.55
CA LEU U 54 66.91 49.39 -24.15
C LEU U 54 66.27 50.36 -23.16
N TRP U 55 67.09 51.12 -22.43
CA TRP U 55 66.52 52.03 -21.46
C TRP U 55 66.90 53.45 -21.88
N THR U 56 65.91 54.26 -22.21
CA THR U 56 66.15 55.67 -22.46
C THR U 56 66.43 56.43 -21.16
N THR U 57 65.77 56.03 -20.07
CA THR U 57 65.97 56.70 -18.80
C THR U 57 67.32 56.36 -18.17
N GLN U 58 67.71 55.09 -18.17
CA GLN U 58 68.94 54.65 -17.51
C GLN U 58 70.10 54.38 -18.46
N GLY U 59 69.85 53.92 -19.68
CA GLY U 59 70.88 53.71 -20.67
C GLY U 59 71.23 52.26 -20.94
N GLN U 60 71.03 51.37 -19.99
CA GLN U 60 71.44 49.97 -20.15
C GLN U 60 70.52 49.24 -21.13
N THR U 61 70.91 48.01 -21.46
CA THR U 61 70.24 47.23 -22.49
C THR U 61 70.28 45.74 -22.13
N TYR U 62 69.31 44.99 -22.65
CA TYR U 62 69.22 43.54 -22.48
C TYR U 62 69.13 42.88 -23.84
N TYR U 63 69.83 41.77 -23.99
CA TYR U 63 69.66 40.91 -25.15
C TYR U 63 69.29 39.52 -24.65
N ALA U 64 68.48 38.81 -25.43
CA ALA U 64 68.18 37.45 -25.06
C ALA U 64 69.41 36.57 -25.25
N ASP U 65 69.34 35.35 -24.72
CA ASP U 65 70.48 34.45 -24.81
C ASP U 65 70.81 34.13 -26.27
N SER U 66 69.78 33.90 -27.09
CA SER U 66 69.98 33.65 -28.51
C SER U 66 70.38 34.90 -29.29
N VAL U 67 70.33 36.07 -28.67
CA VAL U 67 70.68 37.32 -29.35
C VAL U 67 72.09 37.79 -29.03
N LYS U 68 72.66 37.37 -27.90
CA LYS U 68 74.00 37.81 -27.52
C LYS U 68 75.03 37.35 -28.54
N GLY U 69 75.75 38.31 -29.11
CA GLY U 69 76.78 38.03 -30.09
C GLY U 69 76.29 37.78 -31.50
N ARG U 70 74.98 37.83 -31.73
CA ARG U 70 74.42 37.57 -33.05
C ARG U 70 73.68 38.77 -33.61
N PHE U 71 72.80 39.39 -32.81
CA PHE U 71 71.97 40.50 -33.29
C PHE U 71 72.10 41.67 -32.32
N THR U 72 71.93 42.88 -32.87
CA THR U 72 72.08 44.10 -32.10
C THR U 72 70.91 45.03 -32.38
N VAL U 73 70.67 45.94 -31.44
CA VAL U 73 69.62 46.95 -31.57
C VAL U 73 70.18 48.29 -31.15
N SER U 74 69.93 49.33 -31.94
CA SER U 74 70.40 50.68 -31.66
C SER U 74 69.22 51.65 -31.74
N LEU U 75 69.36 52.77 -31.03
CA LEU U 75 68.35 53.81 -30.99
C LEU U 75 68.91 55.11 -31.55
N ASP U 76 68.14 55.75 -32.43
CA ASP U 76 68.48 57.07 -32.97
C ASP U 76 67.63 58.10 -32.24
N ASN U 77 68.24 58.80 -31.29
CA ASN U 77 67.50 59.80 -30.51
C ASN U 77 67.05 60.96 -31.39
N ALA U 78 67.91 61.40 -32.32
CA ALA U 78 67.54 62.48 -33.22
C ALA U 78 66.36 62.07 -34.10
N LYS U 79 66.38 60.85 -34.63
CA LYS U 79 65.27 60.34 -35.42
C LYS U 79 64.15 59.76 -34.58
N ASN U 80 64.38 59.53 -33.29
CA ASN U 80 63.40 58.89 -32.40
C ASN U 80 62.95 57.55 -32.98
N THR U 81 63.90 56.79 -33.51
CA THR U 81 63.61 55.52 -34.17
C THR U 81 64.44 54.42 -33.54
N VAL U 82 64.03 53.18 -33.81
CA VAL U 82 64.71 51.99 -33.32
C VAL U 82 65.15 51.16 -34.52
N TYR U 83 66.44 50.85 -34.58
CA TYR U 83 67.00 50.01 -35.62
C TYR U 83 67.57 48.74 -35.01
N LEU U 84 67.31 47.61 -35.65
CA LEU U 84 67.84 46.32 -35.24
C LEU U 84 68.60 45.70 -36.40
N GLN U 85 69.73 45.08 -36.10
CA GLN U 85 70.56 44.42 -37.12
C GLN U 85 70.60 42.93 -36.82
N MET U 86 69.98 42.14 -37.70
CA MET U 86 70.02 40.69 -37.62
C MET U 86 71.25 40.19 -38.38
N ASN U 87 72.23 39.66 -37.66
CA ASN U 87 73.44 39.11 -38.26
C ASN U 87 73.54 37.63 -37.97
N SER U 88 74.11 36.88 -38.91
CA SER U 88 74.18 35.42 -38.86
C SER U 88 72.78 34.82 -38.70
N LEU U 89 71.96 35.06 -39.72
CA LEU U 89 70.58 34.60 -39.70
C LEU U 89 70.52 33.08 -39.69
N LYS U 90 69.49 32.55 -39.03
CA LYS U 90 69.24 31.13 -38.88
C LYS U 90 67.79 30.84 -39.22
N PRO U 91 67.48 29.59 -39.58
CA PRO U 91 66.08 29.24 -39.86
C PRO U 91 65.17 29.39 -38.66
N GLU U 92 65.72 29.43 -37.44
CA GLU U 92 64.92 29.61 -36.24
C GLU U 92 64.35 31.02 -36.13
N ASP U 93 64.78 31.95 -36.97
CA ASP U 93 64.35 33.34 -36.90
C ASP U 93 63.09 33.63 -37.72
N THR U 94 62.46 32.61 -38.30
CA THR U 94 61.24 32.79 -39.06
C THR U 94 60.10 33.06 -38.09
N ALA U 95 59.79 34.33 -37.87
CA ALA U 95 58.75 34.69 -36.91
C ALA U 95 58.25 36.08 -37.21
N LEU U 96 57.08 36.40 -36.64
CA LEU U 96 56.53 37.75 -36.70
C LEU U 96 57.25 38.64 -35.71
N TYR U 97 57.71 39.80 -36.16
CA TYR U 97 58.49 40.72 -35.34
C TYR U 97 57.71 42.00 -35.08
N TYR U 98 57.75 42.47 -33.84
CA TYR U 98 57.05 43.67 -33.40
C TYR U 98 57.98 44.56 -32.59
N CYS U 99 57.78 45.87 -32.70
CA CYS U 99 58.47 46.85 -31.87
C CYS U 99 57.46 47.45 -30.90
N ALA U 100 57.84 47.50 -29.62
CA ALA U 100 56.92 47.88 -28.55
C ALA U 100 57.51 49.01 -27.72
N ALA U 101 56.63 49.91 -27.26
CA ALA U 101 57.02 51.05 -26.44
C ALA U 101 56.12 51.11 -25.20
N ALA U 102 56.73 51.34 -24.04
CA ALA U 102 55.98 51.45 -22.79
C ALA U 102 56.48 52.66 -22.00
N THR U 103 55.54 53.31 -21.34
CA THR U 103 55.79 54.55 -20.58
C THR U 103 55.82 54.29 -19.07
N SER U 104 56.97 53.81 -18.61
CA SER U 104 57.17 53.50 -17.20
C SER U 104 56.20 52.45 -16.71
N GLY U 105 55.38 52.84 -15.73
CA GLY U 105 54.44 51.96 -15.05
C GLY U 105 54.49 52.23 -13.56
N GLN U 106 53.40 52.74 -13.01
CA GLN U 106 53.37 53.11 -11.60
C GLN U 106 52.48 52.14 -10.84
N TYR U 107 52.99 51.61 -9.74
CA TYR U 107 52.33 50.55 -9.00
C TYR U 107 51.69 51.14 -7.76
N ASN U 108 50.37 51.25 -7.79
CA ASN U 108 49.86 51.52 -6.45
C ASN U 108 49.42 50.21 -5.81
N PRO U 109 49.69 50.05 -4.51
CA PRO U 109 49.45 48.74 -3.88
C PRO U 109 48.01 48.27 -3.94
N LEU U 110 47.05 49.19 -3.93
CA LEU U 110 45.64 48.80 -3.88
C LEU U 110 45.14 48.29 -5.23
N ARG U 111 45.60 48.88 -6.33
CA ARG U 111 45.06 48.58 -7.65
C ARG U 111 46.00 47.78 -8.54
N GLY U 112 47.29 48.12 -8.59
CA GLY U 112 48.24 47.38 -9.38
C GLY U 112 49.05 48.30 -10.27
N TYR U 113 49.65 47.70 -11.30
CA TYR U 113 50.47 48.45 -12.24
C TYR U 113 49.61 49.10 -13.32
N HIS U 114 49.91 50.35 -13.63
CA HIS U 114 49.26 51.06 -14.72
C HIS U 114 50.32 51.76 -15.58
N TYR U 115 50.16 51.68 -16.88
CA TYR U 115 51.11 52.22 -17.85
C TYR U 115 50.42 52.27 -19.21
N ASN U 116 51.18 52.57 -20.24
CA ASN U 116 50.69 52.56 -21.62
C ASN U 116 51.62 51.72 -22.47
N GLU U 117 51.05 50.97 -23.40
CA GLU U 117 51.84 50.07 -24.25
C GLU U 117 51.40 50.22 -25.69
N TYR U 118 52.35 50.03 -26.61
CA TYR U 118 52.10 50.19 -28.04
C TYR U 118 52.74 49.04 -28.79
N TRP U 119 52.22 48.78 -29.99
CA TRP U 119 52.67 47.63 -30.78
C TRP U 119 52.60 47.96 -32.26
N GLY U 120 53.33 47.18 -33.04
CA GLY U 120 53.32 47.30 -34.49
C GLY U 120 53.63 45.98 -35.17
N GLN U 121 52.84 45.62 -36.19
CA GLN U 121 52.90 44.29 -36.79
C GLN U 121 53.94 44.25 -37.90
N GLY U 122 54.86 43.28 -37.82
CA GLY U 122 55.84 43.06 -38.86
C GLY U 122 56.21 41.59 -38.92
N THR U 123 56.95 41.24 -39.98
CA THR U 123 57.31 39.85 -40.22
C THR U 123 58.78 39.77 -40.65
N GLN U 124 59.37 38.60 -40.40
CA GLN U 124 60.74 38.32 -40.84
C GLN U 124 60.89 36.82 -40.94
N VAL U 125 60.96 36.31 -42.17
CA VAL U 125 61.07 34.88 -42.44
C VAL U 125 62.32 34.63 -43.27
N THR U 126 63.13 33.67 -42.83
CA THR U 126 64.35 33.28 -43.54
C THR U 126 64.08 32.00 -44.33
N VAL U 127 64.40 32.03 -45.62
CA VAL U 127 64.13 30.88 -46.48
C VAL U 127 64.97 29.69 -46.06
N SER U 128 66.26 29.90 -45.85
CA SER U 128 67.16 28.82 -45.46
C SER U 128 68.45 29.37 -44.87
N GLN V 4 9.15 62.30 -49.94
CA GLN V 4 9.19 63.66 -50.45
C GLN V 4 10.39 63.88 -51.35
N VAL V 5 11.48 63.16 -51.05
CA VAL V 5 12.73 63.28 -51.80
C VAL V 5 13.01 61.95 -52.47
N GLN V 6 13.26 61.99 -53.77
CA GLN V 6 13.58 60.81 -54.56
C GLN V 6 14.95 60.97 -55.20
N LEU V 7 15.69 59.86 -55.28
CA LEU V 7 17.02 59.85 -55.87
C LEU V 7 16.98 58.94 -57.10
N VAL V 8 17.39 59.48 -58.25
CA VAL V 8 17.45 58.74 -59.50
C VAL V 8 18.91 58.51 -59.84
N GLU V 9 19.31 57.25 -59.94
CA GLU V 9 20.69 56.87 -60.18
C GLU V 9 20.82 56.21 -61.54
N SER V 10 21.92 56.52 -62.23
CA SER V 10 22.13 56.02 -63.58
C SER V 10 23.63 55.94 -63.85
N GLY V 11 23.99 55.22 -64.92
CA GLY V 11 25.36 55.07 -65.34
C GLY V 11 25.92 53.68 -65.18
N GLY V 12 25.16 52.73 -64.66
CA GLY V 12 25.67 51.38 -64.49
C GLY V 12 25.96 50.69 -65.81
N GLY V 13 26.93 49.80 -65.79
CA GLY V 13 27.31 49.08 -66.99
C GLY V 13 28.49 48.16 -66.70
N SER V 14 28.95 47.51 -67.75
CA SER V 14 30.06 46.56 -67.68
C SER V 14 31.29 47.18 -68.35
N VAL V 15 32.34 47.40 -67.57
CA VAL V 15 33.60 47.94 -68.05
C VAL V 15 34.74 47.09 -67.50
N GLN V 16 35.70 46.79 -68.36
CA GLN V 16 36.84 45.97 -67.98
C GLN V 16 37.72 46.74 -66.98
N ALA V 17 38.76 46.05 -66.50
CA ALA V 17 39.67 46.66 -65.53
C ALA V 17 40.45 47.82 -66.16
N GLY V 18 40.70 48.84 -65.36
CA GLY V 18 41.41 50.02 -65.81
C GLY V 18 40.57 51.04 -66.54
N GLY V 19 39.27 50.78 -66.71
CA GLY V 19 38.39 51.71 -67.39
C GLY V 19 37.92 52.84 -66.47
N SER V 20 37.13 53.73 -67.05
CA SER V 20 36.57 54.87 -66.35
C SER V 20 35.05 54.85 -66.44
N LEU V 21 34.39 55.11 -65.32
CA LEU V 21 32.94 55.13 -65.26
C LEU V 21 32.47 56.38 -64.53
N ARG V 22 31.32 56.89 -64.94
CA ARG V 22 30.71 58.08 -64.34
C ARG V 22 29.28 57.75 -63.97
N LEU V 23 29.01 57.65 -62.68
CA LEU V 23 27.67 57.36 -62.17
C LEU V 23 27.05 58.63 -61.63
N SER V 24 25.79 58.87 -61.99
CA SER V 24 25.08 60.10 -61.63
C SER V 24 23.91 59.78 -60.72
N CYS V 25 23.65 60.67 -59.77
CA CYS V 25 22.50 60.56 -58.88
C CYS V 25 21.84 61.92 -58.79
N ALA V 26 20.58 62.01 -59.22
CA ALA V 26 19.83 63.26 -59.24
C ALA V 26 18.79 63.23 -58.11
N ALA V 27 18.72 64.33 -57.36
CA ALA V 27 17.81 64.46 -56.24
C ALA V 27 16.63 65.35 -56.63
N SER V 28 15.42 64.89 -56.36
CA SER V 28 14.20 65.64 -56.64
C SER V 28 13.41 65.77 -55.35
N GLY V 29 13.10 67.01 -54.98
CA GLY V 29 12.33 67.27 -53.78
C GLY V 29 12.96 68.30 -52.86
N ASN V 30 12.77 68.12 -51.55
CA ASN V 30 13.27 69.06 -50.55
C ASN V 30 14.74 68.73 -50.28
N ILE V 31 15.64 69.32 -51.06
CA ILE V 31 17.07 69.11 -50.88
C ILE V 31 17.69 70.16 -49.97
N ARG V 32 16.90 71.11 -49.46
CA ARG V 32 17.45 72.16 -48.61
C ARG V 32 18.02 71.59 -47.31
N ASN V 33 17.30 70.66 -46.68
CA ASN V 33 17.69 70.14 -45.39
C ASN V 33 18.72 69.02 -45.47
N ILE V 34 18.99 68.48 -46.66
CA ILE V 34 19.94 67.38 -46.80
C ILE V 34 21.35 67.90 -46.58
N SER V 35 22.10 67.20 -45.72
CA SER V 35 23.48 67.56 -45.43
C SER V 35 24.43 66.41 -45.61
N TYR V 36 23.93 65.26 -46.05
CA TYR V 36 24.69 64.04 -46.10
C TYR V 36 24.53 63.45 -47.48
N LEU V 37 25.55 63.56 -48.30
CA LEU V 37 25.46 63.00 -49.64
C LEU V 37 26.65 62.09 -49.82
N GLY V 38 26.39 60.85 -50.24
CA GLY V 38 27.43 59.86 -50.36
C GLY V 38 26.94 58.70 -51.19
N TRP V 39 27.85 57.76 -51.41
CA TRP V 39 27.56 56.53 -52.13
C TRP V 39 27.98 55.33 -51.32
N PHE V 40 27.26 54.23 -51.51
CA PHE V 40 27.52 52.96 -50.84
C PHE V 40 27.60 51.84 -51.86
N ARG V 41 28.38 50.81 -51.53
CA ARG V 41 28.49 49.62 -52.35
C ARG V 41 28.27 48.39 -51.47
N GLN V 42 27.44 47.47 -51.94
CA GLN V 42 27.22 46.19 -51.27
C GLN V 42 27.34 45.05 -52.28
N ALA V 43 27.92 43.95 -51.84
CA ALA V 43 28.12 42.77 -52.67
C ALA V 43 27.49 41.55 -52.02
N PRO V 44 27.09 40.55 -52.81
CA PRO V 44 26.53 39.33 -52.21
C PRO V 44 27.54 38.64 -51.31
N GLY V 45 27.06 38.09 -50.21
CA GLY V 45 27.92 37.45 -49.24
C GLY V 45 28.62 38.39 -48.29
N LYS V 46 28.31 39.68 -48.31
CA LYS V 46 28.94 40.65 -47.43
C LYS V 46 28.01 41.84 -47.27
N GLU V 47 28.32 42.67 -46.27
CA GLU V 47 27.50 43.82 -45.92
C GLU V 47 27.79 44.99 -46.86
N ARG V 48 27.27 46.16 -46.51
CA ARG V 48 27.36 47.35 -47.34
C ARG V 48 28.32 48.36 -46.73
N GLU V 49 29.22 48.89 -47.56
CA GLU V 49 30.22 49.87 -47.14
C GLU V 49 30.15 51.11 -48.02
N GLY V 50 30.69 52.21 -47.50
CA GLY V 50 30.64 53.49 -48.17
C GLY V 50 31.94 53.83 -48.87
N VAL V 51 31.85 54.10 -50.17
CA VAL V 51 33.02 54.52 -50.93
C VAL V 51 33.39 55.96 -50.59
N ALA V 52 32.39 56.85 -50.56
CA ALA V 52 32.67 58.26 -50.31
C ALA V 52 31.40 58.99 -49.87
N ALA V 53 31.62 60.16 -49.29
CA ALA V 53 30.54 61.07 -48.88
C ALA V 53 31.14 62.46 -48.73
N LEU V 54 30.27 63.47 -48.66
CA LEU V 54 30.66 64.88 -48.69
C LEU V 54 29.81 65.69 -47.72
N TRP V 55 30.26 66.89 -47.36
CA TRP V 55 29.48 67.68 -46.41
C TRP V 55 29.06 68.95 -47.14
N THR V 56 27.76 69.14 -47.33
CA THR V 56 27.25 70.41 -47.84
C THR V 56 27.33 71.51 -46.79
N THR V 57 27.13 71.16 -45.52
CA THR V 57 27.17 72.15 -44.46
C THR V 57 28.60 72.61 -44.18
N GLN V 58 29.55 71.67 -44.07
CA GLN V 58 30.92 72.01 -43.70
C GLN V 58 31.91 72.05 -44.85
N GLY V 59 31.72 71.22 -45.89
CA GLY V 59 32.55 71.24 -47.07
C GLY V 59 33.52 70.07 -47.19
N GLN V 60 33.92 69.45 -46.08
CA GLN V 60 34.92 68.39 -46.15
C GLN V 60 34.33 67.10 -46.72
N THR V 61 35.21 66.12 -46.95
CA THR V 61 34.84 64.90 -47.63
C THR V 61 35.65 63.72 -47.07
N TYR V 62 35.10 62.51 -47.21
CA TYR V 62 35.74 61.27 -46.79
C TYR V 62 35.76 60.31 -47.96
N TYR V 63 36.89 59.62 -48.12
CA TYR V 63 36.98 58.51 -49.05
C TYR V 63 37.40 57.27 -48.27
N ALA V 64 36.93 56.11 -48.69
CA ALA V 64 37.38 54.90 -48.04
C ALA V 64 38.83 54.63 -48.41
N ASP V 65 39.45 53.69 -47.70
CA ASP V 65 40.85 53.39 -47.95
C ASP V 65 41.06 52.87 -49.37
N SER V 66 40.15 52.02 -49.85
CA SER V 66 40.22 51.52 -51.22
C SER V 66 39.84 52.57 -52.25
N VAL V 67 39.34 53.72 -51.83
CA VAL V 67 38.92 54.76 -52.76
C VAL V 67 39.96 55.88 -52.90
N LYS V 68 40.83 56.06 -51.91
CA LYS V 68 41.84 57.12 -51.96
C LYS V 68 42.79 56.91 -53.13
N GLY V 69 42.85 57.90 -54.02
CA GLY V 69 43.73 57.86 -55.16
C GLY V 69 43.20 57.06 -56.34
N ARG V 70 42.01 56.47 -56.24
CA ARG V 70 41.45 55.67 -57.31
C ARG V 70 40.12 56.23 -57.83
N PHE V 71 39.20 56.59 -56.94
CA PHE V 71 37.89 57.05 -57.34
C PHE V 71 37.58 58.37 -56.63
N THR V 72 36.77 59.20 -57.29
CA THR V 72 36.43 60.52 -56.80
C THR V 72 34.92 60.74 -56.90
N VAL V 73 34.43 61.66 -56.08
CA VAL V 73 33.01 62.04 -56.08
C VAL V 73 32.92 63.55 -56.04
N SER V 74 32.07 64.12 -56.89
CA SER V 74 31.86 65.57 -56.95
C SER V 74 30.38 65.88 -56.86
N LEU V 75 30.07 67.09 -56.41
CA LEU V 75 28.69 67.55 -56.26
C LEU V 75 28.47 68.77 -57.14
N ASP V 76 27.36 68.76 -57.88
CA ASP V 76 26.93 69.90 -58.69
C ASP V 76 25.81 70.61 -57.93
N ASN V 77 26.15 71.72 -57.28
CA ASN V 77 25.15 72.46 -56.50
C ASN V 77 24.06 73.03 -57.41
N ALA V 78 24.44 73.55 -58.58
CA ALA V 78 23.46 74.09 -59.50
C ALA V 78 22.50 73.00 -59.97
N LYS V 79 23.03 71.82 -60.29
CA LYS V 79 22.20 70.69 -60.69
C LYS V 79 21.64 69.92 -59.50
N ASN V 80 22.16 70.16 -58.29
CA ASN V 80 21.75 69.40 -57.10
C ASN V 80 21.92 67.90 -57.32
N THR V 81 23.02 67.52 -57.96
CA THR V 81 23.28 66.14 -58.33
C THR V 81 24.64 65.71 -57.77
N VAL V 82 24.84 64.39 -57.72
CA VAL V 82 26.08 63.79 -57.24
C VAL V 82 26.67 62.96 -58.38
N TYR V 83 27.92 63.24 -58.73
CA TYR V 83 28.65 62.49 -59.74
C TYR V 83 29.84 61.80 -59.10
N LEU V 84 30.07 60.55 -59.48
CA LEU V 84 31.21 59.78 -59.02
C LEU V 84 31.97 59.26 -60.23
N GLN V 85 33.29 59.30 -60.15
CA GLN V 85 34.17 58.84 -61.22
C GLN V 85 34.97 57.64 -60.73
N MET V 86 34.68 56.46 -61.28
CA MET V 86 35.43 55.25 -61.00
C MET V 86 36.61 55.17 -61.97
N ASN V 87 37.82 55.32 -61.45
CA ASN V 87 39.03 55.22 -62.25
C ASN V 87 39.88 54.06 -61.77
N SER V 88 40.58 53.42 -62.71
CA SER V 88 41.36 52.21 -62.45
C SER V 88 40.47 51.12 -61.84
N LEU V 89 39.49 50.70 -62.64
CA LEU V 89 38.52 49.71 -62.18
C LEU V 89 39.20 48.37 -61.92
N LYS V 90 38.67 47.65 -60.95
CA LYS V 90 39.17 46.35 -60.52
C LYS V 90 38.01 45.38 -60.42
N PRO V 91 38.29 44.07 -60.50
CA PRO V 91 37.21 43.09 -60.34
C PRO V 91 36.54 43.13 -58.97
N GLU V 92 37.19 43.71 -57.97
CA GLU V 92 36.59 43.84 -56.65
C GLU V 92 35.44 44.83 -56.61
N ASP V 93 35.23 45.60 -57.67
CA ASP V 93 34.20 46.63 -57.70
C ASP V 93 32.85 46.12 -58.19
N THR V 94 32.71 44.82 -58.43
CA THR V 94 31.45 44.24 -58.86
C THR V 94 30.49 44.22 -57.69
N ALA V 95 29.64 45.25 -57.58
CA ALA V 95 28.73 45.35 -56.46
C ALA V 95 27.57 46.26 -56.82
N LEU V 96 26.50 46.17 -56.04
CA LEU V 96 25.37 47.07 -56.16
C LEU V 96 25.72 48.42 -55.53
N TYR V 97 25.48 49.49 -56.26
CA TYR V 97 25.83 50.85 -55.82
C TYR V 97 24.59 51.67 -55.57
N TYR V 98 24.59 52.42 -54.46
CA TYR V 98 23.47 53.25 -54.06
C TYR V 98 23.98 54.63 -53.66
N CYS V 99 23.16 55.65 -53.91
CA CYS V 99 23.41 57.01 -53.45
C CYS V 99 22.40 57.34 -52.35
N ALA V 100 22.90 57.88 -51.24
CA ALA V 100 22.09 58.09 -50.05
C ALA V 100 22.18 59.54 -49.58
N ALA V 101 21.07 60.04 -49.06
CA ALA V 101 20.98 61.40 -48.53
C ALA V 101 20.38 61.39 -47.15
N ALA V 102 20.98 62.15 -46.23
CA ALA V 102 20.47 62.24 -44.86
C ALA V 102 20.45 63.70 -44.42
N THR V 103 19.43 64.04 -43.65
CA THR V 103 19.16 65.40 -43.19
C THR V 103 19.55 65.58 -41.71
N SER V 104 20.84 65.79 -41.50
CA SER V 104 21.39 65.97 -40.16
C SER V 104 21.13 64.77 -39.27
N GLY V 105 20.39 65.00 -38.19
CA GLY V 105 20.12 64.01 -37.16
C GLY V 105 20.27 64.65 -35.80
N GLN V 106 19.17 64.75 -35.06
CA GLN V 106 19.18 65.43 -33.77
C GLN V 106 19.00 64.39 -32.66
N TYR V 107 19.87 64.45 -31.67
CA TYR V 107 19.93 63.43 -30.63
C TYR V 107 19.29 63.98 -29.37
N ASN V 108 18.10 63.50 -29.06
CA ASN V 108 17.75 63.85 -27.70
C ASN V 108 18.10 62.70 -26.77
N PRO V 109 18.61 63.01 -25.58
CA PRO V 109 19.14 61.94 -24.71
C PRO V 109 18.11 60.89 -24.32
N LEU V 110 16.84 61.27 -24.21
CA LEU V 110 15.83 60.34 -23.73
C LEU V 110 15.42 59.33 -24.81
N ARG V 111 15.36 59.75 -26.06
CA ARG V 111 14.84 58.92 -27.14
C ARG V 111 15.89 58.40 -28.11
N GLY V 112 16.82 59.25 -28.55
CA GLY V 112 17.89 58.83 -29.43
C GLY V 112 17.99 59.73 -30.64
N TYR V 113 18.63 59.22 -31.68
CA TYR V 113 18.83 59.97 -32.91
C TYR V 113 17.61 59.88 -33.81
N HIS V 114 17.22 61.02 -34.38
CA HIS V 114 16.14 61.07 -35.37
C HIS V 114 16.58 61.91 -36.55
N TYR V 115 16.28 61.43 -37.75
CA TYR V 115 16.69 62.05 -39.00
C TYR V 115 15.85 61.44 -40.12
N ASN V 116 16.20 61.78 -41.36
CA ASN V 116 15.56 61.20 -42.53
C ASN V 116 16.64 60.66 -43.45
N GLU V 117 16.36 59.52 -44.09
CA GLU V 117 17.33 58.87 -44.95
C GLU V 117 16.66 58.43 -46.24
N TYR V 118 17.42 58.45 -47.33
CA TYR V 118 16.90 58.11 -48.65
C TYR V 118 17.90 57.21 -49.37
N TRP V 119 17.39 56.44 -50.33
CA TRP V 119 18.20 55.45 -51.01
C TRP V 119 17.75 55.32 -52.47
N GLY V 120 18.64 54.75 -53.29
CA GLY V 120 18.35 54.48 -54.68
C GLY V 120 19.14 53.30 -55.21
N GLN V 121 18.48 52.39 -55.91
CA GLN V 121 19.08 51.12 -56.30
C GLN V 121 19.82 51.24 -57.63
N GLY V 122 21.08 50.82 -57.64
CA GLY V 122 21.88 50.80 -58.84
C GLY V 122 22.89 49.68 -58.79
N THR V 123 23.53 49.42 -59.92
CA THR V 123 24.47 48.32 -60.04
C THR V 123 25.70 48.78 -60.81
N GLN V 124 26.82 48.09 -60.55
CA GLN V 124 28.06 48.33 -61.28
C GLN V 124 28.91 47.08 -61.18
N VAL V 125 29.02 46.35 -62.29
CA VAL V 125 29.76 45.10 -62.36
C VAL V 125 30.83 45.22 -63.44
N THR V 126 32.06 44.86 -63.09
CA THR V 126 33.18 44.86 -64.02
C THR V 126 33.45 43.44 -64.51
N VAL V 127 33.50 43.27 -65.83
CA VAL V 127 33.69 41.93 -66.40
C VAL V 127 35.05 41.38 -66.02
N SER V 128 36.10 42.19 -66.20
CA SER V 128 37.46 41.74 -65.89
C SER V 128 38.40 42.93 -65.75
C1 PLC W . -21.09 45.76 -19.35
C2 PLC W . -21.82 44.87 -18.36
C3 PLC W . -21.15 43.54 -18.07
C4 PLC W . -21.22 45.83 -23.03
C5 PLC W . -21.00 44.37 -22.74
C6 PLC W . -19.72 42.30 -23.23
C7 PLC W . -18.79 44.04 -21.83
C8 PLC W . -18.99 44.41 -24.21
C' PLC W . -23.06 46.36 -16.96
C1' PLC W . -23.50 46.42 -15.52
C2' PLC W . -22.46 45.95 -14.53
C3' PLC W . -22.99 46.00 -13.11
C4' PLC W . -22.25 47.00 -12.22
C5' PLC W . -22.35 48.43 -12.73
C6' PLC W . -23.77 48.97 -12.78
C7' PLC W . -23.82 50.49 -12.84
C8' PLC W . -23.20 51.16 -11.63
C9' PLC W . -24.12 51.18 -10.42
CA' PLC W . -25.28 52.16 -10.55
CB' PLC W . -26.11 52.28 -9.27
CB PLC W . -21.50 41.79 -16.56
C1B PLC W . -21.68 41.46 -15.11
C2B PLC W . -22.58 40.27 -14.86
C3B PLC W . -21.95 39.25 -13.91
C4B PLC W . -21.53 39.87 -12.58
C5B PLC W . -22.71 40.24 -11.70
C6B PLC W . -22.28 40.82 -10.34
C7B PLC W . -22.55 39.89 -9.16
C8B PLC W . -21.86 38.53 -9.27
C9B PLC W . -20.61 38.40 -8.42
CAA PLC W . -19.40 39.12 -9.02
CBA PLC W . -18.29 39.35 -8.00
O' PLC W . -23.56 46.99 -17.87
OB PLC W . -21.38 40.97 -17.44
O2 PLC W . -22.02 45.53 -17.12
O3 PLC W . -21.48 43.10 -16.76
O1P PLC W . -20.61 48.47 -20.27
O2P PLC W . -22.57 48.23 -21.94
O3P PLC W . -22.00 46.33 -20.27
O4P PLC W . -20.54 46.68 -22.14
N PLC W . -19.64 43.77 -23.03
P PLC W . -21.47 47.60 -21.14
C1 PLC X . -43.20 25.76 -19.62
C2 PLC X . -43.24 24.95 -18.33
C3 PLC X . -41.98 24.16 -18.03
C4 PLC X . -43.99 24.81 -23.08
C5 PLC X . -43.05 23.70 -22.64
C6 PLC X . -41.06 22.32 -23.13
C7 PLC X . -40.82 24.59 -22.33
C8 PLC X . -41.59 24.19 -24.58
C' PLC X . -44.77 26.10 -16.89
C1' PLC X . -44.93 26.34 -15.42
C2' PLC X . -43.63 26.63 -14.69
C3' PLC X . -43.87 26.82 -13.20
C4' PLC X . -43.55 28.23 -12.72
C5' PLC X . -44.39 29.31 -13.40
C6' PLC X . -45.89 29.16 -13.15
C7' PLC X . -46.66 30.44 -13.42
C8' PLC X . -46.23 31.61 -12.54
C9' PLC X . -46.82 31.55 -11.14
CA' PLC X . -48.30 31.88 -11.10
CB' PLC X . -48.85 31.99 -9.68
CB PLC X . -41.19 22.88 -16.23
C1B PLC X . -40.94 22.91 -14.75
C2B PLC X . -41.11 21.56 -14.08
C3B PLC X . -39.92 21.19 -13.20
C4B PLC X . -39.62 22.24 -12.15
C5B PLC X . -40.67 22.32 -11.04
C6B PLC X . -40.34 23.35 -9.97
C7B PLC X . -39.92 22.75 -8.63
C8B PLC X . -38.71 21.82 -8.71
C9B PLC X . -37.42 22.46 -8.23
CAA PLC X . -36.81 23.44 -9.23
CBA PLC X . -35.79 24.38 -8.61
O' PLC X . -45.64 26.20 -17.71
OB PLC X . -40.86 21.99 -16.97
O2 PLC X . -43.50 25.77 -17.19
O3 PLC X . -41.83 23.97 -16.63
O1P PLC X . -44.22 28.09 -21.04
O2P PLC X . -46.09 26.60 -22.03
O3P PLC X . -44.41 25.63 -20.31
O4P PLC X . -43.63 26.07 -22.55
N PLC X . -41.64 23.68 -23.18
P PLC X . -44.70 26.74 -21.48
C1 PLC Y . -52.96 -0.97 -10.71
C2 PLC Y . -52.38 -1.35 -9.36
C3 PLC Y . -50.87 -1.43 -9.30
C4 PLC Y . -53.79 -3.03 -13.64
C5 PLC Y . -52.39 -3.49 -13.29
C6 PLC Y . -50.11 -3.99 -14.11
C7 PLC Y . -50.82 -1.70 -13.75
C8 PLC Y . -51.69 -2.96 -15.63
C' PLC Y . -54.00 -0.62 -7.75
C1' PLC Y . -54.00 -0.09 -6.34
C2' PLC Y . -52.88 0.90 -6.05
C3' PLC Y . -52.93 1.36 -4.60
C4' PLC Y . -53.22 2.85 -4.45
C5' PLC Y . -54.58 3.24 -5.03
C6' PLC Y . -55.76 2.56 -4.35
C7' PLC Y . -57.07 3.27 -4.60
C8' PLC Y . -57.10 4.69 -4.06
C9' PLC Y . -57.34 4.77 -2.56
CA' PLC Y . -58.77 4.45 -2.16
CB' PLC Y . -59.05 4.68 -0.68
CB PLC Y . -49.28 -1.74 -7.59
C1B PLC Y . -48.82 -1.22 -6.26
C2B PLC Y . -48.22 -2.29 -5.37
C3B PLC Y . -46.87 -1.89 -4.82
C4B PLC Y . -46.92 -0.57 -4.07
C5B PLC Y . -47.66 -0.65 -2.73
C6B PLC Y . -47.67 0.66 -1.97
C7B PLC Y . -46.80 0.66 -0.72
C8B PLC Y . -45.33 0.35 -0.99
C9B PLC Y . -44.43 1.58 -0.98
CAA PLC Y . -44.53 2.42 -2.25
CBA PLC Y . -43.98 3.82 -2.08
O' PLC Y . -54.95 -1.11 -8.30
OB PLC Y . -48.71 -2.57 -8.25
O2 PLC Y . -52.82 -0.45 -8.32
O3 PLC Y . -50.42 -1.17 -7.98
O1P PLC Y . -55.19 0.25 -12.13
O2P PLC Y . -56.28 -2.08 -12.35
O3P PLC Y . -54.07 -1.77 -11.03
O4P PLC Y . -53.99 -1.66 -13.41
N PLC Y . -51.26 -3.06 -14.20
P PLC Y . -55.04 -1.24 -12.23
C1 PLC Z . -47.28 -25.99 4.42
C2 PLC Z . -46.37 -25.73 5.61
C3 PLC Z . -45.02 -25.16 5.27
C4 PLC Z . -47.53 -28.90 2.19
C5 PLC Z . -46.05 -28.63 2.20
C6 PLC Z . -43.97 -28.32 0.90
C7 PLC Z . -45.60 -26.54 1.07
C8 PLC Z . -46.09 -28.49 -0.28
C' PLC Z . -47.84 -25.34 7.46
C1' PLC Z . -47.85 -24.51 8.72
C2' PLC Z . -47.29 -23.11 8.54
C3' PLC Z . -47.28 -22.35 9.85
C4' PLC Z . -48.21 -21.14 9.85
C5' PLC Z . -49.68 -21.50 9.60
C6' PLC Z . -50.26 -22.41 10.67
C7' PLC Z . -51.79 -22.41 10.68
C8' PLC Z . -52.38 -21.03 10.97
C9' PLC Z . -52.36 -20.68 12.45
CA' PLC Z . -53.39 -21.45 13.27
CB' PLC Z . -53.49 -20.98 14.71
CB PLC Z . -43.20 -24.32 6.50
C1B PLC Z . -42.80 -23.32 7.56
C2B PLC Z . -41.63 -23.78 8.41
C3B PLC Z . -40.55 -22.71 8.51
C4B PLC Z . -41.09 -21.38 9.04
C5B PLC Z . -41.47 -21.42 10.50
C6B PLC Z . -41.96 -20.07 11.04
C7B PLC Z . -40.99 -19.38 11.99
C8B PLC Z . -39.60 -19.12 11.38
C9B PLC Z . -39.40 -17.68 10.95
CAA PLC Z . -40.10 -17.33 9.64
CBA PLC Z . -40.24 -15.82 9.43
O' PLC Z . -48.53 -26.32 7.28
OB PLC Z . -42.42 -24.98 5.85
O2 PLC Z . -46.98 -24.86 6.57
O3 PLC Z . -44.51 -24.39 6.36
O1P PLC Z . -50.02 -26.23 3.48
O2P PLC Z . -49.92 -28.77 3.94
O3P PLC Z . -47.92 -27.23 4.55
O4P PLC Z . -48.31 -27.73 2.24
N PLC Z . -45.43 -28.02 0.97
P PLC Z . -49.22 -27.49 3.59
C1 PLC AA . -27.94 -41.23 21.35
C2 PLC AA . -27.07 -40.30 22.18
C3 PLC AA . -26.23 -39.32 21.40
C4 PLC AA . -27.18 -44.45 19.75
C5 PLC AA . -26.03 -43.57 19.30
C6 PLC AA . -24.61 -42.78 17.43
C7 PLC AA . -26.83 -41.88 17.78
C8 PLC AA . -26.57 -44.13 16.94
C' PLC AA . -28.19 -40.09 24.29
C1' PLC AA . -28.36 -39.05 25.35
C2' PLC AA . -28.58 -37.64 24.81
C3' PLC AA . -28.70 -36.63 25.94
C4' PLC AA . -30.08 -35.98 26.01
C5' PLC AA . -31.20 -36.98 26.24
C6' PLC AA . -31.09 -37.74 27.56
C7' PLC AA . -32.41 -38.37 27.99
C8' PLC AA . -33.51 -37.36 28.23
C9' PLC AA . -33.41 -36.64 29.57
CA' PLC AA . -33.78 -37.53 30.75
CB' PLC AA . -33.83 -36.79 32.08
CB PLC AA . -24.85 -37.50 21.92
C1B PLC AA . -24.79 -36.19 22.66
C2B PLC AA . -23.42 -35.86 23.21
C3B PLC AA . -22.97 -34.45 22.84
C4B PLC AA . -23.97 -33.39 23.28
C5B PLC AA . -24.02 -33.19 24.78
C6B PLC AA . -24.99 -32.09 25.22
C7B PLC AA . -24.31 -30.84 25.74
C8B PLC AA . -23.35 -30.18 24.75
C9B PLC AA . -23.94 -28.96 24.05
CAA PLC AA . -24.94 -29.29 22.95
CBA PLC AA . -25.81 -28.11 22.57
O' PLC AA . -28.35 -41.27 24.46
OB PLC AA . -23.98 -37.91 21.18
O2 PLC AA . -27.84 -39.54 23.12
O3 PLC AA . -25.97 -38.15 22.17
O1P PLC AA . -30.35 -42.84 21.27
O2P PLC AA . -28.98 -44.88 22.06
O3P PLC AA . -27.88 -42.55 21.84
O4P PLC AA . -28.39 -43.75 19.84
N PLC AA . -26.00 -43.11 17.87
P PLC AA . -29.05 -43.56 21.34
C1 PLC BA . -1.11 -41.97 34.34
C2 PLC BA . -0.64 -40.59 34.75
C3 PLC BA . -0.51 -39.59 33.62
C4 PLC BA . 0.79 -44.89 33.14
C5 PLC BA . 1.30 -43.76 32.25
C6 PLC BA . 1.84 -42.98 29.97
C7 PLC BA . -0.45 -43.03 30.75
C8 PLC BA . 0.68 -45.10 30.24
C' PLC BA . -1.35 -40.32 37.03
C1' PLC BA . -1.81 -39.20 37.91
C2' PLC BA . -2.75 -38.22 37.24
C3' PLC BA . -3.14 -37.09 38.18
C4' PLC BA . -4.63 -37.08 38.52
C5' PLC BA . -5.10 -38.36 39.21
C6' PLC BA . -4.42 -38.62 40.55
C7' PLC BA . -5.18 -39.60 41.41
C8' PLC BA . -6.58 -39.12 41.78
C9' PLC BA . -6.59 -38.11 42.91
CA' PLC BA . -6.29 -38.73 44.28
CB' PLC BA . -6.46 -37.74 45.42
CB PLC BA . -0.07 -37.30 33.46
C1B PLC BA . -0.51 -35.94 33.94
C2B PLC BA . 0.63 -34.93 34.04
C3B PLC BA . 0.29 -33.62 33.34
C4B PLC BA . -1.01 -33.00 33.86
C5B PLC BA . -0.88 -32.45 35.27
C6B PLC BA . -2.15 -31.78 35.77
C7B PLC BA . -2.07 -30.27 35.89
C8B PLC BA . -1.71 -29.57 34.58
C9B PLC BA . -2.91 -28.92 33.88
CAA PLC BA . -3.81 -29.93 33.17
CBA PLC BA . -5.19 -29.37 32.86
O' PLC BA . -0.91 -41.38 37.41
OB PLC BA . 0.74 -37.50 32.59
O2 PLC BA . -1.50 -40.01 35.73
O3 PLC BA . -0.70 -38.27 34.10
O1P PLC BA . -2.45 -44.41 35.17
O2P PLC BA . -0.18 -45.41 35.88
O3P PLC BA . -0.36 -42.97 35.00
O4P PLC BA . -0.58 -44.76 33.42
N PLC BA . 0.86 -43.72 30.81
P PLC BA . -0.98 -44.49 35.00
C1 PLC CA . 24.73 -27.90 39.30
C2 PLC CA . 24.55 -26.40 39.34
C3 PLC CA . 23.99 -25.78 38.08
C4 PLC CA . 27.53 -29.95 38.06
C5 PLC CA . 27.28 -28.99 36.92
C6 PLC CA . 26.96 -28.69 34.49
C7 PLC CA . 25.15 -29.48 35.87
C8 PLC CA . 27.02 -30.94 35.38
C' PLC CA . 24.21 -25.86 41.66
C1' PLC CA . 23.45 -24.85 42.45
C2' PLC CA . 22.05 -24.56 41.93
C3' PLC CA . 21.35 -23.50 42.77
C4' PLC CA . 20.12 -24.04 43.49
C5' PLC CA . 20.44 -25.16 44.48
C6' PLC CA . 21.39 -24.75 45.59
C7' PLC CA . 21.35 -25.70 46.78
C8' PLC CA . 19.97 -25.77 47.44
C9' PLC CA . 19.70 -24.59 48.37
CA' PLC CA . 20.49 -24.64 49.67
CB' PLC CA . 20.09 -23.56 50.65
CB PLC CA . 23.25 -23.64 37.45
C1B PLC CA . 22.33 -22.52 37.82
C2B PLC CA . 22.84 -21.15 37.44
C3B PLC CA . 21.80 -20.33 36.68
C4B PLC CA . 20.49 -20.20 37.44
C5B PLC CA . 20.59 -19.29 38.66
C6B PLC CA . 19.26 -19.12 39.39
C7B PLC CA . 18.65 -17.73 39.24
C8B PLC CA . 18.39 -17.32 37.80
C9B PLC CA . 16.93 -17.46 37.37
CAA PLC CA . 16.49 -18.89 37.11
CBA PLC CA . 14.98 -19.07 37.10
O' PLC CA . 25.16 -26.49 42.06
OB PLC CA . 23.90 -23.70 36.44
O2 PLC CA . 23.70 -25.99 40.43
O3 PLC CA . 23.29 -24.58 38.39
O1P PLC CA . 24.86 -30.38 40.84
O2P PLC CA . 27.42 -30.09 41.02
O3P PLC CA . 25.96 -28.28 39.87
O4P PLC CA . 26.33 -30.35 38.71
N PLC CA . 26.63 -29.53 35.67
P PLC CA . 26.14 -29.85 40.28
C1 PLC DA . 41.36 -3.60 34.86
C2 PLC DA . 40.51 -2.36 34.72
C3 PLC DA . 39.51 -2.38 33.58
C4 PLC DA . 44.53 -4.53 33.23
C5 PLC DA . 43.67 -4.09 32.06
C6 PLC DA . 42.83 -4.59 29.79
C7 PLC DA . 41.88 -5.68 31.73
C8 PLC DA . 44.09 -6.30 30.98
C' PLC DA . 40.37 -1.42 36.93
C1' PLC DA . 39.37 -0.66 37.74
C2' PLC DA . 37.94 -1.14 37.57
C3' PLC DA . 36.98 -0.29 38.39
C4' PLC DA . 36.29 -1.06 39.50
C5' PLC DA . 37.26 -1.66 40.52
C6' PLC DA . 38.08 -0.62 41.26
C7' PLC DA . 38.70 -1.15 42.55
C8' PLC DA . 37.66 -1.61 43.56
C9' PLC DA . 37.02 -0.47 44.34
CA' PLC DA . 37.95 0.16 45.37
CB' PLC DA . 37.27 1.19 46.25
CB PLC DA . 37.77 -0.98 32.85
C1B PLC DA . 36.51 -0.31 33.29
C2B PLC DA . 36.24 1.01 32.59
C3B PLC DA . 34.83 1.08 32.01
C4B PLC DA . 33.76 0.85 33.07
C5B PLC DA . 33.63 2.00 34.07
C6B PLC DA . 32.53 1.77 35.10
C7B PLC DA . 31.32 2.68 34.91
C8B PLC DA . 30.65 2.56 33.54
C9B PLC DA . 29.37 1.72 33.57
CAA PLC DA . 29.62 0.22 33.64
CBA PLC DA . 28.40 -0.57 34.08
O' PLC DA . 41.55 -1.46 37.15
OB PLC DA . 38.18 -1.03 31.72
O2 PLC DA . 39.78 -2.07 35.92
O3 PLC DA . 38.40 -1.55 33.88
O1P PLC DA . 42.90 -5.29 36.65
O2P PLC DA . 45.02 -3.92 36.09
O3P PLC DA . 42.71 -3.26 35.11
O4P PLC DA . 43.80 -5.20 34.23
N PLC DA . 43.14 -5.16 31.14
P PLC DA . 43.67 -4.45 35.69
C1 PLC EA . 43.52 23.35 22.27
C2 PLC EA . 42.17 24.04 22.17
C3 PLC EA . 41.13 23.31 21.36
C4 PLC EA . 46.42 23.44 20.01
C5 PLC EA . 45.28 23.15 19.06
C6 PLC EA . 44.39 21.77 17.21
C7 PLC EA . 44.41 20.93 19.48
C8 PLC EA . 46.49 21.13 18.26
C' PLC EA . 42.00 25.37 24.16
C1' PLC EA . 40.91 25.83 25.09
C2' PLC EA . 39.86 24.77 25.39
C3' PLC EA . 38.77 25.32 26.30
C4' PLC EA . 38.73 24.65 27.67
C5' PLC EA . 40.03 24.80 28.46
C6' PLC EA . 40.38 26.25 28.77
C7' PLC EA . 41.39 26.38 29.91
C8' PLC EA . 40.87 25.80 31.23
C9' PLC EA . 39.92 26.73 31.96
CA' PLC EA . 40.61 27.94 32.59
CB' PLC EA . 39.68 28.78 33.45
CB PLC EA . 38.84 23.59 20.93
C1B PLC EA . 37.49 23.76 21.59
C2B PLC EA . 36.53 24.62 20.78
C3B PLC EA . 35.18 23.94 20.62
C4B PLC EA . 34.54 23.57 21.95
C5B PLC EA . 34.07 24.77 22.75
C6B PLC EA . 33.39 24.39 24.06
C7B PLC EA . 31.88 24.62 24.07
C8B PLC EA . 31.13 23.88 22.98
C9B PLC EA . 30.42 22.62 23.47
CAA PLC EA . 31.35 21.44 23.71
CBA PLC EA . 30.73 20.36 24.59
O' PLC EA . 43.08 25.88 24.06
OB PLC EA . 39.03 23.43 19.75
O2 PLC EA . 41.61 24.29 23.47
O3 PLC EA . 39.82 23.63 21.82
O1P PLC EA . 45.96 23.00 23.82
O2P PLC EA . 47.04 24.92 22.50
O3P PLC EA . 44.57 24.27 22.10
O4P PLC EA . 46.28 22.81 21.26
N PLC EA . 45.16 21.76 18.49
P PLC EA . 46.06 23.80 22.56
C1 PLC FA . 30.41 44.31 5.52
C2 PLC FA . 28.90 44.32 5.69
C3 PLC FA . 28.22 43.02 5.34
C4 PLC FA . 32.47 45.02 2.55
C5 PLC FA . 31.46 44.02 2.03
C6 PLC FA . 31.02 41.96 0.73
C7 PLC FA . 31.83 41.85 3.01
C8 PLC FA . 33.32 42.58 1.24
C' PLC FA . 28.48 45.92 7.42
C1' PLC FA . 27.48 46.11 8.53
C2' PLC FA . 27.14 44.83 9.28
C3' PLC FA . 26.09 45.09 10.36
C4' PLC FA . 26.62 44.86 11.77
C5' PLC FA . 27.80 45.75 12.13
C6' PLC FA . 27.47 47.24 12.11
C7' PLC FA . 28.47 48.08 12.88
C8' PLC FA . 28.54 47.72 14.36
C9' PLC FA . 27.40 48.31 15.18
CA' PLC FA . 27.54 49.83 15.39
CB' PLC FA . 26.49 50.39 16.34
CB PLC FA . 26.03 42.19 5.53
C1B PLC FA . 24.90 41.95 6.49
C2B PLC FA . 23.52 42.06 5.86
C3B PLC FA . 22.65 40.86 6.19
C4B PLC FA . 22.51 40.62 7.69
C5B PLC FA . 21.67 41.68 8.39
C6B PLC FA . 21.49 41.41 9.88
C7B PLC FA . 20.09 40.97 10.28
C8B PLC FA . 19.60 39.72 9.58
C9B PLC FA . 19.68 38.46 10.44
CAA PLC FA . 21.08 37.90 10.58
CBA PLC FA . 21.22 36.94 11.75
O' PLC FA . 29.15 46.80 6.94
OB PLC FA . 26.05 41.80 4.38
O2 PLC FA . 28.53 44.64 7.03
O3 PLC FA . 27.01 42.88 6.08
O1P PLC FA . 32.95 45.45 6.37
O2P PLC FA . 32.75 47.23 4.50
O3P PLC FA . 30.84 45.51 4.91
O4P PLC FA . 32.86 44.74 3.88
N PLC FA . 31.91 42.61 1.74
P PLC FA . 32.44 45.85 5.02
C1 PLC GA . 6.37 52.72 -9.97
C2 PLC GA . 5.10 52.14 -9.38
C3 PLC GA . 5.04 50.63 -9.35
C4 PLC GA . 7.32 53.43 -13.45
C5 PLC GA . 6.81 52.01 -13.53
C6 PLC GA . 7.18 49.69 -14.33
C7 PLC GA . 8.33 50.53 -12.36
C8 PLC GA . 8.97 51.32 -14.56
C' PLC GA . 4.28 53.80 -7.88
C1' PLC GA . 3.52 53.84 -6.58
C2' PLC GA . 3.94 52.78 -5.57
C3' PLC GA . 3.10 52.84 -4.31
C4' PLC GA . 3.91 53.23 -3.08
C5' PLC GA . 4.58 54.59 -3.19
C6' PLC GA . 3.60 55.73 -3.35
C7' PLC GA . 4.20 57.09 -3.01
C8' PLC GA . 4.69 57.19 -1.57
C9' PLC GA . 3.57 57.45 -0.57
CA' PLC GA . 3.01 58.86 -0.64
CB' PLC GA . 2.00 59.16 0.46
CB PLC GA . 3.57 49.04 -8.45
C1B PLC GA . 2.87 48.61 -7.19
C2B PLC GA . 1.52 47.97 -7.43
C3B PLC GA . 1.38 46.64 -6.69
C4B PLC GA . 1.63 46.76 -5.20
C5B PLC GA . 0.52 47.51 -4.46
C6B PLC GA . 0.77 47.59 -2.96
C7B PLC GA . -0.19 46.73 -2.13
C8B PLC GA . -0.14 45.24 -2.49
C9B PLC GA . 0.66 44.41 -1.48
CAA PLC GA . 2.17 44.55 -1.65
CBA PLC GA . 2.94 44.06 -0.42
O' PLC GA . 4.35 54.73 -8.65
OB PLC GA . 3.56 48.42 -9.48
O2 PLC GA . 4.86 52.61 -8.06
O3 PLC GA . 4.19 50.19 -8.29
O1P PLC GA . 8.19 54.99 -10.03
O2P PLC GA . 6.86 55.97 -12.01
O3P PLC GA . 6.08 53.79 -10.84
O4P PLC GA . 8.01 53.70 -12.26
N PLC GA . 7.81 50.90 -13.71
P PLC GA . 7.33 54.79 -11.23
#